data_5MQP
#
_entry.id   5MQP
#
_cell.length_a   208.230
_cell.length_b   133.238
_cell.length_c   224.077
_cell.angle_alpha   90.00
_cell.angle_beta   97.67
_cell.angle_gamma   90.00
#
_symmetry.space_group_name_H-M   'I 1 2 1'
#
loop_
_entity.id
_entity.type
_entity.pdbx_description
1 polymer 'Glycoside hydrolase BT_1002'
2 non-polymer 'CALCIUM ION'
3 water water
#
_entity_poly.entity_id   1
_entity_poly.type   'polypeptide(L)'
_entity_poly.pdbx_seq_one_letter_code
;MGSSHHHHHHSSGPQQGLRHLLSAGEIWISPQGNDLNDGTRPSPKATLTSALRQAREWRRTDDERVRGGITICMEGGTYA
LYEPVFIRPEDSGTEDSPTVIRPVADEKVVLSGGIRIGGWKKQGKLWVADVPMFNGRPLDFRQLWVNGKKAVRARDVEDF
EKMNRICSVDEKNEILYVPAVAIRRLVDGKGALKAKYAEMVLHQMWCVANLRIRSVELAGDSAAIRFHQPESRIQFEHPW
PRPMVTTDGHNSAFYLTNARELLDVAGEWYHDIDARKVYYYPREGEKLQDAGTEVIVPAIETLIQVKGTFDRPVSHIRFE
KITFSHTTWMRPSEKGHVPLQAGMYLTDGYRIDPKMERDYLNHPLDNQGWLGRPAAAVSVAAANQIDFERCRFDHLGSTG
LDYEEAVQGGVVRGCLFRDIAGNGLVVGSFSPAAHETHLPYDPTDLREVCAHQQISNCYFTEVGNEDWGCLAILAGYVKD
INIEHNEICEVPYSGISLGWGWTQTVNCMRNNRVHANLIHHYAKHMYDVAGVYTLGSQPKSYVTENCVHSIYKPGYVHDP
NHWFYLYTDEGSSFITVRDNWTEGEKYLQNANGPGNVWENNGPQVDTVIRERAGLEAEYRDLKK
;
_entity_poly.pdbx_strand_id   A,B,C,D,E,F,G,H
#
loop_
_chem_comp.id
_chem_comp.type
_chem_comp.name
_chem_comp.formula
CA non-polymer 'CALCIUM ION' 'Ca 2'
#
# COMPACT_ATOMS: atom_id res chain seq x y z
N ALA A 24 26.45 -27.64 0.89
CA ALA A 24 26.03 -28.47 -0.27
C ALA A 24 27.21 -28.81 -1.17
N GLY A 25 27.27 -30.08 -1.61
CA GLY A 25 28.25 -30.54 -2.58
C GLY A 25 27.81 -30.16 -4.00
N GLU A 26 28.80 -29.90 -4.85
CA GLU A 26 28.53 -29.31 -6.16
C GLU A 26 28.85 -30.28 -7.27
N ILE A 27 27.99 -30.32 -8.27
CA ILE A 27 28.24 -31.01 -9.52
C ILE A 27 28.09 -30.00 -10.66
N TRP A 28 29.14 -29.83 -11.45
CA TRP A 28 29.23 -28.77 -12.44
C TRP A 28 28.95 -29.33 -13.81
N ILE A 29 28.26 -28.55 -14.63
CA ILE A 29 28.04 -28.83 -16.03
C ILE A 29 28.45 -27.61 -16.85
N SER A 30 28.89 -27.85 -18.08
CA SER A 30 29.35 -26.81 -18.99
C SER A 30 29.01 -27.19 -20.41
N PRO A 31 28.76 -26.21 -21.29
CA PRO A 31 28.71 -26.56 -22.71
C PRO A 31 30.00 -27.16 -23.30
N GLN A 32 31.16 -26.98 -22.68
CA GLN A 32 32.41 -27.66 -23.12
C GLN A 32 32.85 -28.79 -22.18
N GLY A 33 31.94 -29.31 -21.36
CA GLY A 33 32.23 -30.43 -20.47
C GLY A 33 32.11 -31.74 -21.19
N ASN A 34 32.22 -32.83 -20.43
CA ASN A 34 32.19 -34.19 -20.97
C ASN A 34 31.60 -35.11 -19.89
N ASP A 35 30.70 -36.00 -20.28
CA ASP A 35 30.01 -36.82 -19.30
C ASP A 35 30.93 -37.89 -18.63
N LEU A 36 32.10 -38.16 -19.20
CA LEU A 36 33.10 -39.02 -18.52
C LEU A 36 33.84 -38.26 -17.41
N ASN A 37 33.75 -36.93 -17.35
CA ASN A 37 34.41 -36.18 -16.28
C ASN A 37 33.77 -36.41 -14.91
N ASP A 38 34.47 -36.01 -13.84
CA ASP A 38 33.94 -36.21 -12.49
C ASP A 38 32.98 -35.10 -11.99
N GLY A 39 32.78 -34.04 -12.77
CA GLY A 39 31.86 -32.98 -12.40
C GLY A 39 32.34 -31.97 -11.39
N THR A 40 33.64 -31.89 -11.13
CA THR A 40 34.20 -30.72 -10.42
C THR A 40 34.22 -29.54 -11.40
N ARG A 41 34.42 -28.32 -10.91
CA ARG A 41 34.43 -27.14 -11.81
C ARG A 41 35.54 -27.12 -12.86
N PRO A 42 36.75 -27.57 -12.51
CA PRO A 42 37.76 -27.69 -13.57
C PRO A 42 37.44 -28.79 -14.57
N SER A 43 36.63 -29.78 -14.18
CA SER A 43 36.35 -30.94 -15.04
C SER A 43 34.82 -31.27 -15.09
N PRO A 44 34.03 -30.38 -15.75
CA PRO A 44 32.56 -30.45 -15.70
C PRO A 44 31.94 -31.49 -16.61
N LYS A 45 30.76 -31.94 -16.20
CA LYS A 45 29.93 -32.76 -17.05
C LYS A 45 29.45 -31.95 -18.25
N ALA A 46 28.86 -32.64 -19.21
CA ALA A 46 28.24 -32.05 -20.39
C ALA A 46 26.71 -32.01 -20.32
N THR A 47 26.07 -32.95 -19.63
CA THR A 47 24.60 -33.00 -19.59
C THR A 47 24.00 -33.08 -18.19
N LEU A 48 22.80 -32.52 -18.08
CA LEU A 48 22.01 -32.62 -16.86
C LEU A 48 21.71 -34.07 -16.52
N THR A 49 21.41 -34.88 -17.54
CA THR A 49 21.19 -36.30 -17.30
C THR A 49 22.36 -36.96 -16.56
N SER A 50 23.59 -36.70 -17.00
CA SER A 50 24.76 -37.33 -16.37
C SER A 50 24.98 -36.75 -14.97
N ALA A 51 24.74 -35.45 -14.82
CA ALA A 51 24.93 -34.82 -13.53
C ALA A 51 23.93 -35.28 -12.51
N LEU A 52 22.65 -35.46 -12.91
CA LEU A 52 21.59 -36.04 -12.01
C LEU A 52 21.90 -37.46 -11.60
N ARG A 53 22.45 -38.23 -12.55
CA ARG A 53 22.86 -39.59 -12.28
C ARG A 53 23.93 -39.64 -11.21
N GLN A 54 24.92 -38.77 -11.30
CA GLN A 54 25.95 -38.69 -10.28
C GLN A 54 25.37 -38.30 -8.92
N ALA A 55 24.51 -37.28 -8.88
CA ALA A 55 23.80 -36.96 -7.65
C ALA A 55 22.99 -38.17 -7.12
N ARG A 56 22.34 -38.91 -7.99
CA ARG A 56 21.55 -40.08 -7.57
C ARG A 56 22.48 -41.13 -6.93
N GLU A 57 23.69 -41.25 -7.45
CA GLU A 57 24.69 -42.20 -6.94
C GLU A 57 25.27 -41.80 -5.60
N TRP A 58 25.49 -40.51 -5.42
CA TRP A 58 25.88 -39.95 -4.14
C TRP A 58 24.85 -40.24 -3.05
N ARG A 59 23.58 -40.01 -3.37
CA ARG A 59 22.50 -40.32 -2.42
C ARG A 59 22.40 -41.82 -2.14
N ARG A 60 22.48 -42.65 -3.19
CA ARG A 60 22.40 -44.10 -3.00
C ARG A 60 23.54 -44.59 -2.10
N THR A 61 24.75 -44.06 -2.28
CA THR A 61 25.91 -44.54 -1.49
C THR A 61 26.17 -43.73 -0.21
N ASP A 62 25.24 -42.85 0.19
CA ASP A 62 25.39 -41.97 1.40
C ASP A 62 26.69 -41.20 1.42
N ASP A 63 27.09 -40.71 0.27
CA ASP A 63 28.27 -39.88 0.16
C ASP A 63 28.09 -38.66 1.04
N GLU A 64 29.14 -38.26 1.77
CA GLU A 64 29.08 -37.10 2.66
C GLU A 64 28.84 -35.76 1.95
N ARG A 65 29.14 -35.65 0.66
CA ARG A 65 28.82 -34.40 -0.05
C ARG A 65 27.29 -34.10 -0.20
N VAL A 66 26.45 -35.08 0.13
CA VAL A 66 25.00 -34.94 0.15
C VAL A 66 24.51 -34.15 1.36
N ARG A 67 25.30 -34.13 2.42
CA ARG A 67 24.89 -33.62 3.70
C ARG A 67 24.02 -32.36 3.65
N GLY A 68 24.54 -31.30 3.05
CA GLY A 68 23.81 -30.03 3.04
C GLY A 68 22.98 -29.78 1.78
N GLY A 69 22.71 -30.83 0.99
CA GLY A 69 22.11 -30.66 -0.33
C GLY A 69 23.12 -30.92 -1.41
N ILE A 70 22.59 -31.07 -2.63
CA ILE A 70 23.40 -31.21 -3.79
C ILE A 70 23.00 -30.07 -4.71
N THR A 71 23.98 -29.33 -5.20
CA THR A 71 23.71 -28.25 -6.14
C THR A 71 24.39 -28.59 -7.44
N ILE A 72 23.55 -28.73 -8.48
CA ILE A 72 23.95 -28.90 -9.82
C ILE A 72 24.08 -27.48 -10.44
N CYS A 73 25.35 -27.07 -10.64
CA CYS A 73 25.70 -25.72 -11.12
C CYS A 73 26.01 -25.79 -12.58
N MET A 74 25.37 -24.92 -13.36
CA MET A 74 25.51 -24.97 -14.78
C MET A 74 26.17 -23.68 -15.23
N GLU A 75 27.18 -23.82 -16.09
CA GLU A 75 27.87 -22.70 -16.70
C GLU A 75 26.93 -22.07 -17.69
N GLY A 76 27.08 -20.76 -17.83
CA GLY A 76 26.31 -19.99 -18.80
C GLY A 76 26.38 -20.58 -20.17
N GLY A 77 25.25 -20.63 -20.88
CA GLY A 77 25.21 -21.17 -22.23
C GLY A 77 23.92 -21.86 -22.52
N THR A 78 23.88 -22.50 -23.70
CA THR A 78 22.73 -23.27 -24.16
C THR A 78 23.07 -24.76 -24.12
N TYR A 79 22.11 -25.54 -23.64
CA TYR A 79 22.23 -26.98 -23.49
C TYR A 79 21.03 -27.58 -24.22
N ALA A 80 21.31 -28.23 -25.34
CA ALA A 80 20.30 -28.72 -26.23
C ALA A 80 19.93 -30.16 -25.84
N LEU A 81 18.63 -30.48 -25.83
CA LEU A 81 18.16 -31.76 -25.39
C LEU A 81 17.51 -32.48 -26.57
N TYR A 82 17.75 -33.78 -26.65
CA TYR A 82 17.08 -34.58 -27.67
C TYR A 82 16.04 -35.48 -27.07
N GLU A 83 15.93 -35.42 -25.76
CA GLU A 83 14.98 -36.25 -24.97
C GLU A 83 14.81 -35.56 -23.63
N PRO A 84 13.69 -35.77 -22.92
CA PRO A 84 13.55 -35.15 -21.64
C PRO A 84 14.54 -35.64 -20.59
N VAL A 85 14.87 -34.73 -19.66
CA VAL A 85 15.56 -35.09 -18.46
C VAL A 85 14.52 -35.69 -17.48
N PHE A 86 14.78 -36.92 -17.02
CA PHE A 86 13.82 -37.70 -16.26
C PHE A 86 14.28 -37.65 -14.80
N ILE A 87 13.52 -36.96 -13.97
CA ILE A 87 13.86 -36.80 -12.56
C ILE A 87 12.85 -37.68 -11.83
N ARG A 88 13.39 -38.66 -11.10
CA ARG A 88 12.65 -39.84 -10.67
C ARG A 88 12.76 -39.98 -9.15
N PRO A 89 12.03 -40.93 -8.57
CA PRO A 89 12.01 -41.01 -7.12
C PRO A 89 13.39 -41.10 -6.42
N GLU A 90 14.32 -41.83 -7.05
CA GLU A 90 15.69 -41.99 -6.59
C GLU A 90 16.51 -40.66 -6.58
N ASP A 91 15.98 -39.66 -7.30
CA ASP A 91 16.54 -38.32 -7.27
C ASP A 91 16.08 -37.46 -6.12
N SER A 92 15.19 -37.97 -5.27
CA SER A 92 14.55 -37.15 -4.28
C SER A 92 15.58 -36.63 -3.30
N GLY A 93 15.41 -35.37 -2.95
CA GLY A 93 16.14 -34.80 -1.84
C GLY A 93 15.33 -34.96 -0.58
N THR A 94 15.73 -34.20 0.43
CA THR A 94 14.99 -34.05 1.69
C THR A 94 15.00 -32.56 1.98
N GLU A 95 14.32 -32.15 3.03
CA GLU A 95 14.24 -30.73 3.33
C GLU A 95 15.62 -30.16 3.66
N ASP A 96 16.42 -30.90 4.41
CA ASP A 96 17.80 -30.46 4.76
C ASP A 96 18.76 -30.70 3.59
N SER A 97 18.40 -31.61 2.68
CA SER A 97 19.28 -31.94 1.54
C SER A 97 18.52 -31.93 0.22
N PRO A 98 18.09 -30.75 -0.23
CA PRO A 98 17.50 -30.64 -1.54
C PRO A 98 18.49 -30.83 -2.70
N THR A 99 17.96 -31.16 -3.85
CA THR A 99 18.69 -31.02 -5.08
C THR A 99 18.20 -29.74 -5.72
N VAL A 100 19.16 -28.83 -5.94
CA VAL A 100 18.97 -27.54 -6.62
C VAL A 100 19.76 -27.50 -7.93
N ILE A 101 19.12 -27.03 -8.98
CA ILE A 101 19.69 -26.98 -10.30
C ILE A 101 19.62 -25.50 -10.66
N ARG A 102 20.78 -24.90 -10.89
CA ARG A 102 20.89 -23.45 -11.10
C ARG A 102 22.11 -23.02 -11.95
N PRO A 103 22.10 -21.78 -12.47
CA PRO A 103 23.34 -21.31 -13.07
C PRO A 103 24.37 -20.99 -12.01
N VAL A 104 25.63 -21.01 -12.40
CA VAL A 104 26.65 -20.28 -11.65
C VAL A 104 26.37 -18.76 -11.71
N ALA A 105 26.77 -18.06 -10.64
CA ALA A 105 26.81 -16.59 -10.63
C ALA A 105 25.48 -16.04 -11.13
N ASP A 106 25.49 -15.07 -12.05
CA ASP A 106 24.25 -14.61 -12.66
C ASP A 106 24.27 -14.92 -14.16
N GLU A 107 24.91 -16.03 -14.54
CA GLU A 107 25.04 -16.40 -15.94
C GLU A 107 23.67 -16.95 -16.40
N LYS A 108 23.39 -16.82 -17.69
CA LYS A 108 22.13 -17.27 -18.24
C LYS A 108 22.29 -18.69 -18.76
N VAL A 109 21.36 -19.56 -18.38
CA VAL A 109 21.38 -20.97 -18.79
C VAL A 109 20.06 -21.27 -19.48
N VAL A 110 20.13 -21.73 -20.71
CA VAL A 110 18.98 -22.10 -21.52
C VAL A 110 19.02 -23.60 -21.77
N LEU A 111 17.96 -24.29 -21.36
CA LEU A 111 17.72 -25.66 -21.73
C LEU A 111 16.83 -25.58 -22.92
N SER A 112 17.31 -26.07 -24.05
CA SER A 112 16.61 -25.93 -25.28
C SER A 112 16.20 -27.24 -25.84
N GLY A 113 14.94 -27.30 -26.28
CA GLY A 113 14.46 -28.47 -27.01
C GLY A 113 14.50 -28.36 -28.51
N GLY A 114 15.26 -27.38 -29.01
CA GLY A 114 15.31 -27.10 -30.42
C GLY A 114 16.65 -27.32 -31.07
N ILE A 115 16.69 -27.14 -32.38
CA ILE A 115 17.91 -27.21 -33.17
C ILE A 115 18.06 -26.01 -34.09
N ARG A 116 19.29 -25.75 -34.49
CA ARG A 116 19.62 -24.61 -35.34
C ARG A 116 19.51 -24.98 -36.81
N ILE A 117 18.89 -24.13 -37.64
CA ILE A 117 18.86 -24.37 -39.08
C ILE A 117 19.91 -23.45 -39.72
N GLY A 118 20.85 -24.05 -40.46
CA GLY A 118 21.91 -23.29 -41.20
C GLY A 118 21.82 -23.58 -42.66
N GLY A 119 22.83 -23.18 -43.43
CA GLY A 119 22.89 -23.47 -44.87
C GLY A 119 21.82 -22.77 -45.68
N TRP A 120 21.53 -21.54 -45.31
CA TRP A 120 20.48 -20.76 -45.97
C TRP A 120 20.96 -20.21 -47.33
N LYS A 121 20.20 -20.44 -48.42
CA LYS A 121 20.51 -19.95 -49.76
C LYS A 121 19.41 -19.01 -50.22
N LYS A 122 19.80 -17.98 -50.97
CA LYS A 122 18.89 -16.96 -51.46
C LYS A 122 18.17 -17.43 -52.70
N GLN A 123 16.90 -17.09 -52.78
CA GLN A 123 16.01 -17.53 -53.87
C GLN A 123 14.91 -16.45 -54.00
N GLY A 124 15.30 -15.33 -54.62
CA GLY A 124 14.43 -14.16 -54.75
C GLY A 124 14.44 -13.35 -53.46
N LYS A 125 13.27 -12.89 -53.03
CA LYS A 125 13.13 -12.25 -51.72
C LYS A 125 13.21 -13.23 -50.53
N LEU A 126 13.00 -14.51 -50.81
CA LEU A 126 13.08 -15.58 -49.82
C LEU A 126 14.44 -16.24 -49.76
N TRP A 127 14.70 -16.83 -48.60
CA TRP A 127 15.80 -17.75 -48.39
C TRP A 127 15.25 -19.13 -48.04
N VAL A 128 16.04 -20.15 -48.37
CA VAL A 128 15.63 -21.53 -48.25
C VAL A 128 16.78 -22.38 -47.68
N ALA A 129 16.42 -23.39 -46.89
CA ALA A 129 17.41 -24.24 -46.19
C ALA A 129 16.85 -25.63 -46.08
N ASP A 130 17.75 -26.61 -46.09
CA ASP A 130 17.36 -27.98 -45.86
C ASP A 130 17.12 -28.16 -44.38
N VAL A 131 16.05 -28.83 -44.02
CA VAL A 131 15.79 -29.10 -42.61
C VAL A 131 16.50 -30.39 -42.25
N PRO A 132 17.40 -30.37 -41.29
CA PRO A 132 18.11 -31.61 -41.04
C PRO A 132 17.25 -32.65 -40.35
N MET A 133 17.79 -33.85 -40.34
CA MET A 133 17.24 -34.99 -39.67
C MET A 133 17.31 -34.71 -38.18
N PHE A 134 16.31 -35.11 -37.41
CA PHE A 134 16.40 -35.10 -35.96
C PHE A 134 16.08 -36.49 -35.36
N ASN A 135 16.93 -36.98 -34.46
CA ASN A 135 16.78 -38.34 -33.88
C ASN A 135 16.44 -39.36 -34.95
N GLY A 136 17.18 -39.30 -36.06
CA GLY A 136 17.09 -40.24 -37.19
C GLY A 136 15.94 -40.16 -38.15
N ARG A 137 15.14 -39.10 -38.06
CA ARG A 137 13.93 -38.93 -38.87
C ARG A 137 13.73 -37.47 -39.35
N PRO A 138 12.98 -37.28 -40.45
CA PRO A 138 12.55 -35.94 -40.83
C PRO A 138 11.94 -35.20 -39.64
N LEU A 139 12.28 -33.93 -39.49
CA LEU A 139 11.73 -33.05 -38.50
C LEU A 139 10.68 -32.13 -39.13
N ASP A 140 9.53 -32.02 -38.46
CA ASP A 140 8.56 -30.94 -38.78
C ASP A 140 8.37 -30.11 -37.52
N PHE A 141 7.76 -28.93 -37.70
CA PHE A 141 7.63 -27.99 -36.61
C PHE A 141 6.57 -26.93 -36.97
N ARG A 142 6.03 -26.33 -35.93
CA ARG A 142 4.97 -25.32 -36.05
C ARG A 142 5.44 -23.93 -35.59
N GLN A 143 6.63 -23.82 -35.00
CA GLN A 143 7.19 -22.55 -34.63
C GLN A 143 8.58 -22.46 -35.23
N LEU A 144 9.04 -21.22 -35.37
CA LEU A 144 10.40 -20.92 -35.82
C LEU A 144 10.80 -19.60 -35.23
N TRP A 145 11.99 -19.53 -34.63
CA TRP A 145 12.50 -18.34 -33.99
C TRP A 145 13.79 -17.86 -34.66
N VAL A 146 13.92 -16.53 -34.83
CA VAL A 146 15.10 -15.90 -35.42
C VAL A 146 15.63 -14.85 -34.45
N ASN A 147 16.86 -15.07 -33.97
CA ASN A 147 17.52 -14.26 -32.94
C ASN A 147 16.64 -13.98 -31.75
N GLY A 148 15.92 -14.99 -31.28
CA GLY A 148 15.05 -14.85 -30.13
C GLY A 148 13.70 -14.20 -30.43
N LYS A 149 13.34 -14.09 -31.69
CA LYS A 149 12.12 -13.41 -32.08
C LYS A 149 11.29 -14.32 -32.93
N LYS A 150 10.11 -14.64 -32.44
CA LYS A 150 9.26 -15.59 -33.11
C LYS A 150 8.90 -15.09 -34.49
N ALA A 151 9.09 -15.93 -35.50
CA ALA A 151 8.63 -15.69 -36.84
C ALA A 151 7.16 -16.15 -37.00
N VAL A 152 6.59 -15.86 -38.16
CA VAL A 152 5.17 -16.08 -38.38
C VAL A 152 5.00 -17.26 -39.33
N ARG A 153 4.30 -18.30 -38.89
CA ARG A 153 3.97 -19.42 -39.77
C ARG A 153 3.03 -18.87 -40.83
N ALA A 154 3.36 -19.10 -42.10
CA ALA A 154 2.76 -18.29 -43.15
C ALA A 154 1.27 -18.41 -43.14
N ARG A 155 0.61 -17.24 -43.12
CA ARG A 155 -0.84 -17.16 -43.11
C ARG A 155 -1.43 -16.10 -44.07
N ASP A 156 -2.74 -16.19 -44.32
CA ASP A 156 -3.39 -15.38 -45.36
C ASP A 156 -3.46 -13.93 -45.00
N VAL A 157 -3.74 -13.59 -43.74
CA VAL A 157 -3.83 -12.18 -43.31
C VAL A 157 -2.89 -11.93 -42.16
N GLU A 158 -2.27 -10.75 -42.16
CA GLU A 158 -1.38 -10.31 -41.08
C GLU A 158 -2.19 -9.84 -39.87
N ASP A 159 -3.10 -8.90 -40.12
CA ASP A 159 -3.95 -8.30 -39.12
C ASP A 159 -5.20 -9.15 -38.99
N PHE A 160 -5.43 -9.69 -37.80
CA PHE A 160 -6.56 -10.64 -37.58
C PHE A 160 -7.89 -9.95 -37.68
N GLU A 161 -7.91 -8.65 -37.42
CA GLU A 161 -9.12 -7.83 -37.69
C GLU A 161 -9.60 -7.98 -39.14
N LYS A 162 -8.70 -8.39 -40.05
CA LYS A 162 -9.02 -8.61 -41.46
C LYS A 162 -9.36 -10.04 -41.85
N MET A 163 -9.52 -10.95 -40.89
CA MET A 163 -9.87 -12.34 -41.24
C MET A 163 -11.18 -12.40 -42.03
N ASN A 164 -11.28 -13.31 -43.00
CA ASN A 164 -12.57 -13.68 -43.57
C ASN A 164 -13.48 -14.38 -42.55
N ARG A 165 -14.79 -14.37 -42.81
CA ARG A 165 -15.77 -15.09 -41.98
C ARG A 165 -16.36 -16.22 -42.80
N ILE A 166 -16.84 -17.25 -42.11
CA ILE A 166 -17.46 -18.37 -42.78
C ILE A 166 -18.86 -17.96 -43.32
N CYS A 167 -19.43 -18.79 -44.18
CA CYS A 167 -20.78 -18.57 -44.72
C CYS A 167 -21.79 -19.50 -44.06
N SER A 168 -21.49 -20.80 -43.99
CA SER A 168 -22.41 -21.78 -43.33
C SER A 168 -21.72 -23.10 -43.01
N VAL A 169 -22.43 -23.94 -42.25
CA VAL A 169 -21.99 -25.28 -41.80
C VAL A 169 -22.97 -26.33 -42.24
N ASP A 170 -22.47 -27.34 -42.94
CA ASP A 170 -23.20 -28.54 -43.25
C ASP A 170 -22.66 -29.68 -42.38
N GLU A 171 -23.30 -29.92 -41.24
CA GLU A 171 -22.84 -30.89 -40.23
C GLU A 171 -22.93 -32.33 -40.73
N LYS A 172 -24.07 -32.66 -41.33
CA LYS A 172 -24.35 -33.95 -41.88
C LYS A 172 -23.27 -34.37 -42.88
N ASN A 173 -22.85 -33.45 -43.75
CA ASN A 173 -21.86 -33.80 -44.77
C ASN A 173 -20.41 -33.43 -44.42
N GLU A 174 -20.19 -32.82 -43.25
CA GLU A 174 -18.87 -32.35 -42.83
C GLU A 174 -18.24 -31.38 -43.77
N ILE A 175 -19.01 -30.37 -44.16
CA ILE A 175 -18.55 -29.35 -45.09
C ILE A 175 -18.62 -28.01 -44.41
N LEU A 176 -17.56 -27.20 -44.56
CA LEU A 176 -17.62 -25.81 -44.14
C LEU A 176 -17.64 -24.93 -45.39
N TYR A 177 -18.65 -24.08 -45.53
CA TYR A 177 -18.69 -23.17 -46.67
C TYR A 177 -18.14 -21.80 -46.26
N VAL A 178 -17.21 -21.30 -47.04
CA VAL A 178 -16.60 -19.97 -46.83
C VAL A 178 -16.59 -19.22 -48.19
N PRO A 179 -16.25 -17.90 -48.20
CA PRO A 179 -16.21 -17.19 -49.51
C PRO A 179 -15.14 -17.72 -50.45
N ALA A 180 -15.48 -17.91 -51.73
CA ALA A 180 -14.50 -18.39 -52.68
C ALA A 180 -13.26 -17.54 -52.69
N VAL A 181 -13.42 -16.23 -52.48
CA VAL A 181 -12.26 -15.33 -52.55
C VAL A 181 -11.24 -15.62 -51.49
N ALA A 182 -11.68 -16.07 -50.33
CA ALA A 182 -10.80 -16.41 -49.22
C ALA A 182 -9.80 -17.52 -49.50
N ILE A 183 -10.15 -18.51 -50.34
CA ILE A 183 -9.28 -19.68 -50.54
C ILE A 183 -8.67 -19.74 -51.93
N ARG A 184 -8.88 -18.71 -52.74
CA ARG A 184 -8.43 -18.77 -54.13
C ARG A 184 -6.93 -19.04 -54.23
N ARG A 185 -6.13 -18.51 -53.32
CA ARG A 185 -4.67 -18.80 -53.36
C ARG A 185 -4.25 -20.23 -53.03
N LEU A 186 -5.17 -21.05 -52.55
CA LEU A 186 -4.84 -22.44 -52.22
C LEU A 186 -5.29 -23.42 -53.30
N VAL A 187 -5.98 -22.94 -54.34
CA VAL A 187 -6.44 -23.86 -55.40
C VAL A 187 -5.71 -23.60 -56.72
N ASP A 188 -5.70 -24.60 -57.60
CA ASP A 188 -5.10 -24.49 -58.94
C ASP A 188 -6.15 -23.99 -59.96
N GLY A 189 -5.74 -23.91 -61.24
CA GLY A 189 -6.64 -23.53 -62.35
C GLY A 189 -7.99 -24.25 -62.40
N LYS A 190 -8.01 -25.53 -61.99
CA LYS A 190 -9.24 -26.34 -61.97
C LYS A 190 -10.00 -26.34 -60.63
N GLY A 191 -9.75 -25.38 -59.75
CA GLY A 191 -10.42 -25.32 -58.45
C GLY A 191 -10.14 -26.45 -57.45
N ALA A 192 -9.10 -27.26 -57.68
CA ALA A 192 -8.71 -28.32 -56.75
C ALA A 192 -7.63 -27.80 -55.76
N LEU A 193 -7.67 -28.27 -54.51
CA LEU A 193 -6.61 -27.96 -53.50
C LEU A 193 -5.21 -28.22 -54.03
N LYS A 194 -4.38 -27.21 -53.97
CA LYS A 194 -2.99 -27.29 -54.40
C LYS A 194 -2.00 -27.16 -53.22
N ALA A 195 -2.47 -26.66 -52.09
CA ALA A 195 -1.65 -26.54 -50.89
C ALA A 195 -1.94 -27.79 -50.05
N LYS A 196 -1.09 -28.80 -50.24
CA LYS A 196 -1.29 -30.16 -49.72
C LYS A 196 -1.56 -30.26 -48.20
N TYR A 197 -0.88 -29.44 -47.40
CA TYR A 197 -1.00 -29.48 -45.93
C TYR A 197 -1.60 -28.23 -45.32
N ALA A 198 -2.39 -27.49 -46.10
CA ALA A 198 -2.99 -26.25 -45.60
C ALA A 198 -3.90 -26.50 -44.43
N GLU A 199 -3.94 -25.52 -43.53
CA GLU A 199 -4.70 -25.61 -42.30
C GLU A 199 -5.58 -24.40 -42.10
N MET A 200 -6.80 -24.60 -41.63
CA MET A 200 -7.64 -23.50 -41.24
C MET A 200 -7.71 -23.42 -39.73
N VAL A 201 -7.56 -22.21 -39.21
CA VAL A 201 -7.70 -21.92 -37.81
C VAL A 201 -9.01 -21.17 -37.65
N LEU A 202 -9.98 -21.80 -37.00
CA LEU A 202 -11.36 -21.33 -36.95
C LEU A 202 -11.68 -20.80 -35.56
N HIS A 203 -12.23 -19.58 -35.52
CA HIS A 203 -12.58 -18.92 -34.28
C HIS A 203 -14.03 -19.28 -34.00
N GLN A 204 -14.27 -20.00 -32.91
CA GLN A 204 -15.62 -20.43 -32.56
C GLN A 204 -15.94 -20.20 -31.10
N MET A 205 -16.59 -19.08 -30.83
CA MET A 205 -17.03 -18.67 -29.52
C MET A 205 -15.82 -18.44 -28.60
N TRP A 206 -15.50 -19.35 -27.67
CA TRP A 206 -14.38 -19.15 -26.68
C TRP A 206 -13.09 -20.01 -26.98
N CYS A 207 -13.09 -20.74 -28.11
CA CYS A 207 -11.94 -21.51 -28.60
C CYS A 207 -11.65 -21.25 -30.06
N VAL A 208 -10.43 -21.64 -30.47
CA VAL A 208 -10.12 -21.83 -31.85
C VAL A 208 -9.99 -23.30 -32.07
N ALA A 209 -10.27 -23.73 -33.30
CA ALA A 209 -9.97 -25.08 -33.73
C ALA A 209 -8.97 -25.07 -34.87
N ASN A 210 -8.09 -26.07 -34.89
CA ASN A 210 -7.10 -26.26 -35.98
C ASN A 210 -7.58 -27.38 -36.86
N LEU A 211 -7.93 -27.06 -38.11
CA LEU A 211 -8.61 -28.00 -39.00
C LEU A 211 -7.84 -28.11 -40.31
N ARG A 212 -7.36 -29.31 -40.60
CA ARG A 212 -6.46 -29.48 -41.73
C ARG A 212 -7.27 -29.78 -42.99
N ILE A 213 -7.05 -28.97 -43.99
CA ILE A 213 -7.86 -29.00 -45.22
C ILE A 213 -7.53 -30.24 -46.11
N ARG A 214 -8.55 -31.04 -46.37
CA ARG A 214 -8.44 -32.20 -47.23
C ARG A 214 -8.75 -31.79 -48.67
N SER A 215 -9.83 -31.01 -48.88
CA SER A 215 -10.24 -30.66 -50.24
C SER A 215 -11.10 -29.36 -50.29
N VAL A 216 -11.08 -28.73 -51.45
CA VAL A 216 -11.84 -27.52 -51.74
C VAL A 216 -12.61 -27.75 -53.03
N GLU A 217 -13.89 -27.40 -53.00
CA GLU A 217 -14.74 -27.43 -54.19
C GLU A 217 -15.40 -26.06 -54.39
N LEU A 218 -15.12 -25.41 -55.50
CA LEU A 218 -15.70 -24.09 -55.77
C LEU A 218 -17.19 -24.22 -56.06
N ALA A 219 -17.99 -23.39 -55.39
CA ALA A 219 -19.45 -23.42 -55.44
C ALA A 219 -19.93 -22.03 -55.80
N GLY A 220 -19.37 -21.45 -56.86
CA GLY A 220 -19.69 -20.07 -57.29
C GLY A 220 -19.08 -19.05 -56.36
N ASP A 221 -19.91 -18.35 -55.59
CA ASP A 221 -19.40 -17.34 -54.63
C ASP A 221 -18.82 -17.97 -53.34
N SER A 222 -19.15 -19.24 -53.07
CA SER A 222 -18.73 -19.95 -51.88
C SER A 222 -17.79 -21.07 -52.28
N ALA A 223 -17.13 -21.64 -51.30
CA ALA A 223 -16.23 -22.79 -51.51
C ALA A 223 -16.52 -23.84 -50.43
N ALA A 224 -16.62 -25.07 -50.86
CA ALA A 224 -16.95 -26.16 -49.97
C ALA A 224 -15.61 -26.69 -49.44
N ILE A 225 -15.38 -26.51 -48.14
CA ILE A 225 -14.15 -26.92 -47.47
C ILE A 225 -14.40 -28.18 -46.68
N ARG A 226 -13.67 -29.25 -47.04
CA ARG A 226 -13.66 -30.50 -46.29
C ARG A 226 -12.30 -30.70 -45.60
N PHE A 227 -12.35 -31.39 -44.45
CA PHE A 227 -11.20 -31.51 -43.58
C PHE A 227 -10.80 -32.95 -43.34
N HIS A 228 -9.58 -33.13 -42.86
CA HIS A 228 -9.07 -34.49 -42.59
C HIS A 228 -9.66 -35.06 -41.31
N GLN A 229 -9.59 -36.37 -41.23
CA GLN A 229 -9.77 -37.08 -40.00
C GLN A 229 -8.43 -37.13 -39.25
N PRO A 230 -8.46 -37.24 -37.92
CA PRO A 230 -9.66 -37.42 -37.07
C PRO A 230 -10.45 -36.15 -36.70
N GLU A 231 -9.99 -34.96 -37.07
CA GLU A 231 -10.61 -33.77 -36.54
C GLU A 231 -11.95 -33.54 -37.15
N SER A 232 -12.18 -33.94 -38.40
CA SER A 232 -13.45 -33.57 -39.07
C SER A 232 -14.70 -34.09 -38.32
N ARG A 233 -14.68 -35.36 -37.94
CA ARG A 233 -15.81 -35.95 -37.24
C ARG A 233 -16.07 -35.15 -35.99
N ILE A 234 -15.02 -34.83 -35.25
CA ILE A 234 -15.20 -34.22 -33.93
C ILE A 234 -15.62 -32.76 -34.08
N GLN A 235 -15.01 -32.07 -35.03
CA GLN A 235 -15.37 -30.69 -35.31
C GLN A 235 -16.87 -30.57 -35.60
N PHE A 236 -17.39 -31.40 -36.49
CA PHE A 236 -18.76 -31.17 -36.97
C PHE A 236 -19.83 -31.64 -35.99
N GLU A 237 -19.55 -32.65 -35.15
CA GLU A 237 -20.57 -33.15 -34.25
C GLU A 237 -20.52 -32.56 -32.83
N HIS A 238 -19.41 -31.98 -32.37
CA HIS A 238 -19.37 -31.42 -31.00
C HIS A 238 -20.20 -30.12 -30.97
N PRO A 239 -21.12 -29.97 -30.00
CA PRO A 239 -21.99 -28.78 -29.93
C PRO A 239 -21.39 -27.51 -29.32
N TRP A 240 -20.40 -27.67 -28.44
CA TRP A 240 -19.87 -26.54 -27.68
C TRP A 240 -18.34 -26.60 -27.62
N PRO A 241 -17.66 -25.53 -28.04
CA PRO A 241 -18.23 -24.44 -28.85
C PRO A 241 -18.49 -24.90 -30.28
N ARG A 242 -19.20 -24.11 -31.08
CA ARG A 242 -19.48 -24.49 -32.45
C ARG A 242 -19.44 -23.22 -33.26
N PRO A 243 -19.33 -23.34 -34.58
CA PRO A 243 -19.13 -22.12 -35.35
C PRO A 243 -20.33 -21.18 -35.34
N MET A 244 -20.09 -19.88 -35.36
CA MET A 244 -21.20 -18.90 -35.40
C MET A 244 -21.67 -18.69 -36.84
N VAL A 245 -22.97 -18.92 -37.10
CA VAL A 245 -23.55 -18.53 -38.40
C VAL A 245 -24.78 -17.67 -38.05
N THR A 246 -24.77 -16.41 -38.47
CA THR A 246 -25.65 -15.36 -37.93
C THR A 246 -26.25 -14.52 -39.05
N THR A 247 -27.18 -13.64 -38.70
CA THR A 247 -27.77 -12.62 -39.64
C THR A 247 -27.29 -11.18 -39.37
N ASP A 248 -26.50 -10.98 -38.30
CA ASP A 248 -26.05 -9.62 -37.86
C ASP A 248 -24.52 -9.37 -37.91
N GLY A 249 -23.83 -10.08 -38.80
CA GLY A 249 -22.40 -9.88 -39.06
C GLY A 249 -21.42 -10.44 -38.02
N HIS A 250 -21.80 -11.51 -37.33
CA HIS A 250 -20.93 -12.12 -36.29
C HIS A 250 -20.55 -13.56 -36.60
N ASN A 251 -20.48 -13.88 -37.89
CA ASN A 251 -20.05 -15.20 -38.33
C ASN A 251 -18.60 -15.50 -37.90
N SER A 252 -18.31 -16.77 -37.66
CA SER A 252 -16.97 -17.17 -37.22
C SER A 252 -15.90 -16.76 -38.21
N ALA A 253 -14.96 -15.96 -37.74
CA ALA A 253 -13.74 -15.68 -38.48
C ALA A 253 -12.83 -16.91 -38.56
N PHE A 254 -11.98 -16.94 -39.59
CA PHE A 254 -10.89 -17.93 -39.70
C PHE A 254 -9.72 -17.32 -40.39
N TYR A 255 -8.56 -17.95 -40.21
CA TYR A 255 -7.42 -17.66 -41.03
C TYR A 255 -6.86 -18.97 -41.55
N LEU A 256 -5.97 -18.84 -42.52
CA LEU A 256 -5.45 -19.95 -43.29
C LEU A 256 -3.99 -19.94 -43.05
N THR A 257 -3.41 -21.11 -42.87
CA THR A 257 -1.97 -21.20 -42.68
C THR A 257 -1.40 -22.49 -43.25
N ASN A 258 -0.08 -22.57 -43.24
CA ASN A 258 0.71 -23.73 -43.65
C ASN A 258 0.64 -24.05 -45.15
N ALA A 259 1.03 -23.05 -45.91
CA ALA A 259 0.96 -23.13 -47.37
C ALA A 259 1.98 -22.16 -47.94
N ARG A 260 2.79 -22.66 -48.88
CA ARG A 260 3.82 -21.87 -49.58
C ARG A 260 3.20 -20.62 -50.19
N GLU A 261 1.97 -20.77 -50.68
CA GLU A 261 1.27 -19.74 -51.43
C GLU A 261 0.86 -18.55 -50.51
N LEU A 262 0.98 -18.70 -49.18
CA LEU A 262 0.64 -17.60 -48.25
C LEU A 262 1.85 -16.87 -47.67
N LEU A 263 3.04 -17.30 -48.06
CA LEU A 263 4.28 -16.71 -47.58
C LEU A 263 4.60 -15.54 -48.51
N ASP A 264 4.41 -14.32 -48.01
CA ASP A 264 4.50 -13.09 -48.83
C ASP A 264 4.93 -11.83 -48.08
N VAL A 265 5.07 -11.84 -46.76
CA VAL A 265 5.58 -10.67 -46.06
C VAL A 265 6.76 -11.05 -45.19
N ALA A 266 7.53 -10.03 -44.85
CA ALA A 266 8.70 -10.23 -44.06
C ALA A 266 8.31 -10.89 -42.73
N GLY A 267 9.15 -11.85 -42.30
CA GLY A 267 8.91 -12.60 -41.09
C GLY A 267 8.08 -13.87 -41.21
N GLU A 268 7.51 -14.16 -42.37
CA GLU A 268 6.77 -15.40 -42.60
C GLU A 268 7.67 -16.56 -43.10
N TRP A 269 7.33 -17.79 -42.68
CA TRP A 269 8.00 -19.04 -43.10
C TRP A 269 7.00 -20.12 -43.48
N TYR A 270 7.43 -21.03 -44.31
CA TYR A 270 6.70 -22.23 -44.60
C TYR A 270 7.74 -23.36 -44.69
N HIS A 271 7.41 -24.47 -44.05
CA HIS A 271 8.20 -25.67 -44.12
C HIS A 271 7.50 -26.69 -45.02
N ASP A 272 8.14 -27.01 -46.13
CA ASP A 272 7.64 -27.98 -47.12
C ASP A 272 8.11 -29.36 -46.64
N ILE A 273 7.19 -30.13 -46.04
CA ILE A 273 7.59 -31.45 -45.48
C ILE A 273 7.92 -32.51 -46.54
N ASP A 274 7.37 -32.36 -47.74
CA ASP A 274 7.64 -33.30 -48.82
C ASP A 274 9.06 -33.07 -49.35
N ALA A 275 9.54 -31.83 -49.36
CA ALA A 275 10.90 -31.54 -49.83
C ALA A 275 11.92 -31.46 -48.69
N ARG A 276 11.42 -31.34 -47.46
CA ARG A 276 12.26 -31.10 -46.28
C ARG A 276 13.05 -29.80 -46.45
N LYS A 277 12.39 -28.77 -46.97
CA LYS A 277 13.02 -27.45 -47.10
C LYS A 277 12.17 -26.43 -46.40
N VAL A 278 12.79 -25.44 -45.79
CA VAL A 278 12.04 -24.39 -45.14
C VAL A 278 12.40 -23.02 -45.78
N TYR A 279 11.37 -22.25 -46.07
CA TYR A 279 11.46 -20.97 -46.75
C TYR A 279 11.14 -19.89 -45.73
N TYR A 280 11.94 -18.81 -45.74
CA TYR A 280 11.78 -17.69 -44.83
C TYR A 280 12.03 -16.36 -45.55
N TYR A 281 11.16 -15.39 -45.30
CA TYR A 281 11.31 -14.01 -45.76
C TYR A 281 11.95 -13.23 -44.62
N PRO A 282 13.26 -12.90 -44.74
CA PRO A 282 13.90 -12.32 -43.59
C PRO A 282 13.40 -10.92 -43.27
N ARG A 283 13.57 -10.52 -42.01
CA ARG A 283 13.15 -9.21 -41.55
C ARG A 283 14.37 -8.32 -41.45
N GLU A 284 14.11 -7.03 -41.42
CA GLU A 284 15.12 -6.00 -41.10
C GLU A 284 16.20 -6.51 -40.16
N GLY A 285 17.44 -6.57 -40.63
CA GLY A 285 18.57 -6.90 -39.77
C GLY A 285 18.79 -8.37 -39.49
N GLU A 286 18.17 -9.24 -40.28
CA GLU A 286 18.37 -10.67 -40.14
C GLU A 286 19.24 -11.07 -41.32
N LYS A 287 20.40 -11.60 -41.01
CA LYS A 287 21.41 -11.89 -41.98
C LYS A 287 21.69 -13.38 -41.90
N LEU A 288 20.96 -14.13 -42.72
CA LEU A 288 20.87 -15.57 -42.56
C LEU A 288 22.18 -16.32 -42.79
N GLN A 289 23.06 -15.74 -43.60
CA GLN A 289 24.37 -16.34 -43.85
C GLN A 289 25.42 -15.95 -42.84
N ASP A 290 25.12 -15.03 -41.92
CA ASP A 290 26.06 -14.67 -40.86
C ASP A 290 25.81 -15.54 -39.62
N ALA A 291 26.86 -15.79 -38.83
CA ALA A 291 26.76 -16.61 -37.62
C ALA A 291 26.11 -15.88 -36.41
N GLY A 292 26.13 -14.55 -36.41
CA GLY A 292 25.33 -13.78 -35.45
C GLY A 292 23.81 -13.80 -35.67
N THR A 293 23.31 -14.61 -36.61
CA THR A 293 21.88 -14.81 -36.86
C THR A 293 21.59 -16.30 -36.62
N GLU A 294 20.66 -16.58 -35.69
CA GLU A 294 20.30 -17.95 -35.29
C GLU A 294 18.82 -18.21 -35.54
N VAL A 295 18.57 -19.17 -36.41
CA VAL A 295 17.26 -19.67 -36.69
C VAL A 295 17.10 -20.98 -35.89
N ILE A 296 16.16 -20.99 -34.93
CA ILE A 296 15.89 -22.16 -34.06
C ILE A 296 14.49 -22.67 -34.38
N VAL A 297 14.39 -23.98 -34.61
CA VAL A 297 13.11 -24.69 -34.65
C VAL A 297 13.05 -25.66 -33.46
N PRO A 298 11.84 -25.89 -32.95
CA PRO A 298 11.67 -26.82 -31.82
C PRO A 298 11.59 -28.26 -32.28
N ALA A 299 12.15 -29.17 -31.49
CA ALA A 299 12.25 -30.56 -31.84
C ALA A 299 11.62 -31.55 -30.87
N ILE A 300 11.58 -31.25 -29.58
CA ILE A 300 10.93 -32.12 -28.57
C ILE A 300 9.93 -31.38 -27.73
N GLU A 301 9.00 -32.13 -27.13
CA GLU A 301 7.87 -31.56 -26.38
C GLU A 301 8.21 -31.08 -25.00
N THR A 302 9.08 -31.85 -24.32
CA THR A 302 9.26 -31.77 -22.89
C THR A 302 10.73 -31.86 -22.54
N LEU A 303 11.17 -30.90 -21.76
CA LEU A 303 12.56 -30.72 -21.39
C LEU A 303 12.86 -31.41 -20.06
N ILE A 304 11.98 -31.22 -19.09
CA ILE A 304 12.10 -31.83 -17.76
C ILE A 304 10.81 -32.56 -17.40
N GLN A 305 10.98 -33.82 -17.09
CA GLN A 305 9.87 -34.66 -16.65
C GLN A 305 10.15 -35.19 -15.23
N VAL A 306 9.57 -34.50 -14.26
CA VAL A 306 9.59 -34.88 -12.87
C VAL A 306 8.43 -35.89 -12.66
N LYS A 307 8.78 -37.15 -12.39
CA LYS A 307 7.77 -38.20 -12.36
C LYS A 307 8.08 -39.32 -11.39
N GLY A 308 7.18 -39.49 -10.42
CA GLY A 308 7.24 -40.58 -9.44
C GLY A 308 6.06 -41.52 -9.57
N THR A 309 5.71 -42.21 -8.50
CA THR A 309 4.45 -42.99 -8.45
C THR A 309 3.78 -42.51 -7.21
N PHE A 310 2.52 -42.89 -6.96
CA PHE A 310 1.86 -42.39 -5.77
C PHE A 310 2.53 -42.94 -4.49
N ASP A 311 3.00 -44.20 -4.55
CA ASP A 311 3.78 -44.76 -3.44
C ASP A 311 5.21 -44.31 -3.35
N ARG A 312 5.81 -43.89 -4.48
CA ARG A 312 7.23 -43.52 -4.50
C ARG A 312 7.32 -42.12 -5.18
N PRO A 313 6.93 -41.06 -4.48
CA PRO A 313 6.95 -39.73 -5.09
C PRO A 313 8.37 -39.15 -5.25
N VAL A 314 8.54 -38.20 -6.17
CA VAL A 314 9.80 -37.41 -6.28
C VAL A 314 9.70 -36.22 -5.35
N SER A 315 10.73 -35.92 -4.60
CA SER A 315 10.57 -34.84 -3.66
C SER A 315 11.81 -33.95 -3.50
N HIS A 316 11.58 -32.70 -3.07
CA HIS A 316 12.63 -31.72 -2.72
C HIS A 316 13.64 -31.49 -3.83
N ILE A 317 13.11 -31.04 -4.95
CA ILE A 317 13.88 -30.62 -6.08
C ILE A 317 13.53 -29.15 -6.34
N ARG A 318 14.55 -28.30 -6.53
CA ARG A 318 14.35 -26.90 -6.94
C ARG A 318 15.11 -26.55 -8.19
N PHE A 319 14.41 -25.95 -9.14
CA PHE A 319 15.02 -25.31 -10.25
C PHE A 319 15.06 -23.79 -10.02
N GLU A 320 16.21 -23.18 -10.22
CA GLU A 320 16.43 -21.77 -9.91
C GLU A 320 17.16 -21.10 -11.07
N LYS A 321 16.58 -20.05 -11.65
CA LYS A 321 17.17 -19.22 -12.66
C LYS A 321 17.49 -19.98 -13.94
N ILE A 322 16.67 -20.96 -14.31
CA ILE A 322 16.89 -21.71 -15.51
C ILE A 322 15.87 -21.20 -16.51
N THR A 323 16.33 -21.04 -17.76
CA THR A 323 15.46 -20.72 -18.88
C THR A 323 15.17 -21.98 -19.63
N PHE A 324 13.88 -22.22 -19.86
CA PHE A 324 13.37 -23.33 -20.63
C PHE A 324 12.82 -22.83 -21.92
N SER A 325 13.23 -23.44 -23.04
CA SER A 325 12.88 -22.91 -24.37
C SER A 325 12.84 -23.90 -25.45
N HIS A 326 12.13 -23.54 -26.50
CA HIS A 326 12.12 -24.22 -27.81
C HIS A 326 11.55 -25.65 -27.75
N THR A 327 10.34 -25.75 -27.19
CA THR A 327 9.59 -26.98 -27.20
C THR A 327 8.57 -27.02 -28.31
N THR A 328 8.30 -28.22 -28.80
CA THR A 328 7.33 -28.41 -29.87
C THR A 328 6.02 -28.98 -29.34
N TRP A 329 4.97 -28.90 -30.16
CA TRP A 329 3.84 -29.80 -29.99
C TRP A 329 3.18 -29.99 -31.33
N MET A 330 3.25 -31.20 -31.86
CA MET A 330 2.87 -31.46 -33.25
C MET A 330 1.47 -32.05 -33.37
N ARG A 331 0.81 -32.34 -32.24
CA ARG A 331 -0.55 -32.93 -32.31
C ARG A 331 -1.49 -32.17 -33.28
N PRO A 332 -1.51 -30.83 -33.23
CA PRO A 332 -2.44 -30.19 -34.19
C PRO A 332 -2.11 -30.48 -35.66
N SER A 333 -0.83 -30.65 -36.01
CA SER A 333 -0.41 -30.99 -37.37
C SER A 333 -0.76 -32.42 -37.72
N GLU A 334 -0.88 -33.28 -36.70
CA GLU A 334 -1.06 -34.73 -36.88
C GLU A 334 -2.52 -35.19 -36.74
N LYS A 335 -3.31 -34.50 -35.89
CA LYS A 335 -4.67 -34.91 -35.62
C LYS A 335 -5.71 -33.76 -35.58
N GLY A 336 -5.29 -32.56 -35.98
CA GLY A 336 -6.10 -31.36 -35.75
C GLY A 336 -6.20 -31.12 -34.27
N HIS A 337 -7.12 -30.22 -33.91
CA HIS A 337 -7.20 -29.69 -32.59
C HIS A 337 -8.55 -29.04 -32.43
N VAL A 338 -9.40 -29.72 -31.67
CA VAL A 338 -10.78 -29.26 -31.47
C VAL A 338 -11.02 -29.24 -29.98
N PRO A 339 -10.58 -28.16 -29.31
CA PRO A 339 -10.75 -28.15 -27.87
C PRO A 339 -12.13 -27.70 -27.40
N LEU A 340 -12.47 -28.19 -26.21
CA LEU A 340 -13.70 -27.87 -25.54
C LEU A 340 -13.52 -26.53 -24.88
N GLN A 341 -12.39 -26.35 -24.20
CA GLN A 341 -12.10 -25.17 -23.45
C GLN A 341 -10.66 -25.29 -22.96
N ALA A 342 -10.04 -24.12 -22.80
CA ALA A 342 -8.70 -24.00 -22.21
C ALA A 342 -7.63 -24.86 -22.87
N GLY A 343 -7.73 -25.06 -24.18
CA GLY A 343 -6.76 -25.82 -24.89
C GLY A 343 -6.81 -27.31 -24.69
N MET A 344 -7.83 -27.85 -24.00
CA MET A 344 -7.97 -29.29 -23.76
C MET A 344 -8.78 -29.87 -24.88
N TYR A 345 -8.11 -30.69 -25.68
CA TYR A 345 -8.65 -31.15 -26.95
C TYR A 345 -9.68 -32.26 -26.74
N LEU A 346 -10.72 -32.27 -27.58
CA LEU A 346 -11.75 -33.29 -27.50
C LEU A 346 -11.28 -34.53 -28.21
N THR A 347 -11.40 -35.68 -27.55
CA THR A 347 -11.26 -36.98 -28.22
C THR A 347 -12.60 -37.54 -28.68
N ASP A 348 -13.68 -37.10 -28.07
CA ASP A 348 -14.99 -37.51 -28.53
C ASP A 348 -15.93 -36.49 -27.92
N GLY A 349 -16.86 -35.96 -28.69
CA GLY A 349 -17.78 -35.00 -28.11
C GLY A 349 -19.03 -34.84 -28.96
N TYR A 350 -20.21 -34.95 -28.35
CA TYR A 350 -21.46 -34.91 -29.13
C TYR A 350 -22.59 -34.40 -28.29
N ARG A 351 -23.68 -34.06 -28.97
CA ARG A 351 -24.92 -33.56 -28.37
C ARG A 351 -25.71 -34.77 -27.89
N ILE A 352 -26.36 -34.69 -26.71
CA ILE A 352 -27.35 -35.73 -26.35
C ILE A 352 -28.79 -35.17 -26.24
N ASP A 353 -29.71 -36.01 -26.73
CA ASP A 353 -31.16 -35.74 -26.71
C ASP A 353 -31.83 -37.09 -26.43
N PRO A 354 -32.67 -37.21 -25.40
CA PRO A 354 -32.94 -36.15 -24.39
C PRO A 354 -31.71 -35.77 -23.57
N LYS A 355 -31.76 -34.58 -23.00
CA LYS A 355 -30.73 -34.12 -22.10
C LYS A 355 -30.61 -35.02 -20.91
N MET A 356 -29.42 -35.06 -20.34
CA MET A 356 -29.18 -35.81 -19.11
C MET A 356 -29.66 -35.01 -17.90
N GLU A 357 -30.54 -35.61 -17.10
CA GLU A 357 -30.92 -34.99 -15.83
C GLU A 357 -29.89 -35.33 -14.79
N ARG A 358 -29.57 -34.41 -13.90
CA ARG A 358 -28.46 -34.64 -12.94
C ARG A 358 -28.88 -34.40 -11.51
N ASP A 359 -28.13 -35.01 -10.59
CA ASP A 359 -28.31 -34.83 -9.15
C ASP A 359 -27.94 -33.44 -8.65
N TYR A 360 -28.22 -33.26 -7.37
CA TYR A 360 -27.80 -32.12 -6.61
C TYR A 360 -28.14 -30.74 -7.22
N LEU A 361 -29.25 -30.64 -7.95
CA LEU A 361 -29.76 -29.34 -8.50
C LEU A 361 -28.96 -28.84 -9.72
N ASN A 362 -28.05 -29.67 -10.25
CA ASN A 362 -27.43 -29.43 -11.53
C ASN A 362 -28.42 -29.22 -12.67
N HIS A 363 -28.02 -28.38 -13.62
CA HIS A 363 -28.82 -28.06 -14.75
C HIS A 363 -28.74 -29.25 -15.68
N PRO A 364 -29.79 -29.47 -16.49
CA PRO A 364 -29.71 -30.56 -17.45
C PRO A 364 -28.52 -30.38 -18.39
N LEU A 365 -27.92 -31.49 -18.81
CA LEU A 365 -26.69 -31.49 -19.57
C LEU A 365 -26.98 -31.92 -21.00
N ASP A 366 -26.58 -31.11 -21.97
CA ASP A 366 -26.90 -31.39 -23.36
C ASP A 366 -25.79 -32.00 -24.21
N ASN A 367 -24.64 -32.31 -23.60
CA ASN A 367 -23.54 -32.89 -24.38
C ASN A 367 -22.67 -33.85 -23.53
N GLN A 368 -21.89 -34.65 -24.23
CA GLN A 368 -20.91 -35.53 -23.60
C GLN A 368 -19.57 -35.23 -24.28
N GLY A 369 -18.54 -35.12 -23.44
CA GLY A 369 -17.19 -34.79 -23.88
C GLY A 369 -16.11 -35.54 -23.13
N TRP A 370 -15.12 -36.02 -23.87
CA TRP A 370 -13.89 -36.59 -23.30
C TRP A 370 -12.68 -35.86 -23.90
N LEU A 371 -11.70 -35.61 -23.07
CA LEU A 371 -10.60 -34.69 -23.34
C LEU A 371 -9.22 -35.33 -23.27
N GLY A 372 -8.24 -34.66 -23.91
CA GLY A 372 -6.82 -34.97 -23.79
C GLY A 372 -6.05 -33.71 -23.35
N ARG A 373 -4.82 -33.88 -22.94
CA ARG A 373 -4.02 -32.84 -22.30
C ARG A 373 -2.81 -32.44 -23.17
N PRO A 374 -2.66 -31.15 -23.49
CA PRO A 374 -1.51 -30.82 -24.33
C PRO A 374 -0.16 -31.05 -23.64
N ALA A 375 0.90 -31.15 -24.45
CA ALA A 375 2.24 -31.36 -23.89
C ALA A 375 2.76 -30.07 -23.22
N ALA A 376 3.72 -30.24 -22.30
CA ALA A 376 4.29 -29.17 -21.54
C ALA A 376 5.82 -29.21 -21.56
N ALA A 377 6.43 -28.02 -21.44
CA ALA A 377 7.90 -27.91 -21.38
C ALA A 377 8.50 -28.60 -20.18
N VAL A 378 7.87 -28.38 -19.02
CA VAL A 378 8.21 -28.98 -17.78
C VAL A 378 6.91 -29.60 -17.20
N SER A 379 6.95 -30.91 -16.88
CA SER A 379 5.84 -31.62 -16.22
C SER A 379 6.27 -32.17 -14.89
N VAL A 380 5.34 -32.11 -13.94
CA VAL A 380 5.57 -32.61 -12.57
C VAL A 380 4.39 -33.54 -12.25
N ALA A 381 4.65 -34.80 -11.90
CA ALA A 381 3.57 -35.69 -11.45
C ALA A 381 4.10 -36.64 -10.38
N ALA A 382 3.29 -36.89 -9.36
CA ALA A 382 3.63 -37.81 -8.27
C ALA A 382 4.87 -37.32 -7.54
N ALA A 383 4.69 -36.23 -6.86
CA ALA A 383 5.83 -35.48 -6.33
C ALA A 383 5.39 -34.58 -5.24
N ASN A 384 6.36 -34.15 -4.45
CA ASN A 384 6.12 -33.14 -3.48
C ASN A 384 7.32 -32.23 -3.33
N GLN A 385 7.06 -30.98 -2.97
CA GLN A 385 8.11 -29.96 -2.77
C GLN A 385 9.03 -29.84 -3.98
N ILE A 386 8.40 -29.65 -5.12
CA ILE A 386 9.11 -29.39 -6.35
C ILE A 386 8.91 -27.90 -6.64
N ASP A 387 10.01 -27.14 -6.56
CA ASP A 387 9.99 -25.66 -6.63
C ASP A 387 10.65 -25.13 -7.91
N PHE A 388 10.08 -24.02 -8.43
CA PHE A 388 10.70 -23.22 -9.47
C PHE A 388 10.80 -21.76 -8.98
N GLU A 389 12.05 -21.27 -8.87
CA GLU A 389 12.36 -19.92 -8.36
C GLU A 389 13.05 -19.13 -9.47
N ARG A 390 12.38 -18.09 -9.95
CA ARG A 390 12.92 -17.20 -11.01
C ARG A 390 13.38 -17.90 -12.25
N CYS A 391 12.60 -18.88 -12.69
CA CYS A 391 12.84 -19.56 -13.94
C CYS A 391 12.10 -18.77 -15.02
N ARG A 392 12.48 -18.97 -16.27
CA ARG A 392 11.91 -18.28 -17.39
C ARG A 392 11.44 -19.35 -18.36
N PHE A 393 10.15 -19.33 -18.67
CA PHE A 393 9.54 -20.19 -19.67
C PHE A 393 9.29 -19.35 -20.91
N ASP A 394 10.10 -19.57 -21.93
CA ASP A 394 10.27 -18.60 -23.02
C ASP A 394 10.48 -19.29 -24.32
N HIS A 395 9.60 -18.99 -25.29
CA HIS A 395 9.65 -19.52 -26.65
C HIS A 395 9.18 -21.00 -26.70
N LEU A 396 7.91 -21.25 -26.44
CA LEU A 396 7.39 -22.62 -26.26
C LEU A 396 6.21 -22.89 -27.13
N GLY A 397 6.09 -24.14 -27.57
CA GLY A 397 5.08 -24.54 -28.51
C GLY A 397 3.78 -25.06 -27.93
N SER A 398 3.69 -25.21 -26.61
CA SER A 398 2.45 -25.69 -25.99
C SER A 398 2.32 -25.15 -24.58
N THR A 399 2.31 -25.98 -23.55
CA THR A 399 2.26 -25.47 -22.17
C THR A 399 3.67 -25.17 -21.66
N GLY A 400 3.76 -24.17 -20.80
CA GLY A 400 5.00 -23.91 -20.09
C GLY A 400 5.31 -24.93 -19.00
N LEU A 401 4.61 -24.81 -17.88
CA LEU A 401 4.82 -25.60 -16.66
C LEU A 401 3.50 -26.33 -16.31
N ASP A 402 3.58 -27.64 -16.09
CA ASP A 402 2.37 -28.45 -15.91
C ASP A 402 2.54 -29.35 -14.66
N TYR A 403 1.82 -28.99 -13.59
CA TYR A 403 1.72 -29.79 -12.35
C TYR A 403 0.50 -30.69 -12.64
N GLU A 404 0.78 -31.90 -13.07
CA GLU A 404 -0.23 -32.73 -13.74
C GLU A 404 -1.19 -33.50 -12.81
N GLU A 405 -0.61 -34.14 -11.81
CA GLU A 405 -1.29 -35.12 -11.01
C GLU A 405 -0.47 -35.42 -9.77
N ALA A 406 -1.15 -35.59 -8.62
CA ALA A 406 -0.58 -36.11 -7.39
C ALA A 406 0.65 -35.34 -6.95
N VAL A 407 0.54 -34.02 -7.00
CA VAL A 407 1.59 -33.17 -6.49
C VAL A 407 1.11 -32.50 -5.23
N GLN A 408 1.92 -32.58 -4.17
CA GLN A 408 1.69 -31.95 -2.88
C GLN A 408 2.68 -30.80 -2.81
N GLY A 409 2.17 -29.59 -2.64
CA GLY A 409 3.04 -28.43 -2.46
C GLY A 409 3.79 -28.05 -3.72
N GLY A 410 4.93 -27.42 -3.53
CA GLY A 410 5.65 -26.77 -4.63
C GLY A 410 5.38 -25.27 -4.66
N VAL A 411 6.44 -24.50 -4.89
CA VAL A 411 6.41 -23.06 -4.92
C VAL A 411 6.95 -22.67 -6.31
N VAL A 412 6.10 -22.04 -7.11
CA VAL A 412 6.41 -21.49 -8.43
C VAL A 412 6.38 -20.00 -8.16
N ARG A 413 7.56 -19.38 -8.16
CA ARG A 413 7.69 -18.04 -7.63
C ARG A 413 8.73 -17.29 -8.42
N GLY A 414 8.35 -16.08 -8.87
CA GLY A 414 9.26 -15.22 -9.55
C GLY A 414 9.55 -15.66 -10.95
N CYS A 415 8.70 -16.51 -11.54
CA CYS A 415 8.96 -17.01 -12.87
C CYS A 415 8.34 -16.11 -13.93
N LEU A 416 8.97 -16.09 -15.09
CA LEU A 416 8.50 -15.42 -16.29
C LEU A 416 7.94 -16.47 -17.20
N PHE A 417 6.79 -16.16 -17.78
CA PHE A 417 6.19 -16.95 -18.82
C PHE A 417 5.90 -16.03 -20.00
N ARG A 418 6.43 -16.36 -21.16
CA ARG A 418 6.41 -15.43 -22.30
C ARG A 418 6.70 -16.15 -23.56
N ASP A 419 6.02 -15.73 -24.62
CA ASP A 419 6.08 -16.34 -25.91
C ASP A 419 5.81 -17.83 -25.81
N ILE A 420 4.57 -18.12 -25.42
CA ILE A 420 4.07 -19.49 -25.27
C ILE A 420 2.79 -19.68 -26.10
N ALA A 421 2.78 -20.69 -26.94
CA ALA A 421 1.70 -20.96 -27.81
C ALA A 421 0.43 -21.32 -27.10
N GLY A 422 0.53 -22.09 -26.01
CA GLY A 422 -0.63 -22.55 -25.21
C GLY A 422 -0.68 -21.94 -23.85
N ASN A 423 -1.19 -22.71 -22.88
CA ASN A 423 -1.32 -22.23 -21.49
C ASN A 423 0.06 -22.00 -20.85
N GLY A 424 0.18 -20.97 -20.03
CA GLY A 424 1.43 -20.70 -19.41
C GLY A 424 1.74 -21.74 -18.34
N LEU A 425 0.87 -21.77 -17.34
CA LEU A 425 0.97 -22.62 -16.15
C LEU A 425 -0.36 -23.41 -15.98
N VAL A 426 -0.24 -24.73 -15.96
CA VAL A 426 -1.36 -25.69 -15.82
C VAL A 426 -1.15 -26.51 -14.51
N VAL A 427 -2.20 -26.63 -13.73
CA VAL A 427 -2.26 -27.43 -12.50
C VAL A 427 -3.55 -28.26 -12.41
N GLY A 428 -3.39 -29.56 -12.13
CA GLY A 428 -4.49 -30.45 -11.77
C GLY A 428 -5.14 -31.21 -12.88
N SER A 429 -6.32 -31.76 -12.58
CA SER A 429 -7.06 -32.58 -13.48
C SER A 429 -8.08 -31.78 -14.29
N PHE A 430 -8.25 -32.14 -15.55
CA PHE A 430 -9.36 -31.64 -16.39
C PHE A 430 -10.27 -32.80 -16.75
N SER A 431 -10.39 -33.71 -15.77
CA SER A 431 -11.03 -35.02 -15.90
CA SER A 431 -11.01 -35.02 -15.87
C SER A 431 -10.05 -36.04 -16.48
N PRO A 432 -9.95 -37.22 -15.84
CA PRO A 432 -9.13 -38.24 -16.50
C PRO A 432 -9.63 -38.53 -17.91
N ALA A 433 -8.75 -39.12 -18.70
CA ALA A 433 -9.01 -39.39 -20.11
C ALA A 433 -10.34 -40.13 -20.31
N ALA A 434 -10.63 -41.10 -19.46
CA ALA A 434 -11.84 -41.92 -19.57
C ALA A 434 -13.07 -41.39 -18.84
N HIS A 435 -12.92 -40.25 -18.16
CA HIS A 435 -13.95 -39.72 -17.31
C HIS A 435 -14.61 -38.55 -18.05
N GLU A 436 -15.87 -38.74 -18.46
CA GLU A 436 -16.67 -37.68 -19.09
C GLU A 436 -16.53 -36.37 -18.28
N THR A 437 -16.19 -35.31 -19.00
CA THR A 437 -15.69 -34.08 -18.35
C THR A 437 -16.69 -33.20 -17.59
N HIS A 438 -17.97 -33.56 -17.60
CA HIS A 438 -18.97 -32.90 -16.74
C HIS A 438 -19.36 -33.70 -15.51
N LEU A 439 -18.83 -34.91 -15.33
CA LEU A 439 -19.13 -35.74 -14.16
C LEU A 439 -18.20 -35.31 -13.09
N PRO A 440 -18.68 -35.16 -11.84
CA PRO A 440 -17.76 -34.63 -10.84
C PRO A 440 -16.57 -35.56 -10.63
N TYR A 441 -15.39 -34.97 -10.54
CA TYR A 441 -14.16 -35.67 -10.24
C TYR A 441 -13.85 -35.56 -8.76
N ASP A 442 -13.78 -36.72 -8.11
CA ASP A 442 -13.53 -36.78 -6.70
C ASP A 442 -13.00 -38.21 -6.40
N PRO A 443 -11.70 -38.42 -6.66
CA PRO A 443 -11.23 -39.79 -6.59
C PRO A 443 -11.08 -40.32 -5.15
N THR A 444 -11.47 -41.57 -4.99
CA THR A 444 -11.23 -42.34 -3.75
C THR A 444 -9.79 -42.27 -3.27
N ASP A 445 -8.85 -42.42 -4.21
CA ASP A 445 -7.43 -42.30 -3.85
C ASP A 445 -7.15 -40.80 -3.87
N LEU A 446 -7.14 -40.21 -2.71
CA LEU A 446 -7.06 -38.73 -2.56
C LEU A 446 -5.70 -38.18 -2.95
N ARG A 447 -4.70 -39.05 -2.95
CA ARG A 447 -3.33 -38.73 -3.37
C ARG A 447 -3.25 -38.22 -4.82
N GLU A 448 -4.22 -38.60 -5.64
CA GLU A 448 -4.29 -38.20 -7.01
C GLU A 448 -4.43 -36.66 -7.23
N VAL A 449 -5.01 -35.97 -6.26
CA VAL A 449 -5.48 -34.60 -6.47
C VAL A 449 -4.32 -33.66 -6.11
N CYS A 450 -4.01 -32.73 -7.00
CA CYS A 450 -2.97 -31.74 -6.73
C CYS A 450 -3.42 -30.81 -5.62
N ALA A 451 -2.59 -30.68 -4.60
CA ALA A 451 -2.91 -29.88 -3.43
C ALA A 451 -1.76 -29.00 -2.94
N HIS A 452 -2.13 -27.84 -2.39
CA HIS A 452 -1.20 -26.87 -1.73
C HIS A 452 -0.16 -26.24 -2.64
N GLN A 453 -0.42 -26.16 -3.93
CA GLN A 453 0.52 -25.42 -4.78
C GLN A 453 0.48 -23.93 -4.43
N GLN A 454 1.65 -23.31 -4.46
CA GLN A 454 1.82 -21.86 -4.32
C GLN A 454 2.41 -21.29 -5.59
N ILE A 455 1.65 -20.43 -6.24
CA ILE A 455 2.03 -19.78 -7.45
C ILE A 455 1.98 -18.29 -7.21
N SER A 456 3.14 -17.67 -7.14
CA SER A 456 3.25 -16.30 -6.72
C SER A 456 4.37 -15.54 -7.39
N ASN A 457 4.14 -14.22 -7.54
CA ASN A 457 5.10 -13.32 -8.14
C ASN A 457 5.63 -13.76 -9.48
N CYS A 458 4.77 -14.33 -10.31
CA CYS A 458 5.10 -14.68 -11.65
C CYS A 458 4.48 -13.68 -12.64
N TYR A 459 5.16 -13.47 -13.77
CA TYR A 459 4.70 -12.54 -14.83
C TYR A 459 4.42 -13.35 -16.06
N PHE A 460 3.23 -13.18 -16.62
CA PHE A 460 2.79 -13.90 -17.78
C PHE A 460 2.47 -12.87 -18.82
N THR A 461 3.09 -12.96 -19.97
CA THR A 461 2.75 -12.11 -21.09
C THR A 461 2.97 -12.85 -22.41
N GLU A 462 2.08 -12.62 -23.39
CA GLU A 462 2.24 -13.24 -24.71
C GLU A 462 2.23 -14.78 -24.58
N VAL A 463 1.28 -15.26 -23.77
CA VAL A 463 0.94 -16.69 -23.68
C VAL A 463 -0.35 -16.89 -24.42
N GLY A 464 -0.68 -18.15 -24.71
CA GLY A 464 -1.76 -18.47 -25.60
C GLY A 464 -1.63 -17.78 -26.95
N ASN A 465 -0.41 -17.64 -27.46
CA ASN A 465 -0.23 -16.84 -28.70
C ASN A 465 -0.43 -17.65 -29.95
N GLU A 466 -0.76 -18.93 -29.81
CA GLU A 466 -1.31 -19.66 -30.96
C GLU A 466 -2.67 -20.21 -30.64
N ASP A 467 -2.79 -20.96 -29.54
CA ASP A 467 -4.06 -21.48 -29.15
C ASP A 467 -4.76 -20.38 -28.30
N TRP A 468 -5.57 -19.56 -28.99
CA TRP A 468 -6.21 -18.42 -28.36
C TRP A 468 -7.19 -18.76 -27.22
N GLY A 469 -7.63 -20.01 -27.14
CA GLY A 469 -8.46 -20.47 -26.04
C GLY A 469 -7.76 -20.70 -24.71
N CYS A 470 -6.45 -20.42 -24.65
CA CYS A 470 -5.60 -20.77 -23.49
C CYS A 470 -5.45 -19.63 -22.52
N LEU A 471 -4.94 -19.95 -21.36
CA LEU A 471 -4.89 -19.06 -20.22
C LEU A 471 -3.47 -18.82 -19.79
N ALA A 472 -3.28 -17.80 -18.99
CA ALA A 472 -2.01 -17.60 -18.31
C ALA A 472 -1.90 -18.65 -17.22
N ILE A 473 -2.88 -18.69 -16.32
CA ILE A 473 -2.89 -19.66 -15.27
C ILE A 473 -4.19 -20.46 -15.36
N LEU A 474 -4.03 -21.77 -15.51
CA LEU A 474 -5.16 -22.67 -15.67
C LEU A 474 -5.05 -23.74 -14.59
N ALA A 475 -5.90 -23.60 -13.58
CA ALA A 475 -5.97 -24.59 -12.50
C ALA A 475 -7.32 -25.28 -12.64
N GLY A 476 -7.30 -26.60 -12.79
CA GLY A 476 -8.54 -27.36 -12.96
C GLY A 476 -9.04 -27.83 -11.62
N TYR A 477 -9.31 -29.12 -11.53
CA TYR A 477 -9.65 -29.71 -10.22
C TYR A 477 -8.40 -29.70 -9.38
N VAL A 478 -8.32 -28.78 -8.41
CA VAL A 478 -7.24 -28.67 -7.46
C VAL A 478 -7.80 -28.40 -6.09
N LYS A 479 -6.97 -28.53 -5.07
CA LYS A 479 -7.40 -28.11 -3.76
C LYS A 479 -6.29 -27.41 -3.07
N ASP A 480 -6.66 -26.49 -2.18
CA ASP A 480 -5.70 -25.71 -1.38
C ASP A 480 -4.65 -24.94 -2.21
N ILE A 481 -5.04 -24.52 -3.40
CA ILE A 481 -4.13 -23.77 -4.24
C ILE A 481 -4.11 -22.34 -3.75
N ASN A 482 -2.94 -21.74 -3.88
CA ASN A 482 -2.77 -20.30 -3.62
C ASN A 482 -2.09 -19.59 -4.82
N ILE A 483 -2.87 -18.80 -5.55
CA ILE A 483 -2.43 -18.10 -6.72
C ILE A 483 -2.44 -16.65 -6.31
N GLU A 484 -1.27 -16.08 -6.03
CA GLU A 484 -1.23 -14.72 -5.49
C GLU A 484 -0.10 -13.83 -6.02
N HIS A 485 -0.40 -12.54 -6.20
CA HIS A 485 0.60 -11.52 -6.57
C HIS A 485 1.30 -11.86 -7.87
N ASN A 486 0.55 -12.43 -8.80
CA ASN A 486 1.01 -12.59 -10.12
C ASN A 486 0.50 -11.40 -10.99
N GLU A 487 1.18 -11.14 -12.10
CA GLU A 487 0.73 -10.16 -13.12
C GLU A 487 0.59 -10.84 -14.44
N ILE A 488 -0.56 -10.59 -15.07
CA ILE A 488 -0.89 -11.18 -16.36
C ILE A 488 -1.29 -10.09 -17.36
N CYS A 489 -0.69 -10.10 -18.54
CA CYS A 489 -1.16 -9.22 -19.62
C CYS A 489 -0.83 -9.71 -21.00
N GLU A 490 -1.51 -9.13 -21.99
CA GLU A 490 -1.40 -9.57 -23.38
C GLU A 490 -1.68 -11.05 -23.52
N VAL A 491 -2.92 -11.43 -23.24
CA VAL A 491 -3.35 -12.83 -23.37
C VAL A 491 -4.63 -12.91 -24.19
N PRO A 492 -4.85 -14.01 -24.93
CA PRO A 492 -5.98 -14.04 -25.87
C PRO A 492 -7.38 -14.12 -25.26
N TYR A 493 -7.48 -14.55 -23.99
CA TYR A 493 -8.75 -15.03 -23.41
C TYR A 493 -8.75 -14.66 -21.91
N SER A 494 -9.13 -15.57 -21.00
CA SER A 494 -9.18 -15.21 -19.61
C SER A 494 -7.79 -15.17 -19.05
N GLY A 495 -7.62 -14.56 -17.89
CA GLY A 495 -6.34 -14.49 -17.25
C GLY A 495 -6.04 -15.70 -16.40
N ILE A 496 -6.90 -15.89 -15.38
CA ILE A 496 -6.88 -17.05 -14.44
C ILE A 496 -8.24 -17.79 -14.44
N SER A 497 -8.19 -19.10 -14.71
CA SER A 497 -9.34 -20.01 -14.69
C SER A 497 -9.09 -21.05 -13.59
N LEU A 498 -10.06 -21.15 -12.68
CA LEU A 498 -9.97 -21.98 -11.49
C LEU A 498 -11.21 -22.91 -11.41
N GLY A 499 -10.94 -24.22 -11.52
CA GLY A 499 -11.90 -25.22 -11.36
C GLY A 499 -12.29 -25.81 -12.67
N TRP A 500 -13.23 -26.78 -12.62
CA TRP A 500 -13.61 -27.52 -13.83
C TRP A 500 -14.87 -28.27 -13.54
N GLY A 501 -15.45 -28.90 -14.56
CA GLY A 501 -16.56 -29.87 -14.35
C GLY A 501 -18.00 -29.43 -14.60
N TRP A 502 -18.26 -28.11 -14.65
CA TRP A 502 -19.60 -27.59 -14.96
C TRP A 502 -20.68 -28.17 -14.03
N THR A 503 -20.36 -28.30 -12.76
CA THR A 503 -21.16 -29.09 -11.82
C THR A 503 -21.18 -28.42 -10.45
N GLN A 504 -22.38 -28.28 -9.86
CA GLN A 504 -22.47 -27.86 -8.45
C GLN A 504 -22.45 -29.05 -7.47
N THR A 505 -22.15 -30.27 -7.97
CA THR A 505 -21.93 -31.42 -7.09
C THR A 505 -20.62 -31.22 -6.35
N VAL A 506 -20.63 -31.36 -5.02
CA VAL A 506 -19.45 -31.21 -4.20
C VAL A 506 -18.50 -32.32 -4.64
N ASN A 507 -17.21 -31.97 -4.77
CA ASN A 507 -16.21 -32.86 -5.37
C ASN A 507 -14.87 -32.79 -4.58
N CYS A 508 -13.73 -32.99 -5.22
CA CYS A 508 -12.44 -32.91 -4.51
C CYS A 508 -12.05 -31.46 -4.16
N MET A 509 -12.54 -30.48 -4.94
CA MET A 509 -12.05 -29.10 -4.78
C MET A 509 -12.49 -28.48 -3.47
N ARG A 510 -11.59 -27.72 -2.87
CA ARG A 510 -11.85 -26.98 -1.65
C ARG A 510 -10.67 -26.04 -1.47
N ASN A 511 -10.88 -24.98 -0.71
CA ASN A 511 -9.80 -24.19 -0.13
C ASN A 511 -8.92 -23.42 -1.17
N ASN A 512 -9.50 -23.10 -2.31
CA ASN A 512 -8.74 -22.50 -3.40
C ASN A 512 -8.75 -20.96 -3.27
N ARG A 513 -7.60 -20.34 -3.52
CA ARG A 513 -7.42 -18.89 -3.34
C ARG A 513 -6.72 -18.20 -4.52
N VAL A 514 -7.33 -17.13 -5.00
CA VAL A 514 -6.86 -16.33 -6.10
C VAL A 514 -6.91 -14.91 -5.55
N HIS A 515 -5.74 -14.43 -5.18
CA HIS A 515 -5.62 -13.27 -4.36
C HIS A 515 -4.56 -12.29 -4.89
N ALA A 516 -4.94 -11.01 -4.98
CA ALA A 516 -3.99 -9.92 -5.28
C ALA A 516 -3.19 -10.09 -6.55
N ASN A 517 -3.84 -10.65 -7.57
CA ASN A 517 -3.30 -10.72 -8.92
C ASN A 517 -3.70 -9.50 -9.75
N LEU A 518 -2.86 -9.17 -10.72
CA LEU A 518 -3.10 -8.03 -11.61
C LEU A 518 -3.25 -8.58 -13.00
N ILE A 519 -4.40 -8.35 -13.62
CA ILE A 519 -4.74 -8.88 -14.93
C ILE A 519 -5.23 -7.74 -15.82
N HIS A 520 -4.57 -7.55 -16.96
CA HIS A 520 -5.00 -6.47 -17.89
C HIS A 520 -4.60 -6.85 -19.27
N HIS A 521 -5.25 -6.21 -20.26
CA HIS A 521 -4.95 -6.48 -21.67
C HIS A 521 -5.11 -7.97 -21.96
N TYR A 522 -6.29 -8.45 -21.60
CA TYR A 522 -6.70 -9.83 -21.75
C TYR A 522 -7.82 -9.83 -22.77
N ALA A 523 -8.34 -11.01 -23.09
CA ALA A 523 -9.35 -11.17 -24.15
C ALA A 523 -8.95 -10.50 -25.48
N LYS A 524 -7.68 -10.69 -25.83
CA LYS A 524 -7.15 -10.15 -27.07
C LYS A 524 -7.86 -10.72 -28.27
N HIS A 525 -8.37 -11.94 -28.17
CA HIS A 525 -8.99 -12.61 -29.29
C HIS A 525 -10.34 -13.27 -29.01
N MET A 526 -10.64 -13.62 -27.77
CA MET A 526 -11.77 -14.49 -27.48
C MET A 526 -12.59 -13.84 -26.39
N TYR A 527 -13.90 -13.94 -26.57
CA TYR A 527 -14.85 -13.43 -25.56
C TYR A 527 -15.52 -14.62 -24.87
N ASP A 528 -16.47 -14.34 -23.95
CA ASP A 528 -16.98 -15.29 -22.96
C ASP A 528 -15.86 -15.54 -21.98
N VAL A 529 -15.47 -14.45 -21.37
CA VAL A 529 -14.10 -14.28 -20.85
C VAL A 529 -14.17 -13.43 -19.61
N ALA A 530 -13.20 -13.62 -18.72
CA ALA A 530 -13.02 -12.69 -17.60
C ALA A 530 -11.59 -12.66 -17.19
N GLY A 531 -11.26 -11.71 -16.35
CA GLY A 531 -9.95 -11.66 -15.73
C GLY A 531 -9.74 -12.88 -14.84
N VAL A 532 -10.69 -13.12 -13.94
CA VAL A 532 -10.72 -14.36 -13.12
C VAL A 532 -12.05 -15.04 -13.44
N TYR A 533 -11.96 -16.32 -13.73
CA TYR A 533 -13.06 -17.19 -14.13
C TYR A 533 -13.00 -18.48 -13.31
N THR A 534 -14.18 -18.94 -12.85
CA THR A 534 -14.31 -20.15 -12.02
C THR A 534 -15.32 -21.12 -12.61
N LEU A 535 -15.07 -22.40 -12.37
CA LEU A 535 -16.02 -23.48 -12.65
C LEU A 535 -16.13 -24.42 -11.46
N GLY A 536 -17.33 -24.90 -11.19
CA GLY A 536 -17.55 -26.02 -10.24
C GLY A 536 -17.57 -25.66 -8.79
N SER A 537 -18.05 -26.61 -8.00
CA SER A 537 -18.23 -26.41 -6.59
C SER A 537 -16.90 -26.41 -5.91
N GLN A 538 -16.64 -25.35 -5.15
CA GLN A 538 -15.36 -25.14 -4.47
C GLN A 538 -15.44 -24.65 -3.04
N PRO A 539 -15.89 -25.51 -2.11
CA PRO A 539 -15.98 -25.16 -0.71
C PRO A 539 -14.82 -24.31 -0.19
N LYS A 540 -15.19 -23.15 0.35
CA LYS A 540 -14.30 -22.26 1.08
C LYS A 540 -13.15 -21.74 0.22
N SER A 541 -13.52 -21.35 -0.96
CA SER A 541 -12.61 -20.71 -1.87
C SER A 541 -12.78 -19.14 -1.92
N TYR A 542 -11.76 -18.45 -2.44
CA TYR A 542 -11.60 -16.99 -2.27
C TYR A 542 -11.01 -16.38 -3.51
N VAL A 543 -11.68 -15.37 -4.08
CA VAL A 543 -11.16 -14.51 -5.15
C VAL A 543 -11.19 -13.11 -4.62
N THR A 544 -10.07 -12.67 -4.07
CA THR A 544 -10.00 -11.48 -3.23
C THR A 544 -8.86 -10.53 -3.65
N GLU A 545 -9.16 -9.22 -3.67
CA GLU A 545 -8.10 -8.20 -3.79
C GLU A 545 -7.30 -8.25 -5.10
N ASN A 546 -7.93 -8.76 -6.14
CA ASN A 546 -7.37 -8.76 -7.44
C ASN A 546 -7.70 -7.39 -8.09
N CYS A 547 -6.99 -7.12 -9.17
CA CYS A 547 -7.15 -5.90 -9.92
C CYS A 547 -7.25 -6.28 -11.37
N VAL A 548 -8.36 -5.93 -12.01
CA VAL A 548 -8.61 -6.30 -13.39
C VAL A 548 -8.99 -5.04 -14.17
N HIS A 549 -8.38 -4.85 -15.33
CA HIS A 549 -8.69 -3.66 -16.15
C HIS A 549 -8.24 -3.82 -17.59
N SER A 550 -8.69 -2.88 -18.44
CA SER A 550 -8.29 -2.70 -19.84
C SER A 550 -8.42 -3.96 -20.65
N ILE A 551 -9.67 -4.39 -20.77
CA ILE A 551 -9.97 -5.51 -21.65
C ILE A 551 -9.86 -5.09 -23.10
N TYR A 552 -9.36 -5.99 -23.95
CA TYR A 552 -9.36 -5.78 -25.38
C TYR A 552 -10.78 -5.89 -25.92
N LYS A 553 -10.95 -5.40 -27.15
CA LYS A 553 -12.24 -5.36 -27.83
C LYS A 553 -12.03 -5.78 -29.28
N PRO A 554 -11.72 -7.07 -29.52
CA PRO A 554 -11.54 -7.53 -30.90
C PRO A 554 -12.83 -7.54 -31.68
N GLY A 555 -12.70 -7.29 -32.99
CA GLY A 555 -13.83 -7.05 -33.88
C GLY A 555 -14.54 -8.29 -34.35
N TYR A 556 -13.91 -9.46 -34.20
CA TYR A 556 -14.41 -10.76 -34.75
C TYR A 556 -15.04 -11.66 -33.68
N VAL A 557 -15.17 -11.18 -32.45
CA VAL A 557 -15.82 -11.99 -31.39
C VAL A 557 -17.27 -12.33 -31.64
N HIS A 558 -17.67 -13.44 -31.06
CA HIS A 558 -19.02 -13.97 -31.27
C HIS A 558 -20.14 -13.02 -30.82
N ASP A 559 -19.96 -12.34 -29.67
CA ASP A 559 -20.92 -11.38 -29.11
C ASP A 559 -20.16 -10.29 -28.32
N PRO A 560 -20.18 -9.04 -28.79
CA PRO A 560 -19.39 -7.97 -28.21
C PRO A 560 -19.70 -7.55 -26.81
N ASN A 561 -20.80 -7.98 -26.23
CA ASN A 561 -21.10 -7.65 -24.86
C ASN A 561 -20.74 -8.76 -23.90
N HIS A 562 -20.31 -9.91 -24.43
CA HIS A 562 -20.19 -11.11 -23.60
C HIS A 562 -18.77 -11.22 -23.10
N TRP A 563 -18.40 -10.24 -22.28
CA TRP A 563 -17.11 -10.13 -21.64
C TRP A 563 -17.31 -9.61 -20.22
N PHE A 564 -16.42 -9.95 -19.29
CA PHE A 564 -16.54 -9.60 -17.89
C PHE A 564 -15.19 -9.36 -17.23
N TYR A 565 -15.17 -8.75 -16.06
CA TYR A 565 -13.98 -8.67 -15.25
C TYR A 565 -13.83 -9.92 -14.36
N LEU A 566 -14.96 -10.37 -13.81
CA LEU A 566 -15.02 -11.53 -12.89
C LEU A 566 -16.23 -12.34 -13.30
N TYR A 567 -16.09 -13.65 -13.32
CA TYR A 567 -17.07 -14.57 -13.95
C TYR A 567 -17.06 -15.91 -13.24
N THR A 568 -18.14 -16.20 -12.51
CA THR A 568 -18.36 -17.54 -11.94
C THR A 568 -19.27 -18.37 -12.84
N ASP A 569 -18.73 -19.41 -13.43
CA ASP A 569 -19.44 -20.15 -14.47
C ASP A 569 -20.04 -21.38 -13.80
N GLU A 570 -20.70 -22.23 -14.59
CA GLU A 570 -21.57 -23.28 -14.12
C GLU A 570 -20.97 -24.12 -13.00
N GLY A 571 -21.75 -24.27 -11.93
CA GLY A 571 -21.42 -25.09 -10.79
C GLY A 571 -20.80 -24.35 -9.67
N SER A 572 -20.26 -23.17 -9.97
CA SER A 572 -19.45 -22.43 -9.02
C SER A 572 -20.22 -22.28 -7.78
N SER A 573 -19.66 -22.75 -6.67
CA SER A 573 -20.30 -22.67 -5.39
C SER A 573 -19.27 -22.42 -4.34
N PHE A 574 -19.67 -21.69 -3.30
CA PHE A 574 -18.93 -21.51 -2.00
C PHE A 574 -17.64 -20.67 -2.15
N ILE A 575 -17.67 -19.74 -3.12
CA ILE A 575 -16.51 -18.90 -3.43
C ILE A 575 -16.87 -17.52 -2.91
N THR A 576 -16.00 -16.96 -2.08
CA THR A 576 -16.07 -15.57 -1.68
C THR A 576 -15.29 -14.68 -2.69
N VAL A 577 -16.03 -13.85 -3.42
CA VAL A 577 -15.53 -12.91 -4.42
C VAL A 577 -15.64 -11.52 -3.82
N ARG A 578 -14.54 -11.01 -3.30
CA ARG A 578 -14.56 -9.84 -2.40
C ARG A 578 -13.34 -8.93 -2.60
N ASP A 579 -13.57 -7.60 -2.58
CA ASP A 579 -12.55 -6.59 -2.56
C ASP A 579 -11.68 -6.61 -3.79
N ASN A 580 -12.24 -6.98 -4.92
CA ASN A 580 -11.47 -6.95 -6.17
C ASN A 580 -11.67 -5.61 -6.86
N TRP A 581 -10.57 -4.87 -7.10
CA TRP A 581 -10.67 -3.63 -7.90
C TRP A 581 -10.88 -4.03 -9.33
N THR A 582 -11.97 -3.57 -9.92
CA THR A 582 -12.19 -3.75 -11.34
C THR A 582 -12.57 -2.42 -11.99
N GLU A 583 -12.30 -2.30 -13.29
CA GLU A 583 -12.47 -1.01 -14.00
C GLU A 583 -13.93 -0.51 -14.00
N GLY A 584 -14.86 -1.45 -14.07
CA GLY A 584 -16.27 -1.19 -14.03
C GLY A 584 -16.94 -2.39 -13.38
N GLU A 585 -18.24 -2.30 -13.18
CA GLU A 585 -19.00 -3.39 -12.59
C GLU A 585 -19.53 -4.18 -13.76
N LYS A 586 -18.86 -5.29 -14.09
CA LYS A 586 -19.32 -6.12 -15.19
C LYS A 586 -18.93 -7.56 -14.86
N TYR A 587 -19.90 -8.26 -14.26
CA TYR A 587 -19.67 -9.58 -13.69
C TYR A 587 -20.74 -10.54 -14.17
N LEU A 588 -20.47 -11.84 -14.13
CA LEU A 588 -21.46 -12.81 -14.52
C LEU A 588 -21.41 -13.99 -13.59
N GLN A 589 -22.61 -14.43 -13.18
CA GLN A 589 -22.78 -15.63 -12.38
C GLN A 589 -23.72 -16.47 -13.24
N ASN A 590 -23.18 -17.43 -13.95
CA ASN A 590 -23.96 -18.31 -14.82
C ASN A 590 -24.11 -19.69 -14.22
N ALA A 591 -25.38 -20.09 -13.98
CA ALA A 591 -25.78 -21.39 -13.52
C ALA A 591 -24.93 -21.86 -12.33
N ASN A 592 -24.77 -20.95 -11.36
CA ASN A 592 -24.00 -21.21 -10.15
C ASN A 592 -24.78 -22.13 -9.19
N GLY A 593 -24.03 -22.78 -8.30
CA GLY A 593 -24.62 -23.39 -7.13
C GLY A 593 -24.70 -22.35 -6.02
N PRO A 594 -24.92 -22.80 -4.78
CA PRO A 594 -25.17 -21.90 -3.65
C PRO A 594 -23.94 -21.42 -2.92
N GLY A 595 -24.14 -20.46 -2.02
CA GLY A 595 -23.11 -20.03 -1.08
C GLY A 595 -21.91 -19.20 -1.58
N ASN A 596 -21.99 -18.66 -2.78
CA ASN A 596 -21.01 -17.69 -3.25
C ASN A 596 -21.36 -16.34 -2.63
N VAL A 597 -20.34 -15.61 -2.24
CA VAL A 597 -20.53 -14.32 -1.63
C VAL A 597 -19.84 -13.29 -2.55
N TRP A 598 -20.62 -12.36 -3.10
CA TRP A 598 -20.11 -11.21 -3.85
C TRP A 598 -20.18 -9.92 -3.05
N GLU A 599 -19.04 -9.35 -2.71
CA GLU A 599 -19.00 -8.17 -1.86
C GLU A 599 -17.87 -7.18 -2.24
N ASN A 600 -18.24 -5.92 -2.47
CA ASN A 600 -17.28 -4.85 -2.66
C ASN A 600 -16.25 -5.14 -3.76
N ASN A 601 -16.75 -5.24 -4.97
CA ASN A 601 -15.96 -5.41 -6.17
C ASN A 601 -16.25 -4.21 -7.04
N GLY A 602 -15.21 -3.66 -7.65
CA GLY A 602 -15.40 -2.57 -8.60
C GLY A 602 -14.45 -1.44 -8.40
N PRO A 603 -14.70 -0.31 -9.11
CA PRO A 603 -13.74 0.77 -9.12
C PRO A 603 -13.64 1.54 -7.82
N GLN A 604 -14.61 1.34 -6.92
CA GLN A 604 -14.57 1.96 -5.59
C GLN A 604 -13.63 1.27 -4.58
N VAL A 605 -13.14 0.07 -4.89
CA VAL A 605 -12.27 -0.63 -3.94
C VAL A 605 -11.09 0.24 -3.57
N ASP A 606 -10.71 0.22 -2.31
CA ASP A 606 -9.59 0.98 -1.82
C ASP A 606 -8.36 0.96 -2.76
N THR A 607 -7.78 2.15 -2.92
CA THR A 607 -6.57 2.36 -3.70
C THR A 607 -5.41 1.48 -3.25
N VAL A 608 -5.29 1.28 -1.96
CA VAL A 608 -4.20 0.46 -1.43
C VAL A 608 -4.26 -1.00 -2.00
N ILE A 609 -5.46 -1.55 -2.09
CA ILE A 609 -5.67 -2.86 -2.65
C ILE A 609 -5.35 -2.84 -4.14
N ARG A 610 -5.93 -1.86 -4.85
CA ARG A 610 -5.67 -1.62 -6.27
C ARG A 610 -4.20 -1.64 -6.60
N GLU A 611 -3.41 -0.89 -5.84
CA GLU A 611 -2.03 -0.69 -6.14
C GLU A 611 -1.12 -1.83 -5.71
N ARG A 612 -1.49 -2.62 -4.72
CA ARG A 612 -0.61 -3.71 -4.30
C ARG A 612 -0.88 -5.02 -5.05
N ALA A 613 -1.92 -5.04 -5.88
CA ALA A 613 -2.14 -6.18 -6.76
C ALA A 613 -0.95 -6.36 -7.73
N GLY A 614 -0.60 -7.61 -8.02
CA GLY A 614 0.50 -7.92 -8.95
C GLY A 614 1.81 -8.21 -8.25
N LEU A 615 2.90 -8.08 -8.99
CA LEU A 615 4.21 -8.42 -8.48
C LEU A 615 4.53 -7.57 -7.28
N GLU A 616 5.21 -8.16 -6.31
CA GLU A 616 5.66 -7.46 -5.15
C GLU A 616 7.07 -6.90 -5.46
N ALA A 617 7.48 -5.89 -4.68
CA ALA A 617 8.75 -5.16 -4.96
C ALA A 617 9.92 -6.09 -5.29
N GLU A 618 10.09 -7.16 -4.51
CA GLU A 618 11.22 -8.10 -4.66
C GLU A 618 11.35 -8.74 -6.07
N TYR A 619 10.21 -8.93 -6.75
CA TYR A 619 10.16 -9.62 -8.00
C TYR A 619 9.79 -8.78 -9.24
N ARG A 620 9.75 -7.44 -9.09
CA ARG A 620 9.38 -6.58 -10.24
C ARG A 620 10.46 -6.47 -11.29
N ASP A 621 11.68 -6.85 -10.96
CA ASP A 621 12.72 -7.02 -11.98
C ASP A 621 12.35 -8.01 -13.12
N LEU A 622 11.33 -8.84 -12.93
CA LEU A 622 10.73 -9.54 -14.10
C LEU A 622 10.25 -8.68 -15.30
N LYS A 623 10.12 -7.35 -15.14
CA LYS A 623 9.67 -6.43 -16.23
C LYS A 623 10.72 -5.40 -16.75
N ALA B 24 -5.81 7.11 -5.93
CA ALA B 24 -4.83 8.16 -6.13
C ALA B 24 -3.85 8.01 -7.37
N GLY B 25 -3.18 6.88 -7.62
CA GLY B 25 -1.93 6.87 -8.46
C GLY B 25 -1.96 7.17 -9.98
N GLU B 26 -1.28 8.27 -10.44
CA GLU B 26 -1.40 8.84 -11.82
C GLU B 26 -0.17 8.92 -12.70
N ILE B 27 0.98 9.26 -12.14
CA ILE B 27 2.24 9.17 -12.84
C ILE B 27 3.12 8.22 -12.05
N TRP B 28 3.58 7.17 -12.70
CA TRP B 28 4.30 6.08 -12.01
C TRP B 28 5.76 6.19 -12.28
N ILE B 29 6.57 5.86 -11.29
CA ILE B 29 8.02 5.74 -11.46
C ILE B 29 8.46 4.38 -10.89
N SER B 30 9.50 3.81 -11.47
CA SER B 30 9.96 2.47 -11.09
C SER B 30 11.46 2.30 -11.27
N PRO B 31 12.08 1.39 -10.46
CA PRO B 31 13.49 1.05 -10.81
C PRO B 31 13.62 0.44 -12.23
N GLN B 32 12.55 -0.15 -12.75
CA GLN B 32 12.55 -0.75 -14.08
C GLN B 32 12.10 0.24 -15.15
N GLY B 33 11.84 1.50 -14.78
CA GLY B 33 11.24 2.43 -15.73
C GLY B 33 12.19 2.98 -16.77
N ASN B 34 11.64 3.82 -17.61
CA ASN B 34 12.40 4.51 -18.63
C ASN B 34 11.73 5.83 -18.81
N ASP B 35 12.51 6.91 -18.87
CA ASP B 35 11.90 8.25 -19.01
C ASP B 35 11.26 8.57 -20.38
N LEU B 36 11.41 7.70 -21.36
CA LEU B 36 10.68 7.79 -22.64
C LEU B 36 9.28 7.24 -22.55
N ASN B 37 8.97 6.53 -21.45
CA ASN B 37 7.64 6.01 -21.23
C ASN B 37 6.66 7.10 -20.84
N ASP B 38 5.39 6.78 -21.02
CA ASP B 38 4.33 7.72 -20.72
C ASP B 38 3.98 7.85 -19.24
N GLY B 39 4.64 7.08 -18.38
CA GLY B 39 4.39 7.15 -16.95
C GLY B 39 3.13 6.48 -16.39
N THR B 40 2.51 5.60 -17.17
CA THR B 40 1.37 4.79 -16.69
C THR B 40 1.95 3.60 -15.90
N ARG B 41 1.12 2.89 -15.15
CA ARG B 41 1.63 1.80 -14.27
C ARG B 41 2.38 0.70 -15.09
N PRO B 42 1.84 0.23 -16.23
CA PRO B 42 2.60 -0.74 -17.06
C PRO B 42 3.84 -0.18 -17.79
N SER B 43 3.92 1.15 -17.93
CA SER B 43 5.03 1.79 -18.62
C SER B 43 5.59 2.97 -17.77
N PRO B 44 6.29 2.66 -16.67
CA PRO B 44 6.67 3.72 -15.74
C PRO B 44 7.88 4.56 -16.16
N LYS B 45 7.95 5.78 -15.62
CA LYS B 45 9.17 6.61 -15.72
C LYS B 45 10.28 5.99 -14.90
N ALA B 46 11.51 6.48 -15.08
CA ALA B 46 12.65 6.13 -14.22
C ALA B 46 13.01 7.18 -13.19
N THR B 47 12.72 8.46 -13.42
CA THR B 47 13.20 9.49 -12.50
C THR B 47 12.08 10.39 -12.04
N LEU B 48 12.28 10.97 -10.85
CA LEU B 48 11.40 11.99 -10.33
C LEU B 48 11.45 13.24 -11.20
N THR B 49 12.63 13.59 -11.71
CA THR B 49 12.77 14.71 -12.61
C THR B 49 11.78 14.61 -13.81
N SER B 50 11.73 13.46 -14.45
CA SER B 50 10.88 13.24 -15.61
C SER B 50 9.42 13.19 -15.26
N ALA B 51 9.07 12.52 -14.16
CA ALA B 51 7.68 12.50 -13.71
C ALA B 51 7.17 13.92 -13.34
N LEU B 52 7.99 14.70 -12.63
CA LEU B 52 7.66 16.10 -12.35
C LEU B 52 7.43 16.92 -13.61
N ARG B 53 8.28 16.75 -14.62
CA ARG B 53 8.11 17.47 -15.89
C ARG B 53 6.79 17.10 -16.55
N GLN B 54 6.45 15.81 -16.55
CA GLN B 54 5.15 15.40 -17.08
C GLN B 54 4.00 16.06 -16.27
N ALA B 55 4.08 16.10 -14.93
CA ALA B 55 3.04 16.77 -14.16
C ALA B 55 2.90 18.26 -14.50
N ARG B 56 4.02 18.88 -14.74
CA ARG B 56 4.12 20.31 -15.05
C ARG B 56 3.45 20.56 -16.40
N GLU B 57 3.76 19.70 -17.37
CA GLU B 57 3.10 19.71 -18.65
C GLU B 57 1.59 19.50 -18.57
N TRP B 58 1.14 18.59 -17.72
CA TRP B 58 -0.28 18.47 -17.43
C TRP B 58 -0.88 19.77 -16.89
N ARG B 59 -0.20 20.44 -15.95
CA ARG B 59 -0.77 21.66 -15.41
C ARG B 59 -0.76 22.79 -16.45
N ARG B 60 0.32 22.90 -17.21
CA ARG B 60 0.42 23.93 -18.26
C ARG B 60 -0.69 23.79 -19.34
N THR B 61 -1.00 22.59 -19.77
CA THR B 61 -2.01 22.40 -20.82
C THR B 61 -3.40 22.12 -20.28
N ASP B 62 -3.61 22.29 -18.97
CA ASP B 62 -4.90 22.00 -18.33
C ASP B 62 -5.46 20.59 -18.62
N ASP B 63 -4.60 19.57 -18.52
CA ASP B 63 -5.01 18.20 -18.73
C ASP B 63 -6.09 17.85 -17.69
N GLU B 64 -7.10 17.07 -18.08
CA GLU B 64 -8.21 16.65 -17.16
C GLU B 64 -7.71 15.98 -15.90
N ARG B 65 -6.57 15.33 -15.99
CA ARG B 65 -6.08 14.59 -14.84
C ARG B 65 -5.58 15.44 -13.71
N VAL B 66 -5.46 16.74 -13.95
CA VAL B 66 -5.14 17.72 -12.89
C VAL B 66 -6.21 17.78 -11.80
N ARG B 67 -7.49 17.46 -12.11
CA ARG B 67 -8.57 17.60 -11.10
C ARG B 67 -8.32 16.72 -9.92
N GLY B 68 -8.55 17.25 -8.74
CA GLY B 68 -8.29 16.49 -7.55
C GLY B 68 -6.83 16.22 -7.25
N GLY B 69 -5.90 16.86 -7.99
CA GLY B 69 -4.47 16.69 -7.68
C GLY B 69 -3.75 15.74 -8.61
N ILE B 70 -2.45 15.68 -8.48
CA ILE B 70 -1.64 14.79 -9.24
C ILE B 70 -0.83 14.01 -8.26
N THR B 71 -0.92 12.68 -8.38
CA THR B 71 -0.15 11.81 -7.52
C THR B 71 0.94 11.17 -8.35
N ILE B 72 2.16 11.36 -7.89
CA ILE B 72 3.31 10.73 -8.46
C ILE B 72 3.62 9.56 -7.52
N CYS B 73 3.44 8.35 -8.03
CA CYS B 73 3.57 7.14 -7.22
CA CYS B 73 3.56 7.10 -7.24
C CYS B 73 4.87 6.40 -7.55
N MET B 74 5.69 6.15 -6.53
CA MET B 74 7.00 5.52 -6.75
C MET B 74 7.00 4.07 -6.21
N GLU B 75 7.28 3.10 -7.07
CA GLU B 75 7.51 1.71 -6.65
C GLU B 75 8.70 1.58 -5.71
N GLY B 76 8.56 0.69 -4.74
CA GLY B 76 9.59 0.47 -3.75
C GLY B 76 10.93 0.18 -4.42
N GLY B 77 11.98 0.73 -3.87
CA GLY B 77 13.33 0.60 -4.40
C GLY B 77 14.16 1.81 -4.05
N THR B 78 15.38 1.87 -4.60
CA THR B 78 16.32 2.96 -4.41
C THR B 78 16.43 3.74 -5.73
N TYR B 79 16.38 5.06 -5.65
CA TYR B 79 16.48 5.90 -6.82
C TYR B 79 17.69 6.78 -6.52
N ALA B 80 18.73 6.55 -7.30
CA ALA B 80 20.01 7.19 -7.07
C ALA B 80 20.03 8.47 -7.88
N LEU B 81 20.42 9.57 -7.26
CA LEU B 81 20.37 10.85 -7.93
C LEU B 81 21.80 11.39 -8.08
N TYR B 82 22.04 12.04 -9.23
CA TYR B 82 23.34 12.72 -9.46
C TYR B 82 23.25 14.22 -9.43
N GLU B 83 22.03 14.73 -9.30
CA GLU B 83 21.79 16.15 -9.14
C GLU B 83 20.44 16.32 -8.39
N PRO B 84 20.24 17.50 -7.83
CA PRO B 84 18.95 17.70 -7.18
C PRO B 84 17.74 17.66 -8.13
N VAL B 85 16.62 17.13 -7.61
CA VAL B 85 15.31 17.31 -8.22
C VAL B 85 14.90 18.77 -7.91
N PHE B 86 14.59 19.54 -8.94
CA PHE B 86 14.33 20.96 -8.82
C PHE B 86 12.81 21.09 -8.96
N ILE B 87 12.15 21.47 -7.86
CA ILE B 87 10.69 21.67 -7.80
C ILE B 87 10.48 23.17 -7.77
N ARG B 88 9.79 23.68 -8.77
CA ARG B 88 9.87 25.11 -9.17
C ARG B 88 8.45 25.67 -9.26
N PRO B 89 8.33 26.99 -9.47
CA PRO B 89 7.01 27.65 -9.43
C PRO B 89 6.00 27.02 -10.36
N GLU B 90 6.44 26.61 -11.56
CA GLU B 90 5.59 25.88 -12.51
C GLU B 90 5.07 24.50 -12.03
N ASP B 91 5.71 23.91 -11.01
CA ASP B 91 5.25 22.66 -10.37
C ASP B 91 4.14 22.84 -9.35
N SER B 92 3.75 24.09 -9.07
CA SER B 92 2.79 24.37 -8.00
C SER B 92 1.44 23.73 -8.27
N GLY B 93 0.88 23.16 -7.24
CA GLY B 93 -0.50 22.74 -7.22
C GLY B 93 -1.35 23.84 -6.61
N THR B 94 -2.57 23.46 -6.26
CA THR B 94 -3.49 24.32 -5.52
C THR B 94 -3.96 23.52 -4.39
N GLU B 95 -4.74 24.14 -3.51
CA GLU B 95 -5.30 23.40 -2.39
C GLU B 95 -6.14 22.20 -2.86
N ASP B 96 -6.97 22.40 -3.87
CA ASP B 96 -7.82 21.30 -4.41
C ASP B 96 -7.06 20.38 -5.34
N SER B 97 -5.89 20.80 -5.84
CA SER B 97 -5.11 19.99 -6.75
C SER B 97 -3.65 20.02 -6.33
N PRO B 98 -3.32 19.34 -5.24
CA PRO B 98 -1.91 19.35 -4.82
C PRO B 98 -1.12 18.36 -5.64
N THR B 99 0.20 18.50 -5.65
CA THR B 99 1.04 17.45 -6.21
C THR B 99 1.58 16.63 -5.03
N VAL B 100 1.31 15.32 -5.08
CA VAL B 100 1.69 14.38 -4.01
C VAL B 100 2.69 13.37 -4.58
N ILE B 101 3.81 13.19 -3.87
CA ILE B 101 4.86 12.28 -4.23
C ILE B 101 4.90 11.25 -3.09
N ARG B 102 4.60 10.00 -3.41
CA ARG B 102 4.51 8.94 -2.39
C ARG B 102 4.86 7.58 -2.95
N PRO B 103 5.19 6.62 -2.09
CA PRO B 103 5.34 5.22 -2.55
C PRO B 103 3.99 4.58 -2.84
N VAL B 104 3.99 3.50 -3.63
CA VAL B 104 2.92 2.51 -3.57
C VAL B 104 2.77 2.13 -2.09
N ALA B 105 1.54 1.96 -1.60
CA ALA B 105 1.34 1.96 -0.14
C ALA B 105 2.14 0.91 0.63
N ASP B 106 2.76 1.41 1.68
CA ASP B 106 3.58 0.69 2.60
C ASP B 106 4.94 0.27 2.04
N GLU B 107 5.25 0.52 0.76
CA GLU B 107 6.57 0.12 0.22
C GLU B 107 7.58 1.16 0.54
N LYS B 108 8.84 0.75 0.60
CA LYS B 108 9.90 1.64 1.01
C LYS B 108 10.60 2.25 -0.22
N VAL B 109 10.63 3.59 -0.28
CA VAL B 109 11.22 4.29 -1.43
C VAL B 109 12.34 5.11 -0.88
N VAL B 110 13.53 4.87 -1.40
CA VAL B 110 14.73 5.63 -0.96
C VAL B 110 15.26 6.53 -2.10
N LEU B 111 15.21 7.85 -1.90
CA LEU B 111 15.95 8.77 -2.77
C LEU B 111 17.35 8.89 -2.23
N SER B 112 18.33 8.38 -2.99
CA SER B 112 19.72 8.25 -2.53
C SER B 112 20.65 9.24 -3.23
N GLY B 113 21.41 10.00 -2.46
CA GLY B 113 22.43 10.87 -3.07
C GLY B 113 23.82 10.20 -3.16
N GLY B 114 23.86 8.89 -3.11
CA GLY B 114 25.14 8.20 -2.95
C GLY B 114 25.36 7.14 -4.01
N ILE B 115 26.50 6.47 -3.93
CA ILE B 115 26.83 5.40 -4.85
C ILE B 115 27.37 4.16 -4.09
N ARG B 116 27.19 3.02 -4.74
CA ARG B 116 27.76 1.76 -4.26
C ARG B 116 29.27 1.66 -4.54
N ILE B 117 30.07 1.27 -3.54
CA ILE B 117 31.47 0.95 -3.79
C ILE B 117 31.57 -0.58 -3.82
N GLY B 118 31.92 -1.15 -4.98
CA GLY B 118 32.17 -2.62 -5.18
C GLY B 118 33.67 -2.89 -5.40
N GLY B 119 34.04 -4.11 -5.81
CA GLY B 119 35.44 -4.43 -6.20
C GLY B 119 36.45 -4.41 -5.06
N TRP B 120 36.01 -4.87 -3.89
CA TRP B 120 36.82 -4.91 -2.68
C TRP B 120 37.82 -6.07 -2.76
N LYS B 121 39.08 -5.79 -2.38
CA LYS B 121 40.17 -6.80 -2.32
C LYS B 121 40.86 -6.78 -0.95
N LYS B 122 41.22 -7.98 -0.45
CA LYS B 122 41.89 -8.15 0.87
C LYS B 122 43.30 -7.53 0.92
N GLN B 123 43.62 -6.85 2.01
CA GLN B 123 44.96 -6.33 2.22
C GLN B 123 45.28 -6.54 3.72
N GLY B 124 45.40 -7.83 4.07
CA GLY B 124 45.54 -8.26 5.45
C GLY B 124 44.20 -8.26 6.14
N LYS B 125 44.10 -7.49 7.22
CA LYS B 125 42.85 -7.33 7.98
C LYS B 125 41.92 -6.31 7.26
N LEU B 126 42.54 -5.34 6.60
CA LEU B 126 41.86 -4.35 5.77
C LEU B 126 41.40 -4.86 4.41
N TRP B 127 40.37 -4.21 3.86
CA TRP B 127 39.94 -4.40 2.49
C TRP B 127 40.01 -3.05 1.80
N VAL B 128 40.26 -3.10 0.50
CA VAL B 128 40.59 -1.93 -0.25
C VAL B 128 39.83 -1.97 -1.57
N ALA B 129 39.38 -0.81 -2.02
CA ALA B 129 38.63 -0.66 -3.26
C ALA B 129 38.95 0.69 -3.86
N ASP B 130 38.90 0.71 -5.19
CA ASP B 130 39.09 1.90 -5.97
C ASP B 130 37.78 2.67 -5.96
N VAL B 131 37.87 3.96 -5.71
CA VAL B 131 36.68 4.77 -5.62
C VAL B 131 36.35 5.19 -7.06
N PRO B 132 35.19 4.78 -7.56
CA PRO B 132 34.86 5.23 -8.91
C PRO B 132 34.73 6.76 -9.09
N MET B 133 34.74 7.12 -10.34
CA MET B 133 34.52 8.46 -10.81
C MET B 133 33.03 8.77 -10.51
N PHE B 134 32.72 10.02 -10.18
CA PHE B 134 31.30 10.45 -10.03
C PHE B 134 31.08 11.71 -10.81
N ASN B 135 30.07 11.74 -11.67
CA ASN B 135 29.88 12.90 -12.57
C ASN B 135 31.21 13.35 -13.26
N GLY B 136 31.99 12.38 -13.72
CA GLY B 136 33.23 12.66 -14.47
C GLY B 136 34.41 13.17 -13.68
N ARG B 137 34.35 13.09 -12.35
CA ARG B 137 35.45 13.53 -11.51
C ARG B 137 35.77 12.55 -10.37
N PRO B 138 36.98 12.63 -9.80
CA PRO B 138 37.24 11.85 -8.60
C PRO B 138 36.23 12.22 -7.49
N LEU B 139 35.76 11.24 -6.72
CA LEU B 139 34.83 11.44 -5.61
C LEU B 139 35.52 11.32 -4.28
N ASP B 140 35.37 12.32 -3.39
CA ASP B 140 35.70 12.18 -1.95
C ASP B 140 34.36 12.26 -1.13
N PHE B 141 34.44 11.92 0.16
CA PHE B 141 33.30 11.75 1.05
C PHE B 141 33.78 11.72 2.50
N ARG B 142 32.89 12.12 3.41
CA ARG B 142 33.20 12.17 4.84
C ARG B 142 32.41 11.11 5.59
N GLN B 143 31.50 10.41 4.92
CA GLN B 143 30.74 9.32 5.54
C GLN B 143 30.84 8.11 4.66
N LEU B 144 30.64 6.94 5.28
CA LEU B 144 30.56 5.68 4.60
C LEU B 144 29.63 4.75 5.37
N TRP B 145 28.71 4.07 4.66
CA TRP B 145 27.73 3.18 5.30
C TRP B 145 27.79 1.78 4.74
N VAL B 146 27.71 0.76 5.61
CA VAL B 146 27.76 -0.65 5.19
C VAL B 146 26.47 -1.32 5.62
N ASN B 147 25.63 -1.76 4.70
CA ASN B 147 24.35 -2.38 5.04
C ASN B 147 23.49 -1.55 6.00
N GLY B 148 23.46 -0.25 5.78
CA GLY B 148 22.64 0.64 6.58
C GLY B 148 23.26 1.05 7.90
N LYS B 149 24.49 0.65 8.19
CA LYS B 149 25.11 1.01 9.43
C LYS B 149 26.34 1.86 9.20
N LYS B 150 26.32 3.08 9.73
CA LYS B 150 27.42 4.03 9.57
C LYS B 150 28.75 3.44 10.05
N ALA B 151 29.79 3.61 9.25
CA ALA B 151 31.11 3.20 9.63
C ALA B 151 31.79 4.39 10.31
N VAL B 152 33.05 4.21 10.73
CA VAL B 152 33.76 5.24 11.48
C VAL B 152 34.94 5.76 10.68
N ARG B 153 34.95 7.06 10.44
CA ARG B 153 36.04 7.68 9.69
C ARG B 153 37.22 7.61 10.67
N ALA B 154 38.25 6.86 10.30
CA ALA B 154 39.28 6.44 11.23
C ALA B 154 39.76 7.57 12.05
N ARG B 155 39.80 7.34 13.35
CA ARG B 155 40.29 8.35 14.32
C ARG B 155 41.19 7.73 15.39
N ASP B 156 41.84 8.59 16.17
CA ASP B 156 42.83 8.17 17.16
C ASP B 156 42.29 7.44 18.36
N VAL B 157 41.15 7.85 18.92
CA VAL B 157 40.61 7.21 20.13
C VAL B 157 39.21 6.71 19.85
N GLU B 158 38.93 5.44 20.17
CA GLU B 158 37.58 4.89 20.00
C GLU B 158 36.60 5.48 20.99
N ASP B 159 37.00 5.52 22.27
CA ASP B 159 36.23 6.10 23.37
C ASP B 159 36.55 7.56 23.49
N PHE B 160 35.55 8.41 23.23
CA PHE B 160 35.77 9.84 23.30
C PHE B 160 36.14 10.30 24.68
N GLU B 161 35.81 9.55 25.72
CA GLU B 161 36.35 9.83 27.08
C GLU B 161 37.91 9.87 27.16
N LYS B 162 38.61 9.22 26.23
CA LYS B 162 40.09 9.15 26.30
C LYS B 162 40.76 10.13 25.33
N MET B 163 40.06 11.20 24.97
CA MET B 163 40.61 12.18 24.09
C MET B 163 41.73 12.86 24.82
N ASN B 164 42.79 13.16 24.09
CA ASN B 164 43.82 14.04 24.62
C ASN B 164 43.25 15.44 24.80
N ARG B 165 43.88 16.27 25.65
CA ARG B 165 43.51 17.67 25.80
C ARG B 165 44.62 18.52 25.27
N ILE B 166 44.30 19.73 24.85
CA ILE B 166 45.35 20.66 24.41
C ILE B 166 46.19 21.20 25.60
N CYS B 167 47.29 21.91 25.26
CA CYS B 167 48.21 22.53 26.20
C CYS B 167 48.13 24.04 26.20
N SER B 168 48.24 24.67 25.03
CA SER B 168 48.03 26.14 24.95
C SER B 168 47.77 26.64 23.51
N VAL B 169 47.50 27.94 23.40
CA VAL B 169 47.16 28.57 22.14
C VAL B 169 47.98 29.83 21.96
N ASP B 170 48.63 29.92 20.80
CA ASP B 170 49.30 31.13 20.39
C ASP B 170 48.47 31.75 19.23
N GLU B 171 47.61 32.69 19.59
CA GLU B 171 46.74 33.40 18.64
C GLU B 171 47.55 34.21 17.64
N LYS B 172 48.61 34.90 18.10
CA LYS B 172 49.38 35.76 17.19
C LYS B 172 50.06 34.94 16.08
N ASN B 173 50.58 33.76 16.41
CA ASN B 173 51.31 32.95 15.43
C ASN B 173 50.52 31.77 14.88
N GLU B 174 49.24 31.68 15.24
CA GLU B 174 48.34 30.60 14.77
C GLU B 174 48.91 29.21 15.02
N ILE B 175 49.26 28.99 16.28
CA ILE B 175 49.81 27.72 16.75
C ILE B 175 48.99 27.21 17.92
N LEU B 176 48.63 25.93 17.81
CA LEU B 176 48.01 25.16 18.89
C LEU B 176 49.04 24.15 19.43
N TYR B 177 49.36 24.21 20.73
CA TYR B 177 50.30 23.24 21.35
C TYR B 177 49.44 22.16 22.02
N VAL B 178 49.74 20.90 21.71
CA VAL B 178 49.07 19.72 22.27
C VAL B 178 50.19 18.78 22.76
N PRO B 179 49.88 17.73 23.57
CA PRO B 179 50.89 16.74 23.93
C PRO B 179 51.47 16.02 22.72
N ALA B 180 52.81 15.90 22.70
CA ALA B 180 53.56 15.16 21.69
C ALA B 180 53.11 13.71 21.48
N VAL B 181 52.78 13.02 22.58
CA VAL B 181 52.28 11.64 22.53
C VAL B 181 51.01 11.48 21.71
N ALA B 182 50.18 12.53 21.68
CA ALA B 182 48.89 12.50 20.96
C ALA B 182 49.02 12.38 19.44
N ILE B 183 50.00 13.08 18.87
CA ILE B 183 50.15 13.17 17.41
C ILE B 183 51.23 12.27 16.88
N ARG B 184 51.77 11.40 17.74
CA ARG B 184 52.90 10.53 17.43
C ARG B 184 52.72 9.72 16.15
N ARG B 185 51.54 9.12 15.98
CA ARG B 185 51.28 8.33 14.79
C ARG B 185 51.17 9.10 13.46
N LEU B 186 51.07 10.42 13.52
CA LEU B 186 50.96 11.20 12.29
C LEU B 186 52.28 11.77 11.76
N VAL B 187 53.41 11.47 12.40
CA VAL B 187 54.71 12.06 12.01
C VAL B 187 55.74 10.97 11.69
N ASP B 188 56.68 11.24 10.78
CA ASP B 188 57.74 10.23 10.43
C ASP B 188 58.90 10.23 11.44
N GLY B 189 59.92 9.39 11.21
CA GLY B 189 61.14 9.39 12.04
C GLY B 189 61.76 10.77 12.30
N LYS B 190 61.68 11.65 11.31
CA LYS B 190 62.19 13.02 11.44
C LYS B 190 61.24 14.03 12.13
N GLY B 191 60.04 13.57 12.50
CA GLY B 191 59.05 14.35 13.26
C GLY B 191 58.25 15.37 12.47
N ALA B 192 58.19 15.21 11.15
CA ALA B 192 57.35 16.08 10.31
C ALA B 192 56.09 15.30 9.95
N LEU B 193 55.02 16.05 9.62
CA LEU B 193 53.72 15.49 9.23
C LEU B 193 53.82 14.51 8.05
N LYS B 194 53.45 13.27 8.31
CA LYS B 194 53.37 12.16 7.36
C LYS B 194 51.93 11.92 6.84
N ALA B 195 50.91 12.29 7.62
CA ALA B 195 49.50 12.17 7.20
C ALA B 195 49.06 13.47 6.55
N LYS B 196 49.09 13.42 5.23
CA LYS B 196 48.92 14.57 4.36
C LYS B 196 47.62 15.38 4.59
N TYR B 197 46.52 14.69 4.90
CA TYR B 197 45.20 15.34 5.01
C TYR B 197 44.54 15.15 6.37
N ALA B 198 45.35 14.96 7.41
CA ALA B 198 44.82 14.68 8.73
C ALA B 198 44.05 15.88 9.27
N GLU B 199 43.05 15.56 10.08
CA GLU B 199 42.10 16.56 10.61
C GLU B 199 41.99 16.47 12.14
N MET B 200 42.06 17.62 12.81
CA MET B 200 41.72 17.66 14.23
C MET B 200 40.25 18.12 14.34
N VAL B 201 39.51 17.44 15.20
CA VAL B 201 38.22 17.92 15.70
C VAL B 201 38.40 18.42 17.15
N LEU B 202 38.38 19.73 17.33
CA LEU B 202 38.66 20.39 18.62
C LEU B 202 37.35 20.73 19.32
N HIS B 203 37.16 20.19 20.51
CA HIS B 203 35.99 20.47 21.36
C HIS B 203 36.18 21.79 22.08
N GLN B 204 35.39 22.82 21.76
CA GLN B 204 35.61 24.15 22.34
C GLN B 204 34.31 24.84 22.84
N MET B 205 34.08 24.74 24.16
CA MET B 205 32.90 25.27 24.84
C MET B 205 31.64 24.56 24.32
N TRP B 206 30.85 25.20 23.45
CA TRP B 206 29.56 24.59 22.99
C TRP B 206 29.59 24.09 21.49
N CYS B 207 30.75 24.21 20.82
CA CYS B 207 30.94 23.74 19.42
C CYS B 207 32.16 22.87 19.27
N VAL B 208 32.16 22.02 18.23
CA VAL B 208 33.43 21.53 17.65
C VAL B 208 33.88 22.36 16.49
N ALA B 209 35.15 22.25 16.15
CA ALA B 209 35.73 22.88 14.96
C ALA B 209 36.52 21.82 14.29
N ASN B 210 36.53 21.84 12.96
CA ASN B 210 37.24 20.82 12.17
C ASN B 210 38.40 21.56 11.54
N LEU B 211 39.62 21.20 11.98
CA LEU B 211 40.83 21.94 11.64
C LEU B 211 41.83 21.01 10.93
N ARG B 212 42.07 21.30 9.65
CA ARG B 212 42.93 20.44 8.80
C ARG B 212 44.41 20.81 9.08
N ILE B 213 45.16 19.80 9.50
CA ILE B 213 46.54 20.00 9.94
C ILE B 213 47.53 20.17 8.75
N ARG B 214 48.21 21.31 8.73
CA ARG B 214 49.20 21.65 7.72
C ARG B 214 50.61 21.16 8.15
N SER B 215 50.99 21.37 9.42
CA SER B 215 52.32 20.94 9.92
C SER B 215 52.31 20.55 11.38
N VAL B 216 53.27 19.69 11.74
CA VAL B 216 53.52 19.26 13.14
C VAL B 216 55.04 19.46 13.46
N GLU B 217 55.35 20.43 14.31
CA GLU B 217 56.74 20.75 14.69
C GLU B 217 56.93 20.46 16.17
N LEU B 218 57.47 19.29 16.46
CA LEU B 218 57.76 18.85 17.84
C LEU B 218 58.53 19.87 18.73
N ALA B 219 58.16 19.93 20.00
CA ALA B 219 58.83 20.79 20.98
C ALA B 219 58.89 19.96 22.26
N GLY B 220 59.62 18.85 22.16
CA GLY B 220 59.81 17.93 23.30
C GLY B 220 58.57 17.16 23.73
N ASP B 221 58.05 17.49 24.91
CA ASP B 221 56.78 16.96 25.47
C ASP B 221 55.50 17.34 24.72
N SER B 222 55.47 18.57 24.19
CA SER B 222 54.38 19.04 23.35
C SER B 222 54.78 19.13 21.87
N ALA B 223 53.77 19.40 21.04
CA ALA B 223 53.90 19.55 19.58
C ALA B 223 53.20 20.84 19.17
N ALA B 224 53.88 21.66 18.39
CA ALA B 224 53.34 22.84 17.76
C ALA B 224 52.52 22.44 16.51
N ILE B 225 51.20 22.64 16.54
CA ILE B 225 50.31 22.26 15.43
C ILE B 225 49.88 23.50 14.67
N ARG B 226 50.14 23.49 13.38
CA ARG B 226 49.64 24.52 12.47
C ARG B 226 48.58 23.96 11.51
N PHE B 227 47.72 24.85 11.01
CA PHE B 227 46.54 24.43 10.28
C PHE B 227 46.49 25.13 8.95
N HIS B 228 45.71 24.54 8.05
CA HIS B 228 45.43 25.13 6.76
C HIS B 228 44.57 26.36 6.78
N GLN B 229 44.72 27.14 5.72
CA GLN B 229 43.79 28.21 5.40
C GLN B 229 42.65 27.58 4.58
N PRO B 230 41.43 28.14 4.62
CA PRO B 230 41.12 29.38 5.36
C PRO B 230 40.75 29.25 6.85
N GLU B 231 40.63 28.03 7.39
CA GLU B 231 40.18 27.87 8.76
C GLU B 231 41.15 28.42 9.81
N SER B 232 42.45 28.41 9.53
CA SER B 232 43.42 28.79 10.52
C SER B 232 43.20 30.20 11.02
N ARG B 233 43.19 31.20 10.13
CA ARG B 233 42.92 32.57 10.54
C ARG B 233 41.68 32.70 11.46
N ILE B 234 40.60 32.01 11.06
CA ILE B 234 39.29 32.27 11.66
C ILE B 234 39.28 31.58 13.02
N GLN B 235 39.81 30.37 13.07
CA GLN B 235 39.91 29.62 14.32
C GLN B 235 40.66 30.41 15.41
N PHE B 236 41.80 30.98 15.07
CA PHE B 236 42.60 31.67 16.08
C PHE B 236 42.11 33.07 16.42
N GLU B 237 41.56 33.80 15.47
CA GLU B 237 41.13 35.14 15.81
C GLU B 237 39.73 35.22 16.46
N HIS B 238 38.86 34.22 16.25
CA HIS B 238 37.46 34.33 16.71
C HIS B 238 37.37 34.12 18.20
N PRO B 239 36.74 35.06 18.91
CA PRO B 239 36.71 34.96 20.38
C PRO B 239 35.75 33.92 20.96
N TRP B 240 34.64 33.65 20.30
CA TRP B 240 33.61 32.77 20.89
C TRP B 240 33.05 31.81 19.87
N PRO B 241 32.91 30.52 20.19
CA PRO B 241 33.63 29.91 21.30
C PRO B 241 35.15 29.91 21.01
N ARG B 242 35.95 29.50 21.98
CA ARG B 242 37.40 29.43 21.82
C ARG B 242 37.90 28.31 22.69
N PRO B 243 39.15 27.85 22.46
CA PRO B 243 39.54 26.68 23.21
C PRO B 243 39.76 26.97 24.70
N MET B 244 39.40 25.99 25.52
CA MET B 244 39.63 26.02 26.98
C MET B 244 41.09 25.65 27.35
N VAL B 245 41.80 26.61 27.97
CA VAL B 245 43.17 26.43 28.52
C VAL B 245 43.02 26.87 29.97
N THR B 246 43.18 25.93 30.89
CA THR B 246 42.78 26.12 32.29
C THR B 246 43.93 25.72 33.23
N THR B 247 43.69 25.84 34.54
CA THR B 247 44.57 25.29 35.58
C THR B 247 43.96 24.13 36.39
N ASP B 248 42.74 23.70 36.06
CA ASP B 248 42.01 22.70 36.87
C ASP B 248 41.52 21.45 36.13
N GLY B 249 42.28 20.99 35.11
CA GLY B 249 41.93 19.78 34.33
C GLY B 249 40.78 19.91 33.31
N HIS B 250 40.45 21.13 32.90
CA HIS B 250 39.35 21.37 31.94
C HIS B 250 39.78 21.94 30.57
N ASN B 251 40.98 21.55 30.10
CA ASN B 251 41.46 22.02 28.80
C ASN B 251 40.65 21.38 27.68
N SER B 252 40.55 22.07 26.56
CA SER B 252 39.73 21.57 25.43
C SER B 252 40.26 20.22 24.95
N ALA B 253 39.42 19.20 24.99
CA ALA B 253 39.71 17.92 24.33
C ALA B 253 39.74 18.05 22.79
N PHE B 254 40.35 17.05 22.17
CA PHE B 254 40.41 16.95 20.69
C PHE B 254 40.56 15.50 20.30
N TYR B 255 40.11 15.21 19.09
CA TYR B 255 40.42 13.93 18.47
C TYR B 255 40.93 14.14 17.02
N LEU B 256 41.51 13.09 16.46
CA LEU B 256 42.24 13.19 15.20
C LEU B 256 41.57 12.22 14.29
N THR B 257 41.45 12.62 13.03
CA THR B 257 40.83 11.77 12.06
C THR B 257 41.47 11.98 10.66
N ASN B 258 41.03 11.15 9.73
CA ASN B 258 41.38 11.25 8.31
C ASN B 258 42.87 11.04 8.05
N ALA B 259 43.31 9.86 8.45
CA ALA B 259 44.71 9.45 8.33
C ALA B 259 44.69 7.96 8.31
N ARG B 260 45.26 7.35 7.26
CA ARG B 260 45.49 5.88 7.20
C ARG B 260 46.15 5.32 8.50
N GLU B 261 47.05 6.10 9.08
CA GLU B 261 47.73 5.69 10.31
C GLU B 261 46.77 5.45 11.47
N LEU B 262 45.59 6.09 11.47
CA LEU B 262 44.62 5.97 12.58
C LEU B 262 43.66 4.80 12.36
N LEU B 263 43.68 4.17 11.19
CA LEU B 263 42.76 3.06 10.91
C LEU B 263 43.29 1.77 11.50
N ASP B 264 42.71 1.36 12.62
CA ASP B 264 43.20 0.20 13.33
C ASP B 264 42.17 -0.65 14.02
N VAL B 265 40.89 -0.28 14.05
CA VAL B 265 39.88 -1.18 14.67
C VAL B 265 38.74 -1.42 13.71
N ALA B 266 37.98 -2.47 13.98
CA ALA B 266 36.95 -2.88 13.06
C ALA B 266 35.90 -1.77 12.94
N GLY B 267 35.39 -1.58 11.72
CA GLY B 267 34.47 -0.50 11.39
C GLY B 267 35.08 0.80 10.95
N GLU B 268 36.41 0.93 11.04
CA GLU B 268 37.05 2.19 10.63
C GLU B 268 37.39 2.19 9.12
N TRP B 269 37.34 3.38 8.51
CA TRP B 269 37.71 3.54 7.12
C TRP B 269 38.56 4.78 6.91
N TYR B 270 39.29 4.77 5.80
CA TYR B 270 40.08 5.90 5.37
C TYR B 270 40.04 5.90 3.86
N HIS B 271 39.83 7.09 3.29
CA HIS B 271 39.87 7.29 1.85
C HIS B 271 41.12 8.11 1.50
N ASP B 272 42.04 7.44 0.80
CA ASP B 272 43.24 8.09 0.26
C ASP B 272 42.81 8.80 -1.04
N ILE B 273 42.69 10.13 -1.02
CA ILE B 273 42.29 10.91 -2.21
C ILE B 273 43.36 10.95 -3.29
N ASP B 274 44.64 10.92 -2.88
CA ASP B 274 45.79 10.89 -3.80
C ASP B 274 45.82 9.62 -4.62
N ALA B 275 45.46 8.49 -4.02
CA ALA B 275 45.36 7.19 -4.75
C ALA B 275 44.00 6.83 -5.31
N ARG B 276 42.94 7.55 -4.91
CA ARG B 276 41.55 7.19 -5.25
C ARG B 276 41.22 5.79 -4.74
N LYS B 277 41.64 5.53 -3.52
CA LYS B 277 41.48 4.20 -2.92
C LYS B 277 40.89 4.33 -1.55
N VAL B 278 39.98 3.42 -1.24
CA VAL B 278 39.35 3.43 0.08
C VAL B 278 39.61 2.13 0.84
N TYR B 279 40.06 2.32 2.08
CA TYR B 279 40.42 1.25 3.00
C TYR B 279 39.34 1.09 4.08
N TYR B 280 38.97 -0.15 4.38
CA TYR B 280 37.98 -0.47 5.40
C TYR B 280 38.26 -1.75 6.22
N TYR B 281 38.25 -1.66 7.55
CA TYR B 281 38.40 -2.84 8.43
C TYR B 281 37.00 -3.37 8.71
N PRO B 282 36.57 -4.45 8.01
CA PRO B 282 35.16 -4.82 8.18
C PRO B 282 34.81 -5.31 9.57
N ARG B 283 33.52 -5.15 9.91
CA ARG B 283 32.94 -5.60 11.17
C ARG B 283 32.35 -6.96 10.90
N GLU B 284 32.01 -7.64 11.99
CA GLU B 284 31.46 -9.02 12.04
C GLU B 284 30.24 -9.19 11.18
N GLY B 285 30.25 -10.20 10.30
CA GLY B 285 29.08 -10.46 9.44
C GLY B 285 29.08 -9.61 8.18
N GLU B 286 29.97 -8.61 8.07
CA GLU B 286 30.09 -7.87 6.82
C GLU B 286 31.02 -8.62 5.84
N LYS B 287 30.43 -9.14 4.75
CA LYS B 287 31.15 -9.88 3.69
C LYS B 287 31.35 -9.06 2.42
N LEU B 288 32.46 -8.31 2.37
CA LEU B 288 32.67 -7.28 1.34
C LEU B 288 32.69 -7.73 -0.13
N GLN B 289 32.94 -9.02 -0.37
CA GLN B 289 32.89 -9.61 -1.70
C GLN B 289 31.52 -10.23 -2.03
N ASP B 290 30.55 -10.15 -1.12
CA ASP B 290 29.24 -10.76 -1.32
C ASP B 290 28.28 -9.72 -1.86
N ALA B 291 27.41 -10.10 -2.79
CA ALA B 291 26.36 -9.19 -3.33
C ALA B 291 25.42 -8.72 -2.20
N GLY B 292 25.19 -9.57 -1.21
CA GLY B 292 24.45 -9.20 -0.02
C GLY B 292 25.02 -8.10 0.85
N THR B 293 26.24 -7.60 0.57
CA THR B 293 26.84 -6.51 1.37
C THR B 293 27.00 -5.23 0.53
N GLU B 294 26.39 -4.13 0.98
CA GLU B 294 26.39 -2.82 0.30
C GLU B 294 27.18 -1.74 1.06
N VAL B 295 28.29 -1.28 0.48
CA VAL B 295 28.99 -0.11 0.96
C VAL B 295 28.49 1.14 0.17
N ILE B 296 27.86 2.09 0.88
CA ILE B 296 27.37 3.30 0.23
C ILE B 296 28.18 4.46 0.70
N VAL B 297 28.62 5.27 -0.25
CA VAL B 297 29.24 6.56 0.09
C VAL B 297 28.36 7.68 -0.51
N PRO B 298 28.33 8.83 0.15
CA PRO B 298 27.51 9.92 -0.38
C PRO B 298 28.21 10.71 -1.49
N ALA B 299 27.43 11.21 -2.46
CA ALA B 299 27.96 11.92 -3.62
C ALA B 299 27.43 13.32 -3.82
N ILE B 300 26.16 13.56 -3.48
CA ILE B 300 25.61 14.90 -3.63
C ILE B 300 25.04 15.44 -2.35
N GLU B 301 24.93 16.77 -2.28
CA GLU B 301 24.50 17.45 -1.08
C GLU B 301 23.02 17.42 -0.85
N THR B 302 22.25 17.56 -1.92
CA THR B 302 20.80 17.86 -1.86
C THR B 302 20.02 16.99 -2.88
N LEU B 303 19.01 16.29 -2.38
CA LEU B 303 18.16 15.42 -3.18
C LEU B 303 16.96 16.20 -3.77
N ILE B 304 16.37 17.08 -2.98
CA ILE B 304 15.21 17.87 -3.38
C ILE B 304 15.45 19.32 -3.08
N GLN B 305 15.31 20.15 -4.13
CA GLN B 305 15.43 21.54 -4.00
C GLN B 305 14.06 22.13 -4.44
N VAL B 306 13.29 22.57 -3.45
CA VAL B 306 12.03 23.23 -3.71
C VAL B 306 12.37 24.69 -3.63
N LYS B 307 12.29 25.39 -4.76
CA LYS B 307 12.75 26.76 -4.84
C LYS B 307 11.91 27.59 -5.80
N GLY B 308 11.29 28.65 -5.28
CA GLY B 308 10.65 29.64 -6.09
C GLY B 308 11.36 31.01 -5.98
N THR B 309 10.61 32.07 -6.27
CA THR B 309 11.03 33.44 -5.95
C THR B 309 9.94 34.03 -5.07
N PHE B 310 10.22 35.18 -4.49
CA PHE B 310 9.23 35.76 -3.59
C PHE B 310 7.94 36.12 -4.33
N ASP B 311 8.08 36.63 -5.55
CA ASP B 311 6.95 36.89 -6.45
C ASP B 311 6.32 35.63 -7.06
N ARG B 312 7.06 34.54 -7.22
CA ARG B 312 6.51 33.32 -7.82
C ARG B 312 6.86 32.12 -6.91
N PRO B 313 6.15 31.99 -5.79
CA PRO B 313 6.47 30.89 -4.88
C PRO B 313 6.11 29.50 -5.46
N VAL B 314 6.76 28.48 -4.93
CA VAL B 314 6.30 27.10 -5.15
C VAL B 314 5.24 26.77 -4.10
N SER B 315 4.13 26.14 -4.48
CA SER B 315 3.13 25.79 -3.49
C SER B 315 2.43 24.47 -3.68
N HIS B 316 1.86 23.99 -2.59
CA HIS B 316 0.96 22.84 -2.58
C HIS B 316 1.59 21.57 -3.10
N ILE B 317 2.73 21.24 -2.50
CA ILE B 317 3.44 20.00 -2.76
C ILE B 317 3.53 19.22 -1.45
N ARG B 318 3.24 17.91 -1.48
CA ARG B 318 3.42 17.08 -0.33
C ARG B 318 4.26 15.86 -0.67
N PHE B 319 5.31 15.64 0.10
CA PHE B 319 5.96 14.33 0.15
C PHE B 319 5.40 13.49 1.28
N GLU B 320 5.04 12.25 0.96
CA GLU B 320 4.41 11.29 1.87
C GLU B 320 5.31 10.01 1.89
N LYS B 321 5.81 9.61 3.05
CA LYS B 321 6.47 8.34 3.26
C LYS B 321 7.66 8.09 2.34
N ILE B 322 8.43 9.14 2.04
CA ILE B 322 9.62 8.99 1.26
C ILE B 322 10.80 9.01 2.22
N THR B 323 11.79 8.15 1.95
CA THR B 323 13.05 8.11 2.66
C THR B 323 14.11 8.89 1.87
N PHE B 324 14.86 9.76 2.55
CA PHE B 324 15.87 10.61 1.95
C PHE B 324 17.18 10.16 2.55
N SER B 325 18.16 9.82 1.73
CA SER B 325 19.37 9.18 2.27
C SER B 325 20.62 9.52 1.49
N HIS B 326 21.76 9.46 2.17
CA HIS B 326 23.11 9.36 1.58
C HIS B 326 23.53 10.64 0.91
N THR B 327 23.42 11.74 1.64
CA THR B 327 23.84 13.04 1.15
C THR B 327 25.19 13.40 1.76
N THR B 328 25.98 14.16 1.04
CA THR B 328 27.31 14.56 1.45
C THR B 328 27.34 16.02 1.87
N TRP B 329 28.37 16.44 2.59
CA TRP B 329 28.68 17.84 2.66
C TRP B 329 30.18 17.90 2.82
N MET B 330 30.87 18.45 1.83
CA MET B 330 32.36 18.39 1.79
C MET B 330 33.07 19.64 2.30
N ARG B 331 32.30 20.65 2.70
CA ARG B 331 32.92 21.92 3.06
C ARG B 331 33.99 21.80 4.18
N PRO B 332 33.79 20.93 5.21
CA PRO B 332 34.83 20.86 6.25
C PRO B 332 36.18 20.30 5.72
N SER B 333 36.14 19.37 4.78
CA SER B 333 37.36 18.92 4.06
C SER B 333 38.09 19.97 3.21
N GLU B 334 37.36 20.95 2.69
CA GLU B 334 37.83 21.87 1.72
C GLU B 334 38.19 23.21 2.36
N LYS B 335 37.51 23.57 3.45
CA LYS B 335 37.65 24.89 4.05
C LYS B 335 37.79 24.90 5.57
N GLY B 336 37.82 23.74 6.18
CA GLY B 336 37.59 23.60 7.63
C GLY B 336 36.16 23.98 8.02
N HIS B 337 35.95 24.10 9.35
CA HIS B 337 34.63 24.33 9.92
C HIS B 337 34.82 24.93 11.29
N VAL B 338 34.60 26.22 11.40
CA VAL B 338 34.70 26.94 12.67
C VAL B 338 33.33 27.60 12.92
N PRO B 339 32.37 26.84 13.46
CA PRO B 339 31.06 27.45 13.71
C PRO B 339 30.99 28.32 14.95
N LEU B 340 30.14 29.34 14.89
CA LEU B 340 29.82 30.16 16.04
C LEU B 340 28.91 29.35 16.94
N GLN B 341 27.95 28.65 16.35
CA GLN B 341 26.91 27.96 17.12
C GLN B 341 26.01 27.21 16.18
N ALA B 342 25.47 26.09 16.64
CA ALA B 342 24.46 25.31 15.91
C ALA B 342 24.83 24.98 14.48
N GLY B 343 26.13 24.75 14.25
CA GLY B 343 26.60 24.25 12.96
C GLY B 343 26.77 25.29 11.91
N MET B 344 26.51 26.55 12.23
CA MET B 344 26.62 27.68 11.33
C MET B 344 28.06 28.20 11.36
N TYR B 345 28.76 27.99 10.24
CA TYR B 345 30.21 28.23 10.15
C TYR B 345 30.53 29.70 10.02
N LEU B 346 31.59 30.15 10.70
CA LEU B 346 32.07 31.53 10.54
C LEU B 346 32.81 31.68 9.21
N THR B 347 32.59 32.79 8.53
CA THR B 347 33.38 33.19 7.38
C THR B 347 34.29 34.36 7.82
N ASP B 348 33.97 35.02 8.93
CA ASP B 348 34.83 36.08 9.48
C ASP B 348 34.33 36.31 10.91
N GLY B 349 35.24 36.35 11.87
CA GLY B 349 34.85 36.42 13.28
C GLY B 349 35.99 36.94 14.13
N TYR B 350 35.77 38.01 14.86
CA TYR B 350 36.88 38.65 15.61
C TYR B 350 36.43 39.49 16.81
N ARG B 351 37.36 39.66 17.76
CA ARG B 351 37.13 40.47 18.96
C ARG B 351 37.24 41.92 18.58
N ILE B 352 36.42 42.74 19.19
CA ILE B 352 36.51 44.18 19.02
C ILE B 352 36.78 44.87 20.38
N ASP B 353 37.56 45.96 20.30
CA ASP B 353 37.97 46.76 21.46
C ASP B 353 38.03 48.25 21.00
N PRO B 354 37.29 49.19 21.61
CA PRO B 354 36.39 48.93 22.74
C PRO B 354 35.16 48.10 22.32
N LYS B 355 34.41 47.63 23.31
CA LYS B 355 33.18 46.91 23.03
C LYS B 355 32.19 47.85 22.39
N MET B 356 31.30 47.31 21.58
CA MET B 356 30.27 48.12 20.91
C MET B 356 29.11 48.31 21.87
N GLU B 357 28.79 49.55 22.19
CA GLU B 357 27.59 49.83 22.97
C GLU B 357 26.42 49.71 22.04
N ARG B 358 25.32 49.16 22.53
CA ARG B 358 24.17 48.91 21.69
C ARG B 358 22.92 49.57 22.26
N ASP B 359 21.91 49.66 21.42
CA ASP B 359 20.64 50.27 21.77
C ASP B 359 19.77 49.33 22.57
N TYR B 360 18.63 49.87 23.04
CA TYR B 360 17.54 49.11 23.64
C TYR B 360 17.94 48.22 24.85
N LEU B 361 18.90 48.70 25.66
CA LEU B 361 19.34 48.03 26.92
C LEU B 361 20.10 46.72 26.68
N ASN B 362 20.62 46.56 25.46
CA ASN B 362 21.45 45.41 25.15
C ASN B 362 22.80 45.58 25.86
N HIS B 363 23.39 44.44 26.18
CA HIS B 363 24.71 44.38 26.78
C HIS B 363 25.72 44.78 25.71
N PRO B 364 26.84 45.39 26.14
CA PRO B 364 27.91 45.67 25.20
C PRO B 364 28.36 44.43 24.44
N LEU B 365 28.77 44.62 23.18
CA LEU B 365 29.06 43.53 22.29
C LEU B 365 30.56 43.50 22.05
N ASP B 366 31.14 42.33 22.29
CA ASP B 366 32.60 42.21 22.27
C ASP B 366 33.18 41.55 21.00
N ASN B 367 32.31 41.20 20.05
CA ASN B 367 32.76 40.50 18.87
C ASN B 367 31.89 40.81 17.65
N GLN B 368 32.46 40.55 16.48
CA GLN B 368 31.77 40.67 15.21
C GLN B 368 31.95 39.36 14.50
N GLY B 369 30.85 38.83 13.94
CA GLY B 369 30.86 37.55 13.20
C GLY B 369 29.90 37.54 12.03
N TRP B 370 30.25 36.80 10.97
CA TRP B 370 29.42 36.60 9.79
C TRP B 370 29.45 35.10 9.52
N LEU B 371 28.31 34.55 9.09
CA LEU B 371 28.07 33.12 9.00
C LEU B 371 27.71 32.64 7.60
N GLY B 372 27.86 31.33 7.43
CA GLY B 372 27.35 30.59 6.28
C GLY B 372 26.52 29.41 6.77
N ARG B 373 25.74 28.82 5.89
CA ARG B 373 24.78 27.81 6.25
C ARG B 373 25.13 26.45 5.65
N PRO B 374 25.10 25.37 6.45
CA PRO B 374 25.43 24.08 5.82
C PRO B 374 24.41 23.62 4.83
N ALA B 375 24.78 22.63 4.03
CA ALA B 375 23.92 22.12 3.01
C ALA B 375 22.90 21.22 3.67
N ALA B 376 21.82 20.95 2.93
CA ALA B 376 20.73 20.14 3.42
C ALA B 376 20.24 19.12 2.42
N ALA B 377 19.84 17.95 2.91
CA ALA B 377 19.27 16.94 2.04
C ALA B 377 18.00 17.39 1.28
N VAL B 378 17.13 18.12 1.99
CA VAL B 378 15.91 18.68 1.36
C VAL B 378 15.84 20.12 1.77
N SER B 379 15.76 21.03 0.80
CA SER B 379 15.72 22.47 1.02
C SER B 379 14.46 23.01 0.41
N VAL B 380 13.89 24.01 1.07
CA VAL B 380 12.64 24.64 0.67
C VAL B 380 12.82 26.12 0.86
N ALA B 381 12.50 26.90 -0.17
CA ALA B 381 12.65 28.32 -0.13
C ALA B 381 11.74 29.01 -1.10
N ALA B 382 11.16 30.12 -0.67
CA ALA B 382 10.19 30.89 -1.49
C ALA B 382 9.04 29.99 -1.91
N ALA B 383 8.29 29.55 -0.90
CA ALA B 383 7.26 28.54 -1.09
C ALA B 383 6.23 28.58 0.01
N ASN B 384 5.12 27.87 -0.22
CA ASN B 384 4.08 27.78 0.77
C ASN B 384 3.32 26.51 0.68
N GLN B 385 2.88 26.00 1.82
CA GLN B 385 2.11 24.77 1.88
C GLN B 385 2.95 23.63 1.23
N ILE B 386 4.20 23.54 1.64
CA ILE B 386 5.06 22.38 1.31
C ILE B 386 5.06 21.49 2.55
N ASP B 387 4.51 20.30 2.41
CA ASP B 387 4.32 19.36 3.52
C ASP B 387 5.19 18.09 3.41
N PHE B 388 5.55 17.52 4.56
CA PHE B 388 6.27 16.27 4.65
C PHE B 388 5.53 15.43 5.69
N GLU B 389 4.90 14.34 5.25
CA GLU B 389 4.09 13.47 6.09
C GLU B 389 4.76 12.08 6.15
N ARG B 390 5.20 11.68 7.32
CA ARG B 390 5.84 10.39 7.56
C ARG B 390 7.02 10.10 6.61
N CYS B 391 7.82 11.14 6.34
CA CYS B 391 9.05 10.98 5.62
C CYS B 391 10.13 10.49 6.58
N ARG B 392 11.21 9.95 6.02
CA ARG B 392 12.33 9.46 6.80
C ARG B 392 13.59 10.11 6.26
N PHE B 393 14.29 10.83 7.13
CA PHE B 393 15.54 11.50 6.84
C PHE B 393 16.63 10.66 7.55
N ASP B 394 17.27 9.79 6.79
CA ASP B 394 18.12 8.71 7.35
C ASP B 394 19.44 8.60 6.59
N HIS B 395 20.56 8.71 7.31
CA HIS B 395 21.93 8.51 6.80
C HIS B 395 22.43 9.71 5.97
N LEU B 396 22.69 10.84 6.61
CA LEU B 396 22.91 12.12 5.92
C LEU B 396 24.15 12.76 6.49
N GLY B 397 24.90 13.47 5.66
CA GLY B 397 26.14 14.16 6.06
C GLY B 397 26.06 15.61 6.47
N SER B 398 24.87 16.23 6.40
CA SER B 398 24.71 17.59 6.91
C SER B 398 23.31 17.81 7.54
N THR B 399 22.52 18.78 7.04
CA THR B 399 21.17 18.99 7.56
C THR B 399 20.22 18.00 6.92
N GLY B 400 19.23 17.55 7.67
CA GLY B 400 18.15 16.74 7.12
C GLY B 400 17.18 17.59 6.27
N LEU B 401 16.34 18.38 6.92
CA LEU B 401 15.35 19.21 6.20
C LEU B 401 15.58 20.65 6.54
N ASP B 402 15.55 21.53 5.54
CA ASP B 402 15.87 22.93 5.76
C ASP B 402 14.83 23.87 5.09
N TYR B 403 14.04 24.54 5.90
CA TYR B 403 13.11 25.56 5.37
C TYR B 403 13.92 26.82 5.46
N GLU B 404 14.43 27.31 4.34
CA GLU B 404 15.53 28.31 4.37
C GLU B 404 15.11 29.79 4.51
N GLU B 405 14.10 30.16 3.76
CA GLU B 405 13.80 31.56 3.53
C GLU B 405 12.41 31.63 2.84
N ALA B 406 11.60 32.62 3.23
CA ALA B 406 10.38 32.94 2.53
C ALA B 406 9.45 31.75 2.38
N VAL B 407 9.24 30.98 3.46
CA VAL B 407 8.29 29.86 3.45
C VAL B 407 7.14 30.24 4.36
N GLN B 408 5.94 30.12 3.84
CA GLN B 408 4.71 30.28 4.58
C GLN B 408 4.12 28.90 4.81
N GLY B 409 3.89 28.57 6.08
CA GLY B 409 3.24 27.32 6.42
C GLY B 409 4.11 26.13 6.09
N GLY B 410 3.46 25.00 5.80
CA GLY B 410 4.13 23.73 5.71
C GLY B 410 3.98 22.90 6.98
N VAL B 411 3.60 21.65 6.82
CA VAL B 411 3.41 20.75 7.94
C VAL B 411 4.42 19.63 7.81
N VAL B 412 5.32 19.56 8.79
CA VAL B 412 6.32 18.50 8.85
C VAL B 412 5.85 17.67 10.00
N ARG B 413 5.38 16.49 9.65
CA ARG B 413 4.67 15.70 10.60
C ARG B 413 4.84 14.19 10.43
N GLY B 414 5.08 13.52 11.55
CA GLY B 414 5.24 12.09 11.54
C GLY B 414 6.56 11.61 10.99
N CYS B 415 7.55 12.50 10.93
CA CYS B 415 8.79 12.27 10.22
C CYS B 415 9.86 11.67 11.16
N LEU B 416 10.72 10.81 10.63
CA LEU B 416 11.84 10.25 11.36
C LEU B 416 13.15 10.93 10.88
N PHE B 417 13.91 11.41 11.83
CA PHE B 417 15.22 11.97 11.59
C PHE B 417 16.22 11.11 12.39
N ARG B 418 17.06 10.39 11.64
CA ARG B 418 18.00 9.42 12.20
C ARG B 418 19.33 9.42 11.42
N ASP B 419 20.42 9.33 12.18
CA ASP B 419 21.78 9.21 11.60
C ASP B 419 22.07 10.38 10.67
N ILE B 420 22.22 11.57 11.26
CA ILE B 420 22.41 12.79 10.54
C ILE B 420 23.60 13.44 11.21
N ALA B 421 24.62 13.83 10.42
CA ALA B 421 25.84 14.40 10.94
C ALA B 421 25.63 15.79 11.51
N GLY B 422 24.68 16.54 10.92
CA GLY B 422 24.42 17.92 11.30
C GLY B 422 23.11 18.08 12.02
N ASN B 423 22.49 19.26 11.82
CA ASN B 423 21.14 19.56 12.36
C ASN B 423 20.08 18.69 11.70
N GLY B 424 19.09 18.26 12.45
CA GLY B 424 18.04 17.38 11.85
C GLY B 424 17.09 18.20 10.95
N LEU B 425 16.51 19.24 11.55
CA LEU B 425 15.51 20.12 10.91
C LEU B 425 15.91 21.54 11.19
N VAL B 426 16.12 22.31 10.13
CA VAL B 426 16.51 23.71 10.25
C VAL B 426 15.39 24.62 9.67
N VAL B 427 15.07 25.71 10.36
CA VAL B 427 14.06 26.67 9.88
C VAL B 427 14.53 28.08 10.06
N GLY B 428 14.48 28.88 9.00
CA GLY B 428 14.57 30.31 9.13
C GLY B 428 15.97 30.87 8.90
N SER B 429 16.13 32.14 9.26
CA SER B 429 17.37 32.87 9.06
C SER B 429 18.32 32.79 10.25
N PHE B 430 19.63 32.76 9.96
CA PHE B 430 20.66 32.80 10.98
C PHE B 430 21.48 34.01 10.73
N SER B 431 20.78 35.01 10.20
CA SER B 431 21.35 36.25 9.61
C SER B 431 21.75 36.01 8.14
N PRO B 432 21.33 36.91 7.24
CA PRO B 432 21.90 36.76 5.91
C PRO B 432 23.45 36.81 5.92
N ALA B 433 24.06 36.32 4.84
CA ALA B 433 25.54 36.21 4.73
C ALA B 433 26.29 37.49 5.02
N ALA B 434 25.75 38.61 4.57
CA ALA B 434 26.43 39.90 4.75
C ALA B 434 26.00 40.69 6.02
N HIS B 435 25.17 40.09 6.84
CA HIS B 435 24.47 40.76 7.92
C HIS B 435 25.13 40.24 9.20
N GLU B 436 25.79 41.14 9.93
CA GLU B 436 26.56 40.75 11.11
C GLU B 436 25.59 40.09 12.11
N THR B 437 25.97 38.94 12.63
CA THR B 437 25.01 38.06 13.23
C THR B 437 24.46 38.45 14.61
N HIS B 438 24.90 39.57 15.17
CA HIS B 438 24.31 40.16 16.35
C HIS B 438 23.41 41.39 16.05
N LEU B 439 23.34 41.82 14.79
CA LEU B 439 22.43 42.92 14.42
C LEU B 439 21.03 42.33 14.23
N PRO B 440 20.00 43.03 14.74
CA PRO B 440 18.69 42.39 14.69
C PRO B 440 18.23 42.22 13.25
N TYR B 441 17.75 41.05 12.91
CA TYR B 441 17.21 40.76 11.60
C TYR B 441 15.72 41.04 11.64
N ASP B 442 15.27 41.93 10.78
CA ASP B 442 13.90 42.38 10.74
C ASP B 442 13.77 43.03 9.34
N PRO B 443 13.69 42.21 8.30
CA PRO B 443 13.74 42.74 6.95
C PRO B 443 12.49 43.56 6.56
N THR B 444 12.71 44.65 5.87
CA THR B 444 11.68 45.42 5.19
C THR B 444 10.70 44.60 4.40
N ASP B 445 11.25 43.70 3.58
CA ASP B 445 10.40 42.77 2.83
C ASP B 445 10.04 41.60 3.71
N LEU B 446 8.80 41.62 4.19
CA LEU B 446 8.34 40.73 5.23
C LEU B 446 8.24 39.31 4.73
N ARG B 447 8.13 39.15 3.40
CA ARG B 447 8.01 37.84 2.75
C ARG B 447 9.22 36.96 2.97
N GLU B 448 10.37 37.58 3.27
CA GLU B 448 11.63 36.86 3.56
C GLU B 448 11.52 35.91 4.74
N VAL B 449 10.70 36.27 5.72
CA VAL B 449 10.69 35.56 7.01
C VAL B 449 9.85 34.31 6.92
N CYS B 450 10.41 33.18 7.35
CA CYS B 450 9.61 31.97 7.51
C CYS B 450 8.53 32.08 8.61
N ALA B 451 7.30 31.68 8.28
CA ALA B 451 6.17 31.91 9.17
C ALA B 451 5.22 30.76 9.08
N HIS B 452 4.66 30.40 10.23
CA HIS B 452 3.56 29.42 10.31
C HIS B 452 3.96 27.99 10.06
N GLN B 453 5.24 27.67 10.19
CA GLN B 453 5.65 26.28 10.05
C GLN B 453 5.04 25.46 11.22
N GLN B 454 4.60 24.25 10.92
CA GLN B 454 4.08 23.27 11.86
C GLN B 454 5.02 22.02 11.87
N ILE B 455 5.72 21.78 13.00
CA ILE B 455 6.60 20.63 13.13
C ILE B 455 6.01 19.76 14.22
N SER B 456 5.39 18.65 13.90
CA SER B 456 4.79 17.85 14.94
C SER B 456 4.87 16.36 14.76
N ASN B 457 4.82 15.66 15.89
CA ASN B 457 4.81 14.20 15.91
C ASN B 457 5.96 13.57 15.14
N CYS B 458 7.11 14.23 15.23
CA CYS B 458 8.34 13.76 14.58
C CYS B 458 9.28 13.16 15.64
N TYR B 459 10.08 12.17 15.22
CA TYR B 459 11.04 11.52 16.13
C TYR B 459 12.47 11.78 15.63
N PHE B 460 13.28 12.35 16.50
CA PHE B 460 14.66 12.66 16.20
C PHE B 460 15.57 11.85 17.12
N THR B 461 16.56 11.22 16.50
CA THR B 461 17.54 10.47 17.23
C THR B 461 18.83 10.24 16.45
N GLU B 462 19.97 10.35 17.13
CA GLU B 462 21.26 10.13 16.45
C GLU B 462 21.52 11.21 15.34
N VAL B 463 21.25 12.44 15.74
CA VAL B 463 21.36 13.61 14.91
C VAL B 463 22.54 14.37 15.51
N GLY B 464 23.16 15.28 14.75
CA GLY B 464 24.38 15.97 15.22
C GLY B 464 25.49 14.93 15.55
N ASN B 465 25.50 13.79 14.88
CA ASN B 465 26.47 12.72 15.21
C ASN B 465 27.87 12.95 14.62
N GLU B 466 28.09 14.07 13.94
CA GLU B 466 29.47 14.55 13.69
C GLU B 466 29.70 15.96 14.15
N ASP B 467 28.85 16.89 13.69
CA ASP B 467 28.97 18.25 14.19
C ASP B 467 28.20 18.31 15.53
N TRP B 468 28.95 18.11 16.61
CA TRP B 468 28.36 17.97 17.92
C TRP B 468 27.69 19.25 18.46
N GLY B 469 27.94 20.41 17.86
CA GLY B 469 27.26 21.66 18.16
C GLY B 469 25.86 21.80 17.55
N CYS B 470 25.46 20.84 16.73
CA CYS B 470 24.13 20.82 16.12
C CYS B 470 22.96 20.35 17.00
N LEU B 471 21.75 20.51 16.46
CA LEU B 471 20.47 20.34 17.16
C LEU B 471 19.59 19.35 16.47
N ALA B 472 18.61 18.80 17.18
CA ALA B 472 17.55 18.11 16.50
C ALA B 472 16.68 19.15 15.72
N ILE B 473 16.26 20.22 16.38
CA ILE B 473 15.42 21.27 15.73
C ILE B 473 16.05 22.58 16.01
N LEU B 474 16.41 23.25 14.94
CA LEU B 474 17.06 24.52 14.97
C LEU B 474 16.20 25.49 14.18
N ALA B 475 15.61 26.42 14.90
CA ALA B 475 14.79 27.45 14.32
C ALA B 475 15.48 28.74 14.67
N GLY B 476 15.85 29.50 13.65
CA GLY B 476 16.54 30.79 13.89
C GLY B 476 15.52 31.93 13.99
N TYR B 477 15.69 32.95 13.18
CA TYR B 477 14.68 34.00 13.12
C TYR B 477 13.51 33.42 12.35
N VAL B 478 12.44 33.12 13.07
CA VAL B 478 11.20 32.63 12.51
C VAL B 478 10.05 33.34 13.20
N LYS B 479 8.84 33.18 12.67
CA LYS B 479 7.69 33.70 13.37
C LYS B 479 6.53 32.74 13.22
N ASP B 480 5.64 32.70 14.23
CA ASP B 480 4.47 31.84 14.21
C ASP B 480 4.79 30.38 14.02
N ILE B 481 5.94 29.96 14.56
CA ILE B 481 6.32 28.58 14.45
C ILE B 481 5.52 27.80 15.51
N ASN B 482 5.15 26.58 15.18
CA ASN B 482 4.63 25.65 16.14
C ASN B 482 5.37 24.33 16.12
N ILE B 483 6.09 24.05 17.21
CA ILE B 483 6.92 22.82 17.36
C ILE B 483 6.32 22.04 18.50
N GLU B 484 5.52 21.03 18.19
CA GLU B 484 4.77 20.32 19.21
C GLU B 484 4.77 18.82 19.10
N HIS B 485 4.73 18.17 20.26
CA HIS B 485 4.58 16.71 20.33
C HIS B 485 5.63 15.91 19.55
N ASN B 486 6.84 16.44 19.56
CA ASN B 486 7.98 15.74 18.99
C ASN B 486 8.71 14.96 20.13
N GLU B 487 9.51 13.95 19.75
CA GLU B 487 10.46 13.29 20.69
C GLU B 487 11.87 13.38 20.12
N ILE B 488 12.79 13.85 20.95
CA ILE B 488 14.15 14.06 20.58
C ILE B 488 15.02 13.34 21.62
N CYS B 489 15.95 12.52 21.15
CA CYS B 489 16.95 11.91 22.05
C CYS B 489 18.20 11.40 21.36
N GLU B 490 19.25 11.18 22.16
CA GLU B 490 20.60 10.82 21.66
C GLU B 490 21.06 11.90 20.70
N VAL B 491 21.43 13.05 21.28
CA VAL B 491 21.82 14.19 20.52
C VAL B 491 22.92 14.78 21.33
N PRO B 492 23.85 15.49 20.67
CA PRO B 492 25.12 15.88 21.31
C PRO B 492 25.06 17.12 22.18
N TYR B 493 24.00 17.93 22.01
CA TYR B 493 23.94 19.28 22.52
C TYR B 493 22.45 19.51 22.89
N SER B 494 21.87 20.67 22.59
CA SER B 494 20.52 20.97 23.03
C SER B 494 19.49 20.22 22.19
N GLY B 495 18.27 20.12 22.68
CA GLY B 495 17.18 19.48 21.95
C GLY B 495 16.63 20.40 20.84
N ILE B 496 16.03 21.51 21.24
CA ILE B 496 15.35 22.45 20.36
C ILE B 496 15.94 23.77 20.67
N SER B 497 16.40 24.48 19.64
CA SER B 497 16.93 25.80 19.77
C SER B 497 16.02 26.75 18.96
N LEU B 498 15.61 27.86 19.57
CA LEU B 498 14.58 28.78 19.00
C LEU B 498 15.07 30.20 19.10
N GLY B 499 15.30 30.82 17.94
CA GLY B 499 15.58 32.23 17.89
C GLY B 499 17.07 32.40 17.60
N TRP B 500 17.51 33.66 17.55
CA TRP B 500 18.89 33.99 17.16
C TRP B 500 19.12 35.46 17.47
N GLY B 501 20.37 35.89 17.33
CA GLY B 501 20.72 37.28 17.32
C GLY B 501 21.36 37.86 18.57
N TRP B 502 21.25 37.17 19.70
CA TRP B 502 21.86 37.68 20.96
C TRP B 502 21.40 39.13 21.25
N THR B 503 20.11 39.43 21.00
CA THR B 503 19.63 40.79 21.05
C THR B 503 18.27 40.89 21.69
N GLN B 504 18.10 41.91 22.53
CA GLN B 504 16.78 42.15 23.11
C GLN B 504 16.04 43.25 22.35
N THR B 505 16.64 43.70 21.23
CA THR B 505 15.98 44.57 20.27
C THR B 505 14.84 43.81 19.57
N VAL B 506 13.65 44.37 19.61
CA VAL B 506 12.50 43.74 18.96
C VAL B 506 12.83 43.65 17.48
N ASN B 507 12.50 42.51 16.88
CA ASN B 507 12.95 42.20 15.53
C ASN B 507 11.76 41.53 14.81
N CYS B 508 12.00 40.57 13.91
CA CYS B 508 10.94 39.95 13.13
C CYS B 508 10.21 38.87 13.87
N MET B 509 10.87 38.29 14.87
CA MET B 509 10.34 37.12 15.60
C MET B 509 9.12 37.45 16.42
N ARG B 510 8.19 36.51 16.50
CA ARG B 510 6.95 36.64 17.28
C ARG B 510 6.16 35.36 17.22
N ASN B 511 5.31 35.15 18.22
CA ASN B 511 4.30 34.09 18.19
C ASN B 511 4.87 32.68 18.04
N ASN B 512 6.06 32.46 18.58
CA ASN B 512 6.72 31.14 18.47
C ASN B 512 6.35 30.25 19.64
N ARG B 513 6.05 28.99 19.35
CA ARG B 513 5.61 28.01 20.33
C ARG B 513 6.44 26.70 20.29
N VAL B 514 6.86 26.27 21.47
CA VAL B 514 7.49 24.97 21.69
C VAL B 514 6.69 24.25 22.79
N HIS B 515 5.91 23.25 22.40
CA HIS B 515 4.84 22.74 23.21
C HIS B 515 4.83 21.21 23.23
N ALA B 516 4.78 20.66 24.46
CA ALA B 516 4.54 19.27 24.66
C ALA B 516 5.55 18.32 23.93
N ASN B 517 6.81 18.75 23.88
CA ASN B 517 7.87 17.90 23.29
C ASN B 517 8.56 17.09 24.42
N LEU B 518 9.11 15.94 24.06
CA LEU B 518 9.75 15.03 25.01
C LEU B 518 11.20 14.95 24.55
N ILE B 519 12.09 15.50 25.36
CA ILE B 519 13.49 15.64 25.04
C ILE B 519 14.33 14.93 26.14
N HIS B 520 15.13 13.94 25.76
CA HIS B 520 15.94 13.21 26.74
C HIS B 520 17.19 12.63 26.11
N HIS B 521 18.18 12.33 26.94
CA HIS B 521 19.45 11.75 26.46
C HIS B 521 20.10 12.74 25.46
N TYR B 522 20.28 13.96 25.97
CA TYR B 522 20.78 15.08 25.23
C TYR B 522 22.04 15.52 25.94
N ALA B 523 22.74 16.45 25.31
CA ALA B 523 24.06 16.93 25.73
C ALA B 523 25.06 15.76 25.85
N LYS B 524 25.01 14.86 24.89
CA LYS B 524 25.92 13.71 24.86
C LYS B 524 27.39 14.11 24.76
N HIS B 525 27.69 15.31 24.23
CA HIS B 525 29.05 15.76 23.99
C HIS B 525 29.35 17.17 24.44
N MET B 526 28.34 18.06 24.42
CA MET B 526 28.56 19.47 24.62
C MET B 526 27.66 19.98 25.74
N TYR B 527 28.22 20.89 26.55
CA TYR B 527 27.51 21.62 27.63
C TYR B 527 27.30 23.09 27.22
N ASP B 528 26.84 23.94 28.15
CA ASP B 528 26.22 25.25 27.85
C ASP B 528 24.99 24.94 26.98
N VAL B 529 24.09 24.15 27.57
CA VAL B 529 23.16 23.30 26.87
C VAL B 529 21.85 23.18 27.67
N ALA B 530 20.76 22.89 26.97
CA ALA B 530 19.43 22.71 27.58
C ALA B 530 18.54 21.86 26.70
N GLY B 531 17.48 21.30 27.26
CA GLY B 531 16.47 20.58 26.46
C GLY B 531 15.79 21.55 25.47
N VAL B 532 15.38 22.72 26.00
CA VAL B 532 14.85 23.81 25.18
C VAL B 532 15.61 25.08 25.47
N TYR B 533 16.07 25.72 24.38
CA TYR B 533 17.01 26.84 24.43
C TYR B 533 16.50 27.95 23.49
N THR B 534 16.63 29.20 23.91
CA THR B 534 16.14 30.34 23.13
C THR B 534 17.13 31.46 23.07
N LEU B 535 17.06 32.23 21.99
CA LEU B 535 17.80 33.47 21.84
C LEU B 535 16.87 34.57 21.34
N GLY B 536 17.14 35.77 21.82
CA GLY B 536 16.58 36.99 21.23
C GLY B 536 15.13 37.28 21.55
N SER B 537 14.70 38.52 21.27
CA SER B 537 13.35 38.99 21.64
C SER B 537 12.27 38.31 20.76
N GLN B 538 11.32 37.62 21.38
CA GLN B 538 10.27 36.88 20.67
C GLN B 538 8.86 37.17 21.24
N PRO B 539 8.34 38.38 21.02
CA PRO B 539 7.01 38.77 21.45
C PRO B 539 5.99 37.67 21.40
N LYS B 540 5.45 37.35 22.56
CA LYS B 540 4.31 36.43 22.71
C LYS B 540 4.63 35.00 22.29
N SER B 541 5.78 34.51 22.74
CA SER B 541 6.21 33.12 22.47
C SER B 541 6.06 32.25 23.73
N TYR B 542 5.95 30.93 23.54
CA TYR B 542 5.57 29.97 24.56
C TYR B 542 6.46 28.74 24.54
N VAL B 543 7.05 28.41 25.69
CA VAL B 543 7.67 27.10 25.91
C VAL B 543 6.81 26.36 26.96
N THR B 544 5.98 25.41 26.56
CA THR B 544 4.96 24.90 27.41
C THR B 544 4.75 23.40 27.38
N GLU B 545 4.59 22.81 28.58
CA GLU B 545 4.16 21.45 28.70
C GLU B 545 5.13 20.44 28.08
N ASN B 546 6.39 20.83 27.96
CA ASN B 546 7.46 19.95 27.50
C ASN B 546 7.88 19.06 28.69
N CYS B 547 8.60 18.00 28.36
CA CYS B 547 9.13 17.04 29.32
C CYS B 547 10.61 16.79 28.98
N VAL B 548 11.49 17.27 29.82
CA VAL B 548 12.95 17.21 29.63
C VAL B 548 13.57 16.35 30.76
N HIS B 549 14.24 15.26 30.40
CA HIS B 549 14.94 14.41 31.41
C HIS B 549 16.20 13.70 30.88
N SER B 550 17.01 13.18 31.82
CA SER B 550 18.16 12.30 31.53
C SER B 550 19.24 12.91 30.66
N ILE B 551 19.79 14.04 31.07
CA ILE B 551 20.91 14.61 30.39
C ILE B 551 22.14 13.68 30.56
N TYR B 552 23.03 13.69 29.56
CA TYR B 552 24.27 12.93 29.61
C TYR B 552 25.27 13.74 30.40
N LYS B 553 26.37 13.11 30.79
CA LYS B 553 27.44 13.77 31.55
C LYS B 553 28.84 13.40 31.02
N PRO B 554 29.27 14.01 29.91
CA PRO B 554 30.61 13.76 29.38
C PRO B 554 31.72 14.38 30.21
N GLY B 555 32.80 13.63 30.42
CA GLY B 555 33.90 14.12 31.26
C GLY B 555 34.80 15.16 30.62
N TYR B 556 34.55 15.46 29.34
CA TYR B 556 35.40 16.42 28.57
C TYR B 556 34.76 17.79 28.39
N VAL B 557 33.62 18.03 29.00
CA VAL B 557 32.95 19.34 28.91
C VAL B 557 33.76 20.43 29.61
N HIS B 558 33.71 21.65 29.08
CA HIS B 558 34.40 22.79 29.70
C HIS B 558 34.14 23.05 31.18
N ASP B 559 32.89 22.80 31.62
CA ASP B 559 32.38 23.13 32.97
C ASP B 559 31.22 22.18 33.29
N PRO B 560 31.42 21.24 34.24
CA PRO B 560 30.43 20.21 34.42
C PRO B 560 29.15 20.66 35.16
N ASN B 561 29.07 21.86 35.71
CA ASN B 561 27.78 22.37 36.23
C ASN B 561 26.94 23.14 35.18
N HIS B 562 27.52 23.47 34.02
CA HIS B 562 26.90 24.45 33.07
C HIS B 562 25.98 23.76 32.06
N TRP B 563 24.97 23.08 32.61
CA TRP B 563 23.92 22.39 31.85
C TRP B 563 22.56 22.66 32.51
N PHE B 564 21.49 22.52 31.73
CA PHE B 564 20.16 22.96 32.16
C PHE B 564 19.10 22.16 31.49
N TYR B 565 17.88 22.26 32.03
CA TYR B 565 16.75 21.67 31.34
C TYR B 565 16.11 22.72 30.42
N LEU B 566 16.13 23.99 30.84
CA LEU B 566 15.52 25.10 30.09
C LEU B 566 16.43 26.26 30.23
N TYR B 567 16.62 27.03 29.14
CA TYR B 567 17.62 28.08 29.11
C TYR B 567 17.17 29.16 28.12
N THR B 568 16.92 30.35 28.63
CA THR B 568 16.69 31.50 27.82
C THR B 568 18.01 32.24 27.85
N ASP B 569 18.64 32.36 26.68
CA ASP B 569 19.95 32.98 26.51
C ASP B 569 19.73 34.43 26.10
N GLU B 570 20.83 35.09 25.74
CA GLU B 570 20.93 36.50 25.51
C GLU B 570 19.81 37.04 24.57
N GLY B 571 19.16 38.08 25.07
CA GLY B 571 18.11 38.74 24.36
C GLY B 571 16.74 38.18 24.56
N SER B 572 16.64 36.95 25.03
CA SER B 572 15.35 36.32 25.19
C SER B 572 14.38 37.27 25.95
N SER B 573 13.21 37.49 25.34
CA SER B 573 12.23 38.45 25.88
C SER B 573 10.87 37.94 25.49
N PHE B 574 9.89 38.13 26.38
CA PHE B 574 8.44 37.92 26.11
C PHE B 574 8.09 36.51 25.85
N ILE B 575 8.85 35.61 26.47
CA ILE B 575 8.63 34.21 26.31
C ILE B 575 7.98 33.70 27.59
N THR B 576 6.86 32.99 27.47
CA THR B 576 6.18 32.39 28.63
C THR B 576 6.68 30.96 28.69
N VAL B 577 7.41 30.66 29.77
CA VAL B 577 7.93 29.30 30.07
C VAL B 577 7.13 28.68 31.23
N ARG B 578 6.26 27.73 30.91
CA ARG B 578 5.25 27.32 31.84
C ARG B 578 4.87 25.89 31.68
N ASP B 579 4.60 25.23 32.83
CA ASP B 579 4.05 23.90 32.86
C ASP B 579 4.97 22.81 32.26
N ASN B 580 6.25 23.07 32.23
CA ASN B 580 7.22 22.07 31.72
C ASN B 580 7.62 21.05 32.82
N TRP B 581 7.33 19.77 32.64
CA TRP B 581 7.90 18.72 33.52
C TRP B 581 9.36 18.60 33.24
N THR B 582 10.21 18.95 34.21
CA THR B 582 11.65 18.68 34.07
C THR B 582 12.14 17.80 35.23
N GLU B 583 13.24 17.06 35.03
CA GLU B 583 13.68 16.08 36.04
C GLU B 583 14.00 16.76 37.35
N GLY B 584 14.64 17.91 37.25
CA GLY B 584 14.91 18.78 38.36
C GLY B 584 14.73 20.20 37.92
N GLU B 585 14.76 21.11 38.89
CA GLU B 585 14.74 22.55 38.63
C GLU B 585 16.14 22.97 38.41
N LYS B 586 16.55 23.08 37.15
CA LYS B 586 17.90 23.62 36.84
C LYS B 586 17.82 24.37 35.52
N TYR B 587 17.62 25.67 35.63
CA TYR B 587 17.26 26.51 34.51
C TYR B 587 18.24 27.62 34.55
N LEU B 588 18.37 28.36 33.45
CA LEU B 588 19.24 29.50 33.37
C LEU B 588 18.54 30.59 32.54
N GLN B 589 18.71 31.85 32.95
CA GLN B 589 18.28 33.04 32.21
C GLN B 589 19.52 33.93 32.12
N ASN B 590 20.19 33.94 30.97
CA ASN B 590 21.38 34.74 30.78
C ASN B 590 21.11 35.96 29.90
N ALA B 591 21.27 37.12 30.50
CA ALA B 591 21.27 38.40 29.82
C ALA B 591 19.95 38.61 29.06
N ASN B 592 18.85 38.25 29.71
CA ASN B 592 17.54 38.25 29.08
C ASN B 592 17.10 39.67 28.92
N GLY B 593 16.11 39.90 28.06
CA GLY B 593 15.40 41.16 28.07
C GLY B 593 14.17 41.03 28.96
N PRO B 594 13.22 41.96 28.82
CA PRO B 594 12.07 41.94 29.69
C PRO B 594 10.95 40.99 29.31
N GLY B 595 10.04 40.81 30.25
CA GLY B 595 8.77 40.21 30.01
C GLY B 595 8.70 38.73 29.87
N ASN B 596 9.75 38.01 30.26
CA ASN B 596 9.58 36.54 30.26
C ASN B 596 8.83 36.20 31.55
N VAL B 597 8.05 35.13 31.50
CA VAL B 597 7.31 34.64 32.61
C VAL B 597 7.71 33.18 32.84
N TRP B 598 8.28 32.89 34.01
CA TRP B 598 8.48 31.48 34.42
C TRP B 598 7.48 31.01 35.50
N GLU B 599 6.65 30.00 35.21
CA GLU B 599 5.65 29.48 36.15
C GLU B 599 5.54 27.98 36.07
N ASN B 600 5.44 27.33 37.22
CA ASN B 600 5.16 25.91 37.28
C ASN B 600 6.00 24.97 36.36
N ASN B 601 7.30 25.09 36.48
CA ASN B 601 8.25 24.14 35.87
C ASN B 601 8.96 23.30 36.93
N GLY B 602 9.07 22.01 36.67
CA GLY B 602 9.90 21.13 37.50
C GLY B 602 9.27 19.77 37.61
N PRO B 603 9.80 18.93 38.53
CA PRO B 603 9.28 17.57 38.72
C PRO B 603 7.92 17.45 39.39
N GLN B 604 7.43 18.52 39.99
CA GLN B 604 6.05 18.59 40.54
C GLN B 604 4.93 18.86 39.51
N VAL B 605 5.29 19.16 38.26
CA VAL B 605 4.29 19.40 37.23
C VAL B 605 3.43 18.19 37.10
N ASP B 606 2.15 18.43 36.89
CA ASP B 606 1.12 17.40 36.83
C ASP B 606 1.59 16.23 35.97
N THR B 607 1.31 15.01 36.41
CA THR B 607 1.69 13.81 35.69
C THR B 607 0.90 13.59 34.36
N VAL B 608 -0.27 14.19 34.23
CA VAL B 608 -1.03 14.10 32.94
C VAL B 608 -0.22 14.79 31.81
N ILE B 609 0.38 15.92 32.15
CA ILE B 609 1.23 16.70 31.27
C ILE B 609 2.49 15.91 30.92
N ARG B 610 3.22 15.43 31.92
CA ARG B 610 4.40 14.57 31.72
C ARG B 610 4.15 13.44 30.75
N GLU B 611 3.14 12.65 31.00
CA GLU B 611 2.93 11.49 30.22
C GLU B 611 2.43 11.74 28.80
N ARG B 612 1.81 12.90 28.51
CA ARG B 612 1.34 13.15 27.13
C ARG B 612 2.34 13.94 26.24
N ALA B 613 3.43 14.43 26.83
CA ALA B 613 4.53 14.96 26.04
C ALA B 613 5.13 13.92 25.05
N GLY B 614 5.59 14.40 23.89
CA GLY B 614 6.10 13.50 22.86
C GLY B 614 5.02 13.06 21.90
N LEU B 615 5.29 11.98 21.22
CA LEU B 615 4.41 11.53 20.14
C LEU B 615 3.01 11.20 20.63
N GLU B 616 2.01 11.59 19.82
CA GLU B 616 0.61 11.24 20.09
C GLU B 616 0.27 9.89 19.53
N ALA B 617 -0.84 9.32 20.00
CA ALA B 617 -1.29 7.97 19.63
C ALA B 617 -1.15 7.64 18.13
N GLU B 618 -1.65 8.52 17.29
CA GLU B 618 -1.64 8.27 15.85
C GLU B 618 -0.23 7.99 15.26
N TYR B 619 0.81 8.57 15.86
CA TYR B 619 2.22 8.49 15.38
C TYR B 619 3.18 7.67 16.25
N ARG B 620 2.67 6.97 17.26
CA ARG B 620 3.55 6.23 18.20
C ARG B 620 4.36 5.10 17.57
N ASP B 621 3.86 4.56 16.47
CA ASP B 621 4.58 3.59 15.62
C ASP B 621 5.99 3.93 15.02
N LEU B 622 6.50 5.15 15.18
CA LEU B 622 7.80 5.56 14.57
C LEU B 622 9.05 4.84 15.10
N SER C 23 24.28 81.44 8.58
CA SER C 23 23.20 82.46 8.78
C SER C 23 22.07 82.22 7.77
N ALA C 24 20.84 81.99 8.25
CA ALA C 24 19.70 81.60 7.39
C ALA C 24 19.17 82.80 6.61
N GLY C 25 18.80 82.59 5.34
CA GLY C 25 18.11 83.63 4.57
C GLY C 25 16.80 83.90 5.30
N GLU C 26 16.23 85.08 5.09
CA GLU C 26 15.05 85.51 5.81
C GLU C 26 13.95 86.01 4.90
N ILE C 27 12.73 85.63 5.26
CA ILE C 27 11.54 86.08 4.57
C ILE C 27 10.60 86.61 5.67
N TRP C 28 10.18 87.87 5.52
CA TRP C 28 9.44 88.60 6.53
C TRP C 28 7.99 88.72 6.12
N ILE C 29 7.13 88.63 7.13
CA ILE C 29 5.72 88.79 6.97
C ILE C 29 5.23 89.73 8.04
N SER C 30 4.18 90.50 7.74
CA SER C 30 3.64 91.48 8.64
C SER C 30 2.14 91.62 8.42
N PRO C 31 1.39 91.99 9.47
CA PRO C 31 -0.03 92.33 9.25
C PRO C 31 -0.28 93.53 8.32
N GLN C 32 0.71 94.39 8.14
CA GLN C 32 0.62 95.49 7.20
C GLN C 32 1.39 95.22 5.90
N GLY C 33 1.88 94.00 5.71
CA GLY C 33 2.63 93.66 4.51
C GLY C 33 1.79 93.48 3.26
N ASN C 34 2.43 93.00 2.19
CA ASN C 34 1.80 92.81 0.86
C ASN C 34 2.53 91.72 0.12
N ASP C 35 1.78 90.74 -0.40
CA ASP C 35 2.36 89.59 -1.08
C ASP C 35 3.00 89.94 -2.43
N LEU C 36 2.73 91.12 -2.97
CA LEU C 36 3.51 91.62 -4.11
C LEU C 36 4.90 92.11 -3.73
N ASN C 37 5.21 92.30 -2.44
CA ASN C 37 6.57 92.69 -1.99
C ASN C 37 7.55 91.54 -2.06
N ASP C 38 8.83 91.83 -1.88
CA ASP C 38 9.87 90.79 -1.97
C ASP C 38 10.21 90.10 -0.63
N GLY C 39 9.49 90.42 0.44
CA GLY C 39 9.67 89.75 1.70
C GLY C 39 10.91 90.11 2.50
N THR C 40 11.47 91.29 2.26
CA THR C 40 12.51 91.86 3.16
C THR C 40 11.83 92.60 4.31
N ARG C 41 12.59 92.96 5.36
CA ARG C 41 11.97 93.57 6.55
C ARG C 41 11.29 94.89 6.24
N PRO C 42 11.89 95.75 5.39
CA PRO C 42 11.19 96.97 4.98
C PRO C 42 9.99 96.73 4.07
N SER C 43 10.01 95.63 3.31
CA SER C 43 8.99 95.36 2.32
C SER C 43 8.42 93.92 2.56
N PRO C 44 7.70 93.72 3.68
CA PRO C 44 7.34 92.36 4.08
C PRO C 44 6.13 91.80 3.33
N LYS C 45 6.02 90.47 3.32
CA LYS C 45 4.83 89.76 2.80
C LYS C 45 3.65 89.96 3.73
N ALA C 46 2.44 89.63 3.25
CA ALA C 46 1.23 89.59 4.06
C ALA C 46 0.80 88.20 4.61
N THR C 47 1.12 87.11 3.90
CA THR C 47 0.63 85.76 4.27
C THR C 47 1.77 84.76 4.31
N LEU C 48 1.55 83.73 5.12
CA LEU C 48 2.47 82.63 5.22
C LEU C 48 2.54 81.82 3.91
N THR C 49 1.41 81.65 3.24
CA THR C 49 1.33 80.98 1.95
C THR C 49 2.35 81.61 0.97
N SER C 50 2.35 82.94 0.86
CA SER C 50 3.19 83.63 -0.14
C SER C 50 4.61 83.52 0.27
N ALA C 51 4.88 83.69 1.56
CA ALA C 51 6.26 83.51 2.06
C ALA C 51 6.84 82.12 1.83
N LEU C 52 6.04 81.09 2.07
CA LEU C 52 6.45 79.69 1.84
C LEU C 52 6.76 79.42 0.39
N ARG C 53 5.95 80.02 -0.48
CA ARG C 53 6.08 79.85 -1.92
C ARG C 53 7.42 80.43 -2.39
N GLN C 54 7.76 81.59 -1.87
CA GLN C 54 9.03 82.21 -2.19
C GLN C 54 10.18 81.39 -1.69
N ALA C 55 10.06 80.84 -0.48
CA ALA C 55 11.06 79.88 0.01
C ALA C 55 11.19 78.66 -0.90
N ARG C 56 10.05 78.14 -1.36
CA ARG C 56 10.04 76.97 -2.29
C ARG C 56 10.80 77.31 -3.57
N GLU C 57 10.58 78.54 -4.07
CA GLU C 57 11.29 79.06 -5.25
C GLU C 57 12.78 79.25 -5.03
N TRP C 58 13.15 79.76 -3.87
CA TRP C 58 14.57 79.85 -3.52
C TRP C 58 15.21 78.48 -3.57
N ARG C 59 14.57 77.48 -2.94
CA ARG C 59 15.06 76.08 -2.96
C ARG C 59 15.07 75.44 -4.37
N ARG C 60 14.01 75.65 -5.14
CA ARG C 60 13.96 75.16 -6.53
C ARG C 60 15.12 75.70 -7.37
N THR C 61 15.35 77.01 -7.28
CA THR C 61 16.39 77.66 -8.08
C THR C 61 17.76 77.70 -7.41
N ASP C 62 18.01 76.91 -6.36
CA ASP C 62 19.31 76.93 -5.62
C ASP C 62 19.81 78.36 -5.25
N ASP C 63 18.90 79.22 -4.84
CA ASP C 63 19.30 80.51 -4.35
C ASP C 63 20.26 80.34 -3.18
N GLU C 64 21.24 81.26 -3.12
CA GLU C 64 22.32 81.19 -2.13
C GLU C 64 21.80 81.38 -0.73
N ARG C 65 20.75 82.19 -0.58
CA ARG C 65 20.15 82.47 0.73
C ARG C 65 19.58 81.22 1.45
N VAL C 66 19.47 80.11 0.74
CA VAL C 66 19.05 78.83 1.31
C VAL C 66 20.12 78.12 2.16
N ARG C 67 21.40 78.42 1.92
CA ARG C 67 22.50 77.55 2.36
C ARG C 67 22.44 77.14 3.83
N GLY C 68 22.15 78.10 4.72
CA GLY C 68 22.07 77.79 6.16
C GLY C 68 20.68 77.68 6.77
N GLY C 69 19.65 77.54 5.93
CA GLY C 69 18.26 77.44 6.38
C GLY C 69 17.52 78.65 5.88
N ILE C 70 16.20 78.63 6.00
CA ILE C 70 15.41 79.77 5.65
C ILE C 70 14.57 79.98 6.86
N THR C 71 14.51 81.22 7.31
CA THR C 71 13.69 81.57 8.43
C THR C 71 12.62 82.47 7.93
N ILE C 72 11.37 82.06 8.17
CA ILE C 72 10.24 82.88 7.90
C ILE C 72 9.88 83.62 9.17
N CYS C 73 10.18 84.93 9.17
CA CYS C 73 10.08 85.79 10.34
C CYS C 73 8.79 86.56 10.26
N MET C 74 7.98 86.44 11.29
CA MET C 74 6.69 87.06 11.29
C MET C 74 6.63 88.18 12.35
N GLU C 75 6.18 89.36 11.96
CA GLU C 75 5.97 90.45 12.92
C GLU C 75 4.80 90.10 13.79
N GLY C 76 4.79 90.70 14.97
CA GLY C 76 3.76 90.44 15.96
C GLY C 76 2.40 90.85 15.48
N GLY C 77 1.40 90.07 15.84
CA GLY C 77 0.02 90.35 15.44
C GLY C 77 -0.75 89.08 15.14
N THR C 78 -1.88 89.27 14.52
CA THR C 78 -2.77 88.18 14.16
C THR C 78 -2.83 88.06 12.62
N TYR C 79 -2.68 86.84 12.13
CA TYR C 79 -2.81 86.52 10.70
C TYR C 79 -4.00 85.57 10.52
N ALA C 80 -5.05 86.08 9.92
CA ALA C 80 -6.28 85.36 9.79
C ALA C 80 -6.17 84.45 8.57
N LEU C 81 -6.62 83.22 8.71
CA LEU C 81 -6.54 82.25 7.59
C LEU C 81 -7.91 81.92 7.11
N TYR C 82 -8.08 81.81 5.78
CA TYR C 82 -9.35 81.31 5.22
C TYR C 82 -9.25 79.88 4.65
N GLU C 83 -8.04 79.35 4.61
CA GLU C 83 -7.75 78.00 4.15
C GLU C 83 -6.46 77.58 4.80
N PRO C 84 -6.16 76.28 4.83
CA PRO C 84 -4.92 75.85 5.46
C PRO C 84 -3.68 76.29 4.69
N VAL C 85 -2.61 76.57 5.42
CA VAL C 85 -1.31 76.70 4.82
C VAL C 85 -0.81 75.29 4.53
N PHE C 86 -0.55 75.00 3.26
CA PHE C 86 -0.15 73.68 2.78
C PHE C 86 1.37 73.63 2.63
N ILE C 87 2.01 72.87 3.50
CA ILE C 87 3.44 72.61 3.44
C ILE C 87 3.65 71.21 2.86
N ARG C 88 4.41 71.17 1.75
CA ARG C 88 4.37 70.10 0.78
C ARG C 88 5.77 69.66 0.49
N PRO C 89 5.96 68.59 -0.27
CA PRO C 89 7.33 68.05 -0.37
C PRO C 89 8.40 69.02 -0.93
N GLU C 90 8.01 69.89 -1.86
CA GLU C 90 8.91 70.91 -2.45
C GLU C 90 9.39 71.93 -1.40
N ASP C 91 8.63 72.04 -0.31
CA ASP C 91 8.97 72.85 0.84
C ASP C 91 10.03 72.24 1.78
N SER C 92 10.50 71.04 1.51
CA SER C 92 11.37 70.35 2.42
C SER C 92 12.67 71.06 2.50
N GLY C 93 13.18 71.16 3.73
CA GLY C 93 14.53 71.56 3.98
C GLY C 93 15.39 70.33 4.19
N THR C 94 16.58 70.57 4.72
CA THR C 94 17.52 69.54 5.13
C THR C 94 17.93 69.83 6.55
N GLU C 95 18.72 68.94 7.12
CA GLU C 95 19.25 69.17 8.47
C GLU C 95 20.09 70.47 8.59
N ASP C 96 21.00 70.72 7.65
CA ASP C 96 21.71 72.02 7.57
C ASP C 96 20.92 73.21 7.06
N SER C 97 19.89 72.96 6.26
CA SER C 97 19.00 74.01 5.77
C SER C 97 17.55 73.76 6.13
N PRO C 98 17.16 73.90 7.41
CA PRO C 98 15.76 73.79 7.79
C PRO C 98 14.95 74.99 7.38
N THR C 99 13.64 74.83 7.28
CA THR C 99 12.74 75.95 7.22
C THR C 99 12.14 76.11 8.61
N VAL C 100 12.30 77.30 9.16
CA VAL C 100 11.81 77.64 10.48
C VAL C 100 10.86 78.82 10.34
N ILE C 101 9.69 78.69 10.97
CA ILE C 101 8.69 79.70 10.96
C ILE C 101 8.56 80.15 12.40
N ARG C 102 8.69 81.46 12.63
CA ARG C 102 8.80 82.02 14.00
C ARG C 102 8.52 83.53 14.08
N PRO C 103 8.23 84.02 15.30
CA PRO C 103 8.13 85.48 15.45
C PRO C 103 9.50 86.10 15.39
N VAL C 104 9.52 87.37 15.00
CA VAL C 104 10.69 88.21 15.31
C VAL C 104 10.74 88.43 16.83
N ALA C 105 11.94 88.54 17.38
CA ALA C 105 12.15 88.97 18.78
C ALA C 105 11.44 88.01 19.73
N ASP C 106 10.78 88.51 20.76
CA ASP C 106 9.85 87.69 21.48
C ASP C 106 8.45 88.30 21.32
N GLU C 107 8.08 88.56 20.07
CA GLU C 107 6.73 89.04 19.74
C GLU C 107 5.73 87.91 19.75
N LYS C 108 4.46 88.25 19.91
CA LYS C 108 3.40 87.26 19.89
C LYS C 108 2.78 87.18 18.47
N VAL C 109 2.78 85.98 17.91
CA VAL C 109 2.22 85.72 16.57
C VAL C 109 1.14 84.69 16.69
N VAL C 110 -0.08 85.11 16.37
CA VAL C 110 -1.26 84.27 16.33
C VAL C 110 -1.68 83.97 14.86
N LEU C 111 -1.74 82.67 14.49
CA LEU C 111 -2.37 82.22 13.21
C LEU C 111 -3.76 81.83 13.59
N SER C 112 -4.75 82.55 13.08
CA SER C 112 -6.12 82.39 13.49
C SER C 112 -6.99 81.82 12.38
N GLY C 113 -7.86 80.88 12.72
CA GLY C 113 -8.81 80.32 11.78
C GLY C 113 -10.20 80.86 11.98
N GLY C 114 -10.31 81.99 12.66
CA GLY C 114 -11.61 82.56 12.99
C GLY C 114 -11.76 83.97 12.47
N ILE C 115 -12.93 84.54 12.69
CA ILE C 115 -13.22 85.92 12.34
C ILE C 115 -13.83 86.69 13.53
N ARG C 116 -13.71 88.01 13.46
CA ARG C 116 -14.28 88.89 14.44
C ARG C 116 -15.75 89.23 14.10
N ILE C 117 -16.61 89.19 15.11
CA ILE C 117 -18.00 89.62 14.96
C ILE C 117 -18.16 90.97 15.67
N GLY C 118 -18.52 92.00 14.88
CA GLY C 118 -18.82 93.35 15.37
C GLY C 118 -20.27 93.70 15.07
N GLY C 119 -20.60 94.97 15.16
CA GLY C 119 -21.96 95.45 14.86
C GLY C 119 -22.96 94.98 15.90
N TRP C 120 -22.52 94.90 17.15
CA TRP C 120 -23.36 94.43 18.23
C TRP C 120 -24.42 95.46 18.65
N LYS C 121 -25.66 95.04 18.82
CA LYS C 121 -26.73 95.88 19.36
C LYS C 121 -27.43 95.29 20.59
N LYS C 122 -27.90 96.19 21.45
CA LYS C 122 -28.45 95.81 22.72
C LYS C 122 -29.97 95.62 22.67
N GLN C 123 -30.42 94.62 23.38
CA GLN C 123 -31.74 94.09 23.28
C GLN C 123 -32.09 93.60 24.70
N GLY C 124 -32.19 94.56 25.62
CA GLY C 124 -32.33 94.25 27.06
C GLY C 124 -30.97 93.84 27.62
N LYS C 125 -30.95 92.78 28.40
CA LYS C 125 -29.70 92.15 28.85
C LYS C 125 -28.88 91.49 27.72
N LEU C 126 -29.58 91.02 26.71
CA LEU C 126 -29.03 90.32 25.57
C LEU C 126 -28.52 91.28 24.50
N TRP C 127 -27.37 90.96 23.88
CA TRP C 127 -26.91 91.62 22.63
C TRP C 127 -27.01 90.71 21.39
N VAL C 128 -27.11 91.33 20.22
CA VAL C 128 -27.25 90.57 18.98
C VAL C 128 -26.35 91.16 17.88
N ALA C 129 -25.82 90.29 17.02
CA ALA C 129 -25.02 90.69 15.85
C ALA C 129 -25.41 89.82 14.67
N ASP C 130 -25.22 90.37 13.47
CA ASP C 130 -25.31 89.59 12.26
C ASP C 130 -24.00 88.80 12.16
N VAL C 131 -24.12 87.52 11.85
CA VAL C 131 -22.92 86.70 11.59
C VAL C 131 -22.52 86.91 10.14
N PRO C 132 -21.31 87.41 9.90
CA PRO C 132 -20.94 87.62 8.49
C PRO C 132 -20.81 86.31 7.69
N MET C 133 -20.89 86.46 6.39
CA MET C 133 -20.62 85.41 5.42
C MET C 133 -19.13 85.07 5.58
N PHE C 134 -18.80 83.79 5.41
CA PHE C 134 -17.39 83.37 5.38
C PHE C 134 -17.10 82.49 4.16
N ASN C 135 -16.07 82.84 3.39
CA ASN C 135 -15.76 82.16 2.14
C ASN C 135 -17.05 81.97 1.29
N GLY C 136 -17.86 83.01 1.22
CA GLY C 136 -19.05 83.04 0.36
C GLY C 136 -20.31 82.33 0.84
N ARG C 137 -20.35 81.89 2.10
CA ARG C 137 -21.46 81.13 2.66
C ARG C 137 -21.82 81.55 4.09
N PRO C 138 -23.07 81.32 4.52
CA PRO C 138 -23.40 81.41 5.94
C PRO C 138 -22.39 80.66 6.77
N LEU C 139 -21.96 81.25 7.88
CA LEU C 139 -21.01 80.63 8.80
C LEU C 139 -21.76 80.11 10.02
N ASP C 140 -21.43 78.89 10.48
CA ASP C 140 -21.87 78.40 11.78
C ASP C 140 -20.62 77.99 12.57
N PHE C 141 -20.81 77.81 13.86
CA PHE C 141 -19.74 77.68 14.79
C PHE C 141 -20.29 77.07 16.08
N ARG C 142 -19.43 76.32 16.77
CA ARG C 142 -19.77 75.68 18.06
C ARG C 142 -19.03 76.32 19.22
N GLN C 143 -18.01 77.15 18.95
CA GLN C 143 -17.33 77.97 19.96
C GLN C 143 -17.45 79.46 19.70
N LEU C 144 -17.29 80.26 20.75
CA LEU C 144 -17.26 81.72 20.68
C LEU C 144 -16.39 82.25 21.81
N TRP C 145 -15.41 83.09 21.48
CA TRP C 145 -14.49 83.68 22.48
C TRP C 145 -14.62 85.22 22.57
N VAL C 146 -14.71 85.74 23.80
CA VAL C 146 -14.77 87.17 24.08
C VAL C 146 -13.47 87.55 24.80
N ASN C 147 -12.67 88.39 24.16
CA ASN C 147 -11.35 88.80 24.65
C ASN C 147 -10.46 87.63 25.11
N GLY C 148 -10.47 86.53 24.38
CA GLY C 148 -9.64 85.40 24.75
C GLY C 148 -10.26 84.51 25.80
N LYS C 149 -11.55 84.67 26.07
CA LYS C 149 -12.21 83.95 27.15
C LYS C 149 -13.41 83.28 26.57
N LYS C 150 -13.39 81.95 26.59
CA LYS C 150 -14.43 81.14 25.95
C LYS C 150 -15.77 81.39 26.63
N ALA C 151 -16.78 81.72 25.84
CA ALA C 151 -18.11 81.85 26.28
C ALA C 151 -18.76 80.47 26.27
N VAL C 152 -20.03 80.41 26.65
CA VAL C 152 -20.74 79.16 26.86
C VAL C 152 -21.89 78.98 25.90
N ARG C 153 -21.86 77.88 25.18
CA ARG C 153 -22.89 77.60 24.20
C ARG C 153 -24.15 77.29 25.02
N ALA C 154 -25.20 78.07 24.84
CA ALA C 154 -26.34 78.06 25.76
C ALA C 154 -26.76 76.62 26.08
N ARG C 155 -26.78 76.31 27.39
CA ARG C 155 -27.22 74.99 27.87
C ARG C 155 -28.22 75.08 29.03
N ASP C 156 -28.94 73.97 29.26
CA ASP C 156 -29.99 73.89 30.30
C ASP C 156 -29.50 74.07 31.74
N VAL C 157 -28.34 73.51 32.10
CA VAL C 157 -27.81 73.61 33.47
C VAL C 157 -26.43 74.19 33.44
N GLU C 158 -26.20 75.15 34.32
CA GLU C 158 -24.92 75.77 34.49
C GLU C 158 -23.97 74.81 35.19
N ASP C 159 -24.45 74.14 36.25
CA ASP C 159 -23.63 73.26 37.10
C ASP C 159 -23.90 71.85 36.62
N PHE C 160 -22.84 71.16 36.18
CA PHE C 160 -23.02 69.80 35.58
C PHE C 160 -23.47 68.77 36.64
N GLU C 161 -23.14 69.05 37.89
CA GLU C 161 -23.70 68.22 38.98
C GLU C 161 -25.25 68.18 38.99
N LYS C 162 -25.92 69.15 38.34
CA LYS C 162 -27.40 69.19 38.30
C LYS C 162 -28.02 68.59 37.06
N MET C 163 -27.24 67.91 36.23
CA MET C 163 -27.83 67.34 35.04
C MET C 163 -28.95 66.42 35.36
N ASN C 164 -29.97 66.41 34.52
CA ASN C 164 -31.01 65.41 34.60
C ASN C 164 -30.45 64.05 34.17
N ARG C 165 -31.19 62.97 34.41
CA ARG C 165 -30.75 61.62 34.04
C ARG C 165 -31.79 60.97 33.18
N ILE C 166 -31.36 60.04 32.35
CA ILE C 166 -32.32 59.32 31.48
C ILE C 166 -33.16 58.38 32.36
N CYS C 167 -34.24 57.87 31.74
CA CYS C 167 -35.14 56.95 32.36
C CYS C 167 -34.85 55.60 31.75
N SER C 168 -34.87 55.52 30.42
CA SER C 168 -34.68 54.23 29.75
C SER C 168 -34.37 54.39 28.26
N VAL C 169 -33.99 53.29 27.64
CA VAL C 169 -33.61 53.24 26.25
C VAL C 169 -34.46 52.22 25.50
N ASP C 170 -35.04 52.61 24.37
CA ASP C 170 -35.71 51.67 23.47
C ASP C 170 -34.90 51.54 22.19
N GLU C 171 -34.01 50.54 22.17
CA GLU C 171 -33.01 50.38 21.12
C GLU C 171 -33.70 50.16 19.81
N LYS C 172 -34.67 49.26 19.84
CA LYS C 172 -35.41 48.82 18.68
C LYS C 172 -36.13 49.98 17.94
N ASN C 173 -36.75 50.89 18.69
CA ASN C 173 -37.49 52.02 18.08
C ASN C 173 -36.69 53.30 18.02
N GLU C 174 -35.45 53.27 18.51
CA GLU C 174 -34.55 54.39 18.52
C GLU C 174 -35.14 55.56 19.31
N ILE C 175 -35.59 55.24 20.53
CA ILE C 175 -36.16 56.25 21.43
C ILE C 175 -35.41 56.25 22.72
N LEU C 176 -35.00 57.44 23.16
CA LEU C 176 -34.48 57.66 24.50
C LEU C 176 -35.58 58.32 25.38
N TYR C 177 -35.89 57.72 26.54
CA TYR C 177 -36.89 58.26 27.50
C TYR C 177 -36.19 59.04 28.59
N VAL C 178 -36.58 60.29 28.80
CA VAL C 178 -36.07 61.11 29.87
C VAL C 178 -37.24 61.82 30.60
N PRO C 179 -36.98 62.46 31.76
CA PRO C 179 -38.05 63.14 32.46
C PRO C 179 -38.61 64.31 31.66
N ALA C 180 -39.93 64.34 31.46
CA ALA C 180 -40.61 65.50 30.86
C ALA C 180 -40.10 66.84 31.39
N VAL C 181 -39.87 66.96 32.70
CA VAL C 181 -39.41 68.22 33.22
C VAL C 181 -38.15 68.65 32.54
N ALA C 182 -37.23 67.73 32.25
CA ALA C 182 -35.90 68.10 31.72
C ALA C 182 -35.95 68.84 30.37
N ILE C 183 -36.93 68.50 29.55
CA ILE C 183 -37.06 69.03 28.20
C ILE C 183 -38.15 70.11 28.04
N ARG C 184 -38.76 70.56 29.14
CA ARG C 184 -39.92 71.48 29.08
C ARG C 184 -39.63 72.78 28.27
N ARG C 185 -38.44 73.35 28.46
CA ARG C 185 -38.09 74.64 27.81
C ARG C 185 -37.93 74.52 26.29
N LEU C 186 -37.78 73.30 25.80
CA LEU C 186 -37.59 73.01 24.40
C LEU C 186 -38.86 72.62 23.66
N VAL C 187 -39.98 72.44 24.34
CA VAL C 187 -41.22 72.09 23.62
C VAL C 187 -42.25 73.25 23.65
N ASP C 188 -43.20 73.15 22.73
CA ASP C 188 -44.32 74.07 22.66
C ASP C 188 -45.45 73.55 23.57
N GLY C 189 -46.58 74.27 23.61
CA GLY C 189 -47.70 73.92 24.45
C GLY C 189 -48.38 72.62 24.08
N LYS C 190 -48.27 72.20 22.80
CA LYS C 190 -48.78 70.91 22.35
C LYS C 190 -47.82 69.76 22.62
N GLY C 191 -46.66 70.04 23.22
CA GLY C 191 -45.66 68.99 23.54
C GLY C 191 -44.69 68.55 22.44
N ALA C 192 -44.70 69.24 21.30
CA ALA C 192 -43.80 68.96 20.20
C ALA C 192 -42.51 69.79 20.38
N LEU C 193 -41.45 69.44 19.63
CA LEU C 193 -40.19 70.20 19.71
C LEU C 193 -40.40 71.56 19.07
N LYS C 194 -40.01 72.61 19.78
CA LYS C 194 -40.03 74.02 19.31
C LYS C 194 -38.61 74.51 18.94
N ALA C 195 -37.60 74.06 19.71
CA ALA C 195 -36.19 74.39 19.49
C ALA C 195 -35.54 73.47 18.42
N LYS C 196 -35.46 74.01 17.21
CA LYS C 196 -35.30 73.23 15.97
C LYS C 196 -33.98 72.52 15.82
N TYR C 197 -32.93 73.05 16.45
CA TYR C 197 -31.58 72.56 16.32
C TYR C 197 -31.03 72.10 17.65
N ALA C 198 -31.90 71.86 18.64
CA ALA C 198 -31.48 71.45 19.97
C ALA C 198 -30.63 70.14 19.93
N GLU C 199 -29.69 70.06 20.85
CA GLU C 199 -28.78 68.94 20.90
C GLU C 199 -28.70 68.38 22.32
N MET C 200 -28.69 67.06 22.45
CA MET C 200 -28.40 66.43 23.75
C MET C 200 -26.97 65.98 23.79
N VAL C 201 -26.30 66.30 24.88
CA VAL C 201 -24.99 65.79 25.14
C VAL C 201 -25.18 64.73 26.21
N LEU C 202 -25.03 63.45 25.84
CA LEU C 202 -25.30 62.29 26.71
C LEU C 202 -24.00 61.71 27.27
N HIS C 203 -23.89 61.61 28.59
CA HIS C 203 -22.76 60.99 29.27
C HIS C 203 -23.00 59.47 29.31
N GLN C 204 -22.13 58.67 28.70
CA GLN C 204 -22.34 57.20 28.66
C GLN C 204 -21.00 56.50 28.87
N MET C 205 -20.71 56.18 30.13
CA MET C 205 -19.62 55.30 30.56
C MET C 205 -18.32 56.08 30.42
N TRP C 206 -17.53 55.84 29.36
CA TRP C 206 -16.27 56.57 29.16
C TRP C 206 -16.38 57.66 28.02
N CYS C 207 -17.58 57.92 27.48
CA CYS C 207 -17.74 58.91 26.39
C CYS C 207 -18.95 59.81 26.61
N VAL C 208 -18.92 60.96 25.95
CA VAL C 208 -20.17 61.67 25.54
C VAL C 208 -20.56 61.36 24.11
N ALA C 209 -21.86 61.31 23.85
CA ALA C 209 -22.42 61.43 22.52
C ALA C 209 -23.12 62.80 22.34
N ASN C 210 -22.97 63.38 21.15
CA ASN C 210 -23.71 64.58 20.71
C ASN C 210 -24.83 64.15 19.80
N LEU C 211 -26.05 64.30 20.26
CA LEU C 211 -27.23 63.70 19.61
C LEU C 211 -28.24 64.84 19.35
N ARG C 212 -28.60 65.04 18.09
CA ARG C 212 -29.39 66.22 17.69
C ARG C 212 -30.85 65.81 17.69
N ILE C 213 -31.66 66.53 18.46
CA ILE C 213 -33.04 66.13 18.72
C ILE C 213 -33.88 66.44 17.51
N ARG C 214 -34.59 65.44 17.01
CA ARG C 214 -35.52 65.57 15.91
C ARG C 214 -36.94 65.81 16.40
N SER C 215 -37.32 65.06 17.44
CA SER C 215 -38.69 65.16 17.96
C SER C 215 -38.83 64.72 19.38
N VAL C 216 -39.92 65.18 19.97
CA VAL C 216 -40.30 64.93 21.34
C VAL C 216 -41.80 64.59 21.37
N GLU C 217 -42.14 63.57 22.14
CA GLU C 217 -43.53 63.15 22.42
C GLU C 217 -43.65 62.91 23.93
N LEU C 218 -44.55 63.63 24.58
CA LEU C 218 -44.76 63.52 26.03
C LEU C 218 -45.81 62.46 26.31
N ALA C 219 -45.46 61.56 27.23
CA ALA C 219 -46.42 60.70 27.91
C ALA C 219 -46.26 60.98 29.41
N GLY C 220 -46.88 62.05 29.88
CA GLY C 220 -47.02 62.31 31.31
C GLY C 220 -45.77 62.77 32.03
N ASP C 221 -45.19 61.90 32.85
CA ASP C 221 -43.94 62.15 33.57
C ASP C 221 -42.72 62.15 32.65
N SER C 222 -42.83 61.40 31.54
CA SER C 222 -41.68 61.07 30.72
C SER C 222 -41.83 61.67 29.32
N ALA C 223 -40.68 61.80 28.66
CA ALA C 223 -40.58 62.33 27.31
C ALA C 223 -39.86 61.32 26.41
N ALA C 224 -40.48 60.96 25.29
CA ALA C 224 -39.84 60.18 24.25
C ALA C 224 -39.06 61.09 23.27
N ILE C 225 -37.74 60.99 23.34
CA ILE C 225 -36.82 61.76 22.50
C ILE C 225 -36.35 60.88 21.33
N ARG C 226 -36.62 61.33 20.11
CA ARG C 226 -35.99 60.79 18.92
C ARG C 226 -34.94 61.76 18.35
N PHE C 227 -33.94 61.19 17.68
CA PHE C 227 -32.81 61.96 17.20
C PHE C 227 -32.70 61.88 15.68
N HIS C 228 -31.89 62.79 15.13
CA HIS C 228 -31.66 62.81 13.68
C HIS C 228 -30.72 61.68 13.26
N GLN C 229 -30.74 61.39 11.98
CA GLN C 229 -29.73 60.59 11.33
C GLN C 229 -28.61 61.55 10.90
N PRO C 230 -27.38 61.03 10.70
CA PRO C 230 -27.03 59.61 10.77
C PRO C 230 -26.73 59.08 12.18
N GLU C 231 -26.77 59.93 13.21
CA GLU C 231 -26.32 59.52 14.53
C GLU C 231 -27.31 58.62 15.27
N SER C 232 -28.60 58.76 14.98
CA SER C 232 -29.57 57.91 15.68
C SER C 232 -29.27 56.39 15.52
N ARG C 233 -29.18 55.89 14.28
CA ARG C 233 -28.93 54.45 14.02
C ARG C 233 -27.72 54.00 14.80
N ILE C 234 -26.66 54.77 14.68
CA ILE C 234 -25.37 54.43 15.30
C ILE C 234 -25.44 54.52 16.83
N GLN C 235 -26.11 55.53 17.36
CA GLN C 235 -26.25 55.65 18.83
C GLN C 235 -27.02 54.47 19.40
N PHE C 236 -28.07 54.01 18.75
CA PHE C 236 -28.89 53.00 19.42
C PHE C 236 -28.35 51.58 19.25
N GLU C 237 -27.71 51.29 18.12
CA GLU C 237 -27.24 49.94 17.87
C GLU C 237 -25.81 49.62 18.39
N HIS C 238 -24.98 50.62 18.66
CA HIS C 238 -23.64 50.34 19.19
C HIS C 238 -23.63 49.99 20.69
N PRO C 239 -22.97 48.88 21.05
CA PRO C 239 -23.08 48.39 22.40
C PRO C 239 -22.14 49.03 23.38
N TRP C 240 -21.00 49.53 22.92
CA TRP C 240 -19.98 50.06 23.79
C TRP C 240 -19.43 51.41 23.25
N PRO C 241 -19.34 52.44 24.10
CA PRO C 241 -20.09 52.54 25.36
C PRO C 241 -21.59 52.76 25.12
N ARG C 242 -22.43 52.51 26.11
CA ARG C 242 -23.89 52.69 25.95
C ARG C 242 -24.49 53.33 27.16
N PRO C 243 -25.75 53.79 27.05
CA PRO C 243 -26.28 54.55 28.20
C PRO C 243 -26.56 53.65 29.42
N MET C 244 -26.19 54.14 30.61
CA MET C 244 -26.46 53.46 31.86
C MET C 244 -27.95 53.59 32.24
N VAL C 245 -28.63 52.46 32.30
CA VAL C 245 -29.95 52.35 32.91
C VAL C 245 -29.83 51.43 34.14
N THR C 246 -30.09 51.98 35.31
CA THR C 246 -29.82 51.32 36.56
C THR C 246 -31.07 51.34 37.47
N THR C 247 -30.95 50.59 38.56
CA THR C 247 -31.89 50.65 39.67
C THR C 247 -31.31 51.40 40.88
N ASP C 248 -30.04 51.86 40.83
CA ASP C 248 -29.37 52.44 42.01
C ASP C 248 -28.91 53.91 41.86
N GLY C 249 -29.68 54.72 41.11
CA GLY C 249 -29.37 56.13 40.90
C GLY C 249 -28.12 56.44 40.08
N HIS C 250 -27.72 55.56 39.15
CA HIS C 250 -26.52 55.83 38.33
C HIS C 250 -26.85 55.87 36.84
N ASN C 251 -28.09 56.24 36.52
CA ASN C 251 -28.50 56.45 35.14
C ASN C 251 -27.69 57.53 34.42
N SER C 252 -27.53 57.35 33.11
CA SER C 252 -26.71 58.29 32.30
C SER C 252 -27.28 59.70 32.46
N ALA C 253 -26.41 60.62 32.86
CA ALA C 253 -26.71 62.05 32.85
C ALA C 253 -26.62 62.64 31.43
N PHE C 254 -27.29 63.80 31.24
CA PHE C 254 -27.25 64.52 29.97
C PHE C 254 -27.47 66.01 30.19
N TYR C 255 -26.93 66.84 29.31
CA TYR C 255 -27.35 68.20 29.24
C TYR C 255 -27.90 68.52 27.84
N LEU C 256 -28.55 69.67 27.74
CA LEU C 256 -29.21 70.11 26.52
C LEU C 256 -28.55 71.42 26.11
N THR C 257 -28.36 71.59 24.80
CA THR C 257 -27.66 72.76 24.30
C THR C 257 -28.16 73.17 22.92
N ASN C 258 -27.58 74.25 22.42
CA ASN C 258 -27.91 74.81 21.12
C ASN C 258 -29.41 75.14 20.95
N ALA C 259 -29.89 76.00 21.84
CA ALA C 259 -31.27 76.54 21.74
C ALA C 259 -31.36 77.91 22.38
N ARG C 260 -32.09 78.81 21.74
CA ARG C 260 -32.36 80.14 22.27
C ARG C 260 -33.05 79.98 23.63
N GLU C 261 -33.95 79.00 23.70
CA GLU C 261 -34.75 78.75 24.90
C GLU C 261 -33.93 78.44 26.13
N LEU C 262 -32.63 78.10 25.96
CA LEU C 262 -31.73 77.81 27.09
C LEU C 262 -30.82 78.93 27.42
N LEU C 263 -30.92 80.05 26.73
CA LEU C 263 -29.98 81.15 26.95
C LEU C 263 -30.53 82.07 28.05
N ASP C 264 -29.99 81.94 29.26
CA ASP C 264 -30.54 82.64 30.44
C ASP C 264 -29.56 83.21 31.45
N VAL C 265 -28.26 82.93 31.35
CA VAL C 265 -27.27 83.48 32.27
C VAL C 265 -26.15 84.12 31.51
N ALA C 266 -25.47 85.04 32.18
CA ALA C 266 -24.33 85.72 31.66
C ALA C 266 -23.28 84.75 31.18
N GLY C 267 -22.80 85.02 29.97
CA GLY C 267 -21.73 84.26 29.32
C GLY C 267 -22.25 83.29 28.33
N GLU C 268 -23.57 83.12 28.23
CA GLU C 268 -24.15 82.16 27.30
C GLU C 268 -24.48 82.80 25.92
N TRP C 269 -24.32 82.01 24.84
CA TRP C 269 -24.63 82.50 23.46
C TRP C 269 -25.45 81.48 22.74
N TYR C 270 -26.13 81.91 21.68
CA TYR C 270 -26.82 81.00 20.74
C TYR C 270 -26.77 81.67 19.37
N HIS C 271 -26.30 80.90 18.37
CA HIS C 271 -26.35 81.28 16.96
C HIS C 271 -27.57 80.66 16.32
N ASP C 272 -28.48 81.51 15.86
CA ASP C 272 -29.66 81.14 15.15
C ASP C 272 -29.27 81.09 13.67
N ILE C 273 -28.94 79.89 13.19
CA ILE C 273 -28.55 79.71 11.79
C ILE C 273 -29.63 80.13 10.74
N ASP C 274 -30.90 80.03 11.08
CA ASP C 274 -31.98 80.45 10.20
C ASP C 274 -32.02 81.97 9.92
N ALA C 275 -31.79 82.77 10.96
CA ALA C 275 -31.68 84.23 10.91
C ALA C 275 -30.26 84.80 10.62
N ARG C 276 -29.25 83.94 10.71
CA ARG C 276 -27.82 84.35 10.60
C ARG C 276 -27.49 85.45 11.58
N LYS C 277 -28.04 85.31 12.78
CA LYS C 277 -27.79 86.21 13.90
C LYS C 277 -27.35 85.43 15.14
N VAL C 278 -26.44 86.03 15.89
CA VAL C 278 -25.92 85.48 17.15
C VAL C 278 -26.26 86.39 18.35
N TYR C 279 -26.81 85.77 19.40
CA TYR C 279 -27.24 86.40 20.62
C TYR C 279 -26.30 85.99 21.74
N TYR C 280 -25.81 86.99 22.47
CA TYR C 280 -24.91 86.83 23.59
C TYR C 280 -25.34 87.68 24.80
N TYR C 281 -25.37 87.07 25.98
CA TYR C 281 -25.56 87.75 27.25
C TYR C 281 -24.17 88.04 27.81
N PRO C 282 -23.71 89.29 27.75
CA PRO C 282 -22.34 89.52 28.20
C PRO C 282 -22.10 89.33 29.69
N ARG C 283 -20.85 88.99 30.02
CA ARG C 283 -20.40 88.83 31.40
C ARG C 283 -19.94 90.20 31.86
N GLU C 284 -19.96 90.44 33.17
CA GLU C 284 -19.57 91.74 33.73
C GLU C 284 -18.22 92.13 33.19
N GLY C 285 -18.12 93.34 32.64
CA GLY C 285 -16.86 93.85 32.14
C GLY C 285 -16.68 93.76 30.66
N GLU C 286 -17.58 93.05 29.97
CA GLU C 286 -17.51 92.96 28.51
C GLU C 286 -18.38 94.06 27.89
N LYS C 287 -17.75 95.03 27.24
CA LYS C 287 -18.46 96.18 26.59
C LYS C 287 -18.47 95.93 25.10
N LEU C 288 -19.54 95.32 24.63
CA LEU C 288 -19.58 94.81 23.26
C LEU C 288 -19.59 95.90 22.17
N GLN C 289 -20.01 97.12 22.55
CA GLN C 289 -19.96 98.27 21.65
C GLN C 289 -18.56 98.89 21.64
N ASP C 290 -17.83 98.79 22.74
CA ASP C 290 -16.43 99.24 22.80
C ASP C 290 -15.58 98.45 21.80
N ALA C 291 -14.56 99.11 21.27
CA ALA C 291 -13.68 98.53 20.25
C ALA C 291 -12.57 97.63 20.84
N GLY C 292 -12.21 97.81 22.10
CA GLY C 292 -11.26 96.93 22.77
C GLY C 292 -11.82 95.53 23.04
N THR C 293 -13.16 95.39 23.05
CA THR C 293 -13.83 94.07 23.13
C THR C 293 -13.87 93.32 21.75
N GLU C 294 -13.21 92.16 21.71
CA GLU C 294 -13.09 91.31 20.52
C GLU C 294 -13.90 90.03 20.68
N VAL C 295 -14.97 89.88 19.90
CA VAL C 295 -15.67 88.59 19.85
C VAL C 295 -15.15 87.85 18.61
N ILE C 296 -14.52 86.68 18.84
CA ILE C 296 -14.00 85.82 17.77
C ILE C 296 -14.81 84.52 17.72
N VAL C 297 -15.23 84.10 16.52
CA VAL C 297 -15.73 82.76 16.27
C VAL C 297 -14.82 81.99 15.28
N PRO C 298 -14.77 80.66 15.41
CA PRO C 298 -13.90 79.87 14.51
C PRO C 298 -14.57 79.61 13.15
N ALA C 299 -13.77 79.59 12.10
CA ALA C 299 -14.29 79.44 10.72
C ALA C 299 -13.72 78.26 9.92
N ILE C 300 -12.47 77.88 10.14
CA ILE C 300 -11.88 76.76 9.43
C ILE C 300 -11.25 75.74 10.40
N GLU C 301 -11.08 74.50 9.93
CA GLU C 301 -10.67 73.37 10.74
C GLU C 301 -9.21 73.34 11.00
N THR C 302 -8.45 73.69 9.98
CA THR C 302 -7.02 73.42 9.98
C THR C 302 -6.22 74.61 9.47
N LEU C 303 -5.24 75.02 10.26
CA LEU C 303 -4.38 76.13 9.94
C LEU C 303 -3.15 75.74 9.17
N ILE C 304 -2.53 74.63 9.56
CA ILE C 304 -1.31 74.16 8.92
C ILE C 304 -1.48 72.68 8.58
N GLN C 305 -1.31 72.37 7.31
CA GLN C 305 -1.36 71.02 6.80
C GLN C 305 0.02 70.69 6.20
N VAL C 306 0.82 69.94 6.96
CA VAL C 306 2.08 69.39 6.48
C VAL C 306 1.72 68.01 5.89
N LYS C 307 1.91 67.86 4.58
CA LYS C 307 1.48 66.66 3.86
C LYS C 307 2.38 66.37 2.65
N GLY C 308 3.01 65.19 2.71
CA GLY C 308 3.71 64.60 1.58
C GLY C 308 3.03 63.35 1.06
N THR C 309 3.81 62.49 0.41
CA THR C 309 3.41 61.13 0.12
C THR C 309 4.50 60.27 0.73
N PHE C 310 4.26 58.96 0.81
CA PHE C 310 5.23 58.06 1.41
C PHE C 310 6.52 58.09 0.58
N ASP C 311 6.39 58.25 -0.74
CA ASP C 311 7.55 58.33 -1.60
C ASP C 311 8.21 59.72 -1.58
N ARG C 312 7.44 60.79 -1.32
CA ARG C 312 7.94 62.15 -1.33
C ARG C 312 7.54 62.85 -0.02
N PRO C 313 8.27 62.54 1.05
CA PRO C 313 7.87 63.13 2.34
C PRO C 313 8.22 64.59 2.43
N VAL C 314 7.50 65.30 3.30
CA VAL C 314 7.91 66.62 3.74
C VAL C 314 8.93 66.51 4.88
N SER C 315 10.04 67.24 4.79
CA SER C 315 11.00 67.17 5.88
C SER C 315 11.64 68.50 6.33
N HIS C 316 12.09 68.50 7.58
CA HIS C 316 12.95 69.53 8.17
C HIS C 316 12.31 70.90 8.18
N ILE C 317 11.18 70.96 8.88
CA ILE C 317 10.39 72.16 9.07
C ILE C 317 10.25 72.33 10.58
N ARG C 318 10.45 73.54 11.09
CA ARG C 318 10.14 73.81 12.49
C ARG C 318 9.29 75.05 12.69
N PHE C 319 8.24 74.88 13.47
CA PHE C 319 7.50 76.00 14.03
C PHE C 319 8.03 76.32 15.44
N GLU C 320 8.39 77.59 15.66
CA GLU C 320 8.99 78.06 16.90
C GLU C 320 8.15 79.26 17.39
N LYS C 321 7.56 79.15 18.56
CA LYS C 321 6.90 80.25 19.26
C LYS C 321 5.75 80.85 18.47
N ILE C 322 4.99 79.98 17.80
CA ILE C 322 3.81 80.39 17.10
C ILE C 322 2.62 79.98 17.92
N THR C 323 1.63 80.87 17.98
CA THR C 323 0.34 80.53 18.56
C THR C 323 -0.69 80.14 17.49
N PHE C 324 -1.39 79.02 17.69
CA PHE C 324 -2.38 78.54 16.75
C PHE C 324 -3.73 78.61 17.42
N SER C 325 -4.68 79.29 16.79
CA SER C 325 -5.95 79.50 17.43
C SER C 325 -7.12 79.55 16.51
N HIS C 326 -8.30 79.38 17.11
CA HIS C 326 -9.64 79.72 16.54
C HIS C 326 -10.09 78.77 15.41
N THR C 327 -9.94 77.47 15.64
CA THR C 327 -10.27 76.44 14.66
C THR C 327 -11.64 75.85 14.98
N THR C 328 -12.39 75.53 13.94
CA THR C 328 -13.70 74.96 14.11
C THR C 328 -13.63 73.42 13.92
N TRP C 329 -14.74 72.78 14.26
CA TRP C 329 -15.03 71.44 13.81
C TRP C 329 -16.51 71.27 13.93
N MET C 330 -17.17 71.32 12.79
CA MET C 330 -18.65 71.30 12.74
C MET C 330 -19.27 69.93 12.58
N ARG C 331 -18.47 68.88 12.48
CA ARG C 331 -19.07 67.55 12.29
C ARG C 331 -20.20 67.19 13.28
N PRO C 332 -19.99 67.43 14.58
CA PRO C 332 -21.06 67.11 15.53
C PRO C 332 -22.41 67.80 15.25
N SER C 333 -22.40 69.04 14.76
CA SER C 333 -23.62 69.78 14.34
C SER C 333 -24.22 69.21 13.09
N GLU C 334 -23.39 68.57 12.25
CA GLU C 334 -23.83 68.09 10.95
C GLU C 334 -24.17 66.64 10.90
N LYS C 335 -23.57 65.84 11.77
CA LYS C 335 -23.80 64.39 11.74
C LYS C 335 -23.88 63.69 13.08
N GLY C 336 -24.04 64.48 14.14
CA GLY C 336 -23.93 63.98 15.49
C GLY C 336 -22.52 63.49 15.75
N HIS C 337 -22.31 62.86 16.91
CA HIS C 337 -21.00 62.44 17.31
C HIS C 337 -21.18 61.29 18.29
N VAL C 338 -20.84 60.08 17.87
CA VAL C 338 -21.02 58.87 18.69
C VAL C 338 -19.68 58.14 18.74
N PRO C 339 -18.79 58.60 19.58
CA PRO C 339 -17.50 58.01 19.61
C PRO C 339 -17.38 56.71 20.39
N LEU C 340 -16.41 55.91 19.94
CA LEU C 340 -16.06 54.64 20.58
C LEU C 340 -15.21 54.96 21.79
N GLN C 341 -14.23 55.80 21.60
CA GLN C 341 -13.32 56.13 22.67
C GLN C 341 -12.41 57.22 22.17
N ALA C 342 -11.97 58.08 23.08
CA ALA C 342 -10.92 59.01 22.79
C ALA C 342 -11.28 60.00 21.65
N GLY C 343 -12.56 60.26 21.48
CA GLY C 343 -13.05 61.26 20.50
C GLY C 343 -13.17 60.75 19.07
N MET C 344 -12.87 59.46 18.84
CA MET C 344 -12.89 58.88 17.50
C MET C 344 -14.30 58.41 17.27
N TYR C 345 -14.94 59.02 16.26
CA TYR C 345 -16.37 58.85 16.09
C TYR C 345 -16.64 57.56 15.35
N LEU C 346 -17.75 56.90 15.66
CA LEU C 346 -18.14 55.68 14.94
C LEU C 346 -18.87 56.07 13.67
N THR C 347 -18.50 55.41 12.57
CA THR C 347 -19.24 55.43 11.33
C THR C 347 -20.16 54.23 11.21
N ASP C 348 -19.89 53.15 11.96
CA ASP C 348 -20.74 51.97 11.98
C ASP C 348 -20.26 51.16 13.21
N GLY C 349 -21.21 50.66 13.99
CA GLY C 349 -20.92 50.05 15.28
C GLY C 349 -22.11 49.22 15.72
N TYR C 350 -21.91 47.91 15.92
CA TYR C 350 -23.02 47.01 16.30
C TYR C 350 -22.57 45.81 17.12
N ARG C 351 -23.54 45.20 17.81
CA ARG C 351 -23.30 43.97 18.59
C ARG C 351 -23.26 42.83 17.61
N ILE C 352 -22.40 41.85 17.86
CA ILE C 352 -22.48 40.57 17.13
C ILE C 352 -22.80 39.36 18.02
N ASP C 353 -23.61 38.45 17.47
CA ASP C 353 -24.04 37.22 18.16
C ASP C 353 -24.11 36.08 17.14
N PRO C 354 -23.42 34.96 17.35
CA PRO C 354 -22.42 34.73 18.41
C PRO C 354 -21.19 35.63 18.34
N LYS C 355 -20.56 35.78 19.49
CA LYS C 355 -19.31 36.50 19.65
C LYS C 355 -18.22 35.90 18.77
N MET C 356 -17.29 36.73 18.33
CA MET C 356 -16.25 36.30 17.38
C MET C 356 -15.15 35.68 18.21
N GLU C 357 -14.84 34.42 17.96
CA GLU C 357 -13.71 33.79 18.67
C GLU C 357 -12.43 34.27 17.96
N ARG C 358 -11.43 34.70 18.71
CA ARG C 358 -10.22 35.27 18.13
C ARG C 358 -8.97 34.39 18.39
N ASP C 359 -7.92 34.64 17.62
CA ASP C 359 -6.66 33.94 17.77
C ASP C 359 -5.83 34.58 18.91
N TYR C 360 -4.69 33.95 19.17
CA TYR C 360 -3.67 34.46 20.08
C TYR C 360 -4.15 34.73 21.49
N LEU C 361 -5.11 33.90 21.92
CA LEU C 361 -5.62 33.93 23.29
C LEU C 361 -6.51 35.16 23.57
N ASN C 362 -6.91 35.88 22.53
CA ASN C 362 -7.80 36.99 22.74
C ASN C 362 -9.15 36.57 23.29
N HIS C 363 -9.71 37.44 24.11
CA HIS C 363 -11.08 37.27 24.58
C HIS C 363 -12.04 37.36 23.43
N PRO C 364 -13.16 36.63 23.49
CA PRO C 364 -14.15 36.74 22.43
C PRO C 364 -14.67 38.18 22.25
N LEU C 365 -15.00 38.55 21.03
CA LEU C 365 -15.33 39.93 20.68
C LEU C 365 -16.81 40.04 20.41
N ASP C 366 -17.49 40.94 21.12
CA ASP C 366 -18.94 41.03 21.03
C ASP C 366 -19.46 42.16 20.12
N ASN C 367 -18.57 42.81 19.38
CA ASN C 367 -18.95 43.93 18.53
C ASN C 367 -17.96 44.19 17.39
N GLN C 368 -18.41 45.03 16.47
CA GLN C 368 -17.69 45.44 15.29
C GLN C 368 -17.86 46.95 15.23
N GLY C 369 -16.76 47.63 14.99
CA GLY C 369 -16.74 49.09 14.98
C GLY C 369 -15.77 49.63 13.92
N TRP C 370 -16.19 50.72 13.24
CA TRP C 370 -15.37 51.48 12.30
C TRP C 370 -15.41 52.95 12.66
N LEU C 371 -14.26 53.59 12.50
CA LEU C 371 -13.99 54.89 13.10
C LEU C 371 -13.63 55.99 12.10
N GLY C 372 -13.86 57.21 12.53
CA GLY C 372 -13.39 58.42 11.81
C GLY C 372 -12.57 59.27 12.74
N ARG C 373 -11.82 60.20 12.18
CA ARG C 373 -10.81 60.96 12.90
C ARG C 373 -11.21 62.43 12.94
N PRO C 374 -11.27 63.05 14.13
CA PRO C 374 -11.61 64.49 14.12
C PRO C 374 -10.53 65.36 13.48
N ALA C 375 -10.90 66.60 13.12
CA ALA C 375 -9.97 67.55 12.49
C ALA C 375 -9.03 68.06 13.52
N ALA C 376 -7.89 68.55 13.05
CA ALA C 376 -6.88 69.15 13.89
C ALA C 376 -6.48 70.54 13.42
N ALA C 377 -6.10 71.42 14.35
CA ALA C 377 -5.53 72.74 13.98
C ALA C 377 -4.23 72.64 13.15
N VAL C 378 -3.38 71.68 13.48
CA VAL C 378 -2.16 71.40 12.73
C VAL C 378 -2.09 69.92 12.52
N SER C 379 -2.01 69.51 11.26
CA SER C 379 -1.82 68.10 10.87
C SER C 379 -0.51 67.89 10.14
N VAL C 380 0.06 66.73 10.41
CA VAL C 380 1.33 66.36 9.85
C VAL C 380 1.18 64.96 9.34
N ALA C 381 1.57 64.73 8.08
CA ALA C 381 1.52 63.37 7.54
C ALA C 381 2.47 63.20 6.38
N ALA C 382 3.07 62.02 6.31
CA ALA C 382 3.99 61.62 5.27
C ALA C 382 5.11 62.66 5.30
N ALA C 383 5.85 62.59 6.38
CA ALA C 383 6.84 63.60 6.72
C ALA C 383 7.87 63.09 7.73
N ASN C 384 8.95 63.86 7.87
CA ASN C 384 9.98 63.57 8.86
C ASN C 384 10.68 64.83 9.38
N GLN C 385 11.05 64.77 10.66
CA GLN C 385 11.72 65.88 11.32
C GLN C 385 10.87 67.15 11.14
N ILE C 386 9.60 67.07 11.52
CA ILE C 386 8.74 68.21 11.63
C ILE C 386 8.67 68.51 13.16
N ASP C 387 9.14 69.70 13.54
CA ASP C 387 9.32 70.11 14.93
C ASP C 387 8.43 71.29 15.31
N PHE C 388 7.97 71.22 16.56
CA PHE C 388 7.23 72.27 17.25
C PHE C 388 7.93 72.63 18.57
N GLU C 389 8.45 73.86 18.67
CA GLU C 389 9.25 74.33 19.83
C GLU C 389 8.55 75.55 20.40
N ARG C 390 8.05 75.42 21.61
CA ARG C 390 7.42 76.54 22.34
C ARG C 390 6.24 77.13 21.60
N CYS C 391 5.50 76.31 20.85
CA CYS C 391 4.28 76.79 20.24
C CYS C 391 3.18 76.72 21.24
N ARG C 392 2.08 77.35 20.90
CA ARG C 392 0.93 77.40 21.77
C ARG C 392 -0.31 77.04 20.97
N PHE C 393 -1.08 76.11 21.48
CA PHE C 393 -2.26 75.64 20.84
C PHE C 393 -3.34 76.08 21.76
N ASP C 394 -4.09 77.08 21.32
CA ASP C 394 -4.94 77.85 22.22
C ASP C 394 -6.26 78.34 21.54
N HIS C 395 -7.39 77.88 22.09
CA HIS C 395 -8.73 78.22 21.68
C HIS C 395 -9.11 77.45 20.40
N LEU C 396 -9.22 76.15 20.54
CA LEU C 396 -9.46 75.25 19.42
C LEU C 396 -10.73 74.46 19.61
N GLY C 397 -11.44 74.19 18.51
CA GLY C 397 -12.65 73.41 18.47
C GLY C 397 -12.58 71.89 18.23
N SER C 398 -11.37 71.32 18.10
CA SER C 398 -11.21 69.88 17.96
C SER C 398 -9.86 69.46 18.48
N THR C 399 -9.03 68.84 17.65
CA THR C 399 -7.68 68.47 18.07
C THR C 399 -6.70 69.66 17.90
N GLY C 400 -5.67 69.68 18.75
CA GLY C 400 -4.58 70.67 18.64
C GLY C 400 -3.57 70.36 17.54
N LEU C 401 -2.71 69.40 17.84
CA LEU C 401 -1.66 68.92 16.97
C LEU C 401 -1.87 67.40 16.67
N ASP C 402 -1.75 67.00 15.40
CA ASP C 402 -2.08 65.65 14.97
C ASP C 402 -1.03 65.16 13.98
N TYR C 403 -0.16 64.29 14.45
CA TYR C 403 0.71 63.49 13.61
C TYR C 403 -0.10 62.26 13.13
N GLU C 404 -0.62 62.32 11.90
CA GLU C 404 -1.66 61.39 11.48
C GLU C 404 -1.17 60.05 11.02
N GLU C 405 -0.14 60.07 10.20
CA GLU C 405 0.28 58.91 9.47
C GLU C 405 1.67 59.14 8.88
N ALA C 406 2.46 58.08 8.88
CA ALA C 406 3.71 58.06 8.14
C ALA C 406 4.60 59.23 8.52
N VAL C 407 4.69 59.47 9.85
CA VAL C 407 5.64 60.48 10.32
C VAL C 407 6.83 59.82 11.00
N GLN C 408 8.03 60.22 10.58
CA GLN C 408 9.28 59.74 11.23
C GLN C 408 9.84 60.88 12.05
N GLY C 409 10.05 60.64 13.35
CA GLY C 409 10.64 61.65 14.22
C GLY C 409 9.72 62.85 14.41
N GLY C 410 10.33 63.98 14.66
CA GLY C 410 9.60 65.14 15.08
C GLY C 410 9.66 65.31 16.60
N VAL C 411 9.93 66.54 17.03
CA VAL C 411 10.11 66.94 18.42
C VAL C 411 9.05 68.00 18.73
N VAL C 412 8.15 67.68 19.63
CA VAL C 412 7.15 68.62 20.10
C VAL C 412 7.59 68.90 21.52
N ARG C 413 8.05 70.10 21.76
CA ARG C 413 8.76 70.38 22.98
C ARG C 413 8.50 71.80 23.43
N GLY C 414 8.12 71.96 24.69
CA GLY C 414 7.92 73.28 25.28
C GLY C 414 6.61 73.92 24.91
N CYS C 415 5.67 73.14 24.40
CA CYS C 415 4.46 73.68 23.82
C CYS C 415 3.38 73.75 24.88
N LEU C 416 2.51 74.75 24.76
CA LEU C 416 1.32 74.89 25.59
C LEU C 416 0.11 74.43 24.81
N PHE C 417 -0.72 73.63 25.45
CA PHE C 417 -2.01 73.22 24.89
C PHE C 417 -3.10 73.60 25.90
N ARG C 418 -4.02 74.49 25.48
CA ARG C 418 -4.94 75.12 26.41
C ARG C 418 -6.22 75.53 25.70
N ASP C 419 -7.35 75.22 26.32
CA ASP C 419 -8.70 75.58 25.85
C ASP C 419 -8.92 74.92 24.50
N ILE C 420 -9.04 73.60 24.55
CA ILE C 420 -9.11 72.76 23.36
C ILE C 420 -10.31 71.88 23.61
N ALA C 421 -11.27 71.91 22.67
CA ALA C 421 -12.51 71.19 22.85
C ALA C 421 -12.29 69.67 22.87
N GLY C 422 -11.26 69.19 22.18
CA GLY C 422 -11.02 67.75 21.96
C GLY C 422 -9.64 67.35 22.47
N ASN C 423 -9.00 66.38 21.81
CA ASN C 423 -7.67 65.91 22.15
C ASN C 423 -6.65 67.01 21.98
N GLY C 424 -5.66 67.09 22.85
CA GLY C 424 -4.62 68.10 22.68
C GLY C 424 -3.62 67.74 21.59
N LEU C 425 -2.99 66.59 21.78
CA LEU C 425 -2.03 66.04 20.86
C LEU C 425 -2.39 64.61 20.51
N VAL C 426 -2.47 64.30 19.21
CA VAL C 426 -2.87 63.00 18.71
C VAL C 426 -1.74 62.47 17.85
N VAL C 427 -1.42 61.18 17.97
CA VAL C 427 -0.33 60.57 17.19
C VAL C 427 -0.71 59.18 16.78
N GLY C 428 -0.57 58.89 15.49
CA GLY C 428 -0.68 57.54 14.97
C GLY C 428 -2.05 57.14 14.50
N SER C 429 -2.22 55.83 14.32
CA SER C 429 -3.45 55.29 13.74
C SER C 429 -4.39 54.82 14.84
N PHE C 430 -5.68 54.98 14.54
CA PHE C 430 -6.75 54.47 15.33
C PHE C 430 -7.55 53.50 14.53
N SER C 431 -6.84 52.83 13.61
CA SER C 431 -7.38 51.95 12.59
CA SER C 431 -7.44 51.95 12.61
C SER C 431 -7.74 52.81 11.39
N PRO C 432 -7.28 52.38 10.19
CA PRO C 432 -7.81 53.05 8.98
C PRO C 432 -9.33 52.94 8.87
N ALA C 433 -9.91 53.85 8.08
CA ALA C 433 -11.36 53.99 7.99
C ALA C 433 -12.03 52.67 7.72
N ALA C 434 -11.43 51.87 6.88
CA ALA C 434 -12.11 50.65 6.40
C ALA C 434 -11.72 49.39 7.18
N HIS C 435 -10.87 49.57 8.20
CA HIS C 435 -10.20 48.52 8.97
C HIS C 435 -10.93 48.41 10.32
N GLU C 436 -11.68 47.33 10.55
CA GLU C 436 -12.44 47.16 11.81
C GLU C 436 -11.49 47.38 13.02
N THR C 437 -11.92 48.15 13.99
CA THR C 437 -10.97 48.75 14.95
C THR C 437 -10.46 47.83 16.07
N HIS C 438 -10.90 46.58 16.10
CA HIS C 438 -10.31 45.56 16.97
C HIS C 438 -9.41 44.59 16.22
N LEU C 439 -9.30 44.72 14.91
CA LEU C 439 -8.36 43.92 14.14
C LEU C 439 -6.99 44.47 14.25
N PRO C 440 -5.99 43.60 14.50
CA PRO C 440 -4.67 44.19 14.73
C PRO C 440 -4.25 44.98 13.50
N TYR C 441 -3.63 46.12 13.76
CA TYR C 441 -3.13 46.99 12.70
C TYR C 441 -1.63 46.80 12.66
N ASP C 442 -1.16 46.30 11.51
CA ASP C 442 0.26 46.02 11.24
C ASP C 442 0.50 46.05 9.74
N PRO C 443 0.54 47.23 9.14
CA PRO C 443 0.62 47.30 7.69
C PRO C 443 1.91 46.77 7.13
N THR C 444 1.80 46.08 6.00
CA THR C 444 2.99 45.56 5.34
C THR C 444 3.85 46.70 4.80
N ASP C 445 3.28 47.84 4.42
CA ASP C 445 4.09 49.02 4.13
C ASP C 445 4.39 49.71 5.46
N LEU C 446 5.57 49.44 5.98
CA LEU C 446 6.04 49.91 7.30
C LEU C 446 6.09 51.41 7.40
N ARG C 447 6.29 52.05 6.26
CA ARG C 447 6.40 53.52 6.23
C ARG C 447 5.11 54.21 6.74
N GLU C 448 3.99 53.50 6.73
CA GLU C 448 2.72 54.03 7.21
C GLU C 448 2.72 54.40 8.70
N VAL C 449 3.54 53.71 9.49
CA VAL C 449 3.42 53.77 10.94
C VAL C 449 4.25 54.93 11.49
N CYS C 450 3.65 55.69 12.40
CA CYS C 450 4.36 56.81 12.99
C CYS C 450 5.40 56.28 13.97
N ALA C 451 6.64 56.74 13.84
CA ALA C 451 7.76 56.23 14.59
C ALA C 451 8.67 57.36 15.06
N HIS C 452 9.21 57.19 16.28
CA HIS C 452 10.23 58.07 16.89
C HIS C 452 9.80 59.48 17.21
N GLN C 453 8.51 59.71 17.45
CA GLN C 453 8.06 61.00 17.93
C GLN C 453 8.56 61.19 19.37
N GLN C 454 9.06 62.40 19.63
CA GLN C 454 9.48 62.91 20.94
C GLN C 454 8.48 63.98 21.36
N ILE C 455 7.72 63.74 22.43
CA ILE C 455 6.83 64.76 23.02
C ILE C 455 7.36 65.03 24.46
N SER C 456 7.94 66.21 24.67
CA SER C 456 8.59 66.49 25.93
C SER C 456 8.42 67.91 26.35
N ASN C 457 8.31 68.10 27.66
CA ASN C 457 8.31 69.45 28.24
C ASN C 457 7.15 70.32 27.79
N CYS C 458 5.98 69.72 27.66
CA CYS C 458 4.81 70.42 27.19
C CYS C 458 3.85 70.41 28.32
N TYR C 459 2.97 71.42 28.31
CA TYR C 459 1.96 71.62 29.34
C TYR C 459 0.58 71.57 28.75
N PHE C 460 -0.27 70.72 29.29
CA PHE C 460 -1.60 70.56 28.77
C PHE C 460 -2.56 70.92 29.89
N THR C 461 -3.49 71.84 29.63
CA THR C 461 -4.56 72.08 30.57
C THR C 461 -5.81 72.64 29.90
N GLU C 462 -7.00 72.29 30.43
CA GLU C 462 -8.29 72.73 29.88
C GLU C 462 -8.42 72.20 28.43
N VAL C 463 -8.16 70.91 28.29
CA VAL C 463 -8.14 70.21 27.04
C VAL C 463 -9.32 69.29 27.24
N GLY C 464 -9.91 68.83 26.15
CA GLY C 464 -11.10 68.00 26.20
C GLY C 464 -12.29 68.71 26.82
N ASN C 465 -12.38 70.04 26.64
CA ASN C 465 -13.42 70.82 27.36
C ASN C 465 -14.75 70.82 26.70
N GLU C 466 -14.92 70.04 25.65
CA GLU C 466 -16.26 69.75 25.19
C GLU C 466 -16.44 68.30 24.99
N ASP C 467 -15.54 67.66 24.22
CA ASP C 467 -15.63 66.23 24.07
C ASP C 467 -14.90 65.61 25.30
N TRP C 468 -15.68 65.29 26.33
CA TRP C 468 -15.13 64.84 27.61
C TRP C 468 -14.44 63.48 27.57
N GLY C 469 -14.65 62.68 26.51
CA GLY C 469 -13.92 61.42 26.31
C GLY C 469 -12.49 61.56 25.77
N CYS C 470 -12.06 62.81 25.52
CA CYS C 470 -10.75 63.10 24.94
C CYS C 470 -9.61 63.19 25.98
N LEU C 471 -8.38 63.23 25.46
CA LEU C 471 -7.15 63.18 26.22
C LEU C 471 -6.29 64.38 26.06
N ALA C 472 -5.33 64.53 26.94
CA ALA C 472 -4.26 65.47 26.67
C ALA C 472 -3.33 64.97 25.55
N ILE C 473 -2.72 63.79 25.75
CA ILE C 473 -1.88 63.08 24.79
C ILE C 473 -2.57 61.76 24.43
N LEU C 474 -2.92 61.62 23.15
CA LEU C 474 -3.50 60.39 22.60
C LEU C 474 -2.60 59.83 21.48
N ALA C 475 -1.96 58.72 21.81
CA ALA C 475 -1.13 57.98 20.86
C ALA C 475 -1.76 56.62 20.66
N GLY C 476 -2.10 56.32 19.40
CA GLY C 476 -2.83 55.09 19.08
C GLY C 476 -1.75 54.08 18.75
N TYR C 477 -1.90 53.42 17.60
CA TYR C 477 -0.82 52.60 17.08
C TYR C 477 0.34 53.47 16.64
N VAL C 478 1.40 53.46 17.45
CA VAL C 478 2.67 54.12 17.15
C VAL C 478 3.82 53.19 17.59
N LYS C 479 5.03 53.52 17.17
CA LYS C 479 6.21 52.80 17.64
C LYS C 479 7.35 53.75 17.98
N ASP C 480 8.21 53.32 18.91
CA ASP C 480 9.37 54.12 19.37
C ASP C 480 9.04 55.54 19.80
N ILE C 481 7.86 55.72 20.37
CA ILE C 481 7.42 57.06 20.81
C ILE C 481 8.04 57.27 22.18
N ASN C 482 8.40 58.52 22.45
CA ASN C 482 8.87 58.93 23.74
C ASN C 482 8.08 60.16 24.22
N ILE C 483 7.32 59.97 25.28
CA ILE C 483 6.49 61.00 25.89
C ILE C 483 7.03 61.25 27.30
N GLU C 484 7.77 62.33 27.50
CA GLU C 484 8.48 62.49 28.74
C GLU C 484 8.47 63.91 29.26
N HIS C 485 8.45 64.03 30.59
CA HIS C 485 8.56 65.34 31.26
C HIS C 485 7.52 66.36 30.83
N ASN C 486 6.29 65.90 30.65
CA ASN C 486 5.16 66.79 30.39
C ASN C 486 4.31 66.92 31.64
N GLU C 487 3.52 67.98 31.69
CA GLU C 487 2.50 68.13 32.71
C GLU C 487 1.13 68.30 32.10
N ILE C 488 0.20 67.55 32.68
CA ILE C 488 -1.13 67.48 32.27
C ILE C 488 -1.99 67.72 33.51
N CYS C 489 -2.99 68.59 33.39
CA CYS C 489 -4.01 68.78 34.44
C CYS C 489 -5.24 69.49 33.95
N GLU C 490 -6.35 69.27 34.64
CA GLU C 490 -7.68 69.88 34.30
C GLU C 490 -8.17 69.34 32.97
N VAL C 491 -8.43 68.04 32.96
CA VAL C 491 -8.80 67.35 31.76
C VAL C 491 -9.94 66.50 32.18
N PRO C 492 -10.81 66.14 31.26
CA PRO C 492 -12.05 65.47 31.66
C PRO C 492 -11.96 63.97 31.94
N TYR C 493 -10.84 63.34 31.54
CA TYR C 493 -10.80 61.89 31.41
C TYR C 493 -9.38 61.52 31.69
N SER C 494 -8.76 60.65 30.89
CA SER C 494 -7.45 60.15 31.20
C SER C 494 -6.45 61.16 30.76
N GLY C 495 -5.24 60.98 31.25
CA GLY C 495 -4.13 61.89 31.01
C GLY C 495 -3.39 61.61 29.68
N ILE C 496 -2.71 60.47 29.65
CA ILE C 496 -1.95 59.93 28.50
C ILE C 496 -2.55 58.57 28.15
N SER C 497 -3.02 58.40 26.91
CA SER C 497 -3.52 57.10 26.38
C SER C 497 -2.51 56.65 25.31
N LEU C 498 -2.02 55.42 25.44
CA LEU C 498 -1.01 54.81 24.56
C LEU C 498 -1.48 53.46 24.06
N GLY C 499 -1.71 53.34 22.75
CA GLY C 499 -2.09 52.09 22.13
C GLY C 499 -3.51 52.04 21.69
N TRP C 500 -3.89 50.92 21.08
CA TRP C 500 -5.23 50.81 20.50
C TRP C 500 -5.48 49.38 20.16
N GLY C 501 -6.71 49.07 19.81
CA GLY C 501 -7.02 47.79 19.18
C GLY C 501 -7.60 46.71 20.06
N TRP C 502 -7.57 46.89 21.37
CA TRP C 502 -8.20 45.95 22.33
C TRP C 502 -7.78 44.49 22.08
N THR C 503 -6.50 44.29 21.78
CA THR C 503 -5.99 43.00 21.27
C THR C 503 -4.64 42.71 21.90
N GLN C 504 -4.43 41.46 22.27
CA GLN C 504 -3.08 41.00 22.64
C GLN C 504 -2.32 40.37 21.45
N THR C 505 -2.90 40.43 20.24
CA THR C 505 -2.16 40.10 19.02
C THR C 505 -1.02 41.06 18.77
N VAL C 506 0.16 40.50 18.60
CA VAL C 506 1.29 41.30 18.22
C VAL C 506 1.02 42.06 16.88
N ASN C 507 1.43 43.31 16.85
CA ASN C 507 1.07 44.24 15.79
C ASN C 507 2.28 45.15 15.50
N CYS C 508 2.04 46.38 15.01
CA CYS C 508 3.14 47.27 14.68
C CYS C 508 3.81 47.91 15.86
N MET C 509 3.09 48.00 16.98
CA MET C 509 3.58 48.74 18.18
C MET C 509 4.79 48.05 18.80
N ARG C 510 5.72 48.87 19.26
CA ARG C 510 6.89 48.39 20.04
C ARG C 510 7.65 49.61 20.51
N ASN C 511 8.46 49.41 21.55
CA ASN C 511 9.37 50.42 22.07
C ASN C 511 8.76 51.74 22.47
N ASN C 512 7.55 51.70 22.99
CA ASN C 512 6.91 52.94 23.44
C ASN C 512 7.25 53.27 24.90
N ARG C 513 7.29 54.56 25.20
CA ARG C 513 7.78 55.05 26.49
C ARG C 513 6.99 56.28 26.93
N VAL C 514 6.40 56.17 28.13
CA VAL C 514 5.76 57.25 28.85
C VAL C 514 6.52 57.43 30.19
N HIS C 515 7.33 58.48 30.28
CA HIS C 515 8.34 58.63 31.32
C HIS C 515 8.40 60.01 31.99
N ALA C 516 8.32 60.01 33.32
CA ALA C 516 8.50 61.23 34.11
C ALA C 516 7.48 62.30 33.76
N ASN C 517 6.24 61.90 33.50
CA ASN C 517 5.16 62.89 33.31
C ASN C 517 4.42 63.13 34.63
N LEU C 518 3.86 64.34 34.77
CA LEU C 518 3.16 64.75 35.98
C LEU C 518 1.75 64.95 35.56
N ILE C 519 0.84 64.18 36.16
CA ILE C 519 -0.56 64.16 35.74
C ILE C 519 -1.45 64.33 36.97
N HIS C 520 -2.34 65.33 36.94
CA HIS C 520 -3.15 65.63 38.11
C HIS C 520 -4.42 66.36 37.75
N HIS C 521 -5.44 66.29 38.60
CA HIS C 521 -6.68 67.02 38.36
C HIS C 521 -7.27 66.54 37.02
N TYR C 522 -7.39 65.23 36.92
CA TYR C 522 -7.88 64.58 35.73
C TYR C 522 -9.20 63.95 36.09
N ALA C 523 -9.87 63.38 35.09
CA ALA C 523 -11.18 62.75 35.25
C ALA C 523 -12.22 63.70 35.83
N LYS C 524 -12.11 64.95 35.40
CA LYS C 524 -13.05 65.97 35.78
C LYS C 524 -14.47 65.59 35.43
N HIS C 525 -14.71 64.82 34.38
CA HIS C 525 -16.07 64.40 34.04
C HIS C 525 -16.34 62.95 33.74
N MET C 526 -15.30 62.16 33.50
CA MET C 526 -15.51 60.78 33.02
CA MET C 526 -15.44 60.82 32.99
C MET C 526 -14.58 59.84 33.79
N TYR C 527 -15.16 58.72 34.18
CA TYR C 527 -14.44 57.64 34.87
C TYR C 527 -14.17 56.47 33.89
N ASP C 528 -13.63 55.37 34.40
CA ASP C 528 -13.07 54.30 33.59
C ASP C 528 -11.87 54.92 32.97
N VAL C 529 -10.95 55.32 33.85
CA VAL C 529 -10.01 56.37 33.59
C VAL C 529 -8.74 56.18 34.37
N ALA C 530 -7.67 56.80 33.92
CA ALA C 530 -6.41 56.78 34.63
C ALA C 530 -5.52 57.89 34.23
N GLY C 531 -4.48 58.15 35.02
CA GLY C 531 -3.43 59.07 34.62
C GLY C 531 -2.71 58.65 33.33
N VAL C 532 -2.26 57.39 33.35
CA VAL C 532 -1.66 56.72 32.20
C VAL C 532 -2.45 55.46 31.94
N TYR C 533 -2.86 55.34 30.68
CA TYR C 533 -3.71 54.29 30.18
C TYR C 533 -3.14 53.65 28.92
N THR C 534 -3.22 52.34 28.82
CA THR C 534 -2.70 51.61 27.67
C THR C 534 -3.70 50.62 27.10
N LEU C 535 -3.55 50.37 25.79
CA LEU C 535 -4.26 49.31 25.11
C LEU C 535 -3.28 48.57 24.19
N GLY C 536 -3.52 47.28 24.04
CA GLY C 536 -2.89 46.49 22.99
C GLY C 536 -1.51 46.02 23.30
N SER C 537 -1.04 45.10 22.48
CA SER C 537 0.27 44.54 22.65
C SER C 537 1.35 45.49 22.19
N GLN C 538 2.33 45.76 23.07
CA GLN C 538 3.38 46.73 22.82
C GLN C 538 4.79 46.27 23.28
N PRO C 539 5.36 45.25 22.58
CA PRO C 539 6.72 44.79 22.82
C PRO C 539 7.72 45.84 23.30
N LYS C 540 8.25 45.65 24.53
CA LYS C 540 9.35 46.43 25.10
C LYS C 540 9.03 47.93 25.32
N SER C 541 7.87 48.14 25.89
CA SER C 541 7.41 49.45 26.21
C SER C 541 7.53 49.69 27.74
N TYR C 542 7.56 50.96 28.14
CA TYR C 542 7.87 51.38 29.50
C TYR C 542 6.93 52.52 29.92
N VAL C 543 6.23 52.31 31.03
CA VAL C 543 5.63 53.41 31.78
C VAL C 543 6.39 53.62 33.10
N THR C 544 7.24 54.64 33.13
CA THR C 544 8.20 54.76 34.21
C THR C 544 8.32 56.16 34.81
N GLU C 545 8.38 56.20 36.14
CA GLU C 545 8.77 57.43 36.86
C GLU C 545 7.78 58.56 36.67
N ASN C 546 6.52 58.22 36.41
CA ASN C 546 5.48 59.22 36.28
C ASN C 546 5.01 59.57 37.71
N CYS C 547 4.27 60.67 37.80
CA CYS C 547 3.66 61.15 39.03
C CYS C 547 2.20 61.51 38.79
N VAL C 548 1.31 60.74 39.39
CA VAL C 548 -0.12 60.88 39.23
C VAL C 548 -0.77 61.15 40.59
N HIS C 549 -1.54 62.25 40.68
CA HIS C 549 -2.28 62.57 41.93
C HIS C 549 -3.53 63.40 41.71
N SER C 550 -4.32 63.55 42.75
CA SER C 550 -5.48 64.44 42.84
C SER C 550 -6.50 64.26 41.72
N ILE C 551 -7.08 63.08 41.65
CA ILE C 551 -8.17 62.88 40.73
C ILE C 551 -9.45 63.57 41.23
N TYR C 552 -10.31 63.99 40.30
CA TYR C 552 -11.62 64.60 40.60
C TYR C 552 -12.64 63.53 40.90
N LYS C 553 -13.77 63.94 41.47
CA LYS C 553 -14.84 63.02 41.85
C LYS C 553 -16.20 63.55 41.41
N PRO C 554 -16.45 63.62 40.10
CA PRO C 554 -17.75 64.04 39.62
C PRO C 554 -18.84 63.06 40.03
N GLY C 555 -20.02 63.59 40.37
CA GLY C 555 -21.11 62.84 40.96
C GLY C 555 -21.96 62.16 39.92
N TYR C 556 -21.76 62.45 38.65
CA TYR C 556 -22.63 61.87 37.61
C TYR C 556 -21.93 60.67 36.89
N VAL C 557 -20.77 60.22 37.37
CA VAL C 557 -20.08 59.08 36.76
C VAL C 557 -20.87 57.78 36.92
N HIS C 558 -20.74 56.92 35.93
CA HIS C 558 -21.43 55.62 35.91
C HIS C 558 -21.08 54.69 37.11
N ASP C 559 -19.87 54.86 37.68
CA ASP C 559 -19.41 54.05 38.81
C ASP C 559 -18.32 54.75 39.53
N PRO C 560 -18.61 55.33 40.72
CA PRO C 560 -17.63 56.15 41.44
C PRO C 560 -16.39 55.42 41.91
N ASN C 561 -16.38 54.07 41.86
CA ASN C 561 -15.14 53.25 42.12
C ASN C 561 -14.17 53.06 40.94
N HIS C 562 -14.64 53.31 39.72
CA HIS C 562 -13.96 52.85 38.53
C HIS C 562 -13.02 53.91 37.99
N TRP C 563 -12.01 54.21 38.79
CA TRP C 563 -10.99 55.17 38.49
C TRP C 563 -9.64 54.65 38.98
N PHE C 564 -8.55 55.10 38.38
CA PHE C 564 -7.24 54.55 38.69
C PHE C 564 -6.21 55.58 38.44
N TYR C 565 -5.01 55.32 38.94
CA TYR C 565 -3.87 56.12 38.59
C TYR C 565 -3.14 55.55 37.36
N LEU C 566 -3.07 54.23 37.26
CA LEU C 566 -2.40 53.53 36.17
C LEU C 566 -3.34 52.42 35.73
N TYR C 567 -3.44 52.20 34.42
CA TYR C 567 -4.48 51.29 33.91
C TYR C 567 -4.02 50.70 32.60
N THR C 568 -3.78 49.38 32.61
CA THR C 568 -3.47 48.66 31.39
C THR C 568 -4.75 47.98 30.96
N ASP C 569 -5.31 48.37 29.81
CA ASP C 569 -6.60 47.85 29.38
C ASP C 569 -6.38 46.73 28.36
N GLU C 570 -7.47 46.23 27.80
CA GLU C 570 -7.52 45.03 27.00
C GLU C 570 -6.36 44.92 25.97
N GLY C 571 -5.70 43.76 26.00
CA GLY C 571 -4.59 43.46 25.16
C GLY C 571 -3.22 43.88 25.58
N SER C 572 -3.15 44.80 26.52
CA SER C 572 -1.89 45.38 26.94
C SER C 572 -0.92 44.24 27.25
N SER C 573 0.31 44.34 26.72
CA SER C 573 1.33 43.24 26.83
C SER C 573 2.68 43.84 26.69
N PHE C 574 3.62 43.26 27.46
CA PHE C 574 5.03 43.55 27.36
C PHE C 574 5.40 44.92 27.79
N ILE C 575 4.58 45.51 28.66
CA ILE C 575 4.82 46.87 29.15
C ILE C 575 5.40 46.80 30.57
N THR C 576 6.46 47.53 30.84
CA THR C 576 7.07 47.60 32.15
C THR C 576 6.57 48.88 32.82
N VAL C 577 5.72 48.69 33.84
CA VAL C 577 5.13 49.79 34.62
C VAL C 577 5.91 49.90 35.95
N ARG C 578 6.86 50.82 36.04
CA ARG C 578 7.82 50.80 37.13
C ARG C 578 8.14 52.19 37.67
N ASP C 579 8.28 52.31 39.00
CA ASP C 579 8.77 53.53 39.69
C ASP C 579 7.85 54.72 39.47
N ASN C 580 6.57 54.47 39.37
CA ASN C 580 5.60 55.57 39.24
C ASN C 580 5.07 56.00 40.63
N TRP C 581 5.41 57.21 41.05
CA TRP C 581 4.79 57.77 42.25
C TRP C 581 3.34 57.99 41.95
N THR C 582 2.45 57.33 42.70
CA THR C 582 1.03 57.61 42.63
C THR C 582 0.52 57.87 44.07
N GLU C 583 -0.66 58.49 44.16
CA GLU C 583 -1.15 59.02 45.44
C GLU C 583 -1.48 57.89 46.41
N GLY C 584 -2.15 56.87 45.87
CA GLY C 584 -2.31 55.59 46.50
C GLY C 584 -2.11 54.48 45.47
N GLU C 585 -2.49 53.26 45.89
CA GLU C 585 -2.37 52.09 45.07
C GLU C 585 -3.72 51.80 44.55
N LYS C 586 -3.97 52.27 43.33
CA LYS C 586 -5.23 51.97 42.70
C LYS C 586 -5.00 51.81 41.20
N TYR C 587 -4.83 50.54 40.80
CA TYR C 587 -4.43 50.17 39.45
C TYR C 587 -5.40 49.17 38.92
N LEU C 588 -5.54 49.13 37.60
CA LEU C 588 -6.33 48.10 36.93
C LEU C 588 -5.51 47.47 35.80
N GLN C 589 -5.52 46.15 35.79
CA GLN C 589 -5.02 45.35 34.67
C GLN C 589 -6.22 44.58 34.19
N ASN C 590 -6.81 45.02 33.07
CA ASN C 590 -8.02 44.40 32.55
C ASN C 590 -7.82 43.71 31.22
N ALA C 591 -8.04 42.41 31.22
CA ALA C 591 -7.97 41.54 30.07
C ALA C 591 -6.63 41.67 29.31
N ASN C 592 -5.52 41.76 30.07
CA ASN C 592 -4.18 41.94 29.54
C ASN C 592 -3.68 40.68 28.88
N GLY C 593 -2.65 40.85 28.03
CA GLY C 593 -1.87 39.74 27.51
C GLY C 593 -0.68 39.55 28.40
N PRO C 594 0.32 38.77 27.94
CA PRO C 594 1.40 38.37 28.86
C PRO C 594 2.52 39.42 28.99
N GLY C 595 3.42 39.19 29.94
CA GLY C 595 4.70 39.92 30.06
C GLY C 595 4.76 41.37 30.51
N ASN C 596 3.62 41.88 30.99
CA ASN C 596 3.65 43.18 31.70
C ASN C 596 4.36 43.00 33.04
N VAL C 597 5.20 43.95 33.41
CA VAL C 597 5.96 43.93 34.65
C VAL C 597 5.50 45.14 35.42
N TRP C 598 4.98 44.91 36.63
CA TRP C 598 4.62 45.99 37.53
C TRP C 598 5.52 45.97 38.77
N GLU C 599 6.33 46.99 38.99
CA GLU C 599 7.11 47.02 40.22
C GLU C 599 7.35 48.42 40.73
N ASN C 600 7.20 48.55 42.05
CA ASN C 600 7.49 49.79 42.75
C ASN C 600 6.69 50.99 42.22
N ASN C 601 5.39 50.86 42.24
CA ASN C 601 4.46 51.96 42.01
C ASN C 601 3.66 52.27 43.30
N GLY C 602 3.58 53.54 43.63
CA GLY C 602 2.68 54.01 44.69
C GLY C 602 3.29 55.14 45.51
N PRO C 603 2.67 55.45 46.67
CA PRO C 603 3.17 56.61 47.43
C PRO C 603 4.59 56.49 47.97
N GLN C 604 5.15 55.27 47.94
CA GLN C 604 6.46 55.01 48.49
C GLN C 604 7.63 55.31 47.58
N VAL C 605 7.36 55.67 46.33
CA VAL C 605 8.44 55.86 45.38
C VAL C 605 9.32 57.03 45.85
N ASP C 606 10.63 56.86 45.74
CA ASP C 606 11.58 57.91 46.07
C ASP C 606 11.04 59.30 45.69
N THR C 607 11.05 60.19 46.67
CA THR C 607 10.75 61.61 46.51
C THR C 607 11.54 62.27 45.36
N VAL C 608 12.79 61.86 45.12
CA VAL C 608 13.56 62.44 44.03
C VAL C 608 12.87 62.24 42.66
N ILE C 609 12.18 61.11 42.53
CA ILE C 609 11.51 60.76 41.29
C ILE C 609 10.25 61.56 41.16
N ARG C 610 9.42 61.51 42.21
CA ARG C 610 8.20 62.32 42.32
C ARG C 610 8.37 63.78 41.91
N GLU C 611 9.43 64.39 42.43
CA GLU C 611 9.62 65.84 42.33
C GLU C 611 10.16 66.26 41.01
N ARG C 612 10.90 65.36 40.35
CA ARG C 612 11.36 65.69 39.00
C ARG C 612 10.38 65.34 37.86
N ALA C 613 9.31 64.58 38.12
CA ALA C 613 8.20 64.37 37.16
C ALA C 613 7.66 65.69 36.69
N GLY C 614 7.38 65.79 35.40
CA GLY C 614 6.89 67.03 34.80
C GLY C 614 7.96 67.87 34.16
N LEU C 615 7.64 69.13 33.96
CA LEU C 615 8.55 70.02 33.25
C LEU C 615 9.89 70.12 33.93
N GLU C 616 10.93 70.36 33.13
CA GLU C 616 12.31 70.52 33.62
C GLU C 616 12.66 72.02 33.68
N ALA C 617 13.72 72.36 34.41
CA ALA C 617 14.09 73.78 34.63
C ALA C 617 14.01 74.63 33.37
N GLU C 618 14.64 74.15 32.28
CA GLU C 618 14.67 74.90 30.99
C GLU C 618 13.27 75.40 30.51
N TYR C 619 12.24 74.62 30.84
CA TYR C 619 10.91 74.86 30.36
C TYR C 619 9.88 75.22 31.40
N ARG C 620 10.27 75.34 32.68
CA ARG C 620 9.31 75.73 33.75
C ARG C 620 8.65 77.11 33.52
N ASP C 621 9.35 77.98 32.79
CA ASP C 621 8.73 79.23 32.29
C ASP C 621 7.47 79.13 31.38
N LEU C 622 6.89 77.94 31.14
CA LEU C 622 5.55 77.84 30.52
C LEU C 622 4.42 78.33 31.44
N LYS C 623 4.55 78.17 32.75
CA LYS C 623 3.51 78.61 33.70
C LYS C 623 3.71 80.07 34.12
N ALA D 24 -26.80 29.99 -4.90
CA ALA D 24 -26.53 31.16 -3.98
C ALA D 24 -27.66 31.38 -2.98
N GLY D 25 -27.31 31.50 -1.70
CA GLY D 25 -28.26 31.92 -0.67
C GLY D 25 -28.73 33.33 -0.97
N GLU D 26 -30.00 33.63 -0.66
CA GLU D 26 -30.63 34.88 -1.08
C GLU D 26 -30.99 35.68 0.15
N ILE D 27 -30.73 36.99 0.08
CA ILE D 27 -31.17 37.95 1.08
C ILE D 27 -32.05 38.98 0.33
N TRP D 28 -33.22 39.26 0.89
CA TRP D 28 -34.29 39.96 0.17
C TRP D 28 -34.48 41.35 0.74
N ILE D 29 -34.64 42.33 -0.13
CA ILE D 29 -34.90 43.68 0.32
C ILE D 29 -36.14 44.17 -0.35
N SER D 30 -36.94 44.94 0.39
CA SER D 30 -38.16 45.53 -0.13
C SER D 30 -38.44 46.92 0.44
N PRO D 31 -39.10 47.80 -0.35
CA PRO D 31 -39.61 49.03 0.27
C PRO D 31 -40.52 48.80 1.46
N GLN D 32 -41.16 47.63 1.53
CA GLN D 32 -42.10 47.28 2.61
C GLN D 32 -41.42 46.41 3.65
N GLY D 33 -40.11 46.16 3.52
CA GLY D 33 -39.43 45.25 4.41
C GLY D 33 -39.13 45.95 5.71
N ASN D 34 -38.34 45.28 6.55
CA ASN D 34 -37.95 45.81 7.84
C ASN D 34 -36.60 45.20 8.22
N ASP D 35 -35.70 46.05 8.74
CA ASP D 35 -34.33 45.61 9.00
C ASP D 35 -34.23 44.66 10.21
N LEU D 36 -35.27 44.56 11.02
CA LEU D 36 -35.35 43.53 12.06
C LEU D 36 -35.61 42.11 11.54
N ASN D 37 -36.10 41.99 10.30
CA ASN D 37 -36.37 40.67 9.70
C ASN D 37 -35.09 39.92 9.31
N ASP D 38 -35.23 38.64 8.99
CA ASP D 38 -34.08 37.84 8.67
C ASP D 38 -33.69 37.91 7.18
N GLY D 39 -34.47 38.60 6.35
CA GLY D 39 -34.14 38.83 4.97
C GLY D 39 -34.35 37.64 4.06
N THR D 40 -35.12 36.66 4.48
CA THR D 40 -35.63 35.65 3.56
C THR D 40 -36.73 36.30 2.71
N ARG D 41 -37.06 35.68 1.60
CA ARG D 41 -38.15 36.15 0.72
C ARG D 41 -39.46 36.54 1.46
N PRO D 42 -39.93 35.68 2.41
CA PRO D 42 -41.09 35.99 3.25
C PRO D 42 -40.95 37.22 4.15
N SER D 43 -39.73 37.50 4.56
CA SER D 43 -39.47 38.51 5.56
C SER D 43 -38.26 39.35 5.07
N PRO D 44 -38.46 40.18 4.03
CA PRO D 44 -37.34 40.96 3.47
C PRO D 44 -36.81 42.07 4.40
N LYS D 45 -35.57 42.50 4.15
CA LYS D 45 -35.02 43.70 4.79
C LYS D 45 -35.65 44.97 4.18
N ALA D 46 -35.41 46.08 4.86
CA ALA D 46 -35.71 47.41 4.33
C ALA D 46 -34.50 48.05 3.61
N THR D 47 -33.27 47.84 4.08
CA THR D 47 -32.10 48.54 3.49
C THR D 47 -30.97 47.62 3.03
N LEU D 48 -30.22 48.08 2.04
CA LEU D 48 -28.97 47.45 1.64
C LEU D 48 -27.97 47.35 2.75
N THR D 49 -27.83 48.41 3.55
CA THR D 49 -26.92 48.35 4.70
C THR D 49 -27.16 47.10 5.54
N SER D 50 -28.41 46.89 5.89
CA SER D 50 -28.78 45.79 6.78
C SER D 50 -28.62 44.42 6.08
N ALA D 51 -29.06 44.34 4.83
CA ALA D 51 -28.84 43.14 4.03
C ALA D 51 -27.36 42.76 3.91
N LEU D 52 -26.51 43.74 3.63
CA LEU D 52 -25.05 43.55 3.60
C LEU D 52 -24.51 43.05 4.88
N ARG D 53 -25.00 43.65 5.96
CA ARG D 53 -24.57 43.26 7.27
C ARG D 53 -24.93 41.77 7.53
N GLN D 54 -26.10 41.34 7.10
CA GLN D 54 -26.45 39.94 7.29
C GLN D 54 -25.60 39.03 6.45
N ALA D 55 -25.36 39.41 5.18
CA ALA D 55 -24.37 38.70 4.37
C ALA D 55 -23.00 38.60 5.08
N ARG D 56 -22.60 39.65 5.78
CA ARG D 56 -21.34 39.73 6.47
C ARG D 56 -21.31 38.71 7.62
N GLU D 57 -22.44 38.57 8.27
CA GLU D 57 -22.61 37.62 9.38
C GLU D 57 -22.60 36.17 8.93
N TRP D 58 -23.26 35.89 7.81
CA TRP D 58 -23.17 34.59 7.15
C TRP D 58 -21.75 34.21 6.82
N ARG D 59 -20.99 35.13 6.23
CA ARG D 59 -19.60 34.88 5.87
C ARG D 59 -18.76 34.67 7.11
N ARG D 60 -18.97 35.47 8.15
CA ARG D 60 -18.21 35.39 9.39
C ARG D 60 -18.38 34.05 10.13
N THR D 61 -19.60 33.51 10.13
CA THR D 61 -19.92 32.28 10.87
C THR D 61 -19.86 31.05 9.97
N ASP D 62 -19.34 31.17 8.73
CA ASP D 62 -19.25 30.08 7.75
C ASP D 62 -20.57 29.37 7.51
N ASP D 63 -21.67 30.14 7.53
CA ASP D 63 -23.00 29.65 7.21
C ASP D 63 -22.99 28.93 5.86
N GLU D 64 -23.80 27.88 5.76
CA GLU D 64 -23.78 27.01 4.60
C GLU D 64 -24.35 27.69 3.37
N ARG D 65 -25.19 28.69 3.60
CA ARG D 65 -25.81 29.46 2.52
C ARG D 65 -24.84 30.30 1.66
N VAL D 66 -23.61 30.49 2.18
CA VAL D 66 -22.54 31.16 1.45
C VAL D 66 -22.11 30.38 0.22
N ARG D 67 -22.20 29.04 0.26
CA ARG D 67 -21.53 28.17 -0.73
C ARG D 67 -21.60 28.56 -2.23
N GLY D 68 -22.77 28.87 -2.76
CA GLY D 68 -22.79 29.25 -4.19
C GLY D 68 -22.60 30.74 -4.49
N GLY D 69 -22.32 31.53 -3.46
CA GLY D 69 -22.49 32.98 -3.53
C GLY D 69 -23.62 33.43 -2.63
N ILE D 70 -23.68 34.74 -2.42
CA ILE D 70 -24.82 35.39 -1.75
C ILE D 70 -25.37 36.39 -2.74
N THR D 71 -26.66 36.29 -2.99
CA THR D 71 -27.34 37.19 -3.86
C THR D 71 -28.26 38.03 -3.03
N ILE D 72 -28.02 39.35 -3.02
CA ILE D 72 -28.90 40.28 -2.37
C ILE D 72 -29.87 40.75 -3.44
N CYS D 73 -31.16 40.44 -3.22
CA CYS D 73 -32.28 40.64 -4.15
C CYS D 73 -33.11 41.81 -3.69
N MET D 74 -33.31 42.78 -4.56
CA MET D 74 -34.07 43.96 -4.18
C MET D 74 -35.36 44.04 -4.99
N GLU D 75 -36.47 44.21 -4.30
CA GLU D 75 -37.75 44.41 -4.99
C GLU D 75 -37.78 45.76 -5.65
N GLY D 76 -38.51 45.85 -6.75
CA GLY D 76 -38.63 47.08 -7.53
C GLY D 76 -39.10 48.20 -6.64
N GLY D 77 -38.60 49.41 -6.90
CA GLY D 77 -38.91 50.60 -6.10
C GLY D 77 -37.69 51.53 -6.02
N THR D 78 -37.84 52.57 -5.22
CA THR D 78 -36.81 53.56 -5.00
C THR D 78 -36.39 53.44 -3.54
N TYR D 79 -35.09 53.27 -3.31
CA TYR D 79 -34.53 53.19 -1.97
C TYR D 79 -33.70 54.46 -1.69
N ALA D 80 -34.14 55.23 -0.69
CA ALA D 80 -33.57 56.52 -0.38
C ALA D 80 -32.48 56.32 0.67
N LEU D 81 -31.33 56.94 0.46
CA LEU D 81 -30.13 56.77 1.30
C LEU D 81 -29.80 58.12 1.94
N TYR D 82 -29.50 58.15 3.22
CA TYR D 82 -29.03 59.38 3.89
C TYR D 82 -27.55 59.31 4.16
N GLU D 83 -26.93 58.18 3.80
CA GLU D 83 -25.50 57.99 3.97
C GLU D 83 -25.04 56.89 3.01
N PRO D 84 -23.72 56.82 2.72
CA PRO D 84 -23.35 55.79 1.77
C PRO D 84 -23.50 54.41 2.39
N VAL D 85 -23.78 53.45 1.51
CA VAL D 85 -23.65 52.03 1.85
C VAL D 85 -22.14 51.72 1.76
N PHE D 86 -21.58 51.32 2.88
CA PHE D 86 -20.16 51.05 3.04
C PHE D 86 -19.88 49.54 2.88
N ILE D 87 -19.22 49.17 1.78
CA ILE D 87 -18.85 47.79 1.49
C ILE D 87 -17.38 47.65 1.77
N ARG D 88 -17.04 46.74 2.68
CA ARG D 88 -15.79 46.76 3.44
C ARG D 88 -15.16 45.37 3.32
N PRO D 89 -13.93 45.21 3.80
CA PRO D 89 -13.18 43.97 3.54
C PRO D 89 -13.90 42.71 4.01
N GLU D 90 -14.58 42.83 5.14
CA GLU D 90 -15.42 41.75 5.69
C GLU D 90 -16.58 41.29 4.78
N ASP D 91 -17.00 42.17 3.87
CA ASP D 91 -18.03 41.84 2.88
C ASP D 91 -17.49 41.06 1.67
N SER D 92 -16.17 40.87 1.59
CA SER D 92 -15.54 40.20 0.47
C SER D 92 -16.13 38.82 0.18
N GLY D 93 -16.32 38.54 -1.09
CA GLY D 93 -16.61 37.19 -1.57
C GLY D 93 -15.37 36.53 -2.10
N THR D 94 -15.57 35.47 -2.87
CA THR D 94 -14.55 34.78 -3.62
C THR D 94 -15.10 34.54 -5.01
N GLU D 95 -14.26 34.05 -5.91
CA GLU D 95 -14.72 33.73 -7.25
C GLU D 95 -15.90 32.75 -7.24
N ASP D 96 -15.81 31.71 -6.40
CA ASP D 96 -16.94 30.75 -6.24
C ASP D 96 -18.11 31.29 -5.43
N SER D 97 -17.84 32.19 -4.49
CA SER D 97 -18.91 32.75 -3.66
C SER D 97 -18.95 34.28 -3.72
N PRO D 98 -19.37 34.85 -4.84
CA PRO D 98 -19.47 36.32 -4.95
C PRO D 98 -20.67 36.84 -4.22
N THR D 99 -20.64 38.13 -3.86
CA THR D 99 -21.83 38.80 -3.43
C THR D 99 -22.34 39.58 -4.63
N VAL D 100 -23.59 39.31 -5.01
CA VAL D 100 -24.21 39.96 -6.12
C VAL D 100 -25.42 40.72 -5.58
N ILE D 101 -25.54 41.97 -6.01
CA ILE D 101 -26.63 42.84 -5.65
C ILE D 101 -27.37 43.16 -6.96
N ARG D 102 -28.67 42.85 -6.98
CA ARG D 102 -29.48 42.95 -8.19
C ARG D 102 -30.97 43.10 -7.85
N PRO D 103 -31.76 43.43 -8.86
CA PRO D 103 -33.20 43.35 -8.68
C PRO D 103 -33.74 41.92 -8.65
N VAL D 104 -34.88 41.77 -7.99
CA VAL D 104 -35.76 40.63 -8.22
C VAL D 104 -36.25 40.62 -9.68
N ALA D 105 -36.05 39.50 -10.35
CA ALA D 105 -36.52 39.30 -11.71
C ALA D 105 -36.18 40.56 -12.52
N ASP D 106 -37.14 41.12 -13.24
CA ASP D 106 -36.86 42.30 -14.08
C ASP D 106 -37.55 43.54 -13.54
N GLU D 107 -37.64 43.65 -12.21
CA GLU D 107 -38.17 44.85 -11.55
C GLU D 107 -37.14 46.01 -11.61
N LYS D 108 -37.60 47.25 -11.64
CA LYS D 108 -36.72 48.42 -11.67
C LYS D 108 -36.34 48.92 -10.24
N VAL D 109 -35.03 48.97 -9.98
CA VAL D 109 -34.52 49.36 -8.66
C VAL D 109 -33.65 50.59 -8.82
N VAL D 110 -33.98 51.65 -8.05
CA VAL D 110 -33.24 52.91 -8.00
C VAL D 110 -32.70 53.13 -6.61
N LEU D 111 -31.40 53.36 -6.48
CA LEU D 111 -30.82 53.81 -5.18
C LEU D 111 -30.65 55.30 -5.37
N SER D 112 -31.28 56.08 -4.49
CA SER D 112 -31.35 57.50 -4.67
C SER D 112 -30.69 58.23 -3.52
N GLY D 113 -29.85 59.20 -3.83
CA GLY D 113 -29.26 60.03 -2.80
C GLY D 113 -30.05 61.30 -2.58
N GLY D 114 -31.31 61.35 -3.03
CA GLY D 114 -32.09 62.59 -2.99
C GLY D 114 -33.30 62.57 -2.08
N ILE D 115 -34.04 63.67 -2.11
CA ILE D 115 -35.32 63.75 -1.44
C ILE D 115 -36.35 64.50 -2.29
N ARG D 116 -37.62 64.21 -1.99
CA ARG D 116 -38.75 64.78 -2.67
C ARG D 116 -39.09 66.09 -1.99
N ILE D 117 -39.47 67.09 -2.78
CA ILE D 117 -39.97 68.38 -2.27
C ILE D 117 -41.44 68.49 -2.59
N GLY D 118 -42.25 68.69 -1.54
CA GLY D 118 -43.71 68.83 -1.69
C GLY D 118 -44.15 70.18 -1.15
N GLY D 119 -45.45 70.31 -0.90
CA GLY D 119 -46.05 71.56 -0.37
C GLY D 119 -45.88 72.75 -1.29
N TRP D 120 -46.01 72.53 -2.57
CA TRP D 120 -45.76 73.61 -3.52
C TRP D 120 -46.97 74.54 -3.50
N LYS D 121 -46.75 75.85 -3.53
CA LYS D 121 -47.85 76.84 -3.52
C LYS D 121 -47.62 77.89 -4.59
N LYS D 122 -48.70 78.28 -5.26
CA LYS D 122 -48.62 79.25 -6.37
C LYS D 122 -48.34 80.65 -5.83
N GLN D 123 -47.51 81.36 -6.55
CA GLN D 123 -47.20 82.74 -6.29
C GLN D 123 -46.87 83.30 -7.70
N GLY D 124 -47.93 83.61 -8.44
CA GLY D 124 -47.83 84.11 -9.80
C GLY D 124 -47.58 83.00 -10.80
N LYS D 125 -46.67 83.27 -11.73
CA LYS D 125 -46.18 82.28 -12.65
C LYS D 125 -45.27 81.25 -11.97
N LEU D 126 -44.67 81.65 -10.83
CA LEU D 126 -43.81 80.77 -10.07
C LEU D 126 -44.54 80.01 -9.00
N TRP D 127 -43.94 78.89 -8.60
CA TRP D 127 -44.35 78.15 -7.41
C TRP D 127 -43.18 78.11 -6.43
N VAL D 128 -43.51 77.93 -5.16
CA VAL D 128 -42.54 78.01 -4.09
C VAL D 128 -42.85 76.89 -3.09
N ALA D 129 -41.80 76.34 -2.50
CA ALA D 129 -41.92 75.33 -1.44
C ALA D 129 -40.83 75.57 -0.43
N ASP D 130 -41.10 75.23 0.84
CA ASP D 130 -40.11 75.18 1.91
C ASP D 130 -39.21 73.96 1.72
N VAL D 131 -37.90 74.14 1.86
CA VAL D 131 -36.95 73.01 1.69
C VAL D 131 -36.87 72.32 3.02
N PRO D 132 -37.24 71.02 3.08
CA PRO D 132 -37.08 70.34 4.38
C PRO D 132 -35.59 70.26 4.84
N MET D 133 -35.45 70.15 6.14
CA MET D 133 -34.22 69.77 6.81
C MET D 133 -33.83 68.38 6.27
N PHE D 134 -32.54 68.15 6.18
CA PHE D 134 -31.99 66.85 5.81
C PHE D 134 -30.88 66.51 6.79
N ASN D 135 -30.92 65.29 7.36
CA ASN D 135 -29.96 64.90 8.40
C ASN D 135 -29.73 66.02 9.46
N GLY D 136 -30.80 66.62 9.94
CA GLY D 136 -30.68 67.59 11.04
C GLY D 136 -30.31 69.01 10.67
N ARG D 137 -30.08 69.29 9.38
CA ARG D 137 -29.61 70.61 8.93
C ARG D 137 -30.30 71.10 7.68
N PRO D 138 -30.19 72.42 7.42
CA PRO D 138 -30.72 72.93 6.14
C PRO D 138 -30.02 72.28 4.96
N LEU D 139 -30.77 71.97 3.92
CA LEU D 139 -30.26 71.38 2.71
C LEU D 139 -30.15 72.42 1.61
N ASP D 140 -28.98 72.49 0.96
CA ASP D 140 -28.85 73.17 -0.30
C ASP D 140 -28.47 72.15 -1.38
N PHE D 141 -28.60 72.57 -2.64
CA PHE D 141 -28.47 71.71 -3.80
C PHE D 141 -28.20 72.54 -5.06
N ARG D 142 -27.54 71.89 -6.02
CA ARG D 142 -27.14 72.50 -7.28
C ARG D 142 -27.91 71.90 -8.49
N GLN D 143 -28.65 70.85 -8.26
CA GLN D 143 -29.51 70.27 -9.26
C GLN D 143 -30.89 70.10 -8.71
N LEU D 144 -31.86 70.02 -9.62
CA LEU D 144 -33.25 69.68 -9.29
C LEU D 144 -33.92 68.98 -10.48
N TRP D 145 -34.68 67.95 -10.20
CA TRP D 145 -35.26 67.09 -11.23
C TRP D 145 -36.79 67.03 -11.04
N VAL D 146 -37.55 67.20 -12.12
CA VAL D 146 -39.03 67.12 -12.06
C VAL D 146 -39.48 65.98 -12.99
N ASN D 147 -40.09 64.95 -12.41
CA ASN D 147 -40.49 63.75 -13.16
C ASN D 147 -39.39 63.16 -13.98
N GLY D 148 -38.23 63.01 -13.37
CA GLY D 148 -37.08 62.46 -14.08
C GLY D 148 -36.44 63.34 -15.12
N LYS D 149 -36.78 64.63 -15.18
CA LYS D 149 -36.20 65.53 -16.16
C LYS D 149 -35.58 66.72 -15.46
N LYS D 150 -34.35 67.02 -15.84
CA LYS D 150 -33.55 67.99 -15.11
C LYS D 150 -34.10 69.40 -15.36
N ALA D 151 -34.34 70.13 -14.29
CA ALA D 151 -34.68 71.55 -14.37
C ALA D 151 -33.39 72.38 -14.59
N VAL D 152 -33.55 73.70 -14.77
CA VAL D 152 -32.43 74.58 -15.10
C VAL D 152 -32.16 75.50 -13.96
N ARG D 153 -30.95 75.41 -13.39
CA ARG D 153 -30.58 76.27 -12.28
C ARG D 153 -30.54 77.71 -12.83
N ALA D 154 -31.44 78.55 -12.33
CA ALA D 154 -31.72 79.85 -12.96
C ALA D 154 -30.45 80.56 -13.41
N ARG D 155 -30.44 80.98 -14.67
CA ARG D 155 -29.28 81.66 -15.28
C ARG D 155 -29.70 82.83 -16.24
N ASP D 156 -28.74 83.66 -16.63
CA ASP D 156 -29.06 84.86 -17.39
C ASP D 156 -29.50 84.62 -18.85
N VAL D 157 -28.83 83.73 -19.57
CA VAL D 157 -29.18 83.36 -20.96
C VAL D 157 -29.51 81.90 -21.08
N GLU D 158 -30.51 81.59 -21.89
CA GLU D 158 -30.93 80.22 -22.14
C GLU D 158 -30.01 79.59 -23.16
N ASP D 159 -29.76 80.32 -24.23
CA ASP D 159 -28.97 79.85 -25.35
C ASP D 159 -27.54 80.26 -25.09
N PHE D 160 -26.64 79.29 -24.94
CA PHE D 160 -25.26 79.61 -24.57
C PHE D 160 -24.54 80.39 -25.64
N GLU D 161 -24.98 80.29 -26.91
CA GLU D 161 -24.42 81.14 -27.93
C GLU D 161 -24.60 82.64 -27.64
N LYS D 162 -25.61 83.01 -26.85
CA LYS D 162 -25.85 84.44 -26.51
C LYS D 162 -25.07 84.95 -25.30
N MET D 163 -24.13 84.17 -24.78
CA MET D 163 -23.45 84.56 -23.55
C MET D 163 -22.67 85.85 -23.77
N ASN D 164 -22.58 86.69 -22.73
CA ASN D 164 -21.69 87.87 -22.79
C ASN D 164 -20.28 87.44 -22.70
N ARG D 165 -19.37 88.32 -23.15
CA ARG D 165 -17.95 88.08 -23.04
C ARG D 165 -17.30 89.05 -22.05
N ILE D 166 -16.18 88.63 -21.47
CA ILE D 166 -15.45 89.48 -20.53
C ILE D 166 -14.78 90.62 -21.29
N CYS D 167 -14.36 91.66 -20.58
CA CYS D 167 -13.58 92.77 -21.17
C CYS D 167 -12.09 92.68 -20.87
N SER D 168 -11.73 92.47 -19.60
CA SER D 168 -10.30 92.36 -19.25
C SER D 168 -10.12 91.70 -17.88
N VAL D 169 -8.87 91.41 -17.58
CA VAL D 169 -8.48 90.76 -16.34
C VAL D 169 -7.38 91.59 -15.65
N ASP D 170 -7.61 91.90 -14.38
CA ASP D 170 -6.62 92.53 -13.52
C ASP D 170 -6.22 91.50 -12.45
N GLU D 171 -5.08 90.86 -12.71
CA GLU D 171 -4.54 89.80 -11.88
C GLU D 171 -4.10 90.33 -10.51
N LYS D 172 -3.50 91.51 -10.51
CA LYS D 172 -2.88 92.09 -9.35
C LYS D 172 -3.94 92.35 -8.33
N ASN D 173 -5.10 92.83 -8.78
CA ASN D 173 -6.20 93.18 -7.91
C ASN D 173 -7.31 92.16 -7.85
N GLU D 174 -7.22 91.04 -8.60
CA GLU D 174 -8.30 90.03 -8.57
C GLU D 174 -9.67 90.64 -8.95
N ILE D 175 -9.66 91.38 -10.05
CA ILE D 175 -10.85 91.91 -10.63
C ILE D 175 -11.04 91.34 -12.03
N LEU D 176 -12.26 90.93 -12.33
CA LEU D 176 -12.62 90.65 -13.70
C LEU D 176 -13.57 91.73 -14.20
N TYR D 177 -13.22 92.37 -15.33
CA TYR D 177 -14.08 93.40 -15.91
C TYR D 177 -14.95 92.75 -16.98
N VAL D 178 -16.24 92.97 -16.87
CA VAL D 178 -17.24 92.49 -17.82
C VAL D 178 -18.10 93.71 -18.19
N PRO D 179 -18.96 93.59 -19.21
CA PRO D 179 -19.83 94.69 -19.56
C PRO D 179 -20.93 94.85 -18.54
N ALA D 180 -21.18 96.11 -18.18
CA ALA D 180 -22.17 96.42 -17.17
C ALA D 180 -23.55 95.93 -17.54
N VAL D 181 -23.92 95.95 -18.83
CA VAL D 181 -25.23 95.41 -19.27
C VAL D 181 -25.43 93.94 -18.84
N ALA D 182 -24.34 93.16 -18.77
CA ALA D 182 -24.44 91.74 -18.38
C ALA D 182 -24.99 91.49 -16.96
N ILE D 183 -24.66 92.42 -16.03
CA ILE D 183 -24.86 92.23 -14.57
C ILE D 183 -25.85 93.20 -13.93
N ARG D 184 -26.50 94.05 -14.71
CA ARG D 184 -27.48 95.02 -14.15
C ARG D 184 -28.65 94.34 -13.41
N ARG D 185 -29.04 93.17 -13.89
CA ARG D 185 -29.99 92.28 -13.21
C ARG D 185 -29.62 92.07 -11.74
N LEU D 186 -28.33 92.03 -11.45
CA LEU D 186 -27.83 91.60 -10.15
C LEU D 186 -27.53 92.71 -9.14
N VAL D 187 -27.67 93.98 -9.52
CA VAL D 187 -27.28 95.10 -8.63
C VAL D 187 -28.48 95.96 -8.30
N ASP D 188 -28.42 96.65 -7.17
CA ASP D 188 -29.56 97.50 -6.69
C ASP D 188 -29.45 98.89 -7.36
N GLY D 189 -30.30 99.85 -6.96
CA GLY D 189 -30.20 101.24 -7.47
C GLY D 189 -28.84 101.92 -7.29
N LYS D 190 -28.15 101.62 -6.20
CA LYS D 190 -26.81 102.18 -5.97
C LYS D 190 -25.67 101.40 -6.64
N GLY D 191 -25.99 100.41 -7.51
CA GLY D 191 -24.97 99.60 -8.20
C GLY D 191 -24.13 98.66 -7.31
N ALA D 192 -24.70 98.24 -6.18
CA ALA D 192 -24.10 97.18 -5.34
C ALA D 192 -24.80 95.85 -5.60
N LEU D 193 -24.03 94.75 -5.48
CA LEU D 193 -24.61 93.40 -5.59
C LEU D 193 -25.78 93.22 -4.63
N LYS D 194 -26.88 92.76 -5.19
CA LYS D 194 -28.12 92.48 -4.48
C LYS D 194 -28.47 90.97 -4.53
N ALA D 195 -27.87 90.22 -5.45
CA ALA D 195 -28.01 88.79 -5.51
C ALA D 195 -26.83 88.20 -4.72
N LYS D 196 -27.06 88.04 -3.41
CA LYS D 196 -26.08 87.62 -2.43
C LYS D 196 -25.24 86.40 -2.77
N TYR D 197 -25.81 85.40 -3.41
CA TYR D 197 -25.06 84.16 -3.74
C TYR D 197 -24.80 83.93 -5.22
N ALA D 198 -24.87 85.01 -6.01
CA ALA D 198 -24.64 84.90 -7.43
C ALA D 198 -23.30 84.27 -7.82
N GLU D 199 -23.38 83.48 -8.87
CA GLU D 199 -22.25 82.75 -9.40
C GLU D 199 -22.03 83.02 -10.88
N MET D 200 -20.77 83.22 -11.26
CA MET D 200 -20.34 83.27 -12.65
C MET D 200 -19.70 81.94 -13.03
N VAL D 201 -20.12 81.42 -14.18
CA VAL D 201 -19.48 80.27 -14.81
C VAL D 201 -18.71 80.81 -15.99
N LEU D 202 -17.38 80.75 -15.89
CA LEU D 202 -16.47 81.32 -16.85
C LEU D 202 -15.79 80.29 -17.73
N HIS D 203 -15.87 80.54 -19.02
CA HIS D 203 -15.44 79.64 -20.05
C HIS D 203 -14.03 80.03 -20.36
N GLN D 204 -13.07 79.16 -20.08
CA GLN D 204 -11.67 79.54 -20.24
C GLN D 204 -10.82 78.44 -20.85
N MET D 205 -10.58 78.58 -22.16
CA MET D 205 -9.86 77.57 -22.94
C MET D 205 -10.58 76.21 -22.84
N TRP D 206 -10.00 75.25 -22.13
CA TRP D 206 -10.56 73.90 -22.09
C TRP D 206 -11.33 73.56 -20.81
N CYS D 207 -11.55 74.55 -19.94
CA CYS D 207 -12.31 74.37 -18.69
C CYS D 207 -13.30 75.48 -18.49
N VAL D 208 -14.36 75.19 -17.73
CA VAL D 208 -15.09 76.26 -17.04
C VAL D 208 -14.53 76.44 -15.60
N ALA D 209 -14.70 77.64 -15.04
CA ALA D 209 -14.54 77.88 -13.59
C ALA D 209 -15.83 78.39 -12.98
N ASN D 210 -16.12 77.98 -11.74
CA ASN D 210 -17.29 78.45 -10.98
C ASN D 210 -16.79 79.42 -9.93
N LEU D 211 -17.16 80.69 -10.12
CA LEU D 211 -16.59 81.83 -9.36
C LEU D 211 -17.72 82.58 -8.72
N ARG D 212 -17.78 82.55 -7.38
CA ARG D 212 -18.93 83.08 -6.69
C ARG D 212 -18.66 84.56 -6.48
N ILE D 213 -19.65 85.38 -6.81
CA ILE D 213 -19.51 86.82 -6.88
C ILE D 213 -19.61 87.44 -5.47
N ARG D 214 -18.57 88.15 -5.07
CA ARG D 214 -18.51 88.84 -3.77
C ARG D 214 -18.97 90.31 -3.88
N SER D 215 -18.50 91.03 -4.89
CA SER D 215 -19.06 92.39 -5.14
C SER D 215 -19.01 92.79 -6.61
N VAL D 216 -19.74 93.86 -6.92
CA VAL D 216 -19.83 94.47 -8.24
C VAL D 216 -19.66 95.99 -8.06
N GLU D 217 -18.75 96.57 -8.82
CA GLU D 217 -18.55 98.00 -8.83
C GLU D 217 -18.66 98.45 -10.27
N LEU D 218 -19.67 99.26 -10.57
CA LEU D 218 -19.84 99.86 -11.89
C LEU D 218 -18.68 100.77 -12.22
N ALA D 219 -18.11 100.60 -13.40
CA ALA D 219 -17.00 101.41 -13.89
C ALA D 219 -17.41 101.97 -15.28
N GLY D 220 -18.47 102.80 -15.31
CA GLY D 220 -18.98 103.37 -16.53
C GLY D 220 -19.77 102.35 -17.32
N ASP D 221 -19.25 101.94 -18.46
CA ASP D 221 -19.89 100.87 -19.27
C ASP D 221 -19.42 99.47 -18.85
N SER D 222 -18.40 99.40 -18.02
CA SER D 222 -17.82 98.14 -17.48
C SER D 222 -18.21 97.94 -16.04
N ALA D 223 -18.11 96.71 -15.56
CA ALA D 223 -18.33 96.41 -14.13
C ALA D 223 -17.13 95.61 -13.63
N ALA D 224 -16.64 96.00 -12.45
CA ALA D 224 -15.52 95.33 -11.81
C ALA D 224 -16.15 94.26 -10.95
N ILE D 225 -15.81 93.02 -11.27
CA ILE D 225 -16.39 91.88 -10.59
C ILE D 225 -15.30 91.34 -9.68
N ARG D 226 -15.63 91.20 -8.41
CA ARG D 226 -14.74 90.54 -7.45
C ARG D 226 -15.41 89.26 -6.93
N PHE D 227 -14.59 88.25 -6.66
CA PHE D 227 -15.07 86.92 -6.32
C PHE D 227 -14.68 86.53 -4.87
N HIS D 228 -15.45 85.65 -4.27
CA HIS D 228 -15.13 85.12 -2.94
C HIS D 228 -13.84 84.27 -2.96
N GLN D 229 -13.23 84.18 -1.77
CA GLN D 229 -12.23 83.16 -1.45
C GLN D 229 -12.91 81.85 -1.08
N PRO D 230 -12.25 80.70 -1.26
CA PRO D 230 -10.89 80.55 -1.76
C PRO D 230 -10.69 80.62 -3.26
N GLU D 231 -11.73 80.62 -4.08
CA GLU D 231 -11.49 80.56 -5.55
C GLU D 231 -10.76 81.77 -6.16
N SER D 232 -10.97 82.95 -5.59
CA SER D 232 -10.43 84.16 -6.20
C SER D 232 -8.91 84.09 -6.33
N ARG D 233 -8.20 83.74 -5.25
CA ARG D 233 -6.76 83.66 -5.31
C ARG D 233 -6.38 82.70 -6.45
N ILE D 234 -6.99 81.52 -6.47
CA ILE D 234 -6.54 80.48 -7.40
C ILE D 234 -6.88 80.86 -8.84
N GLN D 235 -8.07 81.42 -9.04
CA GLN D 235 -8.52 81.82 -10.36
C GLN D 235 -7.56 82.82 -11.00
N PHE D 236 -7.15 83.82 -10.25
CA PHE D 236 -6.36 84.89 -10.83
C PHE D 236 -4.89 84.53 -11.00
N GLU D 237 -4.34 83.70 -10.14
CA GLU D 237 -2.91 83.39 -10.27
C GLU D 237 -2.56 82.15 -11.11
N HIS D 238 -3.51 81.25 -11.36
CA HIS D 238 -3.16 80.03 -12.10
C HIS D 238 -3.05 80.34 -13.62
N PRO D 239 -1.93 79.97 -14.25
CA PRO D 239 -1.72 80.34 -15.65
C PRO D 239 -2.50 79.55 -16.70
N TRP D 240 -2.86 78.30 -16.39
CA TRP D 240 -3.44 77.39 -17.35
C TRP D 240 -4.57 76.56 -16.77
N PRO D 241 -5.74 76.55 -17.39
CA PRO D 241 -6.13 77.51 -18.43
C PRO D 241 -6.40 78.88 -17.80
N ARG D 242 -6.46 79.93 -18.61
CA ARG D 242 -6.80 81.26 -18.13
C ARG D 242 -7.72 81.97 -19.09
N PRO D 243 -8.36 83.06 -18.62
CA PRO D 243 -9.40 83.68 -19.47
C PRO D 243 -8.82 84.29 -20.77
N MET D 244 -9.60 84.25 -21.86
CA MET D 244 -9.15 84.80 -23.15
C MET D 244 -9.47 86.29 -23.20
N VAL D 245 -8.46 87.08 -23.49
CA VAL D 245 -8.63 88.48 -23.76
C VAL D 245 -7.89 88.77 -25.05
N THR D 246 -8.64 89.19 -26.07
CA THR D 246 -8.17 89.15 -27.44
C THR D 246 -8.58 90.42 -28.17
N THR D 247 -7.93 90.69 -29.31
CA THR D 247 -8.36 91.77 -30.24
C THR D 247 -9.38 91.30 -31.30
N ASP D 248 -9.56 89.98 -31.45
CA ASP D 248 -10.27 89.41 -32.60
C ASP D 248 -11.62 88.71 -32.34
N GLY D 249 -12.35 89.11 -31.31
CA GLY D 249 -13.70 88.56 -31.02
C GLY D 249 -13.76 87.20 -30.27
N HIS D 250 -12.66 86.79 -29.63
CA HIS D 250 -12.59 85.48 -28.89
C HIS D 250 -12.38 85.58 -27.36
N ASN D 251 -12.99 86.62 -26.75
CA ASN D 251 -12.84 86.81 -25.33
C ASN D 251 -13.67 85.72 -24.67
N SER D 252 -13.26 85.36 -23.46
CA SER D 252 -14.01 84.35 -22.70
C SER D 252 -15.45 84.75 -22.48
N ALA D 253 -16.35 83.84 -22.80
CA ALA D 253 -17.73 83.93 -22.44
C ALA D 253 -18.02 83.54 -21.00
N PHE D 254 -19.12 84.05 -20.45
CA PHE D 254 -19.63 83.57 -19.15
C PHE D 254 -21.10 83.55 -19.15
N TYR D 255 -21.68 82.78 -18.24
CA TYR D 255 -23.03 82.98 -17.84
C TYR D 255 -23.09 83.23 -16.30
N LEU D 256 -24.27 83.53 -15.81
CA LEU D 256 -24.49 83.90 -14.46
C LEU D 256 -25.64 83.04 -13.99
N THR D 257 -25.56 82.63 -12.75
CA THR D 257 -26.51 81.67 -12.19
C THR D 257 -26.66 81.93 -10.71
N ASN D 258 -27.66 81.27 -10.13
CA ASN D 258 -27.89 81.28 -8.70
C ASN D 258 -28.27 82.67 -8.18
N ALA D 259 -29.35 83.16 -8.78
CA ALA D 259 -29.99 84.42 -8.39
C ALA D 259 -31.47 84.38 -8.72
N ARG D 260 -32.28 84.81 -7.77
CA ARG D 260 -33.73 84.95 -7.94
C ARG D 260 -34.05 85.88 -9.11
N GLU D 261 -33.20 86.87 -9.32
CA GLU D 261 -33.36 87.82 -10.41
C GLU D 261 -33.27 87.16 -11.77
N LEU D 262 -32.61 85.99 -11.88
CA LEU D 262 -32.44 85.33 -13.18
C LEU D 262 -33.47 84.28 -13.49
N LEU D 263 -34.38 84.04 -12.57
CA LEU D 263 -35.42 83.07 -12.80
C LEU D 263 -36.58 83.77 -13.54
N ASP D 264 -36.64 83.57 -14.86
CA ASP D 264 -37.68 84.16 -15.72
C ASP D 264 -38.29 83.28 -16.82
N VAL D 265 -37.85 82.02 -16.97
CA VAL D 265 -38.44 81.11 -17.97
C VAL D 265 -38.77 79.73 -17.41
N ALA D 266 -39.80 79.14 -18.02
CA ALA D 266 -40.28 77.81 -17.73
C ALA D 266 -39.10 76.86 -17.53
N GLY D 267 -39.14 76.10 -16.45
CA GLY D 267 -38.13 75.11 -16.12
C GLY D 267 -36.96 75.58 -15.31
N GLU D 268 -36.91 76.89 -15.02
CA GLU D 268 -35.82 77.39 -14.19
C GLU D 268 -36.23 77.36 -12.76
N TRP D 269 -35.23 77.19 -11.88
CA TRP D 269 -35.43 77.22 -10.42
C TRP D 269 -34.34 78.01 -9.71
N TYR D 270 -34.65 78.39 -8.47
CA TYR D 270 -33.69 79.10 -7.61
C TYR D 270 -33.97 78.70 -6.18
N HIS D 271 -32.92 78.36 -5.44
CA HIS D 271 -33.08 78.02 -4.03
C HIS D 271 -32.48 79.13 -3.20
N ASP D 272 -33.35 79.84 -2.49
CA ASP D 272 -32.96 80.89 -1.55
C ASP D 272 -32.49 80.24 -0.24
N ILE D 273 -31.19 80.17 -0.04
CA ILE D 273 -30.70 79.45 1.15
C ILE D 273 -31.04 80.15 2.49
N ASP D 274 -31.16 81.47 2.46
CA ASP D 274 -31.39 82.26 3.69
C ASP D 274 -32.82 82.13 4.16
N ALA D 275 -33.75 81.86 3.25
CA ALA D 275 -35.17 81.62 3.56
C ALA D 275 -35.51 80.15 3.60
N ARG D 276 -34.64 79.30 3.03
CA ARG D 276 -34.87 77.89 2.94
C ARG D 276 -36.13 77.67 2.08
N LYS D 277 -36.20 78.40 0.95
CA LYS D 277 -37.34 78.28 0.05
C LYS D 277 -36.87 78.08 -1.34
N VAL D 278 -37.53 77.18 -2.07
CA VAL D 278 -37.13 76.96 -3.46
C VAL D 278 -38.23 77.46 -4.36
N TYR D 279 -37.84 78.14 -5.45
CA TYR D 279 -38.79 78.71 -6.43
C TYR D 279 -38.65 77.98 -7.76
N TYR D 280 -39.78 77.67 -8.39
CA TYR D 280 -39.76 76.97 -9.68
C TYR D 280 -40.81 77.49 -10.65
N TYR D 281 -40.41 77.79 -11.88
CA TYR D 281 -41.31 78.09 -12.99
C TYR D 281 -41.64 76.78 -13.73
N PRO D 282 -42.85 76.23 -13.56
CA PRO D 282 -43.12 74.91 -14.13
C PRO D 282 -43.19 74.90 -15.64
N ARG D 283 -42.85 73.74 -16.23
CA ARG D 283 -43.00 73.46 -17.65
C ARG D 283 -44.36 72.79 -17.91
N GLU D 284 -44.90 72.92 -19.13
CA GLU D 284 -46.17 72.26 -19.45
C GLU D 284 -46.00 70.75 -19.31
N GLY D 285 -47.02 70.11 -18.76
CA GLY D 285 -46.93 68.74 -18.29
C GLY D 285 -46.93 68.71 -16.78
N GLU D 286 -46.19 69.64 -16.15
CA GLU D 286 -45.88 69.55 -14.72
C GLU D 286 -46.97 70.20 -13.87
N LYS D 287 -47.54 69.38 -12.97
CA LYS D 287 -48.64 69.77 -12.09
C LYS D 287 -48.21 69.58 -10.64
N LEU D 288 -47.72 70.67 -10.02
CA LEU D 288 -46.93 70.60 -8.77
C LEU D 288 -47.65 70.18 -7.47
N GLN D 289 -48.99 70.26 -7.49
CA GLN D 289 -49.81 69.83 -6.36
C GLN D 289 -50.38 68.42 -6.54
N ASP D 290 -50.11 67.82 -7.67
CA ASP D 290 -50.55 66.47 -7.98
C ASP D 290 -49.50 65.51 -7.43
N ALA D 291 -49.93 64.38 -6.84
CA ALA D 291 -49.00 63.33 -6.40
C ALA D 291 -48.26 62.70 -7.58
N GLY D 292 -48.87 62.77 -8.77
CA GLY D 292 -48.26 62.34 -10.01
C GLY D 292 -46.99 63.05 -10.38
N THR D 293 -46.77 64.28 -9.85
CA THR D 293 -45.58 65.09 -10.16
C THR D 293 -44.55 65.07 -9.02
N GLU D 294 -43.32 64.64 -9.35
CA GLU D 294 -42.27 64.39 -8.36
C GLU D 294 -41.11 65.36 -8.57
N VAL D 295 -40.81 66.16 -7.55
CA VAL D 295 -39.66 67.04 -7.59
C VAL D 295 -38.61 66.50 -6.64
N ILE D 296 -37.46 66.13 -7.19
CA ILE D 296 -36.36 65.51 -6.41
C ILE D 296 -35.17 66.46 -6.45
N VAL D 297 -34.58 66.72 -5.28
CA VAL D 297 -33.26 67.36 -5.17
C VAL D 297 -32.24 66.35 -4.58
N PRO D 298 -30.96 66.50 -4.92
CA PRO D 298 -29.92 65.61 -4.37
C PRO D 298 -29.47 66.02 -2.98
N ALA D 299 -29.17 65.03 -2.13
CA ALA D 299 -28.80 65.28 -0.74
C ALA D 299 -27.46 64.71 -0.27
N ILE D 300 -27.01 63.59 -0.85
CA ILE D 300 -25.71 63.04 -0.46
C ILE D 300 -24.87 62.80 -1.69
N GLU D 301 -23.54 62.80 -1.49
CA GLU D 301 -22.58 62.71 -2.58
C GLU D 301 -22.47 61.29 -3.13
N THR D 302 -22.49 60.31 -2.22
CA THR D 302 -21.97 58.98 -2.56
C THR D 302 -23.00 57.94 -2.07
N LEU D 303 -23.43 57.08 -2.99
CA LEU D 303 -24.44 56.04 -2.66
C LEU D 303 -23.81 54.75 -2.16
N ILE D 304 -22.75 54.31 -2.84
CA ILE D 304 -22.02 53.07 -2.55
C ILE D 304 -20.54 53.43 -2.41
N GLN D 305 -19.98 53.11 -1.28
CA GLN D 305 -18.58 53.27 -1.04
C GLN D 305 -17.98 51.85 -0.79
N VAL D 306 -17.32 51.32 -1.79
CA VAL D 306 -16.52 50.09 -1.70
C VAL D 306 -15.09 50.56 -1.33
N LYS D 307 -14.67 50.18 -0.14
CA LYS D 307 -13.44 50.66 0.38
C LYS D 307 -12.77 49.62 1.25
N GLY D 308 -11.56 49.24 0.88
CA GLY D 308 -10.72 48.33 1.72
C GLY D 308 -9.50 49.06 2.21
N THR D 309 -8.48 48.30 2.59
CA THR D 309 -7.11 48.80 2.69
C THR D 309 -6.22 47.97 1.72
N PHE D 310 -4.99 48.42 1.48
CA PHE D 310 -4.10 47.73 0.58
C PHE D 310 -3.88 46.28 1.07
N ASP D 311 -3.73 46.10 2.37
CA ASP D 311 -3.55 44.80 3.00
C ASP D 311 -4.85 43.97 3.09
N ARG D 312 -6.02 44.62 3.23
CA ARG D 312 -7.32 43.96 3.39
C ARG D 312 -8.28 44.53 2.33
N PRO D 313 -8.14 44.07 1.10
CA PRO D 313 -8.97 44.63 0.05
C PRO D 313 -10.37 44.08 0.09
N VAL D 314 -11.28 44.81 -0.52
CA VAL D 314 -12.62 44.28 -0.76
C VAL D 314 -12.63 43.51 -2.07
N SER D 315 -13.24 42.34 -2.10
CA SER D 315 -13.22 41.56 -3.35
C SER D 315 -14.54 40.87 -3.74
N HIS D 316 -14.73 40.67 -5.04
CA HIS D 316 -15.76 39.77 -5.61
C HIS D 316 -17.18 40.22 -5.26
N ILE D 317 -17.52 41.44 -5.69
CA ILE D 317 -18.80 42.09 -5.46
C ILE D 317 -19.23 42.50 -6.84
N ARG D 318 -20.48 42.23 -7.20
CA ARG D 318 -21.01 42.62 -8.51
C ARG D 318 -22.35 43.27 -8.31
N PHE D 319 -22.55 44.37 -9.01
CA PHE D 319 -23.86 45.03 -9.03
C PHE D 319 -24.44 44.80 -10.40
N GLU D 320 -25.68 44.33 -10.48
CA GLU D 320 -26.35 44.05 -11.76
C GLU D 320 -27.63 44.82 -11.85
N LYS D 321 -27.86 45.53 -12.95
CA LYS D 321 -29.17 46.17 -13.22
C LYS D 321 -29.70 47.00 -12.04
N ILE D 322 -28.81 47.76 -11.42
CA ILE D 322 -29.20 48.75 -10.42
C ILE D 322 -29.12 50.13 -11.09
N THR D 323 -30.07 50.99 -10.77
CA THR D 323 -29.96 52.42 -11.11
C THR D 323 -29.41 53.27 -9.93
N PHE D 324 -28.42 54.10 -10.19
CA PHE D 324 -27.81 54.98 -9.19
C PHE D 324 -28.18 56.41 -9.55
N SER D 325 -28.86 57.10 -8.64
CA SER D 325 -29.38 58.44 -8.97
C SER D 325 -29.35 59.41 -7.84
N HIS D 326 -29.34 60.69 -8.21
CA HIS D 326 -29.66 61.82 -7.35
C HIS D 326 -28.59 62.10 -6.32
N THR D 327 -27.36 62.22 -6.80
CA THR D 327 -26.25 62.58 -5.98
C THR D 327 -25.93 64.03 -6.13
N THR D 328 -25.49 64.61 -5.00
CA THR D 328 -25.05 66.01 -4.94
C THR D 328 -23.51 66.17 -5.06
N TRP D 329 -23.08 67.40 -5.30
CA TRP D 329 -21.71 67.81 -5.01
C TRP D 329 -21.74 69.32 -4.85
N MET D 330 -21.53 69.74 -3.61
CA MET D 330 -21.72 71.09 -3.19
C MET D 330 -20.43 71.88 -3.15
N ARG D 331 -19.29 71.22 -3.38
CA ARG D 331 -18.03 71.93 -3.32
C ARG D 331 -18.02 73.22 -4.17
N PRO D 332 -18.54 73.22 -5.40
CA PRO D 332 -18.52 74.52 -6.11
C PRO D 332 -19.28 75.66 -5.43
N SER D 333 -20.35 75.35 -4.68
CA SER D 333 -21.09 76.36 -3.95
C SER D 333 -20.33 76.83 -2.70
N GLU D 334 -19.37 76.05 -2.23
CA GLU D 334 -18.67 76.29 -0.96
C GLU D 334 -17.31 76.89 -1.10
N LYS D 335 -16.62 76.52 -2.17
CA LYS D 335 -15.22 76.85 -2.37
C LYS D 335 -14.91 77.31 -3.80
N GLY D 336 -15.96 77.50 -4.60
CA GLY D 336 -15.86 77.66 -6.05
C GLY D 336 -15.20 76.45 -6.67
N HIS D 337 -14.74 76.61 -7.89
CA HIS D 337 -14.27 75.48 -8.66
C HIS D 337 -13.39 76.00 -9.77
N VAL D 338 -12.10 75.77 -9.65
CA VAL D 338 -11.12 76.20 -10.64
C VAL D 338 -10.25 75.04 -11.11
N PRO D 339 -10.77 74.24 -12.04
CA PRO D 339 -10.01 73.04 -12.42
C PRO D 339 -8.90 73.31 -13.39
N LEU D 340 -7.87 72.48 -13.28
CA LEU D 340 -6.78 72.47 -14.21
C LEU D 340 -7.18 71.83 -15.54
N GLN D 341 -7.92 70.74 -15.44
CA GLN D 341 -8.36 69.92 -16.56
C GLN D 341 -9.23 68.78 -16.05
N ALA D 342 -10.20 68.38 -16.85
CA ALA D 342 -10.99 67.21 -16.59
C ALA D 342 -11.73 67.23 -15.26
N GLY D 343 -12.11 68.42 -14.81
CA GLY D 343 -12.96 68.52 -13.61
C GLY D 343 -12.22 68.36 -12.29
N MET D 344 -10.89 68.26 -12.35
CA MET D 344 -10.02 68.11 -11.19
C MET D 344 -9.64 69.52 -10.74
N TYR D 345 -10.12 69.91 -9.57
CA TYR D 345 -10.00 71.30 -9.12
C TYR D 345 -8.63 71.59 -8.57
N LEU D 346 -8.17 72.82 -8.81
CA LEU D 346 -6.88 73.26 -8.23
C LEU D 346 -7.07 73.67 -6.76
N THR D 347 -6.16 73.20 -5.92
CA THR D 347 -6.00 73.66 -4.54
C THR D 347 -4.91 74.72 -4.49
N ASP D 348 -4.03 74.74 -5.49
CA ASP D 348 -2.95 75.72 -5.58
C ASP D 348 -2.33 75.57 -6.98
N GLY D 349 -2.21 76.69 -7.70
CA GLY D 349 -1.65 76.65 -9.06
C GLY D 349 -1.10 78.02 -9.45
N TYR D 350 0.14 78.06 -9.91
CA TYR D 350 0.81 79.32 -10.26
C TYR D 350 1.91 79.14 -11.28
N ARG D 351 2.21 80.24 -11.97
CA ARG D 351 3.33 80.32 -12.89
C ARG D 351 4.65 80.36 -12.16
N ILE D 352 5.66 79.72 -12.73
CA ILE D 352 7.02 79.80 -12.24
C ILE D 352 7.92 80.40 -13.31
N ASP D 353 8.89 81.18 -12.83
CA ASP D 353 9.84 81.92 -13.66
C ASP D 353 11.12 81.95 -12.87
N PRO D 354 12.23 81.40 -13.37
CA PRO D 354 12.34 80.72 -14.67
C PRO D 354 11.63 79.37 -14.69
N LYS D 355 11.37 78.92 -15.91
CA LYS D 355 10.77 77.61 -16.14
C LYS D 355 11.59 76.53 -15.47
N MET D 356 10.96 75.45 -15.01
CA MET D 356 11.68 74.31 -14.43
C MET D 356 12.18 73.43 -15.57
N GLU D 357 13.48 73.19 -15.59
CA GLU D 357 14.08 72.25 -16.54
C GLU D 357 13.89 70.86 -15.99
N ARG D 358 13.64 69.88 -16.87
CA ARG D 358 13.25 68.53 -16.48
C ARG D 358 14.16 67.46 -17.13
N ASP D 359 14.20 66.31 -16.48
CA ASP D 359 14.94 65.13 -16.94
C ASP D 359 14.30 64.49 -18.17
N TYR D 360 15.00 63.51 -18.73
CA TYR D 360 14.42 62.57 -19.69
C TYR D 360 13.81 63.23 -20.91
N LEU D 361 14.46 64.33 -21.32
CA LEU D 361 14.09 65.10 -22.51
C LEU D 361 12.76 65.79 -22.40
N ASN D 362 12.21 65.91 -21.19
CA ASN D 362 10.98 66.67 -21.04
C ASN D 362 11.09 68.18 -21.42
N HIS D 363 10.01 68.76 -21.87
CA HIS D 363 9.95 70.20 -22.15
C HIS D 363 10.03 70.96 -20.83
N PRO D 364 10.63 72.17 -20.83
CA PRO D 364 10.60 72.97 -19.61
C PRO D 364 9.18 73.23 -19.12
N LEU D 365 9.00 73.35 -17.80
CA LEU D 365 7.66 73.46 -17.20
C LEU D 365 7.49 74.85 -16.63
N ASP D 366 6.36 75.49 -16.91
CA ASP D 366 6.11 76.90 -16.53
C ASP D 366 5.07 77.11 -15.43
N ASN D 367 4.60 76.03 -14.81
CA ASN D 367 3.59 76.12 -13.79
C ASN D 367 3.73 74.99 -12.77
N GLN D 368 3.18 75.25 -11.59
CA GLN D 368 3.07 74.24 -10.54
C GLN D 368 1.61 74.16 -10.16
N GLY D 369 1.12 72.93 -9.99
CA GLY D 369 -0.28 72.70 -9.68
C GLY D 369 -0.53 71.48 -8.79
N TRP D 370 -1.48 71.63 -7.87
CA TRP D 370 -1.93 70.56 -6.97
C TRP D 370 -3.44 70.49 -7.06
N LEU D 371 -3.94 69.27 -7.07
CA LEU D 371 -5.35 68.94 -7.44
C LEU D 371 -6.14 68.27 -6.33
N GLY D 372 -7.45 68.45 -6.40
CA GLY D 372 -8.38 67.57 -5.71
C GLY D 372 -9.37 66.89 -6.66
N ARG D 373 -10.16 65.98 -6.08
CA ARG D 373 -10.93 65.03 -6.85
C ARG D 373 -12.39 65.19 -6.53
N PRO D 374 -13.24 65.33 -7.58
CA PRO D 374 -14.67 65.49 -7.25
C PRO D 374 -15.26 64.21 -6.71
N ALA D 375 -16.37 64.34 -6.00
CA ALA D 375 -17.07 63.21 -5.45
C ALA D 375 -17.73 62.41 -6.54
N ALA D 376 -18.07 61.18 -6.18
CA ALA D 376 -18.64 60.20 -7.08
C ALA D 376 -19.87 59.49 -6.49
N ALA D 377 -20.85 59.20 -7.33
CA ALA D 377 -22.01 58.39 -6.89
C ALA D 377 -21.62 57.01 -6.32
N VAL D 378 -20.68 56.36 -7.00
CA VAL D 378 -20.20 55.06 -6.57
C VAL D 378 -18.72 55.17 -6.61
N SER D 379 -18.04 54.91 -5.49
CA SER D 379 -16.60 54.89 -5.45
C SER D 379 -16.05 53.50 -5.04
N VAL D 380 -14.90 53.16 -5.58
CA VAL D 380 -14.24 51.86 -5.38
C VAL D 380 -12.77 52.12 -5.12
N ALA D 381 -12.27 51.71 -3.96
CA ALA D 381 -10.84 51.86 -3.58
C ALA D 381 -10.36 50.62 -2.79
N ALA D 382 -9.16 50.12 -3.10
CA ALA D 382 -8.51 49.02 -2.37
C ALA D 382 -9.42 47.79 -2.43
N ALA D 383 -9.52 47.28 -3.64
CA ALA D 383 -10.56 46.33 -3.97
C ALA D 383 -10.10 45.59 -5.18
N ASN D 384 -10.70 44.42 -5.41
CA ASN D 384 -10.49 43.66 -6.65
C ASN D 384 -11.75 42.94 -7.11
N GLN D 385 -11.87 42.79 -8.42
CA GLN D 385 -13.04 42.12 -9.03
C GLN D 385 -14.32 42.72 -8.48
N ILE D 386 -14.48 44.03 -8.69
CA ILE D 386 -15.68 44.76 -8.35
C ILE D 386 -16.31 45.13 -9.69
N ASP D 387 -17.47 44.56 -9.94
CA ASP D 387 -18.10 44.54 -11.26
C ASP D 387 -19.44 45.30 -11.26
N PHE D 388 -19.74 45.92 -12.40
CA PHE D 388 -21.04 46.56 -12.65
C PHE D 388 -21.54 46.09 -14.00
N GLU D 389 -22.67 45.38 -14.02
CA GLU D 389 -23.24 44.84 -15.29
C GLU D 389 -24.61 45.45 -15.50
N ARG D 390 -24.84 46.11 -16.64
CA ARG D 390 -26.18 46.73 -16.93
C ARG D 390 -26.71 47.61 -15.80
N CYS D 391 -25.81 48.35 -15.16
CA CYS D 391 -26.22 49.34 -14.18
C CYS D 391 -26.47 50.66 -14.91
N ARG D 392 -27.17 51.55 -14.26
CA ARG D 392 -27.53 52.85 -14.87
C ARG D 392 -27.10 53.97 -13.90
N PHE D 393 -26.29 54.91 -14.38
CA PHE D 393 -25.87 56.06 -13.63
C PHE D 393 -26.58 57.26 -14.25
N ASP D 394 -27.53 57.79 -13.52
CA ASP D 394 -28.53 58.68 -14.11
C ASP D 394 -29.00 59.69 -13.08
N HIS D 395 -28.94 60.98 -13.47
CA HIS D 395 -29.36 62.12 -12.67
C HIS D 395 -28.34 62.34 -11.55
N LEU D 396 -27.12 62.76 -11.91
CA LEU D 396 -26.03 62.90 -10.93
C LEU D 396 -25.32 64.26 -10.94
N GLY D 397 -24.88 64.68 -9.73
CA GLY D 397 -24.21 65.97 -9.49
C GLY D 397 -22.72 66.06 -9.70
N SER D 398 -22.03 64.94 -9.89
CA SER D 398 -20.60 65.00 -9.99
C SER D 398 -20.12 63.86 -10.85
N THR D 399 -19.25 62.98 -10.36
CA THR D 399 -18.85 61.79 -11.11
C THR D 399 -19.90 60.62 -11.00
N GLY D 400 -20.08 59.84 -12.06
CA GLY D 400 -20.88 58.60 -11.92
C GLY D 400 -20.18 57.51 -11.10
N LEU D 401 -19.20 56.87 -11.74
CA LEU D 401 -18.49 55.73 -11.15
C LEU D 401 -17.01 56.07 -11.11
N ASP D 402 -16.37 55.88 -9.96
CA ASP D 402 -15.01 56.25 -9.78
C ASP D 402 -14.21 55.05 -9.18
N TYR D 403 -13.30 54.48 -9.97
CA TYR D 403 -12.26 53.56 -9.46
C TYR D 403 -11.06 54.40 -9.05
N GLU D 404 -10.94 54.65 -7.74
CA GLU D 404 -10.08 55.72 -7.23
C GLU D 404 -8.62 55.37 -7.10
N GLU D 405 -8.37 54.22 -6.50
CA GLU D 405 -7.04 53.85 -6.08
C GLU D 405 -7.00 52.36 -5.77
N ALA D 406 -5.87 51.73 -6.04
CA ALA D 406 -5.61 50.37 -5.58
C ALA D 406 -6.74 49.40 -5.92
N VAL D 407 -7.20 49.46 -7.17
CA VAL D 407 -8.19 48.49 -7.65
C VAL D 407 -7.57 47.58 -8.70
N GLN D 408 -7.66 46.27 -8.45
CA GLN D 408 -7.30 45.26 -9.47
C GLN D 408 -8.55 44.76 -10.20
N GLY D 409 -8.57 44.84 -11.53
CA GLY D 409 -9.67 44.24 -12.28
C GLY D 409 -10.92 45.06 -12.10
N GLY D 410 -12.05 44.43 -12.33
CA GLY D 410 -13.34 45.11 -12.36
C GLY D 410 -13.83 45.22 -13.80
N VAL D 411 -15.07 44.80 -14.02
CA VAL D 411 -15.67 44.77 -15.33
C VAL D 411 -16.87 45.70 -15.23
N VAL D 412 -16.82 46.81 -15.98
CA VAL D 412 -17.94 47.72 -16.12
C VAL D 412 -18.42 47.54 -17.54
N ARG D 413 -19.63 47.00 -17.65
CA ARG D 413 -20.11 46.45 -18.92
C ARG D 413 -21.61 46.61 -19.04
N GLY D 414 -22.05 47.12 -20.18
CA GLY D 414 -23.48 47.24 -20.42
C GLY D 414 -24.13 48.33 -19.63
N CYS D 415 -23.33 49.29 -19.16
CA CYS D 415 -23.83 50.33 -18.25
C CYS D 415 -24.24 51.58 -19.04
N LEU D 416 -25.18 52.32 -18.47
CA LEU D 416 -25.70 53.58 -19.04
C LEU D 416 -25.27 54.69 -18.10
N PHE D 417 -24.63 55.72 -18.67
CA PHE D 417 -24.26 56.92 -17.96
C PHE D 417 -24.98 58.07 -18.69
N ARG D 418 -25.96 58.68 -18.02
CA ARG D 418 -26.75 59.77 -18.61
C ARG D 418 -27.07 60.82 -17.57
N ASP D 419 -27.17 62.08 -18.00
CA ASP D 419 -27.51 63.21 -17.11
C ASP D 419 -26.61 63.26 -15.88
N ILE D 420 -25.35 63.52 -16.17
CA ILE D 420 -24.28 63.59 -15.17
C ILE D 420 -23.55 64.93 -15.34
N ALA D 421 -23.42 65.66 -14.25
CA ALA D 421 -22.86 67.00 -14.23
C ALA D 421 -21.40 67.00 -14.46
N GLY D 422 -20.74 65.98 -13.91
CA GLY D 422 -19.32 65.79 -14.11
C GLY D 422 -18.93 64.67 -15.06
N ASN D 423 -17.78 64.06 -14.75
CA ASN D 423 -17.23 62.96 -15.48
C ASN D 423 -18.14 61.73 -15.31
N GLY D 424 -18.28 60.96 -16.38
CA GLY D 424 -19.12 59.78 -16.31
C GLY D 424 -18.48 58.66 -15.49
N LEU D 425 -17.27 58.30 -15.89
CA LEU D 425 -16.52 57.19 -15.35
C LEU D 425 -15.06 57.65 -15.22
N VAL D 426 -14.54 57.56 -14.01
CA VAL D 426 -13.20 58.01 -13.64
C VAL D 426 -12.40 56.80 -13.11
N VAL D 427 -11.16 56.66 -13.56
CA VAL D 427 -10.29 55.59 -13.09
C VAL D 427 -8.88 56.08 -12.87
N GLY D 428 -8.31 55.74 -11.70
CA GLY D 428 -6.87 55.96 -11.42
C GLY D 428 -6.49 57.26 -10.73
N SER D 429 -5.22 57.59 -10.81
CA SER D 429 -4.70 58.74 -10.10
C SER D 429 -4.58 59.92 -11.02
N PHE D 430 -4.80 61.11 -10.49
CA PHE D 430 -4.52 62.38 -11.19
C PHE D 430 -3.44 63.15 -10.38
N SER D 431 -2.52 62.34 -9.82
CA SER D 431 -1.53 62.75 -8.80
CA SER D 431 -1.52 62.73 -8.83
C SER D 431 -2.14 62.76 -7.42
N PRO D 432 -1.49 62.08 -6.44
CA PRO D 432 -1.97 62.31 -5.07
C PRO D 432 -2.07 63.80 -4.68
N ALA D 433 -2.90 64.07 -3.67
CA ALA D 433 -3.14 65.44 -3.15
C ALA D 433 -1.87 66.30 -3.01
N ALA D 434 -0.81 65.71 -2.44
CA ALA D 434 0.43 66.44 -2.18
C ALA D 434 1.52 66.27 -3.21
N HIS D 435 1.19 65.68 -4.36
CA HIS D 435 2.18 65.35 -5.36
C HIS D 435 1.91 66.31 -6.52
N GLU D 436 2.86 67.16 -6.84
CA GLU D 436 2.66 68.16 -7.88
C GLU D 436 2.32 67.41 -9.20
N THR D 437 1.29 67.89 -9.88
CA THR D 437 0.64 67.12 -10.95
C THR D 437 1.42 66.96 -12.27
N HIS D 438 2.61 67.54 -12.38
CA HIS D 438 3.48 67.29 -13.53
C HIS D 438 4.66 66.41 -13.17
N LEU D 439 4.76 65.95 -11.92
CA LEU D 439 5.83 65.01 -11.55
C LEU D 439 5.38 63.61 -11.84
N PRO D 440 6.26 62.78 -12.42
CA PRO D 440 5.82 61.45 -12.79
C PRO D 440 5.32 60.70 -11.55
N TYR D 441 4.15 60.09 -11.68
CA TYR D 441 3.59 59.21 -10.66
C TYR D 441 3.98 57.77 -10.96
N ASP D 442 4.68 57.17 -10.01
CA ASP D 442 5.18 55.79 -10.15
C ASP D 442 5.45 55.27 -8.74
N PRO D 443 4.39 54.92 -8.00
CA PRO D 443 4.62 54.66 -6.57
C PRO D 443 5.44 53.40 -6.30
N THR D 444 6.30 53.45 -5.30
CA THR D 444 7.01 52.27 -4.80
C THR D 444 6.04 51.19 -4.38
N ASP D 445 4.96 51.56 -3.70
CA ASP D 445 3.92 50.57 -3.43
C ASP D 445 3.04 50.38 -4.69
N LEU D 446 3.37 49.34 -5.44
CA LEU D 446 2.71 49.03 -6.71
C LEU D 446 1.21 48.76 -6.60
N ARG D 447 0.79 48.33 -5.42
CA ARG D 447 -0.61 48.08 -5.12
C ARG D 447 -1.50 49.31 -5.26
N GLU D 448 -0.92 50.49 -5.16
CA GLU D 448 -1.66 51.76 -5.32
C GLU D 448 -2.31 51.92 -6.66
N VAL D 449 -1.64 51.39 -7.69
CA VAL D 449 -1.98 51.73 -9.08
C VAL D 449 -3.15 50.88 -9.56
N CYS D 450 -4.19 51.52 -10.07
CA CYS D 450 -5.32 50.81 -10.69
C CYS D 450 -4.87 50.06 -11.95
N ALA D 451 -5.20 48.76 -12.01
CA ALA D 451 -4.71 47.84 -13.02
C ALA D 451 -5.80 46.88 -13.43
N HIS D 452 -5.86 46.62 -14.74
CA HIS D 452 -6.72 45.60 -15.36
C HIS D 452 -8.21 45.95 -15.34
N GLN D 453 -8.59 47.21 -15.33
CA GLN D 453 -10.00 47.51 -15.46
C GLN D 453 -10.48 47.19 -16.89
N GLN D 454 -11.69 46.66 -17.01
CA GLN D 454 -12.38 46.53 -18.30
C GLN D 454 -13.58 47.46 -18.36
N ILE D 455 -13.60 48.42 -19.28
CA ILE D 455 -14.80 49.24 -19.58
C ILE D 455 -15.31 48.89 -20.99
N SER D 456 -16.46 48.21 -21.08
CA SER D 456 -16.94 47.78 -22.38
C SER D 456 -18.45 47.79 -22.52
N ASN D 457 -18.88 48.07 -23.76
CA ASN D 457 -20.31 48.08 -24.09
C ASN D 457 -21.10 48.99 -23.18
N CYS D 458 -20.55 50.18 -22.93
CA CYS D 458 -21.25 51.16 -22.14
C CYS D 458 -21.59 52.32 -23.07
N TYR D 459 -22.65 53.01 -22.71
CA TYR D 459 -23.19 54.10 -23.47
C TYR D 459 -23.20 55.32 -22.57
N PHE D 460 -22.54 56.38 -23.04
CA PHE D 460 -22.40 57.65 -22.32
C PHE D 460 -23.04 58.77 -23.16
N THR D 461 -24.01 59.46 -22.60
CA THR D 461 -24.53 60.64 -23.23
C THR D 461 -24.97 61.64 -22.17
N GLU D 462 -24.89 62.94 -22.48
CA GLU D 462 -25.42 63.99 -21.57
C GLU D 462 -24.69 63.92 -20.21
N VAL D 463 -23.40 63.69 -20.33
CA VAL D 463 -22.45 63.62 -19.24
C VAL D 463 -21.62 64.90 -19.32
N GLY D 464 -21.02 65.35 -18.23
CA GLY D 464 -20.33 66.64 -18.24
C GLY D 464 -21.30 67.78 -18.51
N ASN D 465 -22.56 67.65 -18.08
CA ASN D 465 -23.60 68.64 -18.44
C ASN D 465 -23.65 69.89 -17.55
N GLU D 466 -22.71 69.99 -16.59
CA GLU D 466 -22.48 71.24 -15.85
C GLU D 466 -21.03 71.61 -15.91
N ASP D 467 -20.14 70.70 -15.49
CA ASP D 467 -18.72 70.95 -15.60
C ASP D 467 -18.28 70.53 -17.02
N TRP D 468 -18.22 71.55 -17.86
CA TRP D 468 -18.00 71.35 -19.25
C TRP D 468 -16.59 70.87 -19.56
N GLY D 469 -15.66 70.98 -18.61
CA GLY D 469 -14.35 70.40 -18.83
C GLY D 469 -14.25 68.87 -18.62
N CYS D 470 -15.36 68.21 -18.35
CA CYS D 470 -15.36 66.78 -18.00
C CYS D 470 -15.54 65.86 -19.23
N LEU D 471 -15.30 64.56 -18.98
CA LEU D 471 -15.22 63.49 -19.99
C LEU D 471 -16.25 62.42 -19.76
N ALA D 472 -16.49 61.61 -20.79
CA ALA D 472 -17.37 60.47 -20.60
C ALA D 472 -16.54 59.43 -19.82
N ILE D 473 -15.32 59.17 -20.31
CA ILE D 473 -14.37 58.25 -19.68
C ILE D 473 -13.07 58.98 -19.45
N LEU D 474 -12.70 59.10 -18.16
CA LEU D 474 -11.45 59.74 -17.74
C LEU D 474 -10.58 58.71 -17.00
N ALA D 475 -9.51 58.26 -17.64
CA ALA D 475 -8.49 57.40 -17.05
C ALA D 475 -7.22 58.18 -16.85
N GLY D 476 -6.76 58.28 -15.60
CA GLY D 476 -5.53 58.98 -15.32
C GLY D 476 -4.33 58.01 -15.41
N TYR D 477 -3.52 58.00 -14.37
CA TYR D 477 -2.44 57.05 -14.30
C TYR D 477 -3.09 55.72 -14.00
N VAL D 478 -3.14 54.88 -15.02
CA VAL D 478 -3.68 53.51 -14.96
C VAL D 478 -2.73 52.61 -15.73
N LYS D 479 -2.82 51.33 -15.46
CA LYS D 479 -2.11 50.33 -16.24
C LYS D 479 -3.01 49.16 -16.65
N ASP D 480 -2.71 48.54 -17.79
CA ASP D 480 -3.55 47.44 -18.34
C ASP D 480 -5.02 47.73 -18.40
N ILE D 481 -5.39 48.99 -18.69
CA ILE D 481 -6.80 49.28 -18.86
C ILE D 481 -7.24 48.79 -20.24
N ASN D 482 -8.51 48.41 -20.33
CA ASN D 482 -9.09 48.07 -21.62
C ASN D 482 -10.43 48.73 -21.75
N ILE D 483 -10.49 49.72 -22.65
CA ILE D 483 -11.69 50.52 -22.87
C ILE D 483 -12.12 50.20 -24.29
N GLU D 484 -13.20 49.43 -24.44
CA GLU D 484 -13.59 48.95 -25.78
C GLU D 484 -15.08 48.89 -26.05
N HIS D 485 -15.45 49.14 -27.29
CA HIS D 485 -16.85 48.98 -27.72
C HIS D 485 -17.83 49.78 -26.88
N ASN D 486 -17.42 50.97 -26.46
CA ASN D 486 -18.32 51.92 -25.84
C ASN D 486 -18.80 52.95 -26.87
N GLU D 487 -19.90 53.62 -26.56
CA GLU D 487 -20.40 54.70 -27.41
C GLU D 487 -20.61 55.91 -26.52
N ILE D 488 -20.02 57.01 -26.98
CA ILE D 488 -20.02 58.28 -26.29
C ILE D 488 -20.56 59.36 -27.23
N CYS D 489 -21.58 60.08 -26.82
CA CYS D 489 -21.99 61.27 -27.58
C CYS D 489 -22.72 62.28 -26.75
N GLU D 490 -22.82 63.51 -27.26
CA GLU D 490 -23.44 64.61 -26.51
C GLU D 490 -22.66 64.85 -25.20
N VAL D 491 -21.42 65.29 -25.37
CA VAL D 491 -20.53 65.59 -24.28
C VAL D 491 -19.83 66.93 -24.61
N PRO D 492 -19.38 67.67 -23.60
CA PRO D 492 -18.92 69.03 -23.77
C PRO D 492 -17.55 69.16 -24.27
N TYR D 493 -16.73 68.12 -24.16
CA TYR D 493 -15.30 68.28 -24.35
C TYR D 493 -14.84 66.96 -25.03
N SER D 494 -13.75 66.36 -24.58
CA SER D 494 -13.20 65.20 -25.22
C SER D 494 -14.03 63.97 -24.87
N GLY D 495 -13.94 62.93 -25.69
CA GLY D 495 -14.70 61.71 -25.44
C GLY D 495 -14.01 60.82 -24.40
N ILE D 496 -12.83 60.34 -24.76
CA ILE D 496 -12.02 59.50 -23.88
C ILE D 496 -10.66 60.15 -23.63
N SER D 497 -10.33 60.33 -22.34
CA SER D 497 -9.02 60.82 -21.93
C SER D 497 -8.26 59.73 -21.16
N LEU D 498 -7.03 59.48 -21.58
CA LEU D 498 -6.18 58.41 -21.08
C LEU D 498 -4.79 58.90 -20.74
N GLY D 499 -4.43 58.78 -19.46
CA GLY D 499 -3.11 59.18 -19.00
C GLY D 499 -3.16 60.53 -18.29
N TRP D 500 -2.02 60.95 -17.75
CA TRP D 500 -1.90 62.19 -16.96
C TRP D 500 -0.45 62.57 -16.86
N GLY D 501 -0.16 63.74 -16.31
CA GLY D 501 1.20 64.06 -15.87
C GLY D 501 2.06 64.91 -16.80
N TRP D 502 1.68 65.03 -18.08
CA TRP D 502 2.42 65.95 -18.98
C TRP D 502 3.92 65.64 -18.99
N THR D 503 4.26 64.36 -19.01
CA THR D 503 5.64 63.94 -18.87
C THR D 503 5.93 62.75 -19.77
N GLN D 504 7.14 62.70 -20.31
CA GLN D 504 7.59 61.56 -21.08
C GLN D 504 8.55 60.74 -20.25
N THR D 505 8.67 61.07 -18.96
CA THR D 505 9.35 60.20 -18.04
C THR D 505 8.52 58.92 -17.89
N VAL D 506 9.18 57.78 -18.01
CA VAL D 506 8.53 56.45 -17.88
C VAL D 506 8.07 56.36 -16.42
N ASN D 507 6.83 55.91 -16.25
CA ASN D 507 6.16 55.97 -14.96
C ASN D 507 5.44 54.65 -14.73
N CYS D 508 4.28 54.65 -14.08
CA CYS D 508 3.55 53.42 -13.74
C CYS D 508 2.68 52.93 -14.89
N MET D 509 2.37 53.82 -15.83
CA MET D 509 1.48 53.47 -16.94
C MET D 509 2.13 52.50 -17.93
N ARG D 510 1.30 51.58 -18.42
CA ARG D 510 1.68 50.62 -19.43
C ARG D 510 0.43 49.84 -19.88
N ASN D 511 0.51 49.24 -21.05
CA ASN D 511 -0.48 48.27 -21.50
C ASN D 511 -1.87 48.81 -21.52
N ASN D 512 -2.03 50.10 -21.83
CA ASN D 512 -3.37 50.69 -21.93
C ASN D 512 -4.01 50.57 -23.35
N ARG D 513 -5.28 50.30 -23.40
CA ARG D 513 -5.92 50.00 -24.66
C ARG D 513 -7.23 50.76 -24.75
N VAL D 514 -7.41 51.49 -25.84
CA VAL D 514 -8.67 52.18 -26.17
C VAL D 514 -9.06 51.68 -27.59
N HIS D 515 -10.07 50.83 -27.67
CA HIS D 515 -10.28 50.01 -28.84
C HIS D 515 -11.71 50.01 -29.28
N ALA D 516 -11.96 50.34 -30.54
CA ALA D 516 -13.31 50.15 -31.12
C ALA D 516 -14.41 50.92 -30.42
N ASN D 517 -14.13 52.16 -30.05
CA ASN D 517 -15.17 53.00 -29.42
C ASN D 517 -15.73 53.92 -30.48
N LEU D 518 -17.00 54.28 -30.33
CA LEU D 518 -17.67 55.21 -31.24
C LEU D 518 -17.92 56.52 -30.50
N ILE D 519 -17.36 57.60 -31.01
CA ILE D 519 -17.36 58.87 -30.32
C ILE D 519 -17.80 59.91 -31.34
N HIS D 520 -18.89 60.60 -31.03
CA HIS D 520 -19.46 61.61 -31.93
C HIS D 520 -20.24 62.65 -31.14
N HIS D 521 -20.50 63.80 -31.76
CA HIS D 521 -21.27 64.86 -31.10
C HIS D 521 -20.60 65.21 -29.76
N TYR D 522 -19.32 65.47 -29.85
CA TYR D 522 -18.46 65.82 -28.73
C TYR D 522 -18.00 67.27 -28.93
N ALA D 523 -17.32 67.82 -27.92
CA ALA D 523 -16.91 69.23 -27.90
C ALA D 523 -18.08 70.19 -28.08
N LYS D 524 -19.20 69.87 -27.45
CA LYS D 524 -20.37 70.69 -27.46
C LYS D 524 -20.12 72.08 -26.87
N HIS D 525 -19.10 72.21 -25.99
CA HIS D 525 -18.79 73.46 -25.40
C HIS D 525 -17.35 73.87 -25.40
N MET D 526 -16.38 72.95 -25.42
CA MET D 526 -14.98 73.30 -25.21
C MET D 526 -14.09 72.75 -26.31
N TYR D 527 -13.12 73.55 -26.72
CA TYR D 527 -12.11 73.11 -27.69
C TYR D 527 -10.78 72.85 -26.98
N ASP D 528 -9.68 72.70 -27.73
CA ASP D 528 -8.46 72.04 -27.35
C ASP D 528 -8.82 70.63 -26.94
N VAL D 529 -9.30 69.87 -27.92
CA VAL D 529 -10.24 68.78 -27.72
C VAL D 529 -10.02 67.67 -28.75
N ALA D 530 -10.46 66.47 -28.42
CA ALA D 530 -10.39 65.32 -29.33
C ALA D 530 -11.34 64.23 -28.90
N GLY D 531 -11.62 63.31 -29.81
CA GLY D 531 -12.44 62.19 -29.51
C GLY D 531 -11.74 61.25 -28.52
N VAL D 532 -10.48 60.95 -28.82
CA VAL D 532 -9.58 60.20 -27.95
C VAL D 532 -8.37 61.09 -27.73
N TYR D 533 -8.06 61.32 -26.45
CA TYR D 533 -6.99 62.21 -26.04
C TYR D 533 -6.04 61.49 -25.09
N THR D 534 -4.74 61.70 -25.19
CA THR D 534 -3.84 61.01 -24.26
C THR D 534 -2.83 61.98 -23.63
N LEU D 535 -2.34 61.62 -22.45
CA LEU D 535 -1.19 62.30 -21.81
C LEU D 535 -0.18 61.29 -21.31
N GLY D 536 1.09 61.63 -21.43
CA GLY D 536 2.16 60.94 -20.66
C GLY D 536 2.68 59.62 -21.26
N SER D 537 3.83 59.17 -20.75
CA SER D 537 4.52 58.00 -21.27
C SER D 537 3.73 56.75 -20.91
N GLN D 538 3.37 55.94 -21.91
CA GLN D 538 2.51 54.77 -21.70
C GLN D 538 3.00 53.54 -22.51
N PRO D 539 4.12 52.93 -22.09
CA PRO D 539 4.68 51.77 -22.75
C PRO D 539 3.63 50.74 -23.20
N LYS D 540 3.59 50.49 -24.50
CA LYS D 540 2.80 49.37 -25.10
C LYS D 540 1.33 49.54 -24.96
N SER D 541 0.90 50.71 -25.38
CA SER D 541 -0.48 51.09 -25.38
C SER D 541 -1.01 51.29 -26.83
N TYR D 542 -2.31 51.25 -27.00
CA TYR D 542 -2.94 51.06 -28.31
C TYR D 542 -4.18 51.87 -28.33
N VAL D 543 -4.31 52.70 -29.36
CA VAL D 543 -5.55 53.43 -29.63
C VAL D 543 -5.98 52.98 -31.05
N THR D 544 -6.94 52.06 -31.12
CA THR D 544 -7.12 51.25 -32.30
C THR D 544 -8.58 51.05 -32.63
N GLU D 545 -8.89 51.22 -33.92
CA GLU D 545 -10.15 50.82 -34.51
C GLU D 545 -11.31 51.59 -33.96
N ASN D 546 -11.03 52.80 -33.46
CA ASN D 546 -12.13 53.64 -32.95
C ASN D 546 -12.75 54.37 -34.16
N CYS D 547 -13.94 54.89 -33.92
CA CYS D 547 -14.67 55.71 -34.88
C CYS D 547 -15.09 57.07 -34.25
N VAL D 548 -14.61 58.15 -34.83
CA VAL D 548 -14.81 59.49 -34.32
C VAL D 548 -15.39 60.39 -35.43
N HIS D 549 -16.55 60.98 -35.18
CA HIS D 549 -17.14 61.91 -36.19
C HIS D 549 -18.07 62.95 -35.55
N SER D 550 -18.46 63.95 -36.36
CA SER D 550 -19.49 64.95 -35.99
C SER D 550 -19.12 65.76 -34.75
N ILE D 551 -17.97 66.38 -34.76
CA ILE D 551 -17.64 67.36 -33.74
C ILE D 551 -18.57 68.60 -33.81
N TYR D 552 -18.99 69.09 -32.65
CA TYR D 552 -19.73 70.35 -32.58
C TYR D 552 -18.81 71.54 -32.87
N LYS D 553 -19.43 72.71 -33.15
CA LYS D 553 -18.67 73.95 -33.43
C LYS D 553 -19.32 75.06 -32.60
N PRO D 554 -19.00 75.09 -31.30
CA PRO D 554 -19.62 76.14 -30.49
C PRO D 554 -19.02 77.48 -30.87
N GLY D 555 -19.87 78.49 -30.94
CA GLY D 555 -19.44 79.82 -31.36
C GLY D 555 -18.49 80.56 -30.43
N TYR D 556 -18.36 80.12 -29.17
CA TYR D 556 -17.63 80.89 -28.12
C TYR D 556 -16.30 80.23 -27.71
N VAL D 557 -15.81 79.32 -28.54
CA VAL D 557 -14.55 78.67 -28.24
C VAL D 557 -13.41 79.62 -28.42
N HIS D 558 -12.36 79.37 -27.67
CA HIS D 558 -11.22 80.26 -27.64
C HIS D 558 -10.45 80.35 -28.96
N ASP D 559 -10.58 79.30 -29.78
CA ASP D 559 -9.88 79.16 -31.05
C ASP D 559 -10.60 78.14 -31.95
N PRO D 560 -11.34 78.62 -32.98
CA PRO D 560 -12.17 77.68 -33.75
C PRO D 560 -11.44 76.62 -34.55
N ASN D 561 -10.13 76.71 -34.67
CA ASN D 561 -9.36 75.66 -35.34
C ASN D 561 -8.66 74.66 -34.41
N HIS D 562 -8.78 74.81 -33.09
CA HIS D 562 -7.97 73.97 -32.20
C HIS D 562 -8.83 72.82 -31.69
N TRP D 563 -9.17 71.94 -32.61
CA TRP D 563 -10.02 70.78 -32.39
C TRP D 563 -9.51 69.64 -33.26
N PHE D 564 -9.73 68.42 -32.79
CA PHE D 564 -9.08 67.25 -33.38
C PHE D 564 -9.98 66.04 -33.25
N TYR D 565 -9.67 64.99 -33.99
CA TYR D 565 -10.32 63.70 -33.81
C TYR D 565 -9.52 62.81 -32.81
N LEU D 566 -8.19 62.88 -32.93
CA LEU D 566 -7.22 62.14 -32.15
C LEU D 566 -6.13 63.10 -31.75
N TYR D 567 -5.69 63.01 -30.49
CA TYR D 567 -4.76 63.99 -29.95
C TYR D 567 -3.88 63.32 -28.92
N THR D 568 -2.58 63.25 -29.20
CA THR D 568 -1.62 62.80 -28.22
C THR D 568 -0.90 64.03 -27.67
N ASP D 569 -1.05 64.29 -26.37
CA ASP D 569 -0.63 65.53 -25.77
C ASP D 569 0.62 65.25 -24.98
N GLU D 570 1.11 66.25 -24.25
CA GLU D 570 2.49 66.26 -23.79
C GLU D 570 2.81 64.96 -23.05
N GLY D 571 3.98 64.43 -23.37
CA GLY D 571 4.50 63.22 -22.76
C GLY D 571 4.16 61.91 -23.45
N SER D 572 3.05 61.91 -24.18
CA SER D 572 2.57 60.73 -24.82
C SER D 572 3.72 60.00 -25.53
N SER D 573 3.94 58.76 -25.16
CA SER D 573 5.04 57.95 -25.68
C SER D 573 4.59 56.50 -25.79
N PHE D 574 5.04 55.81 -26.85
CA PHE D 574 4.86 54.35 -27.01
C PHE D 574 3.45 53.89 -27.21
N ILE D 575 2.64 54.79 -27.77
CA ILE D 575 1.24 54.54 -28.05
C ILE D 575 1.16 54.27 -29.58
N THR D 576 0.53 53.15 -29.91
CA THR D 576 0.27 52.80 -31.30
C THR D 576 -1.12 53.29 -31.62
N VAL D 577 -1.21 54.26 -32.53
CA VAL D 577 -2.52 54.84 -32.94
C VAL D 577 -2.82 54.38 -34.37
N ARG D 578 -3.75 53.45 -34.53
CA ARG D 578 -3.83 52.74 -35.79
C ARG D 578 -5.26 52.39 -36.09
N ASP D 579 -5.63 52.51 -37.38
CA ASP D 579 -6.89 51.99 -37.91
C ASP D 579 -8.10 52.64 -37.31
N ASN D 580 -7.96 53.91 -36.92
CA ASN D 580 -9.13 54.61 -36.38
C ASN D 580 -9.84 55.35 -37.53
N TRP D 581 -11.13 55.09 -37.70
CA TRP D 581 -11.93 55.78 -38.69
C TRP D 581 -12.31 57.12 -38.13
N THR D 582 -11.85 58.19 -38.80
CA THR D 582 -12.26 59.55 -38.43
C THR D 582 -12.76 60.33 -39.66
N GLU D 583 -13.69 61.25 -39.41
CA GLU D 583 -14.36 61.96 -40.49
C GLU D 583 -13.39 62.66 -41.43
N GLY D 584 -12.29 63.19 -40.88
CA GLY D 584 -11.25 63.83 -41.64
C GLY D 584 -9.91 63.56 -40.98
N GLU D 585 -8.83 63.94 -41.66
CA GLU D 585 -7.48 63.83 -41.09
C GLU D 585 -7.18 65.09 -40.31
N LYS D 586 -7.58 65.11 -39.03
CA LYS D 586 -7.25 66.25 -38.13
C LYS D 586 -6.82 65.74 -36.77
N TYR D 587 -5.51 65.75 -36.58
CA TYR D 587 -4.87 65.16 -35.43
C TYR D 587 -3.78 66.07 -34.92
N LEU D 588 -3.40 65.92 -33.66
CA LEU D 588 -2.29 66.70 -33.11
C LEU D 588 -1.42 65.78 -32.26
N GLN D 589 -0.12 65.95 -32.43
CA GLN D 589 0.90 65.38 -31.57
C GLN D 589 1.63 66.56 -30.93
N ASN D 590 1.22 66.93 -29.72
CA ASN D 590 1.88 68.07 -28.99
C ASN D 590 2.92 67.59 -27.97
N ALA D 591 4.18 67.95 -28.16
CA ALA D 591 5.23 67.72 -27.16
C ALA D 591 5.30 66.26 -26.69
N ASN D 592 5.19 65.35 -27.65
CA ASN D 592 5.21 63.91 -27.40
C ASN D 592 6.61 63.45 -27.10
N GLY D 593 6.73 62.31 -26.43
CA GLY D 593 7.99 61.59 -26.35
C GLY D 593 8.12 60.64 -27.52
N PRO D 594 9.05 59.67 -27.42
CA PRO D 594 9.35 58.79 -28.53
C PRO D 594 8.40 57.60 -28.67
N GLY D 595 8.59 56.88 -29.78
CA GLY D 595 8.02 55.55 -30.03
C GLY D 595 6.53 55.47 -30.24
N ASN D 596 5.85 56.60 -30.50
CA ASN D 596 4.46 56.55 -30.90
C ASN D 596 4.45 56.14 -32.38
N VAL D 597 3.39 55.46 -32.81
CA VAL D 597 3.25 54.94 -34.17
C VAL D 597 1.88 55.31 -34.64
N TRP D 598 1.84 56.09 -35.71
CA TRP D 598 0.60 56.54 -36.30
C TRP D 598 0.47 55.90 -37.66
N GLU D 599 -0.59 55.13 -37.89
CA GLU D 599 -0.80 54.58 -39.19
C GLU D 599 -2.25 54.31 -39.53
N ASN D 600 -2.59 54.62 -40.77
CA ASN D 600 -3.92 54.31 -41.28
C ASN D 600 -5.05 54.83 -40.38
N ASN D 601 -5.03 56.13 -40.11
CA ASN D 601 -6.18 56.79 -39.50
C ASN D 601 -6.76 57.74 -40.53
N GLY D 602 -8.10 57.83 -40.53
CA GLY D 602 -8.84 58.74 -41.38
C GLY D 602 -10.08 58.14 -42.02
N PRO D 603 -10.71 58.90 -42.91
CA PRO D 603 -11.99 58.46 -43.49
C PRO D 603 -11.81 57.31 -44.49
N GLN D 604 -10.58 57.09 -44.96
CA GLN D 604 -10.20 55.92 -45.76
C GLN D 604 -10.14 54.57 -45.03
N VAL D 605 -10.15 54.56 -43.71
CA VAL D 605 -10.10 53.30 -42.97
C VAL D 605 -11.32 52.47 -43.40
N ASP D 606 -11.07 51.18 -43.60
CA ASP D 606 -12.05 50.22 -44.04
C ASP D 606 -13.38 50.39 -43.29
N THR D 607 -14.52 50.28 -43.98
CA THR D 607 -15.82 50.58 -43.36
C THR D 607 -16.32 49.49 -42.41
N VAL D 608 -15.78 48.27 -42.48
CA VAL D 608 -16.16 47.25 -41.47
C VAL D 608 -15.69 47.69 -40.05
N ILE D 609 -14.53 48.37 -39.99
CA ILE D 609 -14.02 48.94 -38.74
C ILE D 609 -14.92 50.06 -38.24
N ARG D 610 -15.29 50.99 -39.13
CA ARG D 610 -16.23 52.05 -38.76
C ARG D 610 -17.57 51.51 -38.21
N GLU D 611 -18.07 50.47 -38.84
CA GLU D 611 -19.42 50.03 -38.54
C GLU D 611 -19.48 49.13 -37.35
N ARG D 612 -18.37 48.46 -37.00
CA ARG D 612 -18.39 47.69 -35.75
C ARG D 612 -17.86 48.45 -34.50
N ALA D 613 -17.35 49.68 -34.68
CA ALA D 613 -17.07 50.58 -33.54
C ALA D 613 -18.29 50.74 -32.67
N GLY D 614 -18.12 50.80 -31.35
CA GLY D 614 -19.26 51.04 -30.49
C GLY D 614 -19.87 49.77 -30.00
N LEU D 615 -21.14 49.84 -29.56
CA LEU D 615 -21.78 48.74 -28.86
C LEU D 615 -21.89 47.49 -29.75
N GLU D 616 -21.72 46.34 -29.14
CA GLU D 616 -21.80 45.08 -29.87
C GLU D 616 -23.23 44.54 -29.74
N ALA D 617 -23.53 43.54 -30.55
CA ALA D 617 -24.89 42.99 -30.67
C ALA D 617 -25.60 42.75 -29.34
N GLU D 618 -24.92 42.05 -28.42
CA GLU D 618 -25.48 41.72 -27.10
C GLU D 618 -26.00 42.94 -26.29
N TYR D 619 -25.44 44.12 -26.55
CA TYR D 619 -25.71 45.30 -25.73
C TYR D 619 -26.36 46.49 -26.45
N ARG D 620 -26.74 46.31 -27.72
CA ARG D 620 -27.37 47.40 -28.54
C ARG D 620 -28.63 47.99 -27.93
N ASP D 621 -29.33 47.17 -27.15
CA ASP D 621 -30.54 47.55 -26.43
C ASP D 621 -30.43 48.72 -25.45
N LEU D 622 -29.20 49.10 -25.06
CA LEU D 622 -29.00 50.33 -24.26
C LEU D 622 -29.54 51.63 -24.90
N LYS D 623 -29.79 51.62 -26.22
CA LYS D 623 -30.35 52.76 -26.93
C LYS D 623 -31.79 52.43 -27.35
N LEU E 22 -28.64 -68.38 -27.16
CA LEU E 22 -28.59 -67.56 -28.42
C LEU E 22 -29.32 -66.20 -28.21
N SER E 23 -28.64 -65.12 -28.60
CA SER E 23 -29.22 -63.77 -28.61
C SER E 23 -28.94 -63.17 -29.96
N ALA E 24 -30.00 -62.84 -30.71
CA ALA E 24 -29.88 -62.24 -32.03
C ALA E 24 -29.41 -60.79 -31.90
N GLY E 25 -28.89 -60.26 -33.00
CA GLY E 25 -28.37 -58.88 -33.01
C GLY E 25 -29.48 -57.89 -32.83
N GLU E 26 -29.24 -56.85 -32.03
CA GLU E 26 -30.19 -55.74 -31.81
C GLU E 26 -29.74 -54.43 -32.42
N ILE E 27 -28.44 -54.26 -32.65
CA ILE E 27 -27.89 -53.12 -33.38
C ILE E 27 -26.93 -53.64 -34.43
N TRP E 28 -27.04 -53.10 -35.65
CA TRP E 28 -26.43 -53.70 -36.82
C TRP E 28 -25.48 -52.74 -37.50
N ILE E 29 -24.42 -53.30 -38.07
CA ILE E 29 -23.40 -52.58 -38.75
C ILE E 29 -23.04 -53.33 -40.01
N SER E 30 -22.71 -52.56 -41.06
CA SER E 30 -22.46 -53.09 -42.38
C SER E 30 -21.40 -52.27 -43.12
N PRO E 31 -20.53 -52.93 -43.93
CA PRO E 31 -19.61 -52.20 -44.81
C PRO E 31 -20.28 -51.13 -45.68
N GLN E 32 -21.57 -51.30 -45.96
CA GLN E 32 -22.33 -50.36 -46.77
C GLN E 32 -23.33 -49.57 -45.93
N GLY E 33 -23.17 -49.60 -44.60
CA GLY E 33 -24.08 -48.91 -43.70
C GLY E 33 -23.86 -47.41 -43.69
N ASN E 34 -24.57 -46.71 -42.81
CA ASN E 34 -24.36 -45.29 -42.65
C ASN E 34 -24.76 -44.89 -41.25
N ASP E 35 -23.90 -44.11 -40.61
CA ASP E 35 -24.07 -43.76 -39.19
C ASP E 35 -25.23 -42.81 -38.91
N LEU E 36 -25.85 -42.23 -39.97
CA LEU E 36 -27.15 -41.53 -39.80
C LEU E 36 -28.34 -42.49 -39.74
N ASN E 37 -28.13 -43.77 -39.96
CA ASN E 37 -29.19 -44.75 -39.90
C ASN E 37 -29.52 -45.15 -38.45
N ASP E 38 -30.71 -45.72 -38.24
CA ASP E 38 -31.12 -46.18 -36.91
C ASP E 38 -30.46 -47.52 -36.43
N GLY E 39 -29.61 -48.11 -37.26
CA GLY E 39 -28.87 -49.29 -36.83
C GLY E 39 -29.66 -50.58 -36.73
N THR E 40 -30.74 -50.69 -37.50
CA THR E 40 -31.48 -51.95 -37.66
C THR E 40 -30.86 -52.65 -38.86
N ARG E 41 -31.18 -53.93 -39.03
CA ARG E 41 -30.51 -54.69 -40.08
C ARG E 41 -30.77 -54.18 -41.52
N PRO E 42 -32.04 -53.81 -41.86
CA PRO E 42 -32.27 -53.19 -43.19
C PRO E 42 -31.66 -51.77 -43.34
N SER E 43 -31.51 -51.04 -42.22
CA SER E 43 -30.87 -49.70 -42.19
C SER E 43 -29.67 -49.61 -41.20
N PRO E 44 -28.53 -50.21 -41.55
CA PRO E 44 -27.45 -50.39 -40.57
C PRO E 44 -26.49 -49.22 -40.47
N LYS E 45 -25.84 -49.13 -39.31
CA LYS E 45 -24.70 -48.23 -39.12
C LYS E 45 -23.50 -48.65 -39.98
N ALA E 46 -22.59 -47.69 -40.16
CA ALA E 46 -21.30 -47.89 -40.82
C ALA E 46 -20.17 -48.24 -39.84
N THR E 47 -20.15 -47.65 -38.64
CA THR E 47 -19.01 -47.83 -37.72
C THR E 47 -19.40 -48.39 -36.37
N LEU E 48 -18.43 -49.08 -35.79
CA LEU E 48 -18.53 -49.56 -34.44
C LEU E 48 -18.63 -48.39 -33.47
N THR E 49 -17.91 -47.30 -33.71
CA THR E 49 -18.06 -46.12 -32.84
C THR E 49 -19.53 -45.65 -32.72
N SER E 50 -20.24 -45.60 -33.85
CA SER E 50 -21.64 -45.17 -33.88
C SER E 50 -22.56 -46.15 -33.18
N ALA E 51 -22.32 -47.44 -33.40
CA ALA E 51 -23.15 -48.49 -32.83
C ALA E 51 -22.97 -48.55 -31.32
N LEU E 52 -21.72 -48.42 -30.85
CA LEU E 52 -21.49 -48.29 -29.41
C LEU E 52 -22.16 -47.08 -28.82
N ARG E 53 -22.16 -45.96 -29.53
CA ARG E 53 -22.82 -44.77 -28.98
C ARG E 53 -24.33 -44.95 -28.83
N GLN E 54 -24.96 -45.64 -29.77
CA GLN E 54 -26.41 -45.92 -29.69
C GLN E 54 -26.68 -46.83 -28.48
N ALA E 55 -25.83 -47.85 -28.29
CA ALA E 55 -25.94 -48.72 -27.12
C ALA E 55 -25.79 -47.93 -25.82
N ARG E 56 -24.81 -47.03 -25.81
CA ARG E 56 -24.56 -46.15 -24.67
C ARG E 56 -25.79 -45.32 -24.34
N GLU E 57 -26.42 -44.77 -25.38
CA GLU E 57 -27.70 -44.07 -25.24
C GLU E 57 -28.88 -44.93 -24.77
N TRP E 58 -28.97 -46.18 -25.25
CA TRP E 58 -29.99 -47.13 -24.74
C TRP E 58 -29.82 -47.28 -23.26
N ARG E 59 -28.58 -47.55 -22.82
CA ARG E 59 -28.36 -47.71 -21.39
C ARG E 59 -28.63 -46.45 -20.60
N ARG E 60 -28.28 -45.29 -21.14
CA ARG E 60 -28.52 -44.03 -20.41
C ARG E 60 -30.02 -43.73 -20.22
N THR E 61 -30.82 -43.97 -21.26
CA THR E 61 -32.27 -43.69 -21.23
C THR E 61 -33.13 -44.89 -20.79
N ASP E 62 -32.53 -45.99 -20.35
CA ASP E 62 -33.24 -47.22 -19.94
C ASP E 62 -34.21 -47.73 -21.01
N ASP E 63 -33.73 -47.77 -22.25
CA ASP E 63 -34.42 -48.48 -23.34
C ASP E 63 -34.63 -49.95 -22.90
N GLU E 64 -35.82 -50.48 -23.18
CA GLU E 64 -36.22 -51.84 -22.76
C GLU E 64 -35.28 -52.89 -23.31
N ARG E 65 -34.78 -52.71 -24.55
CA ARG E 65 -33.82 -53.66 -25.18
C ARG E 65 -32.52 -53.92 -24.42
N VAL E 66 -32.18 -53.05 -23.46
CA VAL E 66 -31.09 -53.31 -22.49
C VAL E 66 -31.21 -54.68 -21.81
N ARG E 67 -32.44 -55.11 -21.56
CA ARG E 67 -32.70 -56.40 -20.90
C ARG E 67 -32.00 -57.55 -21.64
N GLY E 68 -31.35 -58.43 -20.88
CA GLY E 68 -30.67 -59.60 -21.44
C GLY E 68 -29.36 -59.31 -22.16
N GLY E 69 -28.99 -58.03 -22.24
CA GLY E 69 -27.79 -57.61 -22.94
C GLY E 69 -28.14 -56.92 -24.21
N ILE E 70 -27.13 -56.29 -24.83
CA ILE E 70 -27.22 -55.58 -26.09
C ILE E 70 -26.17 -56.22 -26.98
N THR E 71 -26.63 -56.81 -28.09
CA THR E 71 -25.75 -57.42 -29.08
C THR E 71 -25.60 -56.49 -30.26
N ILE E 72 -24.35 -56.19 -30.60
CA ILE E 72 -24.00 -55.42 -31.78
C ILE E 72 -23.53 -56.42 -32.78
N CYS E 73 -24.31 -56.60 -33.86
CA CYS E 73 -23.98 -57.55 -34.91
C CYS E 73 -23.33 -56.85 -36.09
N MET E 74 -22.29 -57.44 -36.66
CA MET E 74 -21.65 -56.84 -37.81
C MET E 74 -21.74 -57.76 -39.02
N GLU E 75 -22.14 -57.19 -40.16
CA GLU E 75 -22.14 -57.94 -41.42
C GLU E 75 -20.70 -58.35 -41.77
N GLY E 76 -20.57 -59.46 -42.48
CA GLY E 76 -19.28 -59.90 -42.99
C GLY E 76 -18.62 -58.82 -43.81
N GLY E 77 -17.30 -58.68 -43.64
CA GLY E 77 -16.46 -57.75 -44.42
C GLY E 77 -15.34 -57.19 -43.58
N THR E 78 -14.68 -56.19 -44.12
CA THR E 78 -13.59 -55.45 -43.46
C THR E 78 -14.06 -54.06 -43.06
N TYR E 79 -13.76 -53.65 -41.84
CA TYR E 79 -14.08 -52.31 -41.38
C TYR E 79 -12.76 -51.62 -41.02
N ALA E 80 -12.41 -50.58 -41.79
CA ALA E 80 -11.11 -49.91 -41.66
C ALA E 80 -11.25 -48.83 -40.62
N LEU E 81 -10.30 -48.75 -39.70
CA LEU E 81 -10.34 -47.74 -38.63
C LEU E 81 -9.20 -46.74 -38.80
N TYR E 82 -9.50 -45.48 -38.53
CA TYR E 82 -8.49 -44.41 -38.54
C TYR E 82 -8.16 -43.91 -37.15
N GLU E 83 -8.80 -44.47 -36.13
CA GLU E 83 -8.58 -44.15 -34.71
C GLU E 83 -9.21 -45.28 -33.88
N PRO E 84 -8.83 -45.40 -32.60
CA PRO E 84 -9.34 -46.49 -31.81
C PRO E 84 -10.79 -46.31 -31.50
N VAL E 85 -11.50 -47.42 -31.40
CA VAL E 85 -12.83 -47.44 -30.85
C VAL E 85 -12.63 -47.38 -29.35
N PHE E 86 -13.20 -46.35 -28.75
CA PHE E 86 -13.03 -46.09 -27.36
C PHE E 86 -14.25 -46.60 -26.57
N ILE E 87 -14.03 -47.64 -25.77
CA ILE E 87 -15.06 -48.25 -24.95
C ILE E 87 -14.83 -47.82 -23.51
N ARG E 88 -15.81 -47.09 -22.96
CA ARG E 88 -15.64 -46.27 -21.79
C ARG E 88 -16.65 -46.65 -20.69
N PRO E 89 -16.52 -46.10 -19.49
CA PRO E 89 -17.41 -46.47 -18.36
C PRO E 89 -18.92 -46.45 -18.70
N GLU E 90 -19.38 -45.43 -19.42
CA GLU E 90 -20.77 -45.32 -19.83
C GLU E 90 -21.24 -46.49 -20.73
N ASP E 91 -20.29 -47.20 -21.36
CA ASP E 91 -20.62 -48.39 -22.17
C ASP E 91 -20.79 -49.69 -21.38
N SER E 92 -20.60 -49.65 -20.07
CA SER E 92 -20.55 -50.85 -19.24
C SER E 92 -21.88 -51.54 -19.22
N GLY E 93 -21.85 -52.87 -19.30
CA GLY E 93 -23.02 -53.69 -18.99
C GLY E 93 -23.06 -54.11 -17.53
N THR E 94 -23.92 -55.10 -17.25
CA THR E 94 -23.97 -55.84 -15.99
C THR E 94 -23.84 -57.32 -16.32
N GLU E 95 -23.71 -58.18 -15.31
CA GLU E 95 -23.71 -59.63 -15.60
C GLU E 95 -24.95 -60.08 -16.38
N ASP E 96 -26.14 -59.63 -15.95
CA ASP E 96 -27.39 -59.91 -16.67
C ASP E 96 -27.52 -59.17 -18.00
N SER E 97 -26.78 -58.06 -18.18
CA SER E 97 -26.89 -57.31 -19.44
C SER E 97 -25.53 -56.88 -20.00
N PRO E 98 -24.75 -57.87 -20.53
CA PRO E 98 -23.46 -57.56 -21.11
C PRO E 98 -23.66 -56.86 -22.44
N THR E 99 -22.65 -56.16 -22.97
CA THR E 99 -22.67 -55.74 -24.36
C THR E 99 -21.79 -56.70 -25.11
N VAL E 100 -22.31 -57.22 -26.22
CA VAL E 100 -21.64 -58.26 -26.98
C VAL E 100 -21.40 -57.76 -28.40
N ILE E 101 -20.18 -57.85 -28.90
CA ILE E 101 -19.89 -57.46 -30.29
C ILE E 101 -19.47 -58.71 -31.08
N ARG E 102 -20.10 -58.91 -32.25
CA ARG E 102 -19.86 -60.18 -32.98
C ARG E 102 -20.31 -60.11 -34.41
N PRO E 103 -19.76 -60.97 -35.28
CA PRO E 103 -20.34 -61.10 -36.62
C PRO E 103 -21.71 -61.74 -36.59
N VAL E 104 -22.54 -61.41 -37.57
CA VAL E 104 -23.73 -62.21 -37.83
C VAL E 104 -23.31 -63.65 -38.22
N ALA E 105 -24.15 -64.63 -37.90
CA ALA E 105 -24.11 -65.93 -38.56
C ALA E 105 -22.69 -66.48 -38.49
N ASP E 106 -22.17 -67.08 -39.56
CA ASP E 106 -20.80 -67.56 -39.58
C ASP E 106 -19.89 -66.64 -40.40
N GLU E 107 -20.23 -65.36 -40.50
CA GLU E 107 -19.47 -64.43 -41.34
C GLU E 107 -18.11 -64.02 -40.72
N LYS E 108 -17.19 -63.60 -41.57
CA LYS E 108 -15.89 -63.14 -41.11
C LYS E 108 -15.93 -61.64 -41.03
N VAL E 109 -15.62 -61.11 -39.84
CA VAL E 109 -15.52 -59.67 -39.61
C VAL E 109 -14.08 -59.29 -39.28
N VAL E 110 -13.49 -58.39 -40.06
CA VAL E 110 -12.13 -57.88 -39.82
C VAL E 110 -12.21 -56.39 -39.45
N LEU E 111 -11.79 -56.06 -38.23
CA LEU E 111 -11.47 -54.66 -37.86
C LEU E 111 -10.02 -54.44 -38.28
N SER E 112 -9.79 -53.48 -39.18
CA SER E 112 -8.48 -53.27 -39.75
C SER E 112 -7.93 -51.92 -39.40
N GLY E 113 -6.67 -51.89 -38.98
CA GLY E 113 -5.97 -50.61 -38.71
C GLY E 113 -5.10 -50.16 -39.86
N GLY E 114 -5.42 -50.64 -41.05
CA GLY E 114 -4.52 -50.52 -42.20
C GLY E 114 -5.25 -49.92 -43.39
N ILE E 115 -4.48 -49.64 -44.42
CA ILE E 115 -4.98 -49.11 -45.69
C ILE E 115 -4.39 -49.91 -46.85
N ARG E 116 -5.12 -49.91 -47.95
CA ARG E 116 -4.68 -50.56 -49.16
C ARG E 116 -3.81 -49.64 -50.01
N ILE E 117 -2.72 -50.16 -50.56
CA ILE E 117 -1.89 -49.42 -51.51
C ILE E 117 -2.20 -49.96 -52.91
N GLY E 118 -2.69 -49.07 -53.80
CA GLY E 118 -2.93 -49.36 -55.21
C GLY E 118 -2.02 -48.52 -56.11
N GLY E 119 -2.35 -48.46 -57.39
CA GLY E 119 -1.58 -47.70 -58.38
C GLY E 119 -0.18 -48.22 -58.66
N TRP E 120 0.00 -49.52 -58.59
CA TRP E 120 1.31 -50.12 -58.78
C TRP E 120 1.76 -50.03 -60.25
N LYS E 121 3.03 -49.69 -60.46
CA LYS E 121 3.63 -49.61 -61.79
C LYS E 121 4.92 -50.41 -61.84
N LYS E 122 5.22 -50.95 -63.02
CA LYS E 122 6.39 -51.80 -63.22
C LYS E 122 7.66 -51.00 -63.42
N GLN E 123 8.75 -51.49 -62.85
CA GLN E 123 10.03 -50.80 -62.86
C GLN E 123 11.12 -51.86 -62.74
N GLY E 124 11.32 -52.57 -63.86
CA GLY E 124 12.18 -53.74 -63.92
C GLY E 124 11.50 -54.97 -63.35
N LYS E 125 12.21 -55.66 -62.47
CA LYS E 125 11.63 -56.76 -61.71
C LYS E 125 10.77 -56.22 -60.59
N LEU E 126 11.01 -54.97 -60.20
CA LEU E 126 10.29 -54.31 -59.11
C LEU E 126 9.07 -53.56 -59.56
N TRP E 127 8.15 -53.38 -58.62
CA TRP E 127 6.97 -52.59 -58.83
C TRP E 127 6.94 -51.53 -57.74
N VAL E 128 6.47 -50.34 -58.11
CA VAL E 128 6.55 -49.16 -57.26
C VAL E 128 5.17 -48.50 -57.20
N ALA E 129 4.82 -47.97 -56.03
CA ALA E 129 3.54 -47.29 -55.88
C ALA E 129 3.73 -46.10 -54.94
N ASP E 130 2.90 -45.07 -55.14
CA ASP E 130 2.90 -43.90 -54.27
C ASP E 130 2.17 -44.26 -53.01
N VAL E 131 2.68 -43.83 -51.86
CA VAL E 131 2.01 -44.15 -50.57
C VAL E 131 1.05 -43.02 -50.30
N PRO E 132 -0.24 -43.31 -50.08
CA PRO E 132 -1.12 -42.16 -49.82
C PRO E 132 -0.89 -41.55 -48.47
N MET E 133 -1.44 -40.35 -48.35
CA MET E 133 -1.56 -39.62 -47.12
C MET E 133 -2.44 -40.46 -46.21
N PHE E 134 -2.19 -40.38 -44.90
CA PHE E 134 -3.12 -40.96 -43.95
C PHE E 134 -3.39 -40.00 -42.81
N ASN E 135 -4.67 -39.75 -42.52
CA ASN E 135 -5.06 -38.72 -41.54
C ASN E 135 -4.30 -37.41 -41.73
N GLY E 136 -4.23 -36.96 -42.98
CA GLY E 136 -3.60 -35.68 -43.33
C GLY E 136 -2.08 -35.57 -43.34
N ARG E 137 -1.36 -36.70 -43.22
CA ARG E 137 0.07 -36.69 -43.12
C ARG E 137 0.70 -37.85 -43.88
N PRO E 138 1.98 -37.71 -44.24
CA PRO E 138 2.67 -38.84 -44.84
C PRO E 138 2.62 -40.08 -43.92
N LEU E 139 2.48 -41.25 -44.52
CA LEU E 139 2.39 -42.51 -43.79
C LEU E 139 3.71 -43.27 -43.92
N ASP E 140 4.22 -43.80 -42.80
CA ASP E 140 5.29 -44.80 -42.79
C ASP E 140 4.78 -46.05 -42.09
N PHE E 141 5.49 -47.17 -42.32
CA PHE E 141 5.12 -48.48 -41.82
C PHE E 141 6.32 -49.41 -41.78
N ARG E 142 6.20 -50.41 -40.93
CA ARG E 142 7.21 -51.45 -40.76
C ARG E 142 6.80 -52.84 -41.23
N GLN E 143 5.53 -53.04 -41.56
CA GLN E 143 4.97 -54.28 -42.10
C GLN E 143 4.25 -53.94 -43.39
N LEU E 144 4.11 -54.95 -44.25
CA LEU E 144 3.33 -54.89 -45.49
C LEU E 144 2.83 -56.31 -45.78
N TRP E 145 1.54 -56.46 -46.06
CA TRP E 145 0.94 -57.78 -46.30
C TRP E 145 0.32 -57.82 -47.70
N VAL E 146 0.47 -58.95 -48.40
CA VAL E 146 -0.04 -59.10 -49.78
C VAL E 146 -0.95 -60.30 -49.76
N ASN E 147 -2.23 -60.06 -50.05
CA ASN E 147 -3.27 -61.09 -49.97
C ASN E 147 -3.15 -61.91 -48.72
N GLY E 148 -3.03 -61.24 -47.58
CA GLY E 148 -2.99 -61.90 -46.28
C GLY E 148 -1.67 -62.56 -45.92
N LYS E 149 -0.65 -62.41 -46.76
CA LYS E 149 0.61 -63.08 -46.54
C LYS E 149 1.68 -62.01 -46.36
N LYS E 150 2.41 -62.10 -45.26
CA LYS E 150 3.32 -61.04 -44.83
C LYS E 150 4.50 -60.97 -45.77
N ALA E 151 4.85 -59.78 -46.21
CA ALA E 151 6.06 -59.56 -46.98
C ALA E 151 7.23 -59.29 -46.04
N VAL E 152 8.40 -59.12 -46.62
CA VAL E 152 9.63 -59.05 -45.88
C VAL E 152 10.21 -57.70 -46.10
N ARG E 153 10.47 -57.00 -44.99
CA ARG E 153 11.10 -55.68 -45.03
C ARG E 153 12.54 -55.93 -45.42
N ALA E 154 12.97 -55.31 -46.52
CA ALA E 154 14.20 -55.69 -47.18
C ALA E 154 15.32 -55.72 -46.17
N ARG E 155 16.09 -56.83 -46.22
CA ARG E 155 17.19 -57.08 -45.34
C ARG E 155 18.33 -57.78 -46.09
N ASP E 156 19.51 -57.73 -45.50
CA ASP E 156 20.73 -58.21 -46.14
C ASP E 156 20.75 -59.73 -46.39
N VAL E 157 20.40 -60.55 -45.40
CA VAL E 157 20.41 -62.01 -45.54
C VAL E 157 19.01 -62.60 -45.46
N GLU E 158 18.71 -63.54 -46.34
CA GLU E 158 17.42 -64.20 -46.36
C GLU E 158 17.33 -65.29 -45.27
N ASP E 159 18.46 -65.94 -45.00
CA ASP E 159 18.61 -67.00 -44.04
C ASP E 159 19.39 -66.42 -42.85
N PHE E 160 18.74 -66.36 -41.68
CA PHE E 160 19.36 -65.77 -40.46
C PHE E 160 20.60 -66.53 -39.99
N GLU E 161 20.71 -67.81 -40.35
CA GLU E 161 21.95 -68.61 -40.08
C GLU E 161 23.18 -68.03 -40.75
N LYS E 162 22.97 -67.20 -41.79
CA LYS E 162 24.06 -66.53 -42.47
C LYS E 162 24.38 -65.10 -41.94
N MET E 163 23.75 -64.68 -40.84
CA MET E 163 23.96 -63.32 -40.38
C MET E 163 25.43 -63.11 -40.13
N ASN E 164 25.93 -61.90 -40.40
CA ASN E 164 27.29 -61.54 -39.91
C ASN E 164 27.29 -61.40 -38.40
N ARG E 165 28.50 -61.36 -37.84
CA ARG E 165 28.71 -61.17 -36.44
C ARG E 165 29.49 -59.86 -36.27
N ILE E 166 29.21 -59.16 -35.17
CA ILE E 166 30.00 -57.97 -34.82
C ILE E 166 31.43 -58.36 -34.48
N CYS E 167 32.30 -57.35 -34.44
CA CYS E 167 33.69 -57.52 -34.14
C CYS E 167 33.98 -57.08 -32.70
N SER E 168 33.56 -55.86 -32.36
CA SER E 168 33.78 -55.32 -31.02
C SER E 168 32.83 -54.14 -30.71
N VAL E 169 32.84 -53.73 -29.44
CA VAL E 169 32.02 -52.62 -28.94
C VAL E 169 32.95 -51.67 -28.26
N ASP E 170 32.86 -50.42 -28.64
CA ASP E 170 33.48 -49.34 -27.89
C ASP E 170 32.37 -48.51 -27.14
N GLU E 171 32.17 -48.81 -25.86
CA GLU E 171 31.15 -48.14 -25.02
C GLU E 171 31.36 -46.64 -24.91
N LYS E 172 32.58 -46.25 -24.56
CA LYS E 172 32.96 -44.86 -24.36
C LYS E 172 32.62 -43.93 -25.56
N ASN E 173 32.84 -44.38 -26.80
CA ASN E 173 32.58 -43.54 -27.98
C ASN E 173 31.35 -43.96 -28.74
N GLU E 174 30.61 -44.94 -28.23
CA GLU E 174 29.38 -45.42 -28.85
C GLU E 174 29.61 -45.82 -30.28
N ILE E 175 30.60 -46.70 -30.46
CA ILE E 175 30.89 -47.29 -31.76
C ILE E 175 30.71 -48.77 -31.71
N LEU E 176 30.03 -49.32 -32.71
CA LEU E 176 29.97 -50.76 -32.92
C LEU E 176 30.78 -51.10 -34.16
N TYR E 177 31.76 -51.99 -34.01
CA TYR E 177 32.62 -52.39 -35.13
C TYR E 177 32.11 -53.69 -35.73
N VAL E 178 31.95 -53.70 -37.04
CA VAL E 178 31.47 -54.85 -37.74
C VAL E 178 32.36 -55.11 -38.95
N PRO E 179 32.21 -56.25 -39.61
CA PRO E 179 33.02 -56.42 -40.82
C PRO E 179 32.50 -55.54 -41.96
N ALA E 180 33.42 -54.87 -42.66
CA ALA E 180 33.07 -54.01 -43.79
C ALA E 180 32.25 -54.75 -44.84
N VAL E 181 32.56 -56.02 -45.09
CA VAL E 181 31.77 -56.84 -46.06
C VAL E 181 30.27 -56.79 -45.79
N ALA E 182 29.89 -56.68 -44.52
CA ALA E 182 28.47 -56.66 -44.11
C ALA E 182 27.73 -55.41 -44.54
N ILE E 183 28.38 -54.24 -44.46
CA ILE E 183 27.70 -52.95 -44.79
C ILE E 183 28.05 -52.36 -46.18
N ARG E 184 28.76 -53.14 -46.99
CA ARG E 184 29.30 -52.64 -48.25
C ARG E 184 28.19 -52.09 -49.13
N ARG E 185 27.03 -52.74 -49.16
CA ARG E 185 25.90 -52.29 -49.98
C ARG E 185 25.23 -50.98 -49.50
N LEU E 186 25.61 -50.46 -48.34
CA LEU E 186 24.96 -49.28 -47.75
C LEU E 186 25.83 -48.04 -47.82
N VAL E 187 27.01 -48.12 -48.44
CA VAL E 187 27.94 -46.98 -48.43
C VAL E 187 28.25 -46.53 -49.85
N ASP E 188 28.73 -45.29 -49.98
CA ASP E 188 29.04 -44.72 -51.31
C ASP E 188 30.50 -44.97 -51.63
N GLY E 189 30.89 -44.64 -52.87
CA GLY E 189 32.26 -44.79 -53.32
C GLY E 189 33.27 -44.19 -52.36
N LYS E 190 32.91 -43.09 -51.71
CA LYS E 190 33.73 -42.53 -50.61
C LYS E 190 33.76 -43.32 -49.29
N GLY E 191 32.98 -44.41 -49.17
CA GLY E 191 32.74 -45.11 -47.86
C GLY E 191 31.84 -44.43 -46.78
N ALA E 192 30.98 -43.50 -47.20
CA ALA E 192 30.03 -42.83 -46.33
C ALA E 192 28.64 -43.45 -46.51
N LEU E 193 27.87 -43.49 -45.40
CA LEU E 193 26.50 -44.04 -45.45
C LEU E 193 25.68 -43.41 -46.55
N LYS E 194 25.11 -44.25 -47.40
CA LYS E 194 24.28 -43.82 -48.52
C LYS E 194 22.79 -44.17 -48.28
N ALA E 195 22.53 -45.17 -47.43
CA ALA E 195 21.18 -45.62 -47.11
C ALA E 195 20.74 -44.86 -45.84
N LYS E 196 20.00 -43.74 -46.04
CA LYS E 196 19.69 -42.74 -44.98
C LYS E 196 19.03 -43.28 -43.71
N TYR E 197 18.17 -44.27 -43.87
CA TYR E 197 17.34 -44.76 -42.78
C TYR E 197 17.62 -46.25 -42.50
N ALA E 198 18.83 -46.68 -42.78
CA ALA E 198 19.19 -48.09 -42.56
C ALA E 198 19.15 -48.40 -41.06
N GLU E 199 18.74 -49.62 -40.73
CA GLU E 199 18.63 -50.11 -39.35
C GLU E 199 19.37 -51.44 -39.19
N MET E 200 20.06 -51.60 -38.06
CA MET E 200 20.63 -52.87 -37.66
C MET E 200 19.74 -53.52 -36.60
N VAL E 201 19.45 -54.81 -36.77
CA VAL E 201 18.78 -55.63 -35.76
C VAL E 201 19.87 -56.52 -35.17
N LEU E 202 20.25 -56.22 -33.93
CA LEU E 202 21.37 -56.83 -33.26
C LEU E 202 20.83 -57.86 -32.24
N HIS E 203 21.32 -59.08 -32.36
CA HIS E 203 21.05 -60.20 -31.49
C HIS E 203 21.96 -60.12 -30.27
N GLN E 204 21.37 -59.88 -29.09
CA GLN E 204 22.13 -59.74 -27.85
C GLN E 204 21.54 -60.52 -26.65
N MET E 205 22.09 -61.73 -26.42
CA MET E 205 21.67 -62.64 -25.35
C MET E 205 20.20 -62.96 -25.51
N TRP E 206 19.31 -62.43 -24.69
CA TRP E 206 17.88 -62.84 -24.74
C TRP E 206 16.99 -61.80 -25.44
N CYS E 207 17.60 -60.75 -26.01
CA CYS E 207 16.86 -59.74 -26.80
C CYS E 207 17.50 -59.40 -28.15
N VAL E 208 16.69 -58.82 -29.03
CA VAL E 208 17.18 -57.99 -30.13
C VAL E 208 17.08 -56.50 -29.80
N ALA E 209 17.92 -55.71 -30.44
CA ALA E 209 17.82 -54.26 -30.39
C ALA E 209 17.73 -53.75 -31.81
N ASN E 210 16.91 -52.70 -31.99
CA ASN E 210 16.73 -52.08 -33.31
C ASN E 210 17.47 -50.77 -33.22
N LEU E 211 18.51 -50.63 -34.02
CA LEU E 211 19.52 -49.56 -33.89
C LEU E 211 19.71 -48.88 -35.26
N ARG E 212 19.24 -47.65 -35.35
CA ARG E 212 19.24 -46.94 -36.63
C ARG E 212 20.62 -46.31 -36.91
N ILE E 213 21.18 -46.63 -38.08
CA ILE E 213 22.56 -46.29 -38.44
C ILE E 213 22.66 -44.81 -38.83
N ARG E 214 23.51 -44.09 -38.14
CA ARG E 214 23.72 -42.69 -38.43
C ARG E 214 24.90 -42.53 -39.42
N SER E 215 26.02 -43.22 -39.18
CA SER E 215 27.25 -43.06 -40.01
C SER E 215 28.09 -44.35 -40.04
N VAL E 216 28.87 -44.50 -41.13
CA VAL E 216 29.81 -45.59 -41.31
C VAL E 216 31.19 -44.99 -41.62
N GLU E 217 32.23 -45.47 -40.94
CA GLU E 217 33.63 -45.14 -41.29
C GLU E 217 34.42 -46.42 -41.56
N LEU E 218 34.85 -46.63 -42.80
CA LEU E 218 35.65 -47.83 -43.16
C LEU E 218 37.12 -47.65 -42.78
N ALA E 219 37.73 -48.68 -42.21
CA ALA E 219 39.19 -48.81 -42.11
C ALA E 219 39.55 -50.22 -42.55
N GLY E 220 39.76 -50.41 -43.85
CA GLY E 220 40.16 -51.68 -44.38
C GLY E 220 39.05 -52.68 -44.22
N ASP E 221 39.36 -53.79 -43.55
CA ASP E 221 38.44 -54.91 -43.24
C ASP E 221 37.22 -54.56 -42.41
N SER E 222 37.30 -53.49 -41.62
CA SER E 222 36.29 -53.20 -40.60
C SER E 222 35.55 -51.89 -40.85
N ALA E 223 34.35 -51.83 -40.28
CA ALA E 223 33.51 -50.61 -40.34
C ALA E 223 33.11 -50.21 -38.93
N ALA E 224 33.38 -48.94 -38.61
CA ALA E 224 32.90 -48.33 -37.38
C ALA E 224 31.46 -47.84 -37.64
N ILE E 225 30.49 -48.47 -36.99
CA ILE E 225 29.07 -48.08 -37.09
C ILE E 225 28.70 -47.17 -35.93
N ARG E 226 28.12 -46.01 -36.25
CA ARG E 226 27.51 -45.15 -35.23
C ARG E 226 26.04 -45.02 -35.48
N PHE E 227 25.30 -44.86 -34.38
CA PHE E 227 23.85 -44.88 -34.39
C PHE E 227 23.22 -43.55 -33.95
N HIS E 228 21.95 -43.43 -34.28
CA HIS E 228 21.14 -42.25 -33.86
C HIS E 228 20.80 -42.26 -32.38
N GLN E 229 20.52 -41.08 -31.88
CA GLN E 229 19.84 -40.92 -30.60
C GLN E 229 18.35 -41.01 -30.82
N PRO E 230 17.56 -41.41 -29.81
CA PRO E 230 17.98 -41.65 -28.43
C PRO E 230 18.59 -43.04 -28.11
N GLU E 231 18.57 -43.96 -29.07
CA GLU E 231 18.93 -45.34 -28.80
C GLU E 231 20.40 -45.56 -28.60
N SER E 232 21.24 -44.76 -29.22
CA SER E 232 22.68 -44.90 -29.05
C SER E 232 23.11 -44.83 -27.60
N ARG E 233 22.81 -43.75 -26.87
CA ARG E 233 23.19 -43.70 -25.48
C ARG E 233 22.77 -44.96 -24.71
N ILE E 234 21.52 -45.40 -24.93
CA ILE E 234 20.95 -46.44 -24.10
C ILE E 234 21.55 -47.77 -24.48
N GLN E 235 21.67 -48.04 -25.78
CA GLN E 235 22.28 -49.25 -26.24
C GLN E 235 23.70 -49.45 -25.66
N PHE E 236 24.51 -48.41 -25.67
CA PHE E 236 25.91 -48.57 -25.26
C PHE E 236 26.08 -48.66 -23.76
N GLU E 237 25.21 -48.02 -22.98
CA GLU E 237 25.47 -48.01 -21.53
C GLU E 237 24.67 -49.07 -20.75
N HIS E 238 23.67 -49.70 -21.34
CA HIS E 238 22.88 -50.62 -20.56
C HIS E 238 23.63 -51.95 -20.49
N PRO E 239 23.75 -52.53 -19.29
CA PRO E 239 24.57 -53.71 -19.14
C PRO E 239 23.89 -55.04 -19.48
N TRP E 240 22.55 -55.12 -19.41
CA TRP E 240 21.85 -56.40 -19.56
C TRP E 240 20.60 -56.22 -20.41
N PRO E 241 20.41 -56.97 -21.48
CA PRO E 241 21.46 -57.75 -22.11
C PRO E 241 22.44 -56.79 -22.84
N ARG E 242 23.61 -57.27 -23.23
CA ARG E 242 24.55 -56.46 -24.02
C ARG E 242 25.17 -57.34 -25.07
N PRO E 243 25.84 -56.74 -26.07
CA PRO E 243 26.33 -57.55 -27.20
C PRO E 243 27.42 -58.55 -26.77
N MET E 244 27.38 -59.76 -27.33
CA MET E 244 28.42 -60.76 -27.03
C MET E 244 29.69 -60.45 -27.81
N VAL E 245 30.78 -60.18 -27.08
CA VAL E 245 32.11 -60.09 -27.66
C VAL E 245 33.00 -61.16 -26.99
N THR E 246 33.53 -62.08 -27.80
CA THR E 246 34.08 -63.36 -27.28
C THR E 246 35.37 -63.71 -28.03
N THR E 247 36.18 -64.59 -27.47
CA THR E 247 37.37 -65.07 -28.18
C THR E 247 37.10 -66.31 -29.03
N ASP E 248 35.98 -66.98 -28.79
CA ASP E 248 35.75 -68.34 -29.28
C ASP E 248 34.57 -68.50 -30.23
N GLY E 249 34.24 -67.44 -31.00
CA GLY E 249 33.32 -67.55 -32.14
C GLY E 249 31.84 -67.45 -31.78
N HIS E 250 31.51 -66.74 -30.70
CA HIS E 250 30.10 -66.53 -30.32
C HIS E 250 29.67 -65.05 -30.25
N ASN E 251 30.25 -64.22 -31.10
CA ASN E 251 29.95 -62.79 -31.08
C ASN E 251 28.54 -62.55 -31.59
N SER E 252 27.93 -61.50 -31.08
CA SER E 252 26.54 -61.20 -31.47
C SER E 252 26.33 -61.12 -32.97
N ALA E 253 25.32 -61.82 -33.45
CA ALA E 253 24.90 -61.74 -34.82
C ALA E 253 24.04 -60.49 -35.06
N PHE E 254 23.95 -60.07 -36.32
CA PHE E 254 23.07 -58.96 -36.69
C PHE E 254 22.63 -59.12 -38.10
N TYR E 255 21.52 -58.49 -38.40
CA TYR E 255 21.12 -58.27 -39.76
C TYR E 255 20.82 -56.77 -39.96
N LEU E 256 20.61 -56.40 -41.21
CA LEU E 256 20.44 -54.99 -41.62
C LEU E 256 19.17 -54.95 -42.38
N THR E 257 18.42 -53.84 -42.26
CA THR E 257 17.11 -53.73 -42.92
C THR E 257 16.86 -52.24 -43.25
N ASN E 258 15.72 -52.01 -43.92
CA ASN E 258 15.22 -50.67 -44.26
C ASN E 258 16.22 -49.91 -45.15
N ALA E 259 16.47 -50.53 -46.29
CA ALA E 259 17.33 -49.94 -47.30
C ALA E 259 16.93 -50.48 -48.65
N ARG E 260 16.71 -49.55 -49.60
CA ARG E 260 16.53 -49.85 -51.01
C ARG E 260 17.61 -50.78 -51.52
N GLU E 261 18.82 -50.55 -51.08
CA GLU E 261 19.98 -51.29 -51.57
C GLU E 261 19.96 -52.77 -51.18
N LEU E 262 19.02 -53.19 -50.31
CA LEU E 262 18.90 -54.55 -49.83
C LEU E 262 17.72 -55.28 -50.39
N LEU E 263 16.91 -54.59 -51.17
CA LEU E 263 15.73 -55.18 -51.77
C LEU E 263 16.15 -55.89 -53.04
N ASP E 264 16.26 -57.23 -52.98
CA ASP E 264 16.84 -58.04 -54.07
C ASP E 264 16.25 -59.45 -54.33
N VAL E 265 15.42 -59.98 -53.43
CA VAL E 265 14.70 -61.24 -53.70
C VAL E 265 13.21 -61.01 -53.65
N ALA E 266 12.45 -61.94 -54.20
CA ALA E 266 11.00 -61.81 -54.23
C ALA E 266 10.43 -61.77 -52.81
N GLY E 267 9.37 -60.98 -52.64
CA GLY E 267 8.73 -60.74 -51.35
C GLY E 267 9.33 -59.64 -50.51
N GLU E 268 10.47 -59.08 -50.88
CA GLU E 268 11.08 -57.96 -50.14
C GLU E 268 10.49 -56.61 -50.58
N TRP E 269 10.30 -55.68 -49.63
CA TRP E 269 9.81 -54.33 -49.90
C TRP E 269 10.68 -53.30 -49.19
N TYR E 270 10.64 -52.07 -49.68
CA TYR E 270 11.25 -50.94 -49.01
C TYR E 270 10.38 -49.72 -49.29
N HIS E 271 10.14 -48.94 -48.24
CA HIS E 271 9.40 -47.70 -48.33
C HIS E 271 10.40 -46.56 -48.18
N ASP E 272 10.56 -45.81 -49.27
CA ASP E 272 11.41 -44.61 -49.30
C ASP E 272 10.54 -43.45 -48.78
N ILE E 273 10.79 -43.02 -47.54
CA ILE E 273 9.95 -42.03 -46.88
C ILE E 273 10.17 -40.62 -47.44
N ASP E 274 11.36 -40.36 -47.98
CA ASP E 274 11.67 -39.08 -48.60
C ASP E 274 10.91 -38.88 -49.91
N ALA E 275 10.67 -39.98 -50.63
CA ALA E 275 9.93 -39.98 -51.89
C ALA E 275 8.46 -40.32 -51.71
N ARG E 276 8.09 -40.89 -50.56
CA ARG E 276 6.73 -41.42 -50.31
C ARG E 276 6.32 -42.44 -51.40
N LYS E 277 7.24 -43.36 -51.68
CA LYS E 277 7.08 -44.43 -52.66
C LYS E 277 7.56 -45.72 -52.04
N VAL E 278 6.81 -46.77 -52.28
CA VAL E 278 7.10 -48.09 -51.79
C VAL E 278 7.41 -49.01 -52.97
N TYR E 279 8.44 -49.85 -52.80
CA TYR E 279 8.94 -50.74 -53.84
C TYR E 279 8.76 -52.15 -53.37
N TYR E 280 8.29 -53.03 -54.24
CA TYR E 280 8.03 -54.41 -53.89
C TYR E 280 8.40 -55.36 -55.05
N TYR E 281 9.06 -56.48 -54.70
CA TYR E 281 9.50 -57.49 -55.65
C TYR E 281 8.46 -58.58 -55.45
N PRO E 282 7.51 -58.74 -56.39
CA PRO E 282 6.44 -59.69 -56.12
C PRO E 282 6.87 -61.14 -56.14
N ARG E 283 6.06 -61.99 -55.52
CA ARG E 283 6.24 -63.44 -55.47
C ARG E 283 5.24 -64.08 -56.43
N GLU E 284 5.48 -65.35 -56.79
CA GLU E 284 4.63 -66.12 -57.74
C GLU E 284 3.17 -66.12 -57.32
N GLY E 285 2.27 -65.78 -58.23
CA GLY E 285 0.85 -65.62 -57.91
C GLY E 285 0.38 -64.19 -57.66
N GLU E 286 1.32 -63.26 -57.42
CA GLU E 286 0.96 -61.90 -57.10
C GLU E 286 0.99 -61.01 -58.35
N LYS E 287 -0.14 -60.38 -58.64
CA LYS E 287 -0.32 -59.57 -59.84
C LYS E 287 -0.83 -58.26 -59.36
N LEU E 288 0.08 -57.29 -59.24
CA LEU E 288 -0.19 -56.06 -58.50
C LEU E 288 -1.19 -55.12 -59.14
N GLN E 289 -1.29 -55.17 -60.48
CA GLN E 289 -2.34 -54.44 -61.21
C GLN E 289 -3.74 -55.07 -61.13
N ASP E 290 -3.86 -56.29 -60.65
CA ASP E 290 -5.16 -56.96 -60.53
C ASP E 290 -5.87 -56.44 -59.26
N ALA E 291 -7.19 -56.27 -59.32
CA ALA E 291 -8.02 -55.91 -58.14
C ALA E 291 -8.16 -57.09 -57.17
N GLY E 292 -7.94 -58.31 -57.68
CA GLY E 292 -7.86 -59.49 -56.84
C GLY E 292 -6.71 -59.47 -55.86
N THR E 293 -5.59 -58.84 -56.24
CA THR E 293 -4.40 -58.71 -55.38
C THR E 293 -4.52 -57.47 -54.44
N GLU E 294 -4.54 -57.71 -53.13
CA GLU E 294 -4.69 -56.67 -52.08
C GLU E 294 -3.39 -56.46 -51.31
N VAL E 295 -2.80 -55.27 -51.43
CA VAL E 295 -1.63 -54.89 -50.62
C VAL E 295 -2.05 -53.95 -49.49
N ILE E 296 -1.82 -54.37 -48.24
CA ILE E 296 -2.25 -53.63 -47.02
C ILE E 296 -1.04 -53.24 -46.19
N VAL E 297 -1.01 -51.99 -45.72
CA VAL E 297 0.01 -51.55 -44.75
C VAL E 297 -0.71 -51.01 -43.53
N PRO E 298 -0.13 -51.21 -42.34
CA PRO E 298 -0.83 -50.75 -41.15
C PRO E 298 -0.64 -49.23 -40.97
N ALA E 299 -1.67 -48.59 -40.38
CA ALA E 299 -1.73 -47.12 -40.19
C ALA E 299 -1.88 -46.65 -38.71
N ILE E 300 -2.61 -47.42 -37.88
CA ILE E 300 -2.77 -47.12 -36.46
C ILE E 300 -2.35 -48.26 -35.52
N GLU E 301 -2.04 -47.90 -34.28
CA GLU E 301 -1.54 -48.84 -33.25
C GLU E 301 -2.61 -49.72 -32.60
N THR E 302 -3.79 -49.13 -32.39
CA THR E 302 -4.79 -49.72 -31.50
C THR E 302 -6.18 -49.59 -32.12
N LEU E 303 -6.83 -50.73 -32.24
CA LEU E 303 -8.14 -50.85 -32.83
C LEU E 303 -9.20 -50.62 -31.77
N ILE E 304 -9.04 -51.23 -30.60
CA ILE E 304 -10.02 -51.16 -29.54
C ILE E 304 -9.34 -50.74 -28.25
N GLN E 305 -9.84 -49.67 -27.64
CA GLN E 305 -9.29 -49.19 -26.39
C GLN E 305 -10.40 -49.26 -25.36
N VAL E 306 -10.31 -50.25 -24.47
CA VAL E 306 -11.25 -50.40 -23.39
C VAL E 306 -10.60 -49.74 -22.18
N LYS E 307 -11.12 -48.61 -21.77
CA LYS E 307 -10.48 -47.80 -20.73
C LYS E 307 -11.48 -47.10 -19.80
N GLY E 308 -11.34 -47.37 -18.51
CA GLY E 308 -12.09 -46.69 -17.46
C GLY E 308 -11.18 -45.92 -16.54
N THR E 309 -11.69 -45.60 -15.36
CA THR E 309 -10.84 -45.16 -14.23
C THR E 309 -11.01 -46.19 -13.11
N PHE E 310 -10.20 -46.11 -12.07
CA PHE E 310 -10.25 -47.06 -10.99
C PHE E 310 -11.60 -46.98 -10.26
N ASP E 311 -12.14 -45.76 -10.17
CA ASP E 311 -13.41 -45.49 -9.54
C ASP E 311 -14.59 -45.77 -10.47
N ARG E 312 -14.36 -45.68 -11.77
CA ARG E 312 -15.39 -45.89 -12.74
C ARG E 312 -14.91 -46.91 -13.78
N PRO E 313 -14.90 -48.20 -13.44
CA PRO E 313 -14.42 -49.20 -14.39
C PRO E 313 -15.34 -49.39 -15.60
N VAL E 314 -14.79 -49.93 -16.68
CA VAL E 314 -15.62 -50.46 -17.82
C VAL E 314 -15.92 -51.93 -17.53
N SER E 315 -17.14 -52.38 -17.73
CA SER E 315 -17.44 -53.78 -17.44
C SER E 315 -18.43 -54.48 -18.36
N HIS E 316 -18.29 -55.81 -18.35
CA HIS E 316 -19.25 -56.72 -18.99
C HIS E 316 -19.40 -56.42 -20.48
N ILE E 317 -18.27 -56.54 -21.16
CA ILE E 317 -18.20 -56.37 -22.60
C ILE E 317 -17.58 -57.68 -23.09
N ARG E 318 -18.14 -58.26 -24.14
CA ARG E 318 -17.56 -59.44 -24.79
C ARG E 318 -17.43 -59.21 -26.29
N PHE E 319 -16.25 -59.55 -26.81
CA PHE E 319 -15.99 -59.61 -28.22
C PHE E 319 -16.04 -61.08 -28.55
N GLU E 320 -16.74 -61.41 -29.63
CA GLU E 320 -16.96 -62.79 -30.02
C GLU E 320 -16.65 -62.91 -31.50
N LYS E 321 -15.75 -63.82 -31.87
CA LYS E 321 -15.49 -64.16 -33.29
C LYS E 321 -15.14 -62.94 -34.18
N ILE E 322 -14.45 -61.97 -33.59
CA ILE E 322 -14.01 -60.78 -34.32
C ILE E 322 -12.56 -60.99 -34.67
N THR E 323 -12.22 -60.61 -35.91
CA THR E 323 -10.83 -60.57 -36.34
C THR E 323 -10.24 -59.13 -36.22
N PHE E 324 -9.11 -59.04 -35.52
CA PHE E 324 -8.33 -57.79 -35.34
C PHE E 324 -7.07 -57.85 -36.21
N SER E 325 -6.90 -56.89 -37.11
CA SER E 325 -5.76 -56.91 -38.02
C SER E 325 -5.17 -55.56 -38.31
N HIS E 326 -3.90 -55.57 -38.72
CA HIS E 326 -3.19 -54.50 -39.47
C HIS E 326 -2.91 -53.28 -38.61
N THR E 327 -2.25 -53.56 -37.49
CA THR E 327 -1.83 -52.54 -36.53
C THR E 327 -0.38 -52.24 -36.71
N THR E 328 -0.01 -50.99 -36.45
CA THR E 328 1.36 -50.54 -36.62
C THR E 328 1.99 -50.41 -35.25
N TRP E 329 3.32 -50.23 -35.24
CA TRP E 329 4.03 -49.70 -34.07
C TRP E 329 5.35 -49.18 -34.61
N MET E 330 5.45 -47.86 -34.65
CA MET E 330 6.55 -47.12 -35.32
C MET E 330 7.65 -46.65 -34.40
N ARG E 331 7.48 -46.85 -33.09
CA ARG E 331 8.51 -46.41 -32.14
C ARG E 331 9.94 -46.87 -32.50
N PRO E 332 10.10 -48.14 -32.95
CA PRO E 332 11.46 -48.55 -33.27
C PRO E 332 12.07 -47.74 -34.44
N SER E 333 11.27 -47.37 -35.44
CA SER E 333 11.68 -46.44 -36.49
C SER E 333 12.00 -45.01 -35.98
N GLU E 334 11.36 -44.59 -34.88
CA GLU E 334 11.46 -43.22 -34.43
C GLU E 334 12.41 -43.04 -33.29
N LYS E 335 12.62 -44.07 -32.47
CA LYS E 335 13.50 -43.93 -31.31
C LYS E 335 14.44 -45.13 -31.07
N GLY E 336 14.48 -46.04 -32.03
CA GLY E 336 15.16 -47.32 -31.83
C GLY E 336 14.38 -48.14 -30.82
N HIS E 337 14.97 -49.23 -30.37
CA HIS E 337 14.30 -50.18 -29.51
C HIS E 337 15.41 -50.97 -28.81
N VAL E 338 15.63 -50.69 -27.53
CA VAL E 338 16.62 -51.34 -26.74
C VAL E 338 15.92 -52.01 -25.53
N PRO E 339 15.31 -53.19 -25.73
CA PRO E 339 14.57 -53.77 -24.61
C PRO E 339 15.43 -54.48 -23.58
N LEU E 340 14.96 -54.47 -22.33
CA LEU E 340 15.51 -55.24 -21.23
C LEU E 340 15.12 -56.70 -21.35
N GLN E 341 13.84 -56.93 -21.58
CA GLN E 341 13.28 -58.29 -21.70
C GLN E 341 11.86 -58.21 -22.18
N ALA E 342 11.40 -59.23 -22.90
CA ALA E 342 10.03 -59.40 -23.26
C ALA E 342 9.43 -58.19 -24.05
N GLY E 343 10.28 -57.49 -24.79
CA GLY E 343 9.83 -56.44 -25.64
C GLY E 343 9.62 -55.11 -24.96
N MET E 344 9.97 -55.06 -23.68
CA MET E 344 9.76 -53.90 -22.89
C MET E 344 11.03 -53.07 -23.08
N TYR E 345 10.89 -51.91 -23.73
CA TYR E 345 12.03 -51.04 -24.08
C TYR E 345 12.57 -50.27 -22.87
N LEU E 346 13.90 -50.14 -22.78
CA LEU E 346 14.54 -49.26 -21.81
C LEU E 346 14.42 -47.79 -22.25
N THR E 347 14.07 -46.93 -21.31
CA THR E 347 14.13 -45.45 -21.41
C THR E 347 15.38 -44.91 -20.69
N ASP E 348 15.92 -45.66 -19.73
CA ASP E 348 17.20 -45.35 -19.07
C ASP E 348 17.71 -46.68 -18.42
N GLY E 349 18.99 -46.97 -18.54
CA GLY E 349 19.52 -48.26 -18.11
C GLY E 349 21.02 -48.26 -18.06
N TYR E 350 21.59 -48.55 -16.90
CA TYR E 350 23.01 -48.45 -16.69
C TYR E 350 23.49 -49.33 -15.56
N ARG E 351 24.80 -49.58 -15.57
CA ARG E 351 25.46 -50.37 -14.53
C ARG E 351 25.72 -49.49 -13.34
N ILE E 352 25.59 -50.02 -12.13
CA ILE E 352 26.01 -49.29 -10.92
C ILE E 352 27.19 -49.99 -10.19
N ASP E 353 28.06 -49.17 -9.61
CA ASP E 353 29.25 -49.64 -8.93
C ASP E 353 29.46 -48.69 -7.74
N PRO E 354 29.43 -49.17 -6.49
CA PRO E 354 29.27 -50.59 -6.14
C PRO E 354 27.87 -51.07 -6.33
N LYS E 355 27.71 -52.38 -6.33
CA LYS E 355 26.41 -53.01 -6.45
C LYS E 355 25.50 -52.58 -5.31
N MET E 356 24.19 -52.63 -5.53
CA MET E 356 23.21 -52.26 -4.51
C MET E 356 22.91 -53.48 -3.66
N GLU E 357 23.18 -53.38 -2.36
CA GLU E 357 22.79 -54.45 -1.43
C GLU E 357 21.29 -54.34 -1.21
N ARG E 358 20.61 -55.47 -1.19
CA ARG E 358 19.14 -55.47 -1.08
C ARG E 358 18.64 -56.27 0.13
N ASP E 359 17.39 -56.08 0.49
CA ASP E 359 16.78 -56.77 1.64
C ASP E 359 16.28 -58.16 1.28
N TYR E 360 15.83 -58.87 2.30
CA TYR E 360 15.10 -60.15 2.15
C TYR E 360 15.86 -61.24 1.38
N LEU E 361 17.18 -61.24 1.60
CA LEU E 361 18.12 -62.25 1.02
C LEU E 361 18.26 -62.09 -0.49
N ASN E 362 17.86 -60.94 -1.04
CA ASN E 362 18.06 -60.74 -2.48
C ASN E 362 19.56 -60.65 -2.77
N HIS E 363 19.92 -61.02 -4.00
CA HIS E 363 21.31 -60.94 -4.48
C HIS E 363 21.63 -59.48 -4.78
N PRO E 364 22.92 -59.10 -4.73
CA PRO E 364 23.21 -57.68 -5.04
C PRO E 364 22.79 -57.31 -6.46
N LEU E 365 22.32 -56.07 -6.64
CA LEU E 365 21.82 -55.60 -7.95
C LEU E 365 22.92 -54.75 -8.63
N ASP E 366 23.31 -55.11 -9.84
CA ASP E 366 24.42 -54.40 -10.50
C ASP E 366 23.95 -53.41 -11.56
N ASN E 367 22.63 -53.16 -11.66
CA ASN E 367 22.11 -52.26 -12.66
C ASN E 367 20.82 -51.54 -12.24
N GLN E 368 20.45 -50.49 -12.97
CA GLN E 368 19.18 -49.78 -12.76
C GLN E 368 18.56 -49.61 -14.13
N GLY E 369 17.27 -49.89 -14.22
CA GLY E 369 16.53 -49.83 -15.48
C GLY E 369 15.11 -49.32 -15.29
N TRP E 370 14.66 -48.56 -16.28
CA TRP E 370 13.29 -48.06 -16.34
C TRP E 370 12.79 -48.37 -17.72
N LEU E 371 11.52 -48.75 -17.81
CA LEU E 371 10.96 -49.35 -19.00
C LEU E 371 9.78 -48.59 -19.57
N GLY E 372 9.44 -48.92 -20.82
CA GLY E 372 8.18 -48.55 -21.43
C GLY E 372 7.48 -49.74 -22.07
N ARG E 373 6.22 -49.53 -22.46
CA ARG E 373 5.35 -50.60 -22.89
C ARG E 373 5.00 -50.46 -24.38
N PRO E 374 5.25 -51.48 -25.21
CA PRO E 374 4.74 -51.38 -26.60
C PRO E 374 3.24 -51.29 -26.72
N ALA E 375 2.77 -50.74 -27.82
CA ALA E 375 1.36 -50.63 -28.12
C ALA E 375 0.74 -52.00 -28.48
N ALA E 376 -0.57 -52.03 -28.40
CA ALA E 376 -1.32 -53.26 -28.63
C ALA E 376 -2.52 -53.02 -29.51
N ALA E 377 -2.91 -54.03 -30.28
CA ALA E 377 -4.11 -53.92 -31.14
C ALA E 377 -5.38 -53.70 -30.31
N VAL E 378 -5.45 -54.40 -29.20
CA VAL E 378 -6.57 -54.24 -28.26
C VAL E 378 -5.99 -54.04 -26.86
N SER E 379 -6.37 -52.95 -26.20
CA SER E 379 -5.93 -52.68 -24.85
C SER E 379 -7.13 -52.61 -23.91
N VAL E 380 -6.90 -53.02 -22.68
CA VAL E 380 -7.91 -53.05 -21.66
C VAL E 380 -7.31 -52.55 -20.33
N ALA E 381 -7.97 -51.58 -19.72
CA ALA E 381 -7.48 -51.03 -18.46
C ALA E 381 -8.63 -50.50 -17.66
N ALA E 382 -8.55 -50.62 -16.33
CA ALA E 382 -9.55 -50.07 -15.39
C ALA E 382 -10.93 -50.62 -15.81
N ALA E 383 -11.04 -51.93 -15.68
CA ALA E 383 -12.12 -52.68 -16.25
C ALA E 383 -12.32 -54.01 -15.55
N ASN E 384 -13.47 -54.64 -15.81
CA ASN E 384 -13.71 -56.02 -15.30
C ASN E 384 -14.71 -56.79 -16.16
N GLN E 385 -14.51 -58.11 -16.23
CA GLN E 385 -15.35 -59.01 -17.03
C GLN E 385 -15.36 -58.53 -18.46
N ILE E 386 -14.18 -58.31 -19.00
CA ILE E 386 -14.00 -57.98 -20.37
C ILE E 386 -13.51 -59.27 -21.04
N ASP E 387 -14.30 -59.79 -21.97
CA ASP E 387 -14.13 -61.13 -22.47
C ASP E 387 -13.85 -61.14 -23.97
N PHE E 388 -13.04 -62.11 -24.40
CA PHE E 388 -12.76 -62.34 -25.81
C PHE E 388 -12.96 -63.83 -26.11
N GLU E 389 -13.97 -64.14 -26.93
CA GLU E 389 -14.34 -65.54 -27.29
C GLU E 389 -14.16 -65.83 -28.78
N ARG E 390 -13.20 -66.69 -29.10
CA ARG E 390 -12.96 -67.12 -30.48
C ARG E 390 -12.63 -65.94 -31.39
N CYS E 391 -11.93 -64.95 -30.81
CA CYS E 391 -11.44 -63.84 -31.59
C CYS E 391 -10.13 -64.25 -32.27
N ARG E 392 -9.78 -63.54 -33.34
CA ARG E 392 -8.57 -63.80 -34.09
C ARG E 392 -7.74 -62.51 -34.11
N PHE E 393 -6.51 -62.60 -33.61
CA PHE E 393 -5.54 -61.51 -33.60
C PHE E 393 -4.52 -61.88 -34.68
N ASP E 394 -4.59 -61.22 -35.83
CA ASP E 394 -3.89 -61.68 -37.03
C ASP E 394 -3.34 -60.51 -37.85
N HIS E 395 -2.04 -60.52 -38.11
CA HIS E 395 -1.36 -59.53 -38.95
C HIS E 395 -1.16 -58.21 -38.18
N LEU E 396 -0.30 -58.25 -37.16
CA LEU E 396 -0.18 -57.17 -36.20
C LEU E 396 1.26 -56.76 -36.07
N GLY E 397 1.48 -55.48 -35.75
CA GLY E 397 2.82 -54.90 -35.72
C GLY E 397 3.44 -54.80 -34.34
N SER E 398 2.69 -55.18 -33.31
CA SER E 398 3.21 -55.13 -31.95
C SER E 398 2.56 -56.24 -31.10
N THR E 399 1.88 -55.86 -30.01
CA THR E 399 1.15 -56.75 -29.13
C THR E 399 -0.25 -57.03 -29.76
N GLY E 400 -0.76 -58.23 -29.51
CA GLY E 400 -2.13 -58.58 -29.85
C GLY E 400 -3.09 -57.97 -28.88
N LEU E 401 -3.11 -58.53 -27.69
CA LEU E 401 -4.09 -58.19 -26.70
C LEU E 401 -3.36 -57.89 -25.43
N ASP E 402 -3.73 -56.78 -24.81
CA ASP E 402 -2.99 -56.23 -23.64
C ASP E 402 -3.96 -55.81 -22.54
N TYR E 403 -3.99 -56.58 -21.46
CA TYR E 403 -4.63 -56.19 -20.20
C TYR E 403 -3.59 -55.44 -19.36
N GLU E 404 -3.70 -54.10 -19.30
CA GLU E 404 -2.58 -53.22 -18.90
C GLU E 404 -2.46 -53.06 -17.43
N GLU E 405 -3.59 -52.73 -16.81
CA GLU E 405 -3.65 -52.24 -15.44
C GLU E 405 -5.08 -52.32 -14.91
N ALA E 406 -5.26 -52.62 -13.61
CA ALA E 406 -6.57 -52.54 -12.94
C ALA E 406 -7.69 -53.28 -13.67
N VAL E 407 -7.41 -54.51 -14.10
CA VAL E 407 -8.41 -55.36 -14.66
C VAL E 407 -8.70 -56.52 -13.68
N GLN E 408 -9.97 -56.61 -13.26
CA GLN E 408 -10.49 -57.79 -12.55
C GLN E 408 -11.14 -58.74 -13.56
N GLY E 409 -10.75 -60.01 -13.56
CA GLY E 409 -11.41 -60.98 -14.42
C GLY E 409 -11.12 -60.78 -15.90
N GLY E 410 -12.02 -61.29 -16.74
CA GLY E 410 -11.77 -61.37 -18.16
C GLY E 410 -11.48 -62.82 -18.53
N VAL E 411 -12.13 -63.29 -19.59
CA VAL E 411 -11.91 -64.63 -20.09
C VAL E 411 -11.49 -64.46 -21.53
N VAL E 412 -10.25 -64.83 -21.84
CA VAL E 412 -9.74 -64.85 -23.20
C VAL E 412 -9.68 -66.35 -23.48
N ARG E 413 -10.48 -66.77 -24.46
CA ARG E 413 -10.77 -68.15 -24.68
C ARG E 413 -11.13 -68.46 -26.12
N GLY E 414 -10.45 -69.46 -26.66
CA GLY E 414 -10.70 -69.90 -28.01
C GLY E 414 -10.14 -69.00 -29.07
N CYS E 415 -9.21 -68.13 -28.70
CA CYS E 415 -8.73 -67.11 -29.61
C CYS E 415 -7.50 -67.62 -30.33
N LEU E 416 -7.32 -67.12 -31.53
CA LEU E 416 -6.14 -67.38 -32.34
C LEU E 416 -5.29 -66.14 -32.32
N PHE E 417 -4.00 -66.34 -32.09
CA PHE E 417 -2.98 -65.27 -32.21
C PHE E 417 -1.97 -65.74 -33.24
N ARG E 418 -1.88 -65.05 -34.38
CA ARG E 418 -0.95 -65.43 -35.47
C ARG E 418 -0.42 -64.24 -36.23
N ASP E 419 0.85 -64.30 -36.65
CA ASP E 419 1.50 -63.24 -37.44
C ASP E 419 1.48 -61.92 -36.70
N ILE E 420 2.14 -61.95 -35.56
CA ILE E 420 2.21 -60.83 -34.62
C ILE E 420 3.69 -60.58 -34.38
N ALA E 421 4.10 -59.35 -34.63
CA ALA E 421 5.49 -58.95 -34.54
C ALA E 421 6.03 -58.94 -33.12
N GLY E 422 5.16 -58.66 -32.16
CA GLY E 422 5.61 -58.56 -30.77
C GLY E 422 4.96 -59.65 -29.93
N ASN E 423 4.61 -59.30 -28.69
CA ASN E 423 3.96 -60.25 -27.77
C ASN E 423 2.53 -60.58 -28.19
N GLY E 424 2.13 -61.83 -28.02
CA GLY E 424 0.77 -62.20 -28.38
C GLY E 424 -0.24 -61.58 -27.42
N LEU E 425 -0.06 -61.92 -26.15
CA LEU E 425 -0.98 -61.54 -25.09
C LEU E 425 -0.18 -61.12 -23.90
N VAL E 426 -0.43 -59.89 -23.45
CA VAL E 426 0.29 -59.30 -22.35
C VAL E 426 -0.68 -58.97 -21.24
N VAL E 427 -0.28 -59.25 -20.01
CA VAL E 427 -1.11 -58.98 -18.84
C VAL E 427 -0.25 -58.43 -17.71
N GLY E 428 -0.71 -57.34 -17.09
CA GLY E 428 -0.20 -56.88 -15.81
C GLY E 428 0.84 -55.79 -15.94
N SER E 429 1.55 -55.51 -14.85
CA SER E 429 2.58 -54.49 -14.79
C SER E 429 3.95 -55.07 -15.06
N PHE E 430 4.78 -54.26 -15.71
CA PHE E 430 6.23 -54.53 -15.86
C PHE E 430 7.05 -53.46 -15.16
N SER E 431 6.45 -52.98 -14.07
CA SER E 431 6.83 -51.78 -13.32
CA SER E 431 6.85 -51.76 -13.33
C SER E 431 6.25 -50.52 -13.99
N PRO E 432 5.59 -49.64 -13.21
CA PRO E 432 5.25 -48.29 -13.74
C PRO E 432 6.46 -47.58 -14.34
N ALA E 433 6.18 -46.58 -15.16
CA ALA E 433 7.22 -45.81 -15.91
C ALA E 433 8.34 -45.35 -15.01
N ALA E 434 7.97 -44.82 -13.85
CA ALA E 434 8.92 -44.24 -12.93
C ALA E 434 9.38 -45.15 -11.82
N HIS E 435 9.06 -46.43 -11.90
CA HIS E 435 9.37 -47.37 -10.83
C HIS E 435 10.54 -48.22 -11.33
N GLU E 436 11.72 -48.11 -10.73
CA GLU E 436 12.86 -48.95 -11.19
C GLU E 436 12.45 -50.43 -11.22
N THR E 437 12.78 -51.12 -12.30
CA THR E 437 12.13 -52.38 -12.61
C THR E 437 12.64 -53.62 -11.84
N HIS E 438 13.61 -53.43 -10.95
CA HIS E 438 13.99 -54.46 -9.94
C HIS E 438 13.45 -54.15 -8.53
N LEU E 439 12.85 -52.98 -8.33
CA LEU E 439 12.16 -52.74 -7.08
C LEU E 439 10.82 -53.49 -7.10
N PRO E 440 10.47 -54.17 -6.00
CA PRO E 440 9.19 -54.89 -5.95
C PRO E 440 8.00 -53.97 -6.11
N TYR E 441 7.08 -54.40 -6.94
CA TYR E 441 5.85 -53.71 -7.18
C TYR E 441 4.77 -54.34 -6.32
N ASP E 442 4.18 -53.51 -5.46
CA ASP E 442 3.15 -53.94 -4.57
C ASP E 442 2.39 -52.69 -4.19
N PRO E 443 1.56 -52.17 -5.08
CA PRO E 443 0.92 -50.87 -4.80
C PRO E 443 -0.09 -50.89 -3.63
N THR E 444 -0.07 -49.81 -2.88
CA THR E 444 -1.01 -49.50 -1.82
C THR E 444 -2.44 -49.56 -2.34
N ASP E 445 -2.65 -49.08 -3.56
CA ASP E 445 -3.94 -49.18 -4.15
C ASP E 445 -4.01 -50.51 -4.87
N LEU E 446 -4.63 -51.48 -4.18
CA LEU E 446 -4.73 -52.85 -4.67
C LEU E 446 -5.45 -52.97 -6.01
N ARG E 447 -6.34 -52.02 -6.25
CA ARG E 447 -7.12 -51.98 -7.50
C ARG E 447 -6.25 -51.86 -8.77
N GLU E 448 -5.03 -51.38 -8.63
CA GLU E 448 -4.09 -51.26 -9.75
C GLU E 448 -3.72 -52.64 -10.33
N VAL E 449 -3.71 -53.69 -9.50
CA VAL E 449 -3.14 -54.98 -9.91
C VAL E 449 -4.14 -55.82 -10.72
N CYS E 450 -3.72 -56.33 -11.86
CA CYS E 450 -4.55 -57.26 -12.66
C CYS E 450 -4.76 -58.59 -11.92
N ALA E 451 -6.02 -58.92 -11.66
CA ALA E 451 -6.41 -60.08 -10.88
C ALA E 451 -7.49 -60.94 -11.61
N HIS E 452 -7.36 -62.26 -11.43
CA HIS E 452 -8.35 -63.24 -11.92
C HIS E 452 -8.55 -63.36 -13.42
N GLN E 453 -7.54 -63.04 -14.22
CA GLN E 453 -7.66 -63.31 -15.67
C GLN E 453 -7.68 -64.83 -15.92
N GLN E 454 -8.48 -65.24 -16.89
CA GLN E 454 -8.43 -66.59 -17.44
C GLN E 454 -8.04 -66.58 -18.90
N ILE E 455 -6.92 -67.24 -19.19
CA ILE E 455 -6.51 -67.42 -20.56
C ILE E 455 -6.58 -68.93 -20.87
N SER E 456 -7.49 -69.32 -21.76
CA SER E 456 -7.65 -70.73 -22.04
C SER E 456 -8.11 -71.09 -23.43
N ASN E 457 -7.65 -72.26 -23.86
CA ASN E 457 -8.04 -72.78 -25.14
C ASN E 457 -7.76 -71.83 -26.29
N CYS E 458 -6.63 -71.14 -26.19
CA CYS E 458 -6.13 -70.26 -27.24
C CYS E 458 -4.94 -70.91 -27.95
N TYR E 459 -4.76 -70.49 -29.20
CA TYR E 459 -3.69 -71.01 -30.05
C TYR E 459 -2.84 -69.84 -30.48
N PHE E 460 -1.55 -69.92 -30.17
CA PHE E 460 -0.57 -68.90 -30.52
C PHE E 460 0.43 -69.52 -31.46
N THR E 461 0.58 -68.94 -32.65
CA THR E 461 1.63 -69.32 -33.55
C THR E 461 2.18 -68.16 -34.36
N GLU E 462 3.50 -68.15 -34.62
CA GLU E 462 4.12 -67.14 -35.47
C GLU E 462 3.88 -65.75 -34.83
N VAL E 463 4.21 -65.70 -33.55
CA VAL E 463 4.12 -64.51 -32.70
C VAL E 463 5.55 -64.15 -32.37
N GLY E 464 5.81 -62.91 -31.98
CA GLY E 464 7.18 -62.43 -31.80
C GLY E 464 7.99 -62.52 -33.11
N ASN E 465 7.31 -62.38 -34.25
CA ASN E 465 7.95 -62.62 -35.54
C ASN E 465 8.79 -61.44 -36.05
N GLU E 466 8.92 -60.36 -35.28
CA GLU E 466 9.98 -59.37 -35.48
C GLU E 466 10.79 -59.12 -34.23
N ASP E 467 10.13 -58.82 -33.12
CA ASP E 467 10.86 -58.61 -31.86
C ASP E 467 11.03 -60.01 -31.26
N TRP E 468 12.22 -60.57 -31.48
CA TRP E 468 12.50 -61.95 -31.11
C TRP E 468 12.59 -62.22 -29.61
N GLY E 469 12.73 -61.16 -28.81
CA GLY E 469 12.66 -61.24 -27.35
C GLY E 469 11.25 -61.41 -26.72
N CYS E 470 10.18 -61.34 -27.53
CA CYS E 470 8.79 -61.41 -27.07
C CYS E 470 8.28 -62.85 -26.93
N LEU E 471 7.08 -62.98 -26.35
CA LEU E 471 6.46 -64.21 -25.93
C LEU E 471 5.08 -64.41 -26.52
N ALA E 472 4.58 -65.63 -26.41
CA ALA E 472 3.20 -65.91 -26.75
C ALA E 472 2.29 -65.26 -25.69
N ILE E 473 2.56 -65.62 -24.43
CA ILE E 473 1.85 -65.11 -23.26
C ILE E 473 2.90 -64.54 -22.32
N LEU E 474 2.77 -63.25 -22.03
CA LEU E 474 3.65 -62.54 -21.13
C LEU E 474 2.82 -61.94 -20.00
N ALA E 475 2.96 -62.50 -18.82
CA ALA E 475 2.20 -61.99 -17.70
C ALA E 475 3.23 -61.48 -16.72
N GLY E 476 3.12 -60.20 -16.36
CA GLY E 476 4.06 -59.55 -15.48
C GLY E 476 3.64 -59.74 -14.04
N TYR E 477 3.71 -58.67 -13.26
CA TYR E 477 3.06 -58.62 -11.96
C TYR E 477 1.52 -58.76 -12.11
N VAL E 478 1.04 -59.95 -11.78
CA VAL E 478 -0.39 -60.29 -11.85
C VAL E 478 -0.67 -61.18 -10.63
N LYS E 479 -1.95 -61.35 -10.31
CA LYS E 479 -2.33 -62.29 -9.22
C LYS E 479 -3.57 -63.06 -9.61
N ASP E 480 -3.69 -64.30 -9.10
CA ASP E 480 -4.86 -65.14 -9.38
C ASP E 480 -5.13 -65.36 -10.85
N ILE E 481 -4.06 -65.36 -11.65
CA ILE E 481 -4.20 -65.61 -13.06
C ILE E 481 -4.32 -67.12 -13.28
N ASN E 482 -5.05 -67.50 -14.32
CA ASN E 482 -5.10 -68.87 -14.71
C ASN E 482 -4.85 -68.99 -16.20
N ILE E 483 -3.73 -69.60 -16.56
CA ILE E 483 -3.37 -69.74 -17.95
C ILE E 483 -3.45 -71.25 -18.22
N GLU E 484 -4.48 -71.69 -18.93
CA GLU E 484 -4.71 -73.13 -19.06
C GLU E 484 -5.17 -73.64 -20.43
N HIS E 485 -4.65 -74.80 -20.81
CA HIS E 485 -5.09 -75.51 -21.99
C HIS E 485 -4.89 -74.69 -23.26
N ASN E 486 -3.75 -74.00 -23.36
CA ASN E 486 -3.40 -73.29 -24.59
C ASN E 486 -2.35 -74.06 -25.35
N GLU E 487 -2.26 -73.80 -26.66
CA GLU E 487 -1.16 -74.32 -27.45
C GLU E 487 -0.34 -73.18 -28.03
N ILE E 488 0.98 -73.27 -27.85
CA ILE E 488 1.94 -72.26 -28.27
C ILE E 488 3.00 -72.94 -29.13
N CYS E 489 3.10 -72.55 -30.39
CA CYS E 489 4.25 -73.00 -31.21
C CYS E 489 4.72 -72.01 -32.22
N GLU E 490 5.93 -72.23 -32.74
CA GLU E 490 6.57 -71.33 -33.71
C GLU E 490 6.72 -69.93 -33.11
N VAL E 491 7.56 -69.85 -32.08
CA VAL E 491 7.77 -68.62 -31.36
C VAL E 491 9.25 -68.48 -31.16
N PRO E 492 9.74 -67.24 -31.10
CA PRO E 492 11.18 -66.99 -31.11
C PRO E 492 11.94 -67.28 -29.84
N TYR E 493 11.24 -67.30 -28.70
CA TYR E 493 11.88 -67.23 -27.37
C TYR E 493 11.03 -68.14 -26.46
N SER E 494 10.78 -67.76 -25.22
CA SER E 494 9.96 -68.55 -24.35
C SER E 494 8.51 -68.60 -24.76
N GLY E 495 7.81 -69.59 -24.22
CA GLY E 495 6.38 -69.81 -24.48
C GLY E 495 5.51 -68.94 -23.60
N ILE E 496 5.60 -69.17 -22.29
CA ILE E 496 4.85 -68.45 -21.27
C ILE E 496 5.82 -67.88 -20.25
N SER E 497 5.80 -66.55 -20.05
CA SER E 497 6.55 -65.88 -19.00
C SER E 497 5.61 -65.35 -17.95
N LEU E 498 5.93 -65.61 -16.68
CA LEU E 498 5.07 -65.26 -15.54
C LEU E 498 5.86 -64.63 -14.44
N GLY E 499 5.48 -63.42 -14.08
CA GLY E 499 6.16 -62.62 -13.06
C GLY E 499 7.17 -61.60 -13.61
N TRP E 500 7.75 -60.82 -12.71
CA TRP E 500 8.68 -59.77 -13.04
C TRP E 500 9.41 -59.35 -11.78
N GLY E 501 10.37 -58.45 -11.94
CA GLY E 501 11.05 -57.79 -10.84
C GLY E 501 12.34 -58.36 -10.31
N TRP E 502 12.73 -59.56 -10.77
CA TRP E 502 14.00 -60.13 -10.34
C TRP E 502 14.23 -60.05 -8.82
N THR E 503 13.16 -60.28 -8.05
CA THR E 503 13.16 -60.07 -6.59
C THR E 503 12.52 -61.25 -5.85
N GLN E 504 13.12 -61.67 -4.75
CA GLN E 504 12.46 -62.65 -3.85
C GLN E 504 11.69 -61.93 -2.70
N THR E 505 11.64 -60.61 -2.74
CA THR E 505 10.73 -59.86 -1.87
C THR E 505 9.29 -60.17 -2.22
N VAL E 506 8.50 -60.45 -1.18
CA VAL E 506 7.07 -60.71 -1.35
C VAL E 506 6.46 -59.36 -1.81
N ASN E 507 5.58 -59.45 -2.81
CA ASN E 507 5.05 -58.31 -3.55
C ASN E 507 3.54 -58.58 -3.82
N CYS E 508 2.96 -58.09 -4.89
CA CYS E 508 1.54 -58.23 -5.07
C CYS E 508 1.17 -59.61 -5.61
N MET E 509 2.12 -60.31 -6.18
CA MET E 509 1.87 -61.59 -6.85
C MET E 509 1.46 -62.68 -5.84
N ARG E 510 0.50 -63.48 -6.26
CA ARG E 510 0.03 -64.64 -5.50
C ARG E 510 -0.91 -65.44 -6.39
N ASN E 511 -1.02 -66.74 -6.10
CA ASN E 511 -2.13 -67.57 -6.66
C ASN E 511 -2.18 -67.68 -8.16
N ASN E 512 -0.99 -67.62 -8.80
CA ASN E 512 -0.94 -67.71 -10.21
C ASN E 512 -0.78 -69.16 -10.64
N ARG E 513 -1.31 -69.45 -11.81
CA ARG E 513 -1.42 -70.80 -12.26
C ARG E 513 -1.22 -70.90 -13.78
N VAL E 514 -0.27 -71.74 -14.16
CA VAL E 514 0.02 -72.08 -15.54
C VAL E 514 -0.13 -73.61 -15.70
N HIS E 515 -1.21 -74.01 -16.38
CA HIS E 515 -1.69 -75.39 -16.29
C HIS E 515 -2.01 -76.01 -17.65
N ALA E 516 -1.47 -77.21 -17.89
CA ALA E 516 -1.94 -78.03 -19.03
C ALA E 516 -1.85 -77.31 -20.39
N ASN E 517 -0.77 -76.55 -20.59
CA ASN E 517 -0.52 -75.89 -21.87
C ASN E 517 0.45 -76.75 -22.64
N LEU E 518 0.36 -76.69 -23.96
CA LEU E 518 1.27 -77.45 -24.87
C LEU E 518 2.13 -76.43 -25.56
N ILE E 519 3.44 -76.50 -25.37
CA ILE E 519 4.40 -75.52 -25.91
C ILE E 519 5.46 -76.31 -26.65
N HIS E 520 5.58 -76.04 -27.94
CA HIS E 520 6.60 -76.66 -28.74
C HIS E 520 7.05 -75.76 -29.86
N HIS E 521 8.19 -76.12 -30.48
CA HIS E 521 8.77 -75.34 -31.55
C HIS E 521 8.90 -73.86 -31.13
N TYR E 522 9.55 -73.71 -29.97
CA TYR E 522 9.83 -72.45 -29.35
C TYR E 522 11.33 -72.20 -29.45
N ALA E 523 11.76 -71.02 -29.00
CA ALA E 523 13.16 -70.57 -29.06
C ALA E 523 13.74 -70.66 -30.45
N LYS E 524 12.98 -70.25 -31.44
CA LYS E 524 13.46 -70.25 -32.83
C LYS E 524 14.69 -69.34 -33.03
N HIS E 525 14.86 -68.31 -32.21
CA HIS E 525 15.93 -67.32 -32.38
C HIS E 525 16.72 -66.93 -31.17
N MET E 526 16.17 -67.11 -29.97
CA MET E 526 16.79 -66.59 -28.76
C MET E 526 16.83 -67.67 -27.67
N TYR E 527 17.97 -67.76 -27.00
CA TYR E 527 18.19 -68.68 -25.87
C TYR E 527 18.23 -67.91 -24.53
N ASP E 528 18.60 -68.58 -23.42
CA ASP E 528 18.30 -68.13 -22.04
C ASP E 528 16.77 -68.19 -21.94
N VAL E 529 16.24 -69.41 -22.08
CA VAL E 529 14.88 -69.63 -22.61
C VAL E 529 14.21 -70.91 -22.05
N ALA E 530 12.88 -70.91 -22.02
CA ALA E 530 12.12 -72.10 -21.59
C ALA E 530 10.71 -72.08 -22.12
N GLY E 531 10.07 -73.24 -22.11
CA GLY E 531 8.65 -73.33 -22.46
C GLY E 531 7.83 -72.50 -21.49
N VAL E 532 8.04 -72.76 -20.21
CA VAL E 532 7.44 -71.97 -19.12
C VAL E 532 8.56 -71.37 -18.27
N TYR E 533 8.42 -70.07 -17.98
CA TYR E 533 9.49 -69.24 -17.39
C TYR E 533 8.88 -68.33 -16.33
N THR E 534 9.57 -68.14 -15.20
CA THR E 534 9.03 -67.38 -14.07
C THR E 534 10.05 -66.39 -13.47
N LEU E 535 9.50 -65.31 -12.89
CA LEU E 535 10.28 -64.32 -12.13
C LEU E 535 9.57 -63.89 -10.88
N GLY E 536 10.35 -63.67 -9.85
CA GLY E 536 9.86 -63.09 -8.59
C GLY E 536 9.00 -63.95 -7.71
N SER E 537 8.82 -63.49 -6.49
CA SER E 537 8.08 -64.21 -5.46
C SER E 537 6.59 -64.28 -5.78
N GLN E 538 6.03 -65.50 -5.77
CA GLN E 538 4.61 -65.71 -6.15
C GLN E 538 3.89 -66.67 -5.20
N PRO E 539 3.71 -66.26 -3.93
CA PRO E 539 2.97 -67.08 -2.94
C PRO E 539 1.81 -67.90 -3.54
N LYS E 540 1.97 -69.22 -3.47
CA LYS E 540 0.95 -70.19 -3.79
C LYS E 540 0.62 -70.29 -5.24
N SER E 541 1.66 -70.42 -6.06
CA SER E 541 1.49 -70.55 -7.48
C SER E 541 1.88 -71.94 -7.97
N TYR E 542 1.36 -72.28 -9.14
CA TYR E 542 1.40 -73.62 -9.68
C TYR E 542 1.66 -73.60 -11.15
N VAL E 543 2.69 -74.36 -11.53
CA VAL E 543 3.00 -74.67 -12.91
C VAL E 543 2.88 -76.20 -13.01
N THR E 544 1.78 -76.68 -13.59
CA THR E 544 1.36 -78.07 -13.47
C THR E 544 0.81 -78.63 -14.75
N GLU E 545 1.29 -79.82 -15.09
CA GLU E 545 0.65 -80.67 -16.12
C GLU E 545 0.77 -80.08 -17.50
N ASN E 546 1.76 -79.21 -17.70
CA ASN E 546 2.12 -78.72 -19.01
C ASN E 546 2.92 -79.78 -19.78
N CYS E 547 3.00 -79.57 -21.09
CA CYS E 547 3.69 -80.43 -22.01
C CYS E 547 4.64 -79.63 -22.88
N VAL E 548 5.94 -79.81 -22.70
CA VAL E 548 6.93 -79.00 -23.40
C VAL E 548 7.91 -79.86 -24.23
N HIS E 549 8.02 -79.59 -25.54
CA HIS E 549 8.94 -80.36 -26.43
C HIS E 549 9.38 -79.66 -27.71
N SER E 550 10.38 -80.24 -28.38
CA SER E 550 10.82 -79.87 -29.71
C SER E 550 11.26 -78.41 -29.74
N ILE E 551 12.29 -78.12 -28.97
CA ILE E 551 12.88 -76.80 -28.97
C ILE E 551 13.73 -76.62 -30.22
N TYR E 552 13.71 -75.41 -30.76
CA TYR E 552 14.61 -75.06 -31.86
C TYR E 552 16.07 -74.94 -31.41
N LYS E 553 16.97 -75.03 -32.38
CA LYS E 553 18.41 -74.94 -32.15
C LYS E 553 19.10 -73.96 -33.15
N PRO E 554 18.82 -72.66 -33.01
CA PRO E 554 19.47 -71.68 -33.88
C PRO E 554 20.96 -71.63 -33.64
N GLY E 555 21.70 -71.50 -34.73
CA GLY E 555 23.17 -71.46 -34.74
C GLY E 555 23.79 -70.23 -34.18
N TYR E 556 23.03 -69.13 -34.02
CA TYR E 556 23.62 -67.84 -33.63
C TYR E 556 23.34 -67.42 -32.18
N VAL E 557 23.21 -68.38 -31.27
CA VAL E 557 23.06 -68.05 -29.86
C VAL E 557 24.41 -68.20 -29.22
N HIS E 558 24.65 -67.47 -28.14
CA HIS E 558 26.00 -67.40 -27.53
C HIS E 558 26.37 -68.68 -26.83
N ASP E 559 25.36 -69.37 -26.31
CA ASP E 559 25.58 -70.58 -25.56
C ASP E 559 24.51 -71.55 -26.01
N PRO E 560 24.88 -72.50 -26.87
CA PRO E 560 23.89 -73.49 -27.33
C PRO E 560 23.38 -74.46 -26.24
N ASN E 561 24.01 -74.44 -25.06
CA ASN E 561 23.58 -75.27 -23.90
C ASN E 561 22.49 -74.60 -23.08
N HIS E 562 22.33 -73.28 -23.22
CA HIS E 562 21.54 -72.50 -22.27
C HIS E 562 20.07 -72.40 -22.68
N TRP E 563 19.42 -73.56 -22.78
CA TRP E 563 17.99 -73.63 -23.04
C TRP E 563 17.38 -74.67 -22.16
N PHE E 564 16.06 -74.55 -21.93
CA PHE E 564 15.37 -75.34 -20.90
C PHE E 564 13.94 -75.60 -21.25
N TYR E 565 13.34 -76.59 -20.60
CA TYR E 565 11.90 -76.82 -20.75
C TYR E 565 11.14 -75.99 -19.73
N LEU E 566 11.72 -75.87 -18.54
CA LEU E 566 11.11 -75.15 -17.43
C LEU E 566 12.21 -74.37 -16.71
N TYR E 567 11.93 -73.12 -16.33
CA TYR E 567 12.98 -72.21 -15.83
C TYR E 567 12.39 -71.25 -14.80
N THR E 568 12.83 -71.40 -13.54
CA THR E 568 12.54 -70.44 -12.50
C THR E 568 13.72 -69.48 -12.35
N ASP E 569 13.49 -68.23 -12.75
CA ASP E 569 14.57 -67.23 -12.79
C ASP E 569 14.51 -66.42 -11.51
N GLU E 570 15.41 -65.43 -11.39
CA GLU E 570 15.65 -64.68 -10.15
C GLU E 570 14.40 -64.27 -9.37
N GLY E 571 14.46 -64.58 -8.07
CA GLY E 571 13.40 -64.28 -7.15
C GLY E 571 12.26 -65.28 -7.05
N SER E 572 12.13 -66.18 -8.03
CA SER E 572 11.01 -67.09 -8.07
C SER E 572 10.94 -67.84 -6.73
N SER E 573 9.75 -67.84 -6.13
CA SER E 573 9.50 -68.39 -4.78
C SER E 573 8.05 -68.86 -4.69
N PHE E 574 7.86 -69.98 -3.97
CA PHE E 574 6.53 -70.47 -3.55
C PHE E 574 5.69 -70.96 -4.69
N ILE E 575 6.40 -71.46 -5.69
CA ILE E 575 5.85 -71.97 -6.90
C ILE E 575 5.97 -73.51 -6.86
N THR E 576 4.87 -74.20 -7.04
CA THR E 576 4.88 -75.65 -7.18
C THR E 576 4.96 -76.03 -8.64
N VAL E 577 6.09 -76.62 -9.05
CA VAL E 577 6.32 -77.11 -10.42
C VAL E 577 6.17 -78.65 -10.42
N ARG E 578 5.03 -79.15 -10.92
CA ARG E 578 4.63 -80.53 -10.70
C ARG E 578 3.90 -81.14 -11.91
N ASP E 579 4.23 -82.41 -12.19
CA ASP E 579 3.53 -83.24 -13.20
C ASP E 579 3.60 -82.70 -14.62
N ASN E 580 4.71 -82.06 -14.98
CA ASN E 580 4.89 -81.50 -16.32
C ASN E 580 5.68 -82.49 -17.15
N TRP E 581 5.04 -83.00 -18.21
CA TRP E 581 5.71 -83.78 -19.24
C TRP E 581 6.63 -82.89 -20.04
N THR E 582 7.90 -83.26 -20.09
CA THR E 582 8.88 -82.56 -20.90
C THR E 582 9.73 -83.61 -21.57
N GLU E 583 10.17 -83.32 -22.80
CA GLU E 583 10.89 -84.26 -23.65
C GLU E 583 12.07 -84.91 -22.94
N GLY E 584 12.72 -84.12 -22.09
CA GLY E 584 13.86 -84.53 -21.32
C GLY E 584 13.90 -83.70 -20.04
N GLU E 585 14.84 -84.02 -19.15
CA GLU E 585 15.02 -83.32 -17.88
C GLU E 585 16.08 -82.29 -18.08
N LYS E 586 15.64 -81.06 -18.35
CA LYS E 586 16.54 -79.94 -18.57
C LYS E 586 15.88 -78.65 -18.05
N TYR E 587 16.16 -78.37 -16.77
CA TYR E 587 15.51 -77.30 -16.05
C TYR E 587 16.56 -76.38 -15.44
N LEU E 588 16.13 -75.19 -15.05
CA LEU E 588 17.00 -74.27 -14.35
C LEU E 588 16.29 -73.52 -13.23
N GLN E 589 16.96 -73.41 -12.11
CA GLN E 589 16.49 -72.58 -11.01
C GLN E 589 17.61 -71.59 -10.70
N ASN E 590 17.50 -70.38 -11.24
CA ASN E 590 18.53 -69.37 -11.06
C ASN E 590 18.14 -68.29 -10.04
N ALA E 591 18.95 -68.20 -8.99
CA ALA E 591 18.83 -67.22 -7.93
C ALA E 591 17.43 -67.12 -7.36
N ASN E 592 16.82 -68.28 -7.10
CA ASN E 592 15.47 -68.39 -6.59
C ASN E 592 15.42 -67.98 -5.13
N GLY E 593 14.22 -67.62 -4.70
CA GLY E 593 13.93 -67.53 -3.29
C GLY E 593 13.45 -68.88 -2.78
N PRO E 594 12.82 -68.91 -1.59
CA PRO E 594 12.41 -70.21 -0.97
C PRO E 594 11.10 -70.81 -1.44
N GLY E 595 10.91 -72.08 -1.11
CA GLY E 595 9.59 -72.69 -1.13
C GLY E 595 9.03 -73.13 -2.46
N ASN E 596 9.87 -73.17 -3.50
CA ASN E 596 9.46 -73.79 -4.74
C ASN E 596 9.45 -75.33 -4.55
N VAL E 597 8.51 -76.01 -5.16
CA VAL E 597 8.43 -77.47 -5.11
C VAL E 597 8.59 -78.00 -6.54
N TRP E 598 9.68 -78.73 -6.77
CA TRP E 598 9.87 -79.46 -8.02
C TRP E 598 9.65 -80.95 -7.74
N GLU E 599 8.64 -81.55 -8.38
CA GLU E 599 8.36 -82.98 -8.25
C GLU E 599 7.67 -83.51 -9.52
N ASN E 600 8.13 -84.68 -9.93
CA ASN E 600 7.58 -85.40 -11.09
C ASN E 600 7.44 -84.56 -12.37
N ASN E 601 8.57 -84.05 -12.87
CA ASN E 601 8.62 -83.47 -14.22
C ASN E 601 9.61 -84.25 -15.06
N GLY E 602 9.32 -84.36 -16.36
CA GLY E 602 10.16 -85.09 -17.28
C GLY E 602 9.35 -86.01 -18.17
N PRO E 603 10.06 -86.84 -18.98
CA PRO E 603 9.40 -87.69 -20.01
C PRO E 603 8.60 -88.87 -19.43
N GLN E 604 8.84 -89.19 -18.16
CA GLN E 604 8.15 -90.27 -17.45
C GLN E 604 6.77 -89.91 -16.93
N VAL E 605 6.37 -88.63 -17.06
CA VAL E 605 5.05 -88.18 -16.67
C VAL E 605 3.97 -88.93 -17.45
N ASP E 606 2.90 -89.26 -16.74
CA ASP E 606 1.86 -90.09 -17.28
C ASP E 606 1.34 -89.55 -18.61
N THR E 607 1.28 -90.44 -19.59
CA THR E 607 0.80 -90.13 -20.91
C THR E 607 -0.63 -89.52 -20.92
N VAL E 608 -1.48 -89.82 -19.92
CA VAL E 608 -2.81 -89.22 -19.88
C VAL E 608 -2.71 -87.70 -19.69
N ILE E 609 -1.71 -87.26 -18.92
CA ILE E 609 -1.41 -85.84 -18.67
C ILE E 609 -0.82 -85.20 -19.94
N ARG E 610 0.14 -85.89 -20.53
CA ARG E 610 0.77 -85.47 -21.77
C ARG E 610 -0.23 -85.24 -22.91
N GLU E 611 -1.11 -86.20 -23.15
CA GLU E 611 -1.93 -86.12 -24.35
C GLU E 611 -3.00 -85.07 -24.20
N ARG E 612 -3.40 -84.74 -22.98
CA ARG E 612 -4.53 -83.78 -22.78
C ARG E 612 -4.12 -82.30 -22.59
N ALA E 613 -2.84 -82.05 -22.38
CA ALA E 613 -2.24 -80.71 -22.50
C ALA E 613 -2.60 -80.04 -23.82
N GLY E 614 -2.86 -78.74 -23.78
CA GLY E 614 -3.23 -78.03 -24.98
C GLY E 614 -4.74 -77.94 -25.07
N LEU E 615 -5.17 -77.62 -26.29
CA LEU E 615 -6.56 -77.38 -26.60
C LEU E 615 -7.43 -78.58 -26.26
N GLU E 616 -8.53 -78.30 -25.57
CA GLU E 616 -9.58 -79.27 -25.28
C GLU E 616 -10.51 -79.41 -26.48
N ALA E 617 -11.34 -80.44 -26.44
CA ALA E 617 -12.16 -80.85 -27.59
C ALA E 617 -13.06 -79.75 -28.15
N GLU E 618 -13.67 -78.96 -27.29
CA GLU E 618 -14.54 -77.87 -27.77
C GLU E 618 -13.79 -76.89 -28.67
N TYR E 619 -12.47 -76.81 -28.56
CA TYR E 619 -11.67 -75.81 -29.32
C TYR E 619 -10.55 -76.39 -30.21
N ARG E 620 -10.53 -77.71 -30.44
CA ARG E 620 -9.53 -78.32 -31.35
C ARG E 620 -9.60 -77.81 -32.78
N ASP E 621 -10.79 -77.40 -33.23
CA ASP E 621 -11.00 -76.85 -34.56
C ASP E 621 -10.04 -75.71 -34.95
N LEU E 622 -9.53 -74.95 -33.97
CA LEU E 622 -8.62 -73.83 -34.21
C LEU E 622 -7.42 -74.11 -35.13
N LYS E 623 -6.94 -75.36 -35.19
CA LYS E 623 -5.82 -75.76 -36.06
C LYS E 623 -6.30 -76.51 -37.31
N ALA F 24 42.51 63.04 3.98
CA ALA F 24 42.16 61.61 4.20
C ALA F 24 43.22 60.91 5.04
N GLY F 25 42.79 60.19 6.09
CA GLY F 25 43.69 59.35 6.88
C GLY F 25 44.04 58.10 6.07
N GLU F 26 45.30 57.66 6.15
CA GLU F 26 45.82 56.62 5.26
C GLU F 26 46.11 55.34 6.00
N ILE F 27 45.93 54.21 5.31
CA ILE F 27 46.32 52.91 5.85
C ILE F 27 47.09 52.25 4.73
N TRP F 28 48.19 51.60 5.10
CA TRP F 28 49.23 51.23 4.17
C TRP F 28 49.42 49.73 4.17
N ILE F 29 49.52 49.18 2.98
CA ILE F 29 49.74 47.76 2.77
C ILE F 29 50.99 47.56 1.92
N SER F 30 51.69 46.49 2.23
CA SER F 30 52.93 46.15 1.55
C SER F 30 53.08 44.63 1.46
N PRO F 31 53.78 44.14 0.41
CA PRO F 31 54.21 42.73 0.43
C PRO F 31 55.19 42.37 1.56
N GLN F 32 55.98 43.36 2.02
CA GLN F 32 56.89 43.21 3.17
C GLN F 32 56.13 43.31 4.50
N GLY F 33 54.87 43.77 4.47
CA GLY F 33 54.19 44.21 5.67
C GLY F 33 53.76 43.10 6.60
N ASN F 34 53.06 43.50 7.65
CA ASN F 34 52.63 42.58 8.65
C ASN F 34 51.33 43.09 9.28
N ASP F 35 50.39 42.15 9.49
CA ASP F 35 49.03 42.52 9.93
C ASP F 35 48.95 42.87 11.40
N LEU F 36 49.98 42.53 12.18
CA LEU F 36 50.07 43.04 13.54
C LEU F 36 50.40 44.53 13.56
N ASN F 37 51.02 45.07 12.51
CA ASN F 37 51.37 46.52 12.44
C ASN F 37 50.20 47.45 12.43
N ASP F 38 50.48 48.72 12.67
CA ASP F 38 49.45 49.74 12.74
C ASP F 38 48.99 50.31 11.39
N GLY F 39 49.64 49.90 10.29
CA GLY F 39 49.27 50.38 8.96
C GLY F 39 49.72 51.81 8.60
N THR F 40 50.74 52.33 9.28
CA THR F 40 51.39 53.61 8.83
C THR F 40 52.40 53.27 7.74
N ARG F 41 52.87 54.22 6.93
CA ARG F 41 53.84 53.84 5.85
C ARG F 41 55.16 53.20 6.31
N PRO F 42 55.73 53.64 7.47
CA PRO F 42 56.88 52.92 8.05
C PRO F 42 56.53 51.52 8.56
N SER F 43 55.28 51.29 8.97
CA SER F 43 54.86 49.99 9.54
C SER F 43 53.56 49.48 8.85
N PRO F 44 53.68 48.96 7.61
CA PRO F 44 52.51 48.62 6.78
C PRO F 44 51.86 47.27 7.11
N LYS F 45 50.59 47.15 6.75
CA LYS F 45 49.86 45.86 6.79
C LYS F 45 50.36 44.92 5.70
N ALA F 46 49.97 43.66 5.83
CA ALA F 46 50.19 42.63 4.82
C ALA F 46 49.00 42.41 3.86
N THR F 47 47.77 42.50 4.37
CA THR F 47 46.55 42.09 3.62
C THR F 47 45.49 43.20 3.58
N LEU F 48 44.71 43.20 2.50
CA LEU F 48 43.57 44.13 2.33
C LEU F 48 42.49 43.84 3.39
N THR F 49 42.37 42.55 3.73
CA THR F 49 41.46 42.12 4.79
C THR F 49 41.75 42.91 6.08
N SER F 50 43.00 42.86 6.53
CA SER F 50 43.36 43.53 7.77
C SER F 50 43.19 45.05 7.65
N ALA F 51 43.65 45.59 6.54
CA ALA F 51 43.50 47.00 6.29
C ALA F 51 42.06 47.48 6.36
N LEU F 52 41.18 46.78 5.65
CA LEU F 52 39.74 47.05 5.68
C LEU F 52 39.14 46.98 7.05
N ARG F 53 39.58 46.02 7.85
CA ARG F 53 39.13 45.92 9.24
C ARG F 53 39.51 47.14 10.09
N GLN F 54 40.72 47.66 9.90
CA GLN F 54 41.13 48.83 10.65
C GLN F 54 40.27 50.02 10.23
N ALA F 55 40.04 50.15 8.93
CA ALA F 55 39.13 51.18 8.43
C ALA F 55 37.74 51.01 9.07
N ARG F 56 37.26 49.78 9.10
CA ARG F 56 35.95 49.48 9.72
C ARG F 56 35.94 49.90 11.20
N GLU F 57 37.03 49.61 11.90
CA GLU F 57 37.20 50.04 13.30
C GLU F 57 37.31 51.57 13.49
N TRP F 58 37.99 52.24 12.57
CA TRP F 58 37.99 53.70 12.54
C TRP F 58 36.57 54.24 12.41
N ARG F 59 35.80 53.70 11.47
CA ARG F 59 34.46 54.22 11.23
C ARG F 59 33.58 53.93 12.42
N ARG F 60 33.71 52.74 12.99
CA ARG F 60 32.95 52.37 14.16
C ARG F 60 33.21 53.26 15.37
N THR F 61 34.45 53.65 15.62
CA THR F 61 34.72 54.50 16.80
C THR F 61 34.69 56.02 16.54
N ASP F 62 34.21 56.46 15.37
CA ASP F 62 34.25 57.89 14.97
C ASP F 62 35.64 58.50 15.14
N ASP F 63 36.66 57.72 14.81
CA ASP F 63 38.07 58.14 14.81
C ASP F 63 38.27 59.31 13.88
N GLU F 64 39.08 60.28 14.28
CA GLU F 64 39.20 61.56 13.57
C GLU F 64 39.64 61.40 12.13
N ARG F 65 40.45 60.38 11.84
CA ARG F 65 41.06 60.17 10.51
C ARG F 65 40.07 59.81 9.37
N VAL F 66 38.88 59.38 9.78
CA VAL F 66 37.71 59.25 8.93
C VAL F 66 37.37 60.54 8.13
N ARG F 67 37.54 61.71 8.74
CA ARG F 67 37.02 62.98 8.20
C ARG F 67 36.86 63.13 6.69
N GLY F 68 37.96 63.07 5.95
CA GLY F 68 37.91 63.33 4.50
C GLY F 68 38.01 62.11 3.60
N GLY F 69 37.84 60.94 4.22
CA GLY F 69 38.01 59.68 3.53
C GLY F 69 39.02 58.84 4.26
N ILE F 70 39.09 57.59 3.81
CA ILE F 70 40.09 56.66 4.22
C ILE F 70 40.62 56.15 2.90
N THR F 71 41.93 56.22 2.73
CA THR F 71 42.58 55.69 1.57
C THR F 71 43.44 54.55 2.04
N ILE F 72 43.18 53.39 1.49
CA ILE F 72 44.00 52.24 1.69
C ILE F 72 45.02 52.34 0.54
N CYS F 73 46.28 52.60 0.90
CA CYS F 73 47.38 52.73 -0.06
C CYS F 73 48.20 51.47 -0.10
N MET F 74 48.46 50.99 -1.30
CA MET F 74 49.14 49.74 -1.45
C MET F 74 50.45 49.95 -2.21
N GLU F 75 51.54 49.45 -1.61
CA GLU F 75 52.88 49.52 -2.24
C GLU F 75 52.83 48.59 -3.44
N GLY F 76 53.53 48.98 -4.49
CA GLY F 76 53.75 48.13 -5.68
C GLY F 76 54.10 46.70 -5.34
N GLY F 77 53.59 45.78 -6.14
CA GLY F 77 53.75 44.35 -5.92
C GLY F 77 52.49 43.53 -6.21
N THR F 78 52.62 42.24 -5.95
CA THR F 78 51.57 41.27 -6.13
C THR F 78 51.10 40.85 -4.75
N TYR F 79 49.79 40.95 -4.51
CA TYR F 79 49.20 40.48 -3.26
C TYR F 79 48.35 39.24 -3.53
N ALA F 80 48.77 38.10 -3.01
CA ALA F 80 48.16 36.82 -3.36
C ALA F 80 47.03 36.52 -2.37
N LEU F 81 45.86 36.11 -2.90
CA LEU F 81 44.62 35.88 -2.11
C LEU F 81 44.27 34.37 -2.07
N TYR F 82 43.93 33.84 -0.90
CA TYR F 82 43.40 32.48 -0.77
C TYR F 82 41.87 32.45 -0.55
N GLU F 83 41.27 33.62 -0.40
CA GLU F 83 39.80 33.77 -0.20
C GLU F 83 39.41 35.19 -0.54
N PRO F 84 38.12 35.43 -0.82
CA PRO F 84 37.79 36.76 -1.29
C PRO F 84 37.94 37.82 -0.20
N VAL F 85 38.19 39.06 -0.59
CA VAL F 85 38.11 40.17 0.35
C VAL F 85 36.64 40.56 0.40
N PHE F 86 36.05 40.53 1.61
CA PHE F 86 34.60 40.71 1.82
C PHE F 86 34.39 42.13 2.29
N ILE F 87 33.86 42.97 1.41
CA ILE F 87 33.57 44.34 1.71
C ILE F 87 32.05 44.37 1.97
N ARG F 88 31.72 44.77 3.20
CA ARG F 88 30.44 44.55 3.80
C ARG F 88 29.85 45.88 4.21
N PRO F 89 28.60 45.89 4.67
CA PRO F 89 27.91 47.15 5.03
C PRO F 89 28.64 48.11 6.03
N GLU F 90 29.28 47.49 7.02
CA GLU F 90 30.09 48.17 8.02
C GLU F 90 31.28 48.93 7.39
N ASP F 91 31.67 48.56 6.17
CA ASP F 91 32.82 49.17 5.48
C ASP F 91 32.37 50.36 4.70
N SER F 92 31.06 50.66 4.69
CA SER F 92 30.56 51.71 3.85
C SER F 92 31.19 53.07 4.25
N GLY F 93 31.51 53.89 3.25
CA GLY F 93 31.82 55.26 3.46
C GLY F 93 30.59 56.10 3.24
N THR F 94 30.81 57.38 3.01
CA THR F 94 29.77 58.38 2.65
C THR F 94 30.31 59.17 1.48
N GLU F 95 29.51 60.06 0.92
CA GLU F 95 29.98 60.87 -0.20
C GLU F 95 31.20 61.71 0.23
N ASP F 96 31.10 62.35 1.39
CA ASP F 96 32.20 63.14 1.95
C ASP F 96 33.38 62.28 2.31
N SER F 97 33.10 61.07 2.82
CA SER F 97 34.15 60.18 3.38
C SER F 97 34.16 58.77 2.76
N PRO F 98 34.59 58.66 1.50
CA PRO F 98 34.64 57.37 0.86
C PRO F 98 35.81 56.54 1.32
N THR F 99 35.79 55.25 0.99
CA THR F 99 36.97 54.43 1.11
C THR F 99 37.49 54.14 -0.30
N VAL F 100 38.76 54.48 -0.51
CA VAL F 100 39.40 54.32 -1.80
C VAL F 100 40.57 53.39 -1.63
N ILE F 101 40.63 52.36 -2.46
CA ILE F 101 41.74 51.40 -2.45
C ILE F 101 42.57 51.71 -3.71
N ARG F 102 43.88 51.92 -3.52
CA ARG F 102 44.74 52.35 -4.61
C ARG F 102 46.24 52.09 -4.39
N PRO F 103 47.03 52.08 -5.48
CA PRO F 103 48.48 52.09 -5.31
C PRO F 103 48.95 53.42 -4.81
N VAL F 104 50.12 53.41 -4.20
CA VAL F 104 50.90 54.64 -4.05
C VAL F 104 51.48 55.04 -5.41
N ALA F 105 51.43 56.34 -5.68
CA ALA F 105 52.10 56.93 -6.85
C ALA F 105 51.60 56.28 -8.15
N ASP F 106 52.49 56.00 -9.10
CA ASP F 106 52.12 55.27 -10.31
C ASP F 106 52.62 53.81 -10.25
N GLU F 107 52.81 53.25 -9.05
CA GLU F 107 53.26 51.83 -8.93
C GLU F 107 52.16 50.86 -9.30
N LYS F 108 52.54 49.65 -9.66
CA LYS F 108 51.59 48.66 -10.13
C LYS F 108 51.28 47.63 -9.07
N VAL F 109 49.99 47.48 -8.78
CA VAL F 109 49.48 46.59 -7.72
C VAL F 109 48.61 45.54 -8.40
N VAL F 110 48.92 44.28 -8.14
CA VAL F 110 48.16 43.15 -8.63
C VAL F 110 47.57 42.46 -7.40
N LEU F 111 46.23 42.38 -7.33
CA LEU F 111 45.57 41.38 -6.50
C LEU F 111 45.44 40.09 -7.28
N SER F 112 46.03 39.03 -6.76
CA SER F 112 46.08 37.79 -7.50
C SER F 112 45.41 36.65 -6.77
N GLY F 113 44.65 35.88 -7.53
CA GLY F 113 43.98 34.71 -7.00
C GLY F 113 44.59 33.43 -7.42
N GLY F 114 45.82 33.50 -7.92
CA GLY F 114 46.54 32.31 -8.35
C GLY F 114 47.76 32.06 -7.51
N ILE F 115 48.44 30.96 -7.83
CA ILE F 115 49.70 30.60 -7.22
C ILE F 115 50.76 30.31 -8.29
N ARG F 116 52.02 30.39 -7.86
CA ARG F 116 53.17 30.15 -8.72
C ARG F 116 53.48 28.64 -8.72
N ILE F 117 53.85 28.08 -9.86
CA ILE F 117 54.32 26.69 -9.89
C ILE F 117 55.84 26.64 -10.16
N GLY F 118 56.54 25.98 -9.24
CA GLY F 118 57.98 25.73 -9.35
C GLY F 118 58.31 24.26 -9.49
N GLY F 119 59.59 23.95 -9.30
CA GLY F 119 60.08 22.56 -9.24
C GLY F 119 60.00 21.85 -10.55
N TRP F 120 60.17 22.60 -11.63
CA TRP F 120 60.08 22.05 -12.97
C TRP F 120 61.30 21.20 -13.29
N LYS F 121 61.07 20.09 -13.96
CA LYS F 121 62.11 19.16 -14.38
C LYS F 121 61.88 18.68 -15.82
N LYS F 122 62.98 18.55 -16.54
CA LYS F 122 62.97 18.22 -17.97
C LYS F 122 62.61 16.75 -18.16
N GLN F 123 61.84 16.47 -19.19
CA GLN F 123 61.49 15.08 -19.54
C GLN F 123 61.18 15.02 -21.04
N GLY F 124 62.24 14.86 -21.83
CA GLY F 124 62.14 14.91 -23.29
C GLY F 124 61.99 16.37 -23.68
N LYS F 125 61.14 16.63 -24.66
CA LYS F 125 60.80 18.00 -25.08
C LYS F 125 59.84 18.71 -24.11
N LEU F 126 59.25 17.96 -23.16
CA LEU F 126 58.39 18.53 -22.11
C LEU F 126 59.11 18.78 -20.80
N TRP F 127 58.47 19.60 -19.99
CA TRP F 127 58.85 19.84 -18.61
C TRP F 127 57.65 19.54 -17.70
N VAL F 128 57.94 19.10 -16.49
CA VAL F 128 56.92 18.60 -15.59
C VAL F 128 57.16 19.14 -14.17
N ALA F 129 56.08 19.59 -13.52
CA ALA F 129 56.12 20.03 -12.13
C ALA F 129 54.98 19.39 -11.35
N ASP F 130 55.22 19.17 -10.05
CA ASP F 130 54.20 18.68 -9.13
C ASP F 130 53.28 19.82 -8.81
N VAL F 131 51.97 19.55 -8.78
CA VAL F 131 51.03 20.63 -8.47
C VAL F 131 50.90 20.72 -6.94
N PRO F 132 51.26 21.85 -6.37
CA PRO F 132 51.16 21.89 -4.93
C PRO F 132 49.70 21.91 -4.45
N MET F 133 49.58 21.77 -3.14
CA MET F 133 48.34 21.76 -2.43
C MET F 133 47.90 23.21 -2.33
N PHE F 134 46.59 23.41 -2.32
CA PHE F 134 46.03 24.76 -2.10
C PHE F 134 44.87 24.74 -1.10
N ASN F 135 44.93 25.63 -0.11
CA ASN F 135 43.99 25.60 1.03
C ASN F 135 43.70 24.17 1.46
N GLY F 136 44.75 23.39 1.67
CA GLY F 136 44.66 22.01 2.20
C GLY F 136 44.28 20.88 1.28
N ARG F 137 44.13 21.17 -0.02
CA ARG F 137 43.59 20.18 -0.99
C ARG F 137 44.32 20.15 -2.31
N PRO F 138 44.22 19.04 -3.06
CA PRO F 138 44.64 19.05 -4.46
C PRO F 138 44.02 20.22 -5.19
N LEU F 139 44.79 20.80 -6.11
CA LEU F 139 44.40 21.95 -6.88
C LEU F 139 44.34 21.58 -8.35
N ASP F 140 43.27 21.99 -9.03
CA ASP F 140 43.12 21.83 -10.47
C ASP F 140 42.72 23.18 -11.01
N PHE F 141 42.92 23.33 -12.32
CA PHE F 141 42.85 24.62 -12.99
C PHE F 141 42.63 24.40 -14.49
N ARG F 142 42.03 25.41 -15.11
CA ARG F 142 41.76 25.38 -16.54
C ARG F 142 42.58 26.42 -17.33
N GLN F 143 43.25 27.33 -16.64
CA GLN F 143 44.17 28.27 -17.29
C GLN F 143 45.57 28.05 -16.72
N LEU F 144 46.57 28.51 -17.46
CA LEU F 144 47.97 28.55 -16.99
C LEU F 144 48.69 29.70 -17.76
N TRP F 145 49.37 30.60 -17.04
CA TRP F 145 50.05 31.72 -17.65
C TRP F 145 51.57 31.59 -17.36
N VAL F 146 52.41 32.00 -18.33
CA VAL F 146 53.88 31.98 -18.19
C VAL F 146 54.37 33.37 -18.48
N ASN F 147 54.89 34.05 -17.45
CA ASN F 147 55.34 35.45 -17.57
C ASN F 147 54.28 36.36 -18.24
N GLY F 148 53.02 36.23 -17.81
CA GLY F 148 51.92 37.03 -18.40
C GLY F 148 51.37 36.61 -19.77
N LYS F 149 51.86 35.52 -20.34
CA LYS F 149 51.38 35.03 -21.64
C LYS F 149 50.59 33.79 -21.33
N LYS F 150 49.32 33.77 -21.71
CA LYS F 150 48.49 32.59 -21.46
C LYS F 150 49.00 31.45 -22.29
N ALA F 151 49.24 30.32 -21.65
CA ALA F 151 49.50 29.10 -22.35
C ALA F 151 48.21 28.53 -22.96
N VAL F 152 48.34 27.41 -23.67
CA VAL F 152 47.25 26.78 -24.37
C VAL F 152 46.97 25.43 -23.70
N ARG F 153 45.76 25.26 -23.17
CA ARG F 153 45.33 23.99 -22.62
C ARG F 153 45.27 23.01 -23.75
N ALA F 154 45.97 21.91 -23.63
CA ALA F 154 46.29 21.10 -24.78
C ALA F 154 45.06 20.62 -25.51
N ARG F 155 45.07 20.85 -26.83
CA ARG F 155 43.98 20.47 -27.73
C ARG F 155 44.45 19.82 -29.05
N ASP F 156 43.51 19.21 -29.78
CA ASP F 156 43.81 18.45 -30.98
C ASP F 156 44.29 19.33 -32.14
N VAL F 157 43.65 20.47 -32.38
CA VAL F 157 44.02 21.33 -33.53
C VAL F 157 44.43 22.70 -33.05
N GLU F 158 45.53 23.17 -33.61
CA GLU F 158 46.11 24.45 -33.28
C GLU F 158 45.33 25.57 -33.97
N ASP F 159 44.81 25.29 -35.16
CA ASP F 159 44.12 26.26 -35.98
C ASP F 159 42.65 25.89 -35.93
N PHE F 160 41.83 26.79 -35.39
CA PHE F 160 40.41 26.45 -35.20
C PHE F 160 39.70 26.23 -36.54
N GLU F 161 40.19 26.83 -37.63
CA GLU F 161 39.64 26.54 -38.97
C GLU F 161 39.79 25.06 -39.40
N LYS F 162 40.74 24.33 -38.80
CA LYS F 162 40.93 22.90 -39.08
C LYS F 162 40.08 21.94 -38.21
N MET F 163 39.12 22.47 -37.45
CA MET F 163 38.30 21.64 -36.58
C MET F 163 37.55 20.63 -37.40
N ASN F 164 37.49 19.42 -36.89
CA ASN F 164 36.55 18.41 -37.40
C ASN F 164 35.10 18.82 -37.18
N ARG F 165 34.20 18.19 -37.92
CA ARG F 165 32.79 18.47 -37.85
C ARG F 165 32.13 17.20 -37.33
N ILE F 166 30.99 17.36 -36.66
CA ILE F 166 30.21 16.18 -36.22
C ILE F 166 29.52 15.55 -37.41
N CYS F 167 29.02 14.34 -37.25
CA CYS F 167 28.28 13.63 -38.29
C CYS F 167 26.80 13.64 -38.03
N SER F 168 26.39 13.29 -36.79
CA SER F 168 24.98 13.21 -36.43
C SER F 168 24.76 13.23 -34.91
N VAL F 169 23.49 13.41 -34.53
CA VAL F 169 23.05 13.44 -33.12
C VAL F 169 21.90 12.46 -32.90
N ASP F 170 22.12 11.53 -31.97
CA ASP F 170 21.07 10.65 -31.46
C ASP F 170 20.62 11.14 -30.06
N GLU F 171 19.55 11.93 -30.05
CA GLU F 171 19.05 12.59 -28.82
C GLU F 171 18.56 11.60 -27.79
N LYS F 172 17.74 10.67 -28.22
CA LYS F 172 17.19 9.60 -27.40
C LYS F 172 18.25 8.80 -26.62
N ASN F 173 19.35 8.41 -27.25
CA ASN F 173 20.40 7.63 -26.58
C ASN F 173 21.56 8.46 -26.11
N GLU F 174 21.45 9.78 -26.23
CA GLU F 174 22.52 10.69 -25.84
C GLU F 174 23.86 10.22 -26.44
N ILE F 175 23.86 10.08 -27.77
CA ILE F 175 25.07 9.83 -28.55
C ILE F 175 25.33 10.95 -29.57
N LEU F 176 26.56 11.43 -29.57
CA LEU F 176 27.06 12.33 -30.62
C LEU F 176 28.00 11.52 -31.50
N TYR F 177 27.69 11.44 -32.80
CA TYR F 177 28.53 10.66 -33.73
C TYR F 177 29.52 11.61 -34.40
N VAL F 178 30.81 11.29 -34.34
CA VAL F 178 31.83 12.10 -34.99
C VAL F 178 32.75 11.18 -35.84
N PRO F 179 33.59 11.75 -36.72
CA PRO F 179 34.56 10.93 -37.47
C PRO F 179 35.62 10.27 -36.59
N ALA F 180 35.72 8.95 -36.74
CA ALA F 180 36.68 8.18 -36.00
C ALA F 180 38.08 8.77 -36.06
N VAL F 181 38.44 9.40 -37.18
CA VAL F 181 39.75 10.08 -37.30
C VAL F 181 39.95 11.19 -36.25
N ALA F 182 38.87 11.91 -35.93
CA ALA F 182 38.91 12.98 -34.94
C ALA F 182 39.40 12.54 -33.56
N ILE F 183 38.99 11.36 -33.13
CA ILE F 183 39.27 10.92 -31.76
C ILE F 183 40.34 9.80 -31.64
N ARG F 184 41.13 9.56 -32.68
CA ARG F 184 42.10 8.41 -32.69
C ARG F 184 43.14 8.45 -31.57
N ARG F 185 43.69 9.64 -31.34
CA ARG F 185 44.65 9.85 -30.26
C ARG F 185 44.09 9.61 -28.85
N LEU F 186 42.76 9.64 -28.67
CA LEU F 186 42.13 9.48 -27.32
C LEU F 186 41.79 8.05 -26.91
N VAL F 187 41.93 7.11 -27.85
CA VAL F 187 41.50 5.72 -27.67
C VAL F 187 42.70 4.77 -27.65
N ASP F 188 42.53 3.62 -27.00
CA ASP F 188 43.56 2.56 -26.94
C ASP F 188 43.42 1.60 -28.15
N GLY F 189 44.30 0.61 -28.25
CA GLY F 189 44.25 -0.38 -29.34
C GLY F 189 42.93 -1.12 -29.53
N LYS F 190 42.20 -1.31 -28.43
CA LYS F 190 40.87 -1.95 -28.45
C LYS F 190 39.72 -0.98 -28.74
N GLY F 191 40.03 0.29 -29.01
CA GLY F 191 39.04 1.31 -29.34
C GLY F 191 38.26 1.92 -28.19
N ALA F 192 38.74 1.80 -26.95
CA ALA F 192 38.10 2.35 -25.75
C ALA F 192 38.76 3.66 -25.36
N LEU F 193 38.02 4.57 -24.74
CA LEU F 193 38.64 5.81 -24.25
C LEU F 193 39.79 5.53 -23.25
N LYS F 194 40.91 6.21 -23.46
CA LYS F 194 42.12 6.10 -22.65
C LYS F 194 42.47 7.44 -21.97
N ALA F 195 41.98 8.54 -22.55
CA ALA F 195 42.09 9.88 -21.98
C ALA F 195 40.94 10.17 -21.01
N LYS F 196 41.10 9.76 -19.75
CA LYS F 196 39.99 9.73 -18.77
C LYS F 196 39.19 11.03 -18.56
N TYR F 197 39.81 12.19 -18.71
CA TYR F 197 39.17 13.49 -18.47
C TYR F 197 39.08 14.35 -19.74
N ALA F 198 39.12 13.69 -20.90
CA ALA F 198 39.07 14.43 -22.16
C ALA F 198 37.74 15.15 -22.29
N GLU F 199 37.78 16.32 -22.89
CA GLU F 199 36.63 17.22 -23.02
C GLU F 199 36.49 17.58 -24.48
N MET F 200 35.26 17.50 -25.02
CA MET F 200 34.91 18.15 -26.26
C MET F 200 34.32 19.55 -26.05
N VAL F 201 34.75 20.49 -26.89
CA VAL F 201 34.16 21.82 -26.98
C VAL F 201 33.44 21.85 -28.32
N LEU F 202 32.13 21.91 -28.27
CA LEU F 202 31.28 21.75 -29.44
C LEU F 202 30.70 23.12 -29.78
N HIS F 203 30.83 23.53 -31.05
CA HIS F 203 30.36 24.80 -31.55
C HIS F 203 28.95 24.56 -32.02
N GLN F 204 28.00 25.30 -31.42
CA GLN F 204 26.58 25.12 -31.75
C GLN F 204 25.81 26.45 -31.82
N MET F 205 25.69 26.96 -33.06
CA MET F 205 24.98 28.17 -33.40
C MET F 205 25.66 29.36 -32.73
N TRP F 206 25.12 29.89 -31.63
CA TRP F 206 25.68 31.09 -30.98
C TRP F 206 26.40 30.78 -29.65
N CYS F 207 26.61 29.50 -29.34
CA CYS F 207 27.30 29.07 -28.14
C CYS F 207 28.23 27.90 -28.44
N VAL F 208 29.20 27.76 -27.57
CA VAL F 208 29.89 26.52 -27.34
C VAL F 208 29.33 25.81 -26.10
N ALA F 209 29.58 24.51 -26.05
CA ALA F 209 29.33 23.66 -24.87
C ALA F 209 30.57 22.88 -24.53
N ASN F 210 30.81 22.72 -23.22
CA ASN F 210 31.88 21.89 -22.73
C ASN F 210 31.27 20.61 -22.24
N LEU F 211 31.64 19.53 -22.92
CA LEU F 211 31.04 18.23 -22.76
C LEU F 211 32.14 17.24 -22.46
N ARG F 212 32.11 16.64 -21.28
CA ARG F 212 33.20 15.80 -20.83
C ARG F 212 32.98 14.40 -21.32
N ILE F 213 33.97 13.85 -22.01
CA ILE F 213 33.82 12.54 -22.67
C ILE F 213 33.91 11.41 -21.63
N ARG F 214 32.97 10.49 -21.76
CA ARG F 214 32.82 9.34 -20.87
C ARG F 214 33.28 8.08 -21.57
N SER F 215 32.82 7.87 -22.80
CA SER F 215 33.19 6.68 -23.57
C SER F 215 33.15 6.93 -25.09
N VAL F 216 33.96 6.14 -25.81
CA VAL F 216 33.99 6.13 -27.30
C VAL F 216 33.78 4.70 -27.82
N GLU F 217 32.80 4.47 -28.70
CA GLU F 217 32.63 3.18 -29.38
C GLU F 217 32.85 3.38 -30.87
N LEU F 218 33.76 2.62 -31.49
CA LEU F 218 34.08 2.80 -32.92
C LEU F 218 33.23 1.89 -33.77
N ALA F 219 32.86 2.38 -34.94
CA ALA F 219 31.99 1.68 -35.91
C ALA F 219 32.44 2.08 -37.33
N GLY F 220 33.58 1.56 -37.74
CA GLY F 220 34.15 1.85 -39.06
C GLY F 220 34.81 3.22 -39.08
N ASP F 221 34.32 4.11 -39.92
CA ASP F 221 34.79 5.50 -39.96
C ASP F 221 34.16 6.41 -38.91
N SER F 222 33.09 5.97 -38.23
CA SER F 222 32.43 6.81 -37.24
C SER F 222 32.76 6.36 -35.82
N ALA F 223 32.67 7.33 -34.91
CA ALA F 223 32.84 7.10 -33.51
C ALA F 223 31.59 7.62 -32.78
N ALA F 224 31.01 6.76 -31.96
CA ALA F 224 29.91 7.13 -31.08
C ALA F 224 30.51 7.62 -29.77
N ILE F 225 30.27 8.89 -29.47
CA ILE F 225 30.76 9.55 -28.27
C ILE F 225 29.64 9.73 -27.25
N ARG F 226 29.93 9.34 -26.02
CA ARG F 226 29.04 9.54 -24.89
C ARG F 226 29.74 10.41 -23.82
N PHE F 227 28.92 11.18 -23.11
CA PHE F 227 29.37 12.21 -22.21
C PHE F 227 28.91 11.95 -20.79
N HIS F 228 29.63 12.53 -19.83
CA HIS F 228 29.26 12.47 -18.43
C HIS F 228 27.99 13.28 -18.15
N GLN F 229 27.40 12.92 -17.00
CA GLN F 229 26.37 13.72 -16.35
C GLN F 229 27.05 14.69 -15.44
N PRO F 230 26.46 15.86 -15.20
CA PRO F 230 25.07 16.23 -15.53
C PRO F 230 24.86 16.89 -16.92
N GLU F 231 25.94 17.23 -17.62
CA GLU F 231 25.86 17.90 -18.90
C GLU F 231 25.22 17.03 -19.99
N SER F 232 25.36 15.71 -19.96
CA SER F 232 24.75 14.92 -21.03
C SER F 232 23.23 15.09 -21.19
N ARG F 233 22.47 14.87 -20.13
CA ARG F 233 21.04 15.09 -20.17
C ARG F 233 20.73 16.43 -20.79
N ILE F 234 21.37 17.48 -20.29
CA ILE F 234 21.01 18.83 -20.66
C ILE F 234 21.37 19.13 -22.11
N GLN F 235 22.58 18.74 -22.51
CA GLN F 235 23.04 18.96 -23.88
C GLN F 235 22.09 18.31 -24.90
N PHE F 236 21.71 17.06 -24.68
CA PHE F 236 20.93 16.40 -25.72
C PHE F 236 19.45 16.82 -25.79
N GLU F 237 18.88 17.24 -24.68
CA GLU F 237 17.47 17.58 -24.70
C GLU F 237 17.15 19.06 -24.93
N HIS F 238 18.07 19.96 -24.66
CA HIS F 238 17.76 21.39 -24.84
C HIS F 238 17.72 21.74 -26.35
N PRO F 239 16.66 22.43 -26.78
CA PRO F 239 16.51 22.68 -28.20
C PRO F 239 17.31 23.86 -28.76
N TRP F 240 17.69 24.83 -27.92
CA TRP F 240 18.34 26.04 -28.43
C TRP F 240 19.44 26.50 -27.50
N PRO F 241 20.64 26.75 -28.02
CA PRO F 241 21.09 26.32 -29.36
C PRO F 241 21.27 24.79 -29.39
N ARG F 242 21.31 24.18 -30.57
CA ARG F 242 21.58 22.72 -30.67
C ARG F 242 22.59 22.49 -31.80
N PRO F 243 23.19 21.27 -31.84
CA PRO F 243 24.22 21.07 -32.88
C PRO F 243 23.64 21.12 -34.31
N MET F 244 24.42 21.68 -35.23
CA MET F 244 24.04 21.75 -36.66
C MET F 244 24.34 20.41 -37.39
N VAL F 245 23.34 19.85 -38.05
CA VAL F 245 23.52 18.65 -38.84
C VAL F 245 22.91 18.97 -40.18
N THR F 246 23.75 19.06 -41.22
CA THR F 246 23.34 19.65 -42.51
C THR F 246 23.77 18.77 -43.66
N THR F 247 23.15 19.02 -44.82
CA THR F 247 23.55 18.39 -46.08
C THR F 247 24.41 19.31 -46.96
N ASP F 248 24.86 20.46 -46.45
CA ASP F 248 25.66 21.38 -47.27
C ASP F 248 26.93 21.89 -46.58
N GLY F 249 27.59 21.02 -45.82
CA GLY F 249 28.87 21.35 -45.18
C GLY F 249 28.89 22.29 -43.99
N HIS F 250 27.74 22.47 -43.34
CA HIS F 250 27.68 23.42 -42.24
C HIS F 250 27.51 22.74 -40.86
N ASN F 251 27.91 21.47 -40.74
CA ASN F 251 27.81 20.75 -39.48
C ASN F 251 28.64 21.36 -38.37
N SER F 252 28.16 21.17 -37.15
CA SER F 252 28.83 21.74 -36.02
C SER F 252 30.25 21.23 -35.91
N ALA F 253 31.15 22.18 -35.73
CA ALA F 253 32.53 21.87 -35.51
C ALA F 253 32.72 21.58 -34.03
N PHE F 254 33.76 20.82 -33.72
CA PHE F 254 34.25 20.69 -32.36
C PHE F 254 35.77 20.63 -32.32
N TYR F 255 36.33 21.01 -31.18
CA TYR F 255 37.68 20.60 -30.80
C TYR F 255 37.68 19.80 -29.52
N LEU F 256 38.84 19.20 -29.24
CA LEU F 256 39.04 18.30 -28.14
C LEU F 256 40.17 18.83 -27.33
N THR F 257 40.09 18.70 -26.01
CA THR F 257 41.07 19.24 -25.08
C THR F 257 41.20 18.38 -23.81
N ASN F 258 42.09 18.80 -22.94
CA ASN F 258 42.33 18.15 -21.66
C ASN F 258 42.71 16.69 -21.72
N ALA F 259 43.84 16.42 -22.33
CA ALA F 259 44.38 15.05 -22.43
C ALA F 259 45.90 15.10 -22.75
N ARG F 260 46.66 14.23 -22.10
CA ARG F 260 48.11 14.14 -22.30
C ARG F 260 48.44 13.96 -23.80
N GLU F 261 47.61 13.14 -24.45
CA GLU F 261 47.78 12.74 -25.83
C GLU F 261 47.71 13.87 -26.86
N LEU F 262 47.27 15.06 -26.45
CA LEU F 262 47.04 16.17 -27.35
C LEU F 262 48.10 17.23 -27.18
N LEU F 263 48.94 17.04 -26.16
CA LEU F 263 50.03 17.97 -25.85
C LEU F 263 51.22 17.64 -26.80
N ASP F 264 51.40 18.43 -27.86
CA ASP F 264 52.42 18.13 -28.90
C ASP F 264 53.10 19.34 -29.58
N VAL F 265 52.63 20.55 -29.34
CA VAL F 265 53.32 21.75 -29.79
C VAL F 265 53.66 22.64 -28.62
N ALA F 266 54.54 23.60 -28.87
CA ALA F 266 55.03 24.53 -27.85
C ALA F 266 53.89 25.47 -27.38
N GLY F 267 53.85 25.75 -26.08
CA GLY F 267 52.79 26.56 -25.51
C GLY F 267 51.66 25.74 -24.91
N GLU F 268 51.61 24.43 -25.19
CA GLU F 268 50.58 23.56 -24.67
C GLU F 268 50.94 22.97 -23.31
N TRP F 269 49.89 22.76 -22.49
CA TRP F 269 50.04 22.17 -21.16
C TRP F 269 48.90 21.19 -20.89
N TYR F 270 49.15 20.33 -19.93
CA TYR F 270 48.18 19.37 -19.48
C TYR F 270 48.40 19.10 -18.01
N HIS F 271 47.33 19.22 -17.23
CA HIS F 271 47.36 18.83 -15.82
C HIS F 271 46.67 17.49 -15.63
N ASP F 272 47.50 16.50 -15.32
CA ASP F 272 47.10 15.18 -14.86
C ASP F 272 46.68 15.27 -13.37
N ILE F 273 45.36 15.22 -13.11
CA ILE F 273 44.79 15.36 -11.74
C ILE F 273 44.97 14.08 -10.89
N ASP F 274 45.09 12.94 -11.54
CA ASP F 274 45.39 11.70 -10.83
C ASP F 274 46.79 11.64 -10.20
N ALA F 275 47.77 12.23 -10.87
CA ALA F 275 49.14 12.27 -10.37
C ALA F 275 49.45 13.64 -9.74
N ARG F 276 48.62 14.63 -10.00
CA ARG F 276 48.88 15.99 -9.54
C ARG F 276 50.23 16.50 -10.14
N LYS F 277 50.43 16.19 -11.44
CA LYS F 277 51.56 16.70 -12.22
C LYS F 277 51.04 17.49 -13.41
N VAL F 278 51.63 18.67 -13.59
CA VAL F 278 51.39 19.51 -14.75
C VAL F 278 52.56 19.35 -15.77
N TYR F 279 52.21 19.01 -17.02
CA TYR F 279 53.13 18.96 -18.16
C TYR F 279 53.06 20.27 -19.00
N TYR F 280 54.22 20.74 -19.46
CA TYR F 280 54.32 21.97 -20.29
C TYR F 280 55.40 21.82 -21.39
N TYR F 281 55.11 22.31 -22.61
CA TYR F 281 56.06 22.38 -23.72
C TYR F 281 56.43 23.85 -23.83
N PRO F 282 57.63 24.22 -23.34
CA PRO F 282 57.94 25.66 -23.22
C PRO F 282 58.15 26.33 -24.57
N ARG F 283 57.77 27.60 -24.67
CA ARG F 283 57.90 28.35 -25.93
C ARG F 283 59.26 29.02 -25.89
N GLU F 284 59.71 29.44 -27.07
CA GLU F 284 61.03 30.10 -27.20
C GLU F 284 61.07 31.32 -26.34
N GLY F 285 61.98 31.33 -25.38
CA GLY F 285 62.16 32.44 -24.46
C GLY F 285 61.96 32.05 -23.02
N GLU F 286 61.34 30.89 -22.79
CA GLU F 286 60.88 30.47 -21.47
C GLU F 286 61.82 29.44 -20.91
N LYS F 287 62.43 29.76 -19.77
CA LYS F 287 63.35 28.88 -19.11
C LYS F 287 62.82 28.60 -17.74
N LEU F 288 62.30 27.39 -17.57
CA LEU F 288 61.46 27.04 -16.41
C LEU F 288 62.22 26.86 -15.06
N GLN F 289 63.54 26.75 -15.13
CA GLN F 289 64.38 26.67 -13.92
C GLN F 289 64.89 28.04 -13.48
N ASP F 290 64.66 29.05 -14.30
CA ASP F 290 65.13 30.40 -14.03
C ASP F 290 64.10 31.08 -13.14
N ALA F 291 64.53 31.68 -12.02
CA ALA F 291 63.63 32.47 -11.16
C ALA F 291 62.86 33.56 -11.93
N GLY F 292 63.49 34.16 -12.93
CA GLY F 292 62.80 35.14 -13.81
C GLY F 292 61.64 34.61 -14.65
N THR F 293 61.48 33.28 -14.75
CA THR F 293 60.29 32.65 -15.37
C THR F 293 59.24 32.28 -14.30
N GLU F 294 58.05 32.90 -14.43
CA GLU F 294 56.90 32.70 -13.54
C GLU F 294 55.79 31.91 -14.23
N VAL F 295 55.51 30.70 -13.72
CA VAL F 295 54.30 29.95 -14.09
C VAL F 295 53.21 30.21 -13.04
N ILE F 296 52.11 30.84 -13.45
CA ILE F 296 50.95 31.08 -12.57
C ILE F 296 49.76 30.21 -12.96
N VAL F 297 49.12 29.62 -11.97
CA VAL F 297 47.80 28.97 -12.17
C VAL F 297 46.77 29.58 -11.25
N PRO F 298 45.52 29.73 -11.74
CA PRO F 298 44.49 30.36 -10.91
C PRO F 298 44.00 29.40 -9.84
N ALA F 299 43.67 29.93 -8.66
CA ALA F 299 43.25 29.08 -7.53
C ALA F 299 41.86 29.39 -6.92
N ILE F 300 41.41 30.64 -7.00
CA ILE F 300 40.12 31.02 -6.41
C ILE F 300 39.32 31.80 -7.43
N GLU F 301 38.00 31.77 -7.25
CA GLU F 301 37.09 32.41 -8.21
C GLU F 301 37.02 33.90 -8.14
N THR F 302 37.05 34.44 -6.93
CA THR F 302 36.64 35.79 -6.73
C THR F 302 37.65 36.43 -5.77
N LEU F 303 38.10 37.63 -6.14
CA LEU F 303 39.08 38.41 -5.37
C LEU F 303 38.41 39.41 -4.42
N ILE F 304 37.43 40.14 -4.94
CA ILE F 304 36.71 41.15 -4.19
C ILE F 304 35.20 40.79 -4.24
N GLN F 305 34.57 40.81 -3.09
CA GLN F 305 33.15 40.53 -2.95
C GLN F 305 32.53 41.70 -2.15
N VAL F 306 31.95 42.68 -2.87
CA VAL F 306 31.21 43.78 -2.27
C VAL F 306 29.78 43.22 -2.15
N LYS F 307 29.35 42.98 -0.90
CA LYS F 307 28.04 42.36 -0.65
C LYS F 307 27.37 42.95 0.57
N GLY F 308 26.21 43.54 0.37
CA GLY F 308 25.32 43.96 1.44
C GLY F 308 24.03 43.16 1.56
N THR F 309 23.03 43.77 2.18
CA THR F 309 21.66 43.31 2.06
C THR F 309 20.85 44.45 1.44
N PHE F 310 19.61 44.16 1.03
CA PHE F 310 18.78 45.22 0.47
C PHE F 310 18.56 46.32 1.53
N ASP F 311 18.43 45.92 2.79
CA ASP F 311 18.21 46.82 3.91
C ASP F 311 19.47 47.52 4.39
N ARG F 312 20.62 46.86 4.27
CA ARG F 312 21.95 47.37 4.69
C ARG F 312 22.90 47.29 3.49
N PRO F 313 22.77 48.24 2.56
CA PRO F 313 23.65 48.12 1.38
C PRO F 313 25.11 48.53 1.71
N VAL F 314 26.08 48.10 0.89
CA VAL F 314 27.43 48.62 0.99
C VAL F 314 27.53 49.87 0.12
N SER F 315 28.06 50.97 0.67
CA SER F 315 28.21 52.19 -0.14
C SER F 315 29.60 52.85 -0.16
N HIS F 316 29.84 53.62 -1.22
CA HIS F 316 30.94 54.60 -1.34
C HIS F 316 32.35 54.02 -1.18
N ILE F 317 32.62 53.04 -2.04
CA ILE F 317 33.89 52.35 -2.13
C ILE F 317 34.36 52.56 -3.59
N ARG F 318 35.64 52.95 -3.74
CA ARG F 318 36.25 53.10 -5.07
C ARG F 318 37.58 52.35 -5.14
N PHE F 319 37.75 51.57 -6.19
CA PHE F 319 39.01 50.94 -6.47
C PHE F 319 39.61 51.82 -7.56
N GLU F 320 40.91 52.10 -7.45
CA GLU F 320 41.62 53.04 -8.34
C GLU F 320 42.94 52.37 -8.71
N LYS F 321 43.14 52.13 -10.01
CA LYS F 321 44.40 51.58 -10.58
C LYS F 321 44.85 50.29 -9.96
N ILE F 322 43.91 49.37 -9.73
CA ILE F 322 44.22 48.04 -9.24
C ILE F 322 44.12 47.07 -10.38
N THR F 323 45.02 46.11 -10.40
CA THR F 323 45.00 45.04 -11.37
C THR F 323 44.46 43.79 -10.66
N PHE F 324 43.42 43.18 -11.25
CA PHE F 324 42.81 41.93 -10.75
C PHE F 324 43.14 40.83 -11.72
N SER F 325 43.63 39.70 -11.21
CA SER F 325 44.18 38.65 -12.01
C SER F 325 44.11 37.26 -11.40
N HIS F 326 44.25 36.27 -12.28
CA HIS F 326 44.46 34.86 -11.97
C HIS F 326 43.33 34.21 -11.18
N THR F 327 42.10 34.49 -11.62
CA THR F 327 40.93 33.82 -11.06
C THR F 327 40.60 32.57 -11.85
N THR F 328 40.07 31.58 -11.13
CA THR F 328 39.62 30.33 -11.71
C THR F 328 38.10 30.30 -11.87
N TRP F 329 37.63 29.29 -12.61
CA TRP F 329 36.23 28.83 -12.60
C TRP F 329 36.18 27.39 -13.05
N MET F 330 35.96 26.47 -12.12
CA MET F 330 36.09 25.05 -12.45
C MET F 330 34.78 24.37 -12.83
N ARG F 331 33.67 25.11 -12.83
CA ARG F 331 32.38 24.40 -13.05
C ARG F 331 32.35 23.57 -14.33
N PRO F 332 32.85 24.12 -15.48
CA PRO F 332 32.93 23.28 -16.67
C PRO F 332 33.68 21.96 -16.49
N SER F 333 34.73 21.92 -15.67
CA SER F 333 35.43 20.63 -15.43
C SER F 333 34.58 19.70 -14.52
N GLU F 334 33.77 20.32 -13.63
CA GLU F 334 33.04 19.57 -12.61
C GLU F 334 31.68 19.14 -13.12
N LYS F 335 31.06 19.92 -14.00
CA LYS F 335 29.64 19.69 -14.40
C LYS F 335 29.33 19.92 -15.88
N GLY F 336 30.40 20.13 -16.65
CA GLY F 336 30.27 20.54 -18.03
C GLY F 336 29.66 21.90 -18.09
N HIS F 337 29.26 22.31 -19.27
CA HIS F 337 28.83 23.68 -19.50
C HIS F 337 27.99 23.69 -20.73
N VAL F 338 26.69 23.91 -20.54
CA VAL F 338 25.74 23.95 -21.65
C VAL F 338 24.93 25.28 -21.61
N PRO F 339 25.49 26.36 -22.14
CA PRO F 339 24.82 27.64 -21.96
C PRO F 339 23.71 27.86 -22.94
N LEU F 340 22.70 28.60 -22.50
CA LEU F 340 21.62 29.07 -23.39
C LEU F 340 22.11 30.18 -24.29
N GLN F 341 22.85 31.12 -23.71
CA GLN F 341 23.32 32.36 -24.36
C GLN F 341 24.21 33.13 -23.37
N ALA F 342 25.28 33.75 -23.86
CA ALA F 342 26.03 34.75 -23.10
C ALA F 342 26.74 34.14 -21.88
N GLY F 343 27.14 32.89 -22.03
CA GLY F 343 27.83 32.18 -20.99
C GLY F 343 27.00 31.70 -19.82
N MET F 344 25.68 31.89 -19.85
CA MET F 344 24.81 31.53 -18.71
C MET F 344 24.35 30.11 -18.90
N TYR F 345 24.82 29.25 -18.01
CA TYR F 345 24.64 27.82 -18.20
C TYR F 345 23.23 27.36 -17.88
N LEU F 346 22.76 26.36 -18.62
CA LEU F 346 21.48 25.72 -18.35
C LEU F 346 21.57 24.77 -17.18
N THR F 347 20.58 24.88 -16.29
CA THR F 347 20.41 23.87 -15.19
C THR F 347 19.34 22.91 -15.59
N ASP F 348 18.42 23.36 -16.45
CA ASP F 348 17.37 22.52 -17.03
C ASP F 348 16.87 23.23 -18.29
N GLY F 349 16.70 22.47 -19.37
CA GLY F 349 16.34 23.05 -20.69
C GLY F 349 15.73 22.05 -21.64
N TYR F 350 14.48 22.27 -22.05
CA TYR F 350 13.80 21.29 -22.91
C TYR F 350 12.79 21.95 -23.84
N ARG F 351 12.38 21.19 -24.87
CA ARG F 351 11.38 21.60 -25.81
C ARG F 351 9.99 21.33 -25.24
N ILE F 352 9.02 22.20 -25.50
CA ILE F 352 7.63 21.91 -25.10
C ILE F 352 6.73 21.81 -26.31
N ASP F 353 5.73 20.96 -26.21
CA ASP F 353 4.83 20.73 -27.34
C ASP F 353 3.53 20.29 -26.75
N PRO F 354 2.43 20.99 -26.99
CA PRO F 354 2.37 22.21 -27.83
C PRO F 354 3.11 23.43 -27.27
N LYS F 355 3.36 24.40 -28.16
CA LYS F 355 4.08 25.62 -27.78
C LYS F 355 3.24 26.42 -26.81
N MET F 356 3.87 27.18 -25.94
CA MET F 356 3.17 28.01 -24.98
C MET F 356 2.69 29.29 -25.66
N GLU F 357 1.38 29.49 -25.74
CA GLU F 357 0.82 30.80 -26.16
C GLU F 357 0.99 31.80 -25.03
N ARG F 358 1.35 33.03 -25.38
CA ARG F 358 1.71 34.04 -24.41
C ARG F 358 0.92 35.33 -24.66
N ASP F 359 0.90 36.15 -23.63
CA ASP F 359 0.16 37.40 -23.65
C ASP F 359 0.91 38.49 -24.36
N TYR F 360 0.25 39.62 -24.49
CA TYR F 360 0.88 40.86 -24.97
C TYR F 360 1.53 40.71 -26.34
N LEU F 361 0.86 39.94 -27.22
CA LEU F 361 1.30 39.71 -28.57
C LEU F 361 2.65 39.00 -28.71
N ASN F 362 3.17 38.39 -27.65
CA ASN F 362 4.38 37.64 -27.78
C ASN F 362 4.16 36.46 -28.72
N HIS F 363 5.25 36.02 -29.34
CA HIS F 363 5.28 34.84 -30.21
C HIS F 363 5.22 33.60 -29.31
N PRO F 364 4.65 32.49 -29.82
CA PRO F 364 4.62 31.28 -29.03
C PRO F 364 6.00 30.77 -28.68
N LEU F 365 6.10 30.09 -27.54
CA LEU F 365 7.38 29.75 -26.96
C LEU F 365 7.52 28.22 -27.05
N ASP F 366 8.62 27.76 -27.64
CA ASP F 366 8.80 26.32 -27.84
C ASP F 366 9.70 25.62 -26.83
N ASN F 367 10.22 26.36 -25.85
CA ASN F 367 11.13 25.76 -24.88
C ASN F 367 11.01 26.37 -23.49
N GLN F 368 11.55 25.66 -22.51
CA GLN F 368 11.66 26.18 -21.15
C GLN F 368 13.11 26.05 -20.73
N GLY F 369 13.62 27.06 -20.02
CA GLY F 369 14.93 26.95 -19.46
C GLY F 369 15.16 27.76 -18.20
N TRP F 370 16.10 27.26 -17.41
CA TRP F 370 16.51 27.84 -16.16
C TRP F 370 18.05 27.94 -16.16
N LEU F 371 18.56 29.03 -15.63
CA LEU F 371 19.98 29.35 -15.76
C LEU F 371 20.73 29.45 -14.43
N GLY F 372 22.06 29.36 -14.54
CA GLY F 372 23.00 29.74 -13.51
C GLY F 372 23.99 30.77 -14.06
N ARG F 373 24.77 31.37 -13.18
CA ARG F 373 25.59 32.53 -13.48
C ARG F 373 27.06 32.18 -13.19
N PRO F 374 27.98 32.41 -14.13
CA PRO F 374 29.40 32.10 -13.79
C PRO F 374 29.95 33.06 -12.75
N ALA F 375 30.96 32.58 -12.08
CA ALA F 375 31.72 33.34 -11.13
C ALA F 375 32.45 34.48 -11.76
N ALA F 376 32.75 35.48 -10.92
CA ALA F 376 33.42 36.70 -11.38
C ALA F 376 34.55 37.07 -10.44
N ALA F 377 35.56 37.78 -10.97
CA ALA F 377 36.76 38.11 -10.18
C ALA F 377 36.44 39.18 -9.17
N VAL F 378 35.55 40.10 -9.55
CA VAL F 378 34.99 41.06 -8.63
C VAL F 378 33.48 41.04 -8.79
N SER F 379 32.80 41.01 -7.67
CA SER F 379 31.33 40.91 -7.65
C SER F 379 30.80 42.03 -6.73
N VAL F 380 29.68 42.60 -7.14
CA VAL F 380 29.08 43.68 -6.43
C VAL F 380 27.62 43.38 -6.36
N ALA F 381 27.08 43.39 -5.14
CA ALA F 381 25.65 43.18 -4.91
C ALA F 381 25.18 43.92 -3.68
N ALA F 382 23.96 44.48 -3.78
CA ALA F 382 23.27 45.13 -2.66
C ALA F 382 24.18 46.26 -2.12
N ALA F 383 24.35 47.25 -2.99
CA ALA F 383 25.36 48.29 -2.85
C ALA F 383 25.00 49.50 -3.67
N ASN F 384 25.68 50.60 -3.38
CA ASN F 384 25.52 51.82 -4.14
C ASN F 384 26.80 52.68 -4.16
N GLN F 385 27.04 53.35 -5.30
CA GLN F 385 28.22 54.21 -5.50
C GLN F 385 29.47 53.38 -5.24
N ILE F 386 29.55 52.22 -5.90
CA ILE F 386 30.71 51.35 -5.91
C ILE F 386 31.38 51.61 -7.26
N ASP F 387 32.63 52.14 -7.23
CA ASP F 387 33.32 52.68 -8.40
C ASP F 387 34.62 51.92 -8.72
N PHE F 388 34.93 51.86 -10.01
CA PHE F 388 36.20 51.31 -10.48
C PHE F 388 36.77 52.30 -11.48
N GLU F 389 37.93 52.83 -11.15
CA GLU F 389 38.57 53.91 -11.91
C GLU F 389 39.96 53.45 -12.37
N ARG F 390 40.15 53.31 -13.68
CA ARG F 390 41.41 52.87 -14.26
C ARG F 390 41.95 51.59 -13.67
N CYS F 391 41.07 50.67 -13.33
CA CYS F 391 41.49 49.33 -12.91
C CYS F 391 41.68 48.44 -14.14
N ARG F 392 42.37 47.32 -13.95
CA ARG F 392 42.73 46.39 -15.01
C ARG F 392 42.30 44.99 -14.60
N PHE F 393 41.49 44.34 -15.43
CA PHE F 393 40.97 43.00 -15.17
C PHE F 393 41.68 42.15 -16.18
N ASP F 394 42.61 41.34 -15.75
CA ASP F 394 43.60 40.81 -16.66
C ASP F 394 44.02 39.44 -16.23
N HIS F 395 43.84 38.44 -17.12
CA HIS F 395 44.21 37.03 -16.86
C HIS F 395 43.20 36.30 -15.94
N LEU F 396 41.98 36.13 -16.45
CA LEU F 396 40.83 35.67 -15.64
C LEU F 396 40.13 34.50 -16.25
N GLY F 397 39.64 33.60 -15.40
CA GLY F 397 39.03 32.37 -15.83
C GLY F 397 37.54 32.36 -16.10
N SER F 398 36.86 33.50 -15.87
CA SER F 398 35.37 33.59 -16.03
C SER F 398 34.95 35.02 -16.23
N THR F 399 34.09 35.60 -15.42
CA THR F 399 33.75 36.99 -15.59
C THR F 399 34.78 37.92 -14.94
N GLY F 400 34.97 39.13 -15.50
CA GLY F 400 35.86 40.12 -14.88
C GLY F 400 35.17 40.82 -13.72
N LEU F 401 34.22 41.67 -14.07
CA LEU F 401 33.45 42.48 -13.13
C LEU F 401 31.96 42.17 -13.25
N ASP F 402 31.30 41.95 -12.12
CA ASP F 402 29.88 41.55 -12.12
C ASP F 402 29.08 42.37 -11.10
N TYR F 403 28.25 43.29 -11.60
CA TYR F 403 27.26 43.98 -10.79
C TYR F 403 26.01 43.06 -10.83
N GLU F 404 25.86 42.24 -9.79
CA GLU F 404 24.97 41.09 -9.80
C GLU F 404 23.53 41.44 -9.61
N GLU F 405 23.23 42.27 -8.61
CA GLU F 405 21.88 42.42 -8.08
C GLU F 405 21.82 43.61 -7.13
N ALA F 406 20.73 44.39 -7.16
CA ALA F 406 20.50 45.47 -6.17
C ALA F 406 21.65 46.47 -6.05
N VAL F 407 22.22 46.89 -7.19
CA VAL F 407 23.28 47.93 -7.19
C VAL F 407 22.67 49.19 -7.78
N GLN F 408 22.77 50.30 -7.05
CA GLN F 408 22.32 51.62 -7.49
C GLN F 408 23.57 52.44 -7.85
N GLY F 409 23.62 52.95 -9.07
CA GLY F 409 24.78 53.75 -9.52
C GLY F 409 26.06 52.93 -9.57
N GLY F 410 27.17 53.62 -9.35
CA GLY F 410 28.46 53.01 -9.58
C GLY F 410 29.02 53.43 -10.95
N VAL F 411 30.28 53.84 -10.94
CA VAL F 411 30.96 54.28 -12.15
C VAL F 411 32.16 53.37 -12.45
N VAL F 412 32.10 52.66 -13.59
CA VAL F 412 33.19 51.82 -14.06
C VAL F 412 33.78 52.58 -15.26
N ARG F 413 35.00 53.07 -15.08
CA ARG F 413 35.54 54.09 -15.98
C ARG F 413 37.04 54.01 -16.10
N GLY F 414 37.52 54.13 -17.33
CA GLY F 414 38.96 54.05 -17.62
C GLY F 414 39.55 52.66 -17.45
N CYS F 415 38.70 51.63 -17.37
CA CYS F 415 39.16 50.30 -17.00
C CYS F 415 39.52 49.49 -18.21
N LEU F 416 40.44 48.56 -18.03
CA LEU F 416 40.88 47.67 -19.06
C LEU F 416 40.53 46.24 -18.74
N PHE F 417 39.96 45.55 -19.73
CA PHE F 417 39.53 44.17 -19.61
C PHE F 417 40.24 43.38 -20.70
N ARG F 418 41.11 42.45 -20.31
CA ARG F 418 41.90 41.70 -21.28
C ARG F 418 42.24 40.32 -20.78
N ASP F 419 42.34 39.36 -21.72
CA ASP F 419 42.63 37.98 -21.44
C ASP F 419 41.63 37.46 -20.39
N ILE F 420 40.37 37.39 -20.80
CA ILE F 420 39.28 36.94 -19.92
C ILE F 420 38.54 35.85 -20.64
N ALA F 421 38.45 34.70 -19.99
CA ALA F 421 37.85 33.51 -20.58
C ALA F 421 36.39 33.64 -20.83
N GLY F 422 35.71 34.38 -19.95
CA GLY F 422 34.24 34.59 -20.03
C GLY F 422 33.89 36.02 -20.40
N ASN F 423 32.72 36.48 -19.96
CA ASN F 423 32.30 37.84 -20.22
C ASN F 423 33.23 38.84 -19.54
N GLY F 424 33.32 40.03 -20.10
CA GLY F 424 34.15 41.07 -19.47
C GLY F 424 33.50 41.68 -18.26
N LEU F 425 32.41 42.36 -18.56
CA LEU F 425 31.62 43.07 -17.58
C LEU F 425 30.17 42.56 -17.71
N VAL F 426 29.58 42.20 -16.56
CA VAL F 426 28.21 41.66 -16.47
C VAL F 426 27.44 42.54 -15.49
N VAL F 427 26.21 42.91 -15.84
CA VAL F 427 25.37 43.72 -14.99
C VAL F 427 23.94 43.17 -15.06
N GLY F 428 23.34 42.95 -13.89
CA GLY F 428 21.93 42.76 -13.75
C GLY F 428 21.52 41.30 -13.74
N SER F 429 20.24 41.09 -14.02
CA SER F 429 19.65 39.78 -13.88
C SER F 429 19.51 39.09 -15.24
N PHE F 430 19.75 37.80 -15.25
CA PHE F 430 19.48 36.95 -16.41
C PHE F 430 18.36 35.95 -16.05
N SER F 431 17.42 36.46 -15.24
CA SER F 431 16.36 35.72 -14.59
C SER F 431 16.89 35.02 -13.29
N PRO F 432 16.16 35.15 -12.16
CA PRO F 432 16.61 34.40 -10.97
C PRO F 432 16.69 32.93 -11.25
N ALA F 433 17.43 32.22 -10.42
CA ALA F 433 17.67 30.81 -10.60
C ALA F 433 16.38 30.00 -10.82
N ALA F 434 15.33 30.35 -10.06
CA ALA F 434 14.09 29.64 -10.13
C ALA F 434 13.06 30.22 -11.10
N HIS F 435 13.45 31.23 -11.83
CA HIS F 435 12.51 31.93 -12.69
C HIS F 435 12.80 31.54 -14.14
N GLU F 436 11.86 30.84 -14.80
CA GLU F 436 12.05 30.41 -16.17
C GLU F 436 12.44 31.63 -17.02
N THR F 437 13.44 31.47 -17.87
CA THR F 437 14.21 32.62 -18.34
C THR F 437 13.57 33.39 -19.50
N HIS F 438 12.40 32.95 -19.99
CA HIS F 438 11.59 33.68 -20.92
C HIS F 438 10.42 34.37 -20.27
N LEU F 439 10.21 34.21 -18.98
CA LEU F 439 9.14 34.94 -18.31
C LEU F 439 9.62 36.32 -17.91
N PRO F 440 8.80 37.36 -18.12
CA PRO F 440 9.32 38.68 -17.83
C PRO F 440 9.72 38.87 -16.35
N TYR F 441 10.85 39.51 -16.13
CA TYR F 441 11.35 39.78 -14.79
C TYR F 441 11.01 41.21 -14.44
N ASP F 442 10.23 41.37 -13.38
CA ASP F 442 9.78 42.67 -12.90
C ASP F 442 9.46 42.53 -11.42
N PRO F 443 10.50 42.40 -10.60
CA PRO F 443 10.25 42.11 -9.19
C PRO F 443 9.45 43.23 -8.49
N THR F 444 8.58 42.82 -7.58
CA THR F 444 7.78 43.80 -6.84
C THR F 444 8.71 44.56 -5.87
N ASP F 445 9.80 43.95 -5.42
CA ASP F 445 10.83 44.65 -4.66
C ASP F 445 11.81 45.29 -5.63
N LEU F 446 11.53 46.56 -5.94
CA LEU F 446 12.22 47.35 -6.94
C LEU F 446 13.69 47.49 -6.64
N ARG F 447 14.05 47.38 -5.36
CA ARG F 447 15.48 47.46 -4.94
C ARG F 447 16.35 46.36 -5.58
N GLU F 448 15.72 45.28 -6.03
CA GLU F 448 16.46 44.17 -6.59
C GLU F 448 17.12 44.48 -7.93
N VAL F 449 16.57 45.47 -8.66
CA VAL F 449 17.00 45.78 -10.01
C VAL F 449 18.20 46.73 -10.04
N CYS F 450 19.27 46.32 -10.74
CA CYS F 450 20.46 47.16 -10.98
C CYS F 450 20.11 48.36 -11.82
N ALA F 451 20.35 49.55 -11.24
CA ALA F 451 19.90 50.81 -11.80
C ALA F 451 21.01 51.85 -11.82
N HIS F 452 21.00 52.68 -12.86
CA HIS F 452 21.88 53.85 -12.96
C HIS F 452 23.39 53.52 -13.00
N GLN F 453 23.80 52.34 -13.46
CA GLN F 453 25.23 52.10 -13.68
C GLN F 453 25.75 52.95 -14.86
N GLN F 454 26.95 53.48 -14.68
CA GLN F 454 27.68 54.18 -15.77
C GLN F 454 28.94 53.37 -16.12
N ILE F 455 29.01 52.84 -17.35
CA ILE F 455 30.21 52.12 -17.85
C ILE F 455 30.84 52.97 -18.96
N SER F 456 32.00 53.59 -18.71
CA SER F 456 32.53 54.51 -19.73
C SER F 456 34.04 54.54 -19.83
N ASN F 457 34.52 54.88 -21.03
CA ASN F 457 35.94 54.94 -21.33
C ASN F 457 36.73 53.71 -20.89
N CYS F 458 36.13 52.53 -21.09
CA CYS F 458 36.78 51.27 -20.86
C CYS F 458 37.11 50.62 -22.16
N TYR F 459 38.14 49.77 -22.10
CA TYR F 459 38.73 49.12 -23.26
C TYR F 459 38.69 47.63 -23.02
N PHE F 460 38.02 46.90 -23.92
CA PHE F 460 37.86 45.45 -23.79
C PHE F 460 38.49 44.79 -24.99
N THR F 461 39.37 43.80 -24.76
CA THR F 461 39.95 43.04 -25.85
C THR F 461 40.37 41.68 -25.37
N GLU F 462 40.34 40.69 -26.24
CA GLU F 462 40.70 39.33 -25.86
C GLU F 462 39.91 38.85 -24.60
N VAL F 463 38.60 39.15 -24.62
CA VAL F 463 37.62 38.54 -23.69
C VAL F 463 36.77 37.53 -24.42
N GLY F 464 36.05 36.73 -23.65
CA GLY F 464 35.41 35.54 -24.15
C GLY F 464 36.38 34.59 -24.85
N ASN F 465 37.61 34.52 -24.37
CA ASN F 465 38.65 33.73 -25.09
C ASN F 465 38.62 32.23 -24.83
N GLU F 466 37.66 31.77 -24.04
CA GLU F 466 37.34 30.34 -23.97
C GLU F 466 35.88 30.08 -24.20
N ASP F 467 35.01 30.80 -23.50
CA ASP F 467 33.60 30.64 -23.74
C ASP F 467 33.29 31.66 -24.81
N TRP F 468 33.29 31.14 -26.05
CA TRP F 468 33.09 31.95 -27.25
C TRP F 468 31.73 32.58 -27.33
N GLY F 469 30.77 32.09 -26.53
CA GLY F 469 29.43 32.67 -26.42
C GLY F 469 29.34 33.95 -25.61
N CYS F 470 30.44 34.41 -25.02
CA CYS F 470 30.43 35.53 -24.09
C CYS F 470 30.60 36.83 -24.81
N LEU F 471 30.52 37.93 -24.05
CA LEU F 471 30.50 39.27 -24.58
C LEU F 471 31.51 40.11 -23.89
N ALA F 472 31.76 41.29 -24.44
CA ALA F 472 32.57 42.28 -23.71
C ALA F 472 31.75 42.88 -22.57
N ILE F 473 30.58 43.40 -22.93
CA ILE F 473 29.63 43.98 -22.01
C ILE F 473 28.29 43.26 -22.17
N LEU F 474 27.80 42.72 -21.06
CA LEU F 474 26.54 41.93 -21.00
C LEU F 474 25.67 42.49 -19.90
N ALA F 475 24.71 43.30 -20.31
CA ALA F 475 23.76 43.86 -19.43
C ALA F 475 22.41 43.14 -19.68
N GLY F 476 21.91 42.43 -18.66
CA GLY F 476 20.63 41.73 -18.75
C GLY F 476 19.49 42.67 -18.40
N TYR F 477 18.63 42.28 -17.46
CA TYR F 477 17.58 43.16 -17.01
C TYR F 477 18.23 44.24 -16.12
N VAL F 478 18.27 45.46 -16.64
CA VAL F 478 18.82 46.60 -15.94
C VAL F 478 17.90 47.78 -16.27
N LYS F 479 18.02 48.86 -15.51
CA LYS F 479 17.32 50.09 -15.89
C LYS F 479 18.27 51.28 -15.72
N ASP F 480 18.07 52.32 -16.54
CA ASP F 480 18.86 53.56 -16.47
C ASP F 480 20.36 53.35 -16.61
N ILE F 481 20.74 52.36 -17.38
CA ILE F 481 22.17 52.11 -17.58
C ILE F 481 22.66 53.06 -18.65
N ASN F 482 23.94 53.38 -18.58
CA ASN F 482 24.58 54.23 -19.58
C ASN F 482 25.93 53.63 -19.87
N ILE F 483 26.02 52.99 -21.04
CA ILE F 483 27.21 52.34 -21.53
C ILE F 483 27.75 53.27 -22.64
N GLU F 484 28.79 54.06 -22.37
CA GLU F 484 29.25 55.06 -23.35
C GLU F 484 30.76 55.19 -23.53
N HIS F 485 31.18 55.49 -24.77
CA HIS F 485 32.57 55.74 -25.10
C HIS F 485 33.51 54.64 -24.69
N ASN F 486 33.06 53.40 -24.86
CA ASN F 486 33.95 52.26 -24.68
C ASN F 486 34.43 51.79 -26.02
N GLU F 487 35.51 51.04 -25.98
CA GLU F 487 36.04 50.41 -27.16
C GLU F 487 36.18 48.94 -26.90
N ILE F 488 35.63 48.16 -27.84
CA ILE F 488 35.64 46.73 -27.81
C ILE F 488 36.18 46.14 -29.12
N CYS F 489 37.14 45.22 -29.00
CA CYS F 489 37.65 44.48 -30.14
C CYS F 489 38.25 43.15 -29.77
N GLU F 490 38.31 42.26 -30.74
CA GLU F 490 38.86 40.92 -30.56
C GLU F 490 38.02 40.12 -29.56
N VAL F 491 36.76 39.92 -29.95
CA VAL F 491 35.78 39.21 -29.15
C VAL F 491 35.14 38.14 -30.06
N PRO F 492 34.68 37.04 -29.46
CA PRO F 492 34.26 35.89 -30.20
C PRO F 492 32.88 36.00 -30.79
N TYR F 493 32.07 36.95 -30.30
CA TYR F 493 30.64 36.98 -30.57
C TYR F 493 30.24 38.47 -30.58
N SER F 494 29.21 38.88 -29.84
CA SER F 494 28.67 40.21 -29.97
C SER F 494 29.50 41.13 -29.09
N GLY F 495 29.38 42.43 -29.34
CA GLY F 495 30.14 43.43 -28.59
C GLY F 495 29.46 43.72 -27.26
N ILE F 496 28.29 44.35 -27.38
CA ILE F 496 27.46 44.76 -26.27
C ILE F 496 26.11 44.10 -26.44
N SER F 497 25.69 43.38 -25.40
CA SER F 497 24.33 42.78 -25.31
C SER F 497 23.56 43.47 -24.17
N LEU F 498 22.38 43.97 -24.49
CA LEU F 498 21.55 44.74 -23.59
C LEU F 498 20.12 44.14 -23.53
N GLY F 499 19.71 43.71 -22.34
CA GLY F 499 18.34 43.14 -22.11
C GLY F 499 18.34 41.62 -22.11
N TRP F 500 17.17 41.06 -21.82
CA TRP F 500 17.00 39.64 -21.65
C TRP F 500 15.55 39.32 -21.77
N GLY F 501 15.25 38.02 -21.79
CA GLY F 501 13.86 37.53 -21.61
C GLY F 501 13.05 37.18 -22.83
N TRP F 502 13.48 37.60 -24.01
CA TRP F 502 12.85 37.17 -25.28
C TRP F 502 11.38 37.48 -25.22
N THR F 503 11.05 38.64 -24.66
CA THR F 503 9.68 39.01 -24.39
C THR F 503 9.42 40.48 -24.74
N GLN F 504 8.32 40.73 -25.43
CA GLN F 504 7.81 42.13 -25.58
C GLN F 504 6.88 42.58 -24.43
N THR F 505 6.76 41.77 -23.37
CA THR F 505 5.98 42.17 -22.20
C THR F 505 6.80 43.23 -21.47
N VAL F 506 6.14 44.33 -21.16
CA VAL F 506 6.77 45.40 -20.39
C VAL F 506 7.16 44.82 -19.03
N ASN F 507 8.38 45.14 -18.59
CA ASN F 507 9.00 44.55 -17.42
C ASN F 507 9.74 45.66 -16.66
N CYS F 508 10.84 45.34 -15.99
CA CYS F 508 11.60 46.33 -15.22
C CYS F 508 12.52 47.24 -16.02
N MET F 509 12.85 46.86 -17.24
CA MET F 509 13.82 47.62 -18.00
C MET F 509 13.23 48.94 -18.48
N ARG F 510 14.06 49.98 -18.42
CA ARG F 510 13.69 51.30 -18.95
C ARG F 510 14.92 52.17 -18.99
N ASN F 511 14.91 53.18 -19.86
CA ASN F 511 15.88 54.26 -19.88
C ASN F 511 17.30 53.80 -20.06
N ASN F 512 17.50 52.74 -20.83
CA ASN F 512 18.84 52.21 -21.06
C ASN F 512 19.53 52.90 -22.26
N ARG F 513 20.84 53.02 -22.19
CA ARG F 513 21.59 53.82 -23.17
C ARG F 513 22.93 53.17 -23.52
N VAL F 514 23.11 52.99 -24.83
CA VAL F 514 24.31 52.42 -25.39
C VAL F 514 24.78 53.44 -26.41
N HIS F 515 25.81 54.21 -26.06
CA HIS F 515 26.10 55.44 -26.76
C HIS F 515 27.55 55.57 -27.11
N ALA F 516 27.83 55.75 -28.41
CA ALA F 516 29.15 56.21 -28.85
C ALA F 516 30.27 55.26 -28.47
N ASN F 517 29.99 53.97 -28.61
CA ASN F 517 30.98 52.95 -28.37
C ASN F 517 31.55 52.55 -29.74
N LEU F 518 32.80 52.09 -29.73
CA LEU F 518 33.48 51.63 -30.90
C LEU F 518 33.64 50.13 -30.79
N ILE F 519 33.02 49.39 -31.69
CA ILE F 519 33.09 47.97 -31.70
C ILE F 519 33.66 47.48 -33.03
N HIS F 520 34.75 46.72 -32.97
CA HIS F 520 35.28 46.12 -34.18
C HIS F 520 35.99 44.84 -33.88
N HIS F 521 36.21 44.04 -34.92
CA HIS F 521 36.91 42.78 -34.80
C HIS F 521 36.17 41.85 -33.79
N TYR F 522 34.87 41.73 -34.06
CA TYR F 522 33.93 40.94 -33.27
C TYR F 522 33.55 39.73 -34.08
N ALA F 523 32.74 38.85 -33.48
CA ALA F 523 32.33 37.58 -34.11
C ALA F 523 33.51 36.78 -34.56
N LYS F 524 34.60 36.79 -33.79
CA LYS F 524 35.77 35.99 -34.16
C LYS F 524 35.49 34.49 -34.27
N HIS F 525 34.52 34.00 -33.51
CA HIS F 525 34.13 32.58 -33.59
C HIS F 525 32.66 32.26 -33.77
N MET F 526 31.73 33.15 -33.35
CA MET F 526 30.30 32.82 -33.34
C MET F 526 29.44 33.81 -34.15
N TYR F 527 28.51 33.28 -34.94
CA TYR F 527 27.54 34.10 -35.68
C TYR F 527 26.18 34.10 -34.99
N ASP F 528 25.12 34.59 -35.64
CA ASP F 528 23.87 35.04 -34.99
C ASP F 528 24.24 36.16 -34.03
N VAL F 529 24.78 37.23 -34.61
CA VAL F 529 25.72 38.12 -33.90
C VAL F 529 25.58 39.58 -34.36
N ALA F 530 26.01 40.52 -33.50
CA ALA F 530 26.07 41.94 -33.85
C ALA F 530 27.02 42.71 -32.97
N GLY F 531 27.34 43.93 -33.40
CA GLY F 531 28.13 44.82 -32.54
C GLY F 531 27.35 45.20 -31.28
N VAL F 532 26.13 45.68 -31.46
CA VAL F 532 25.21 45.99 -30.39
C VAL F 532 23.97 45.15 -30.61
N TYR F 533 23.54 44.46 -29.55
CA TYR F 533 22.50 43.45 -29.62
C TYR F 533 21.54 43.68 -28.47
N THR F 534 20.24 43.60 -28.72
CA THR F 534 19.24 43.81 -27.67
C THR F 534 18.18 42.71 -27.58
N LEU F 535 17.68 42.49 -26.35
CA LEU F 535 16.51 41.66 -26.09
C LEU F 535 15.52 42.37 -25.19
N GLY F 536 14.23 42.18 -25.44
CA GLY F 536 13.22 42.51 -24.44
C GLY F 536 12.72 43.93 -24.57
N SER F 537 11.52 44.18 -24.04
CA SER F 537 10.90 45.50 -23.99
C SER F 537 11.68 46.43 -23.07
N GLN F 538 12.09 47.57 -23.61
CA GLN F 538 12.96 48.54 -22.91
C GLN F 538 12.51 50.00 -23.12
N PRO F 539 11.33 50.35 -22.61
CA PRO F 539 10.81 51.73 -22.67
C PRO F 539 11.87 52.84 -22.64
N LYS F 540 11.91 53.65 -23.72
CA LYS F 540 12.74 54.90 -23.74
C LYS F 540 14.23 54.62 -23.66
N SER F 541 14.68 53.61 -24.40
CA SER F 541 16.10 53.30 -24.47
C SER F 541 16.71 53.75 -25.82
N TYR F 542 18.02 53.81 -25.86
CA TYR F 542 18.74 54.58 -26.92
C TYR F 542 20.00 53.82 -27.28
N VAL F 543 20.09 53.43 -28.55
CA VAL F 543 21.32 52.89 -29.10
C VAL F 543 21.80 53.94 -30.10
N THR F 544 22.69 54.81 -29.64
CA THR F 544 23.00 56.06 -30.40
C THR F 544 24.49 56.32 -30.62
N GLU F 545 24.81 56.70 -31.86
CA GLU F 545 26.15 57.23 -32.21
C GLU F 545 27.29 56.25 -31.98
N ASN F 546 26.97 54.97 -32.10
CA ASN F 546 28.00 53.95 -31.98
C ASN F 546 28.67 53.82 -33.34
N CYS F 547 29.84 53.19 -33.33
CA CYS F 547 30.61 52.89 -34.53
C CYS F 547 30.99 51.42 -34.55
N VAL F 548 30.57 50.71 -35.59
CA VAL F 548 30.78 49.24 -35.73
C VAL F 548 31.39 48.86 -37.10
N HIS F 549 32.49 48.12 -37.08
CA HIS F 549 33.15 47.74 -38.33
C HIS F 549 34.03 46.53 -38.12
N SER F 550 34.42 45.90 -39.23
CA SER F 550 35.42 44.83 -39.30
C SER F 550 35.05 43.56 -38.55
N ILE F 551 33.91 43.03 -38.93
CA ILE F 551 33.49 41.76 -38.40
C ILE F 551 34.35 40.65 -39.00
N TYR F 552 34.65 39.63 -38.19
CA TYR F 552 35.33 38.44 -38.66
C TYR F 552 34.41 37.54 -39.47
N LYS F 553 35.03 36.59 -40.17
CA LYS F 553 34.30 35.60 -41.00
C LYS F 553 34.91 34.24 -40.77
N PRO F 554 34.64 33.63 -39.62
CA PRO F 554 35.21 32.30 -39.39
C PRO F 554 34.55 31.26 -40.29
N GLY F 555 35.31 30.30 -40.78
CA GLY F 555 34.77 29.32 -41.72
C GLY F 555 33.87 28.24 -41.13
N TYR F 556 33.81 28.11 -39.81
CA TYR F 556 33.03 27.01 -39.19
C TYR F 556 31.67 27.48 -38.66
N VAL F 557 31.19 28.64 -39.13
CA VAL F 557 29.93 29.17 -38.60
C VAL F 557 28.75 28.50 -39.24
N HIS F 558 27.70 28.44 -38.45
CA HIS F 558 26.55 27.65 -38.82
C HIS F 558 25.88 28.14 -40.08
N ASP F 559 25.90 29.46 -40.29
CA ASP F 559 25.25 30.18 -41.43
C ASP F 559 26.05 31.48 -41.76
N PRO F 560 26.76 31.47 -42.90
CA PRO F 560 27.63 32.59 -43.25
C PRO F 560 26.96 33.94 -43.40
N ASN F 561 25.67 33.99 -43.65
CA ASN F 561 25.01 35.28 -43.77
C ASN F 561 24.40 35.81 -42.47
N HIS F 562 24.36 35.00 -41.40
CA HIS F 562 23.63 35.41 -40.20
C HIS F 562 24.50 36.24 -39.23
N TRP F 563 24.89 37.43 -39.69
CA TRP F 563 25.72 38.36 -38.94
C TRP F 563 25.22 39.77 -39.18
N PHE F 564 25.43 40.65 -38.21
CA PHE F 564 24.92 42.00 -38.33
C PHE F 564 25.82 42.99 -37.61
N TYR F 565 25.56 44.27 -37.83
CA TYR F 565 26.20 45.34 -37.08
C TYR F 565 25.36 45.71 -35.88
N LEU F 566 24.03 45.76 -36.09
CA LEU F 566 23.08 46.12 -35.08
C LEU F 566 21.94 45.12 -35.18
N TYR F 567 21.43 44.66 -34.05
CA TYR F 567 20.48 43.56 -34.05
C TYR F 567 19.55 43.73 -32.85
N THR F 568 18.27 43.98 -33.13
CA THR F 568 17.26 43.95 -32.08
C THR F 568 16.54 42.59 -32.14
N ASP F 569 16.80 41.73 -31.16
CA ASP F 569 16.22 40.39 -31.08
C ASP F 569 14.89 40.40 -30.34
N GLU F 570 14.38 39.19 -30.09
CA GLU F 570 12.99 38.97 -29.67
C GLU F 570 12.55 39.86 -28.52
N GLY F 571 11.39 40.49 -28.69
CA GLY F 571 10.82 41.31 -27.66
C GLY F 571 11.29 42.77 -27.63
N SER F 572 12.38 43.08 -28.34
CA SER F 572 12.96 44.44 -28.33
C SER F 572 11.90 45.46 -28.75
N SER F 573 11.65 46.43 -27.89
CA SER F 573 10.58 47.43 -28.04
C SER F 573 11.03 48.75 -27.45
N PHE F 574 10.58 49.86 -28.06
CA PHE F 574 10.76 51.22 -27.52
C PHE F 574 12.20 51.67 -27.47
N ILE F 575 13.03 51.10 -28.34
CA ILE F 575 14.41 51.43 -28.46
C ILE F 575 14.61 52.34 -29.71
N THR F 576 15.25 53.48 -29.52
CA THR F 576 15.64 54.38 -30.63
C THR F 576 17.07 54.06 -31.00
N VAL F 577 17.23 53.57 -32.22
CA VAL F 577 18.47 53.10 -32.79
C VAL F 577 18.80 54.15 -33.86
N ARG F 578 19.72 55.07 -33.54
CA ARG F 578 19.89 56.28 -34.34
C ARG F 578 21.34 56.73 -34.43
N ASP F 579 21.67 57.27 -35.61
CA ASP F 579 22.97 57.89 -35.89
C ASP F 579 24.13 56.95 -35.62
N ASN F 580 23.95 55.65 -35.85
CA ASN F 580 25.07 54.70 -35.65
C ASN F 580 25.83 54.50 -36.95
N TRP F 581 27.14 54.76 -36.94
CA TRP F 581 27.98 54.50 -38.09
C TRP F 581 28.30 53.01 -38.07
N THR F 582 27.91 52.33 -39.15
CA THR F 582 28.25 50.94 -39.39
C THR F 582 28.88 50.81 -40.80
N GLU F 583 29.85 49.91 -40.95
CA GLU F 583 30.55 49.71 -42.21
C GLU F 583 29.63 49.47 -43.39
N GLY F 584 28.50 48.81 -43.16
CA GLY F 584 27.49 48.61 -44.17
C GLY F 584 26.14 48.57 -43.49
N GLU F 585 25.08 48.44 -44.29
CA GLU F 585 23.71 48.42 -43.81
C GLU F 585 23.29 46.97 -43.66
N LYS F 586 23.57 46.39 -42.50
CA LYS F 586 23.34 44.95 -42.24
C LYS F 586 22.76 44.88 -40.83
N TYR F 587 21.43 44.91 -40.75
CA TYR F 587 20.72 44.92 -39.49
C TYR F 587 19.64 43.85 -39.47
N LEU F 588 19.25 43.43 -38.25
CA LEU F 588 18.14 42.52 -38.07
C LEU F 588 17.24 42.99 -36.94
N GLN F 589 15.93 42.92 -37.18
CA GLN F 589 14.90 43.21 -36.20
C GLN F 589 14.08 41.93 -36.16
N ASN F 590 14.38 41.05 -35.23
CA ASN F 590 13.78 39.73 -35.15
C ASN F 590 12.71 39.66 -34.04
N ALA F 591 11.46 39.42 -34.44
CA ALA F 591 10.31 39.22 -33.55
C ALA F 591 10.19 40.34 -32.48
N ASN F 592 10.27 41.57 -32.97
CA ASN F 592 10.31 42.76 -32.16
C ASN F 592 8.93 43.14 -31.68
N GLY F 593 8.88 43.91 -30.59
CA GLY F 593 7.63 44.51 -30.12
C GLY F 593 7.53 45.86 -30.78
N PRO F 594 6.55 46.69 -30.38
CA PRO F 594 6.32 48.00 -31.03
C PRO F 594 7.31 49.11 -30.63
N GLY F 595 7.26 50.22 -31.39
CA GLY F 595 7.84 51.49 -30.95
C GLY F 595 9.34 51.67 -31.01
N ASN F 596 10.05 50.75 -31.67
CA ASN F 596 11.45 50.99 -31.98
C ASN F 596 11.50 52.01 -33.09
N VAL F 597 12.57 52.81 -33.10
CA VAL F 597 12.79 53.85 -34.15
C VAL F 597 14.19 53.63 -34.71
N TRP F 598 14.25 53.31 -35.99
CA TRP F 598 15.50 53.14 -36.72
C TRP F 598 15.73 54.37 -37.62
N GLU F 599 16.80 55.11 -37.38
CA GLU F 599 16.98 56.35 -38.12
C GLU F 599 18.45 56.63 -38.32
N ASN F 600 18.85 56.76 -39.58
CA ASN F 600 20.16 57.24 -39.94
C ASN F 600 21.28 56.39 -39.38
N ASN F 601 21.27 55.11 -39.76
CA ASN F 601 22.38 54.23 -39.47
C ASN F 601 23.03 53.73 -40.76
N GLY F 602 24.34 53.53 -40.71
CA GLY F 602 25.10 53.10 -41.87
C GLY F 602 26.33 53.93 -42.13
N PRO F 603 26.99 53.69 -43.27
CA PRO F 603 28.25 54.35 -43.52
C PRO F 603 28.08 55.80 -43.95
N GLN F 604 26.85 56.24 -44.25
CA GLN F 604 26.54 57.67 -44.43
C GLN F 604 26.55 58.52 -43.16
N VAL F 605 26.65 57.92 -41.97
CA VAL F 605 26.56 58.70 -40.73
C VAL F 605 27.77 59.66 -40.67
N ASP F 606 27.52 60.90 -40.24
CA ASP F 606 28.55 61.93 -40.30
C ASP F 606 29.87 61.54 -39.63
N THR F 607 30.96 61.78 -40.34
CA THR F 607 32.30 61.54 -39.86
C THR F 607 32.59 62.13 -38.45
N VAL F 608 32.01 63.28 -38.07
CA VAL F 608 32.24 63.83 -36.70
C VAL F 608 31.80 62.78 -35.63
N ILE F 609 30.62 62.18 -35.85
CA ILE F 609 30.06 61.10 -34.98
C ILE F 609 30.94 59.87 -35.01
N ARG F 610 31.23 59.38 -36.22
CA ARG F 610 32.09 58.20 -36.42
C ARG F 610 33.42 58.24 -35.66
N GLU F 611 34.06 59.41 -35.63
CA GLU F 611 35.46 59.51 -35.14
C GLU F 611 35.59 59.76 -33.65
N ARG F 612 34.54 60.31 -33.01
CA ARG F 612 34.51 60.44 -31.53
C ARG F 612 33.96 59.20 -30.77
N ALA F 613 33.43 58.23 -31.51
CA ALA F 613 33.09 56.93 -30.92
C ALA F 613 34.30 56.30 -30.27
N GLY F 614 34.10 55.68 -29.12
CA GLY F 614 35.20 55.07 -28.39
C GLY F 614 35.79 56.03 -27.38
N LEU F 615 37.02 55.71 -26.99
CA LEU F 615 37.70 56.38 -25.88
C LEU F 615 37.87 57.87 -26.14
N GLU F 616 37.62 58.66 -25.11
CA GLU F 616 37.79 60.09 -25.16
C GLU F 616 39.22 60.43 -24.77
N ALA F 617 39.60 61.67 -25.06
CA ALA F 617 40.98 62.14 -24.94
C ALA F 617 41.63 61.73 -23.62
N GLU F 618 40.95 62.08 -22.53
CA GLU F 618 41.39 61.77 -21.17
C GLU F 618 41.81 60.32 -20.94
N TYR F 619 41.24 59.36 -21.69
CA TYR F 619 41.50 57.91 -21.49
C TYR F 619 42.10 57.15 -22.69
N ARG F 620 42.42 57.83 -23.79
CA ARG F 620 43.07 57.15 -24.96
C ARG F 620 44.38 56.37 -24.67
N ASP F 621 45.09 56.76 -23.64
CA ASP F 621 46.32 56.04 -23.22
C ASP F 621 46.17 54.55 -22.90
N LEU F 622 44.94 54.06 -22.76
CA LEU F 622 44.71 52.62 -22.59
C LEU F 622 45.03 51.90 -23.90
N ALA G 24 -41.14 -65.34 -0.09
CA ALA G 24 -40.20 -65.33 1.08
C ALA G 24 -40.41 -66.55 2.01
N GLY G 25 -39.36 -67.36 2.20
CA GLY G 25 -39.35 -68.45 3.21
C GLY G 25 -39.35 -67.89 4.64
N GLU G 26 -40.05 -68.58 5.55
CA GLU G 26 -40.37 -68.03 6.87
C GLU G 26 -39.74 -68.88 7.97
N ILE G 27 -39.33 -68.20 9.04
CA ILE G 27 -38.79 -68.86 10.24
C ILE G 27 -39.50 -68.19 11.40
N TRP G 28 -40.10 -69.02 12.25
CA TRP G 28 -41.05 -68.56 13.24
C TRP G 28 -40.42 -68.60 14.63
N ILE G 29 -40.80 -67.60 15.44
CA ILE G 29 -40.34 -67.51 16.83
C ILE G 29 -41.55 -67.35 17.69
N SER G 30 -41.50 -67.94 18.89
CA SER G 30 -42.56 -67.79 19.89
C SER G 30 -41.98 -67.69 21.30
N PRO G 31 -42.67 -66.97 22.22
CA PRO G 31 -42.27 -67.10 23.65
C PRO G 31 -42.38 -68.54 24.20
N GLN G 32 -43.32 -69.33 23.69
CA GLN G 32 -43.41 -70.78 24.06
C GLN G 32 -42.68 -71.72 23.08
N GLY G 33 -41.79 -71.18 22.25
CA GLY G 33 -41.06 -71.97 21.28
C GLY G 33 -39.88 -72.69 21.88
N ASN G 34 -39.06 -73.29 21.02
CA ASN G 34 -37.87 -74.01 21.46
C ASN G 34 -36.79 -73.97 20.35
N ASP G 35 -35.53 -73.69 20.71
CA ASP G 35 -34.46 -73.56 19.68
C ASP G 35 -33.99 -74.89 19.12
N LEU G 36 -34.48 -76.04 19.64
CA LEU G 36 -34.23 -77.35 19.02
C LEU G 36 -35.24 -77.66 17.92
N ASN G 37 -36.39 -76.98 17.91
CA ASN G 37 -37.32 -77.02 16.79
C ASN G 37 -36.70 -76.55 15.46
N ASP G 38 -37.50 -76.56 14.40
CA ASP G 38 -37.00 -76.27 13.07
C ASP G 38 -37.56 -74.97 12.52
N GLY G 39 -38.19 -74.16 13.36
CA GLY G 39 -38.69 -72.86 12.90
C GLY G 39 -39.94 -72.80 12.05
N THR G 40 -40.60 -73.93 11.83
CA THR G 40 -41.89 -73.95 11.12
C THR G 40 -42.94 -73.36 12.05
N ARG G 41 -44.04 -72.84 11.52
CA ARG G 41 -45.09 -72.23 12.37
C ARG G 41 -45.68 -73.19 13.45
N PRO G 42 -45.85 -74.50 13.13
CA PRO G 42 -46.30 -75.41 14.20
C PRO G 42 -45.22 -75.67 15.25
N SER G 43 -43.95 -75.56 14.86
CA SER G 43 -42.80 -75.84 15.71
C SER G 43 -41.80 -74.63 15.85
N PRO G 44 -42.25 -73.52 16.46
CA PRO G 44 -41.42 -72.30 16.40
C PRO G 44 -40.12 -72.37 17.20
N LYS G 45 -39.22 -71.42 16.93
CA LYS G 45 -37.98 -71.24 17.72
C LYS G 45 -38.32 -70.45 18.96
N ALA G 46 -37.38 -70.44 19.91
CA ALA G 46 -37.49 -69.63 21.13
C ALA G 46 -36.80 -68.23 21.01
N THR G 47 -35.64 -68.16 20.38
CA THR G 47 -34.82 -66.92 20.35
C THR G 47 -34.50 -66.41 18.94
N LEU G 48 -34.34 -65.09 18.82
CA LEU G 48 -33.88 -64.47 17.57
C LEU G 48 -32.53 -65.02 17.20
N THR G 49 -31.66 -65.24 18.19
CA THR G 49 -30.33 -65.77 17.92
C THR G 49 -30.35 -67.05 17.10
N SER G 50 -31.17 -67.98 17.53
CA SER G 50 -31.27 -69.27 16.89
C SER G 50 -31.95 -69.15 15.51
N ALA G 51 -32.97 -68.32 15.41
CA ALA G 51 -33.63 -68.12 14.11
C ALA G 51 -32.72 -67.46 13.04
N LEU G 52 -31.91 -66.47 13.43
CA LEU G 52 -30.95 -65.86 12.51
C LEU G 52 -29.92 -66.86 12.13
N ARG G 53 -29.50 -67.70 13.07
CA ARG G 53 -28.53 -68.76 12.74
C ARG G 53 -29.07 -69.71 11.65
N GLN G 54 -30.37 -70.02 11.69
CA GLN G 54 -31.00 -70.89 10.67
C GLN G 54 -31.00 -70.22 9.30
N ALA G 55 -31.46 -68.97 9.29
CA ALA G 55 -31.42 -68.11 8.11
C ALA G 55 -30.01 -68.04 7.52
N ARG G 56 -29.00 -67.89 8.39
CA ARG G 56 -27.58 -67.90 7.98
C ARG G 56 -27.15 -69.20 7.30
N GLU G 57 -27.63 -70.33 7.85
CA GLU G 57 -27.34 -71.63 7.25
C GLU G 57 -28.08 -71.81 5.94
N TRP G 58 -29.32 -71.34 5.85
CA TRP G 58 -30.02 -71.32 4.59
C TRP G 58 -29.23 -70.58 3.50
N ARG G 59 -28.74 -69.38 3.82
CA ARG G 59 -28.00 -68.61 2.82
C ARG G 59 -26.69 -69.31 2.49
N ARG G 60 -26.01 -69.84 3.51
CA ARG G 60 -24.77 -70.54 3.28
C ARG G 60 -24.91 -71.75 2.35
N THR G 61 -25.96 -72.55 2.55
CA THR G 61 -26.14 -73.79 1.78
C THR G 61 -26.98 -73.56 0.52
N ASP G 62 -27.30 -72.31 0.20
CA ASP G 62 -28.06 -71.96 -0.99
C ASP G 62 -29.46 -72.57 -1.05
N ASP G 63 -30.16 -72.49 0.08
CA ASP G 63 -31.45 -73.13 0.23
C ASP G 63 -32.50 -72.43 -0.61
N GLU G 64 -33.41 -73.21 -1.20
CA GLU G 64 -34.47 -72.67 -2.05
C GLU G 64 -35.33 -71.61 -1.38
N ARG G 65 -35.52 -71.69 -0.07
CA ARG G 65 -36.39 -70.73 0.64
C ARG G 65 -35.83 -69.28 0.74
N VAL G 66 -34.54 -69.14 0.47
CA VAL G 66 -33.89 -67.82 0.37
C VAL G 66 -34.46 -66.94 -0.76
N ARG G 67 -34.95 -67.54 -1.84
CA ARG G 67 -35.15 -66.84 -3.13
C ARG G 67 -35.75 -65.43 -3.13
N GLY G 68 -36.91 -65.27 -2.51
CA GLY G 68 -37.55 -63.96 -2.37
C GLY G 68 -37.33 -63.32 -0.99
N GLY G 69 -36.29 -63.73 -0.29
CA GLY G 69 -36.04 -63.23 1.05
C GLY G 69 -36.32 -64.24 2.16
N ILE G 70 -35.94 -63.84 3.37
CA ILE G 70 -36.24 -64.57 4.58
C ILE G 70 -36.97 -63.62 5.53
N THR G 71 -38.21 -64.00 5.89
CA THR G 71 -38.92 -63.33 6.96
C THR G 71 -38.79 -64.17 8.23
N ILE G 72 -38.27 -63.54 9.29
CA ILE G 72 -38.31 -64.08 10.64
C ILE G 72 -39.52 -63.45 11.35
N CYS G 73 -40.56 -64.27 11.54
CA CYS G 73 -41.86 -63.81 12.04
C CYS G 73 -41.92 -64.14 13.49
N MET G 74 -42.35 -63.18 14.29
CA MET G 74 -42.27 -63.32 15.75
C MET G 74 -43.69 -63.25 16.31
N GLU G 75 -44.09 -64.30 17.04
CA GLU G 75 -45.40 -64.30 17.74
C GLU G 75 -45.38 -63.20 18.79
N GLY G 76 -46.51 -62.52 18.96
CA GLY G 76 -46.68 -61.47 19.99
C GLY G 76 -46.26 -61.96 21.35
N GLY G 77 -45.78 -61.06 22.19
CA GLY G 77 -45.10 -61.44 23.41
C GLY G 77 -43.85 -60.61 23.67
N THR G 78 -43.25 -60.85 24.82
CA THR G 78 -42.00 -60.27 25.24
C THR G 78 -40.90 -61.34 25.15
N TYR G 79 -39.81 -61.03 24.43
CA TYR G 79 -38.62 -61.89 24.37
C TYR G 79 -37.54 -61.16 25.14
N ALA G 80 -37.03 -61.81 26.17
CA ALA G 80 -36.17 -61.17 27.16
C ALA G 80 -34.76 -61.57 26.80
N LEU G 81 -33.83 -60.60 26.71
CA LEU G 81 -32.47 -60.91 26.26
C LEU G 81 -31.50 -60.80 27.39
N TYR G 82 -30.56 -61.73 27.49
CA TYR G 82 -29.43 -61.65 28.40
C TYR G 82 -28.09 -61.21 27.74
N GLU G 83 -28.05 -61.17 26.40
CA GLU G 83 -26.91 -60.67 25.64
C GLU G 83 -27.44 -60.11 24.34
N PRO G 84 -26.62 -59.29 23.63
CA PRO G 84 -27.13 -58.71 22.39
C PRO G 84 -27.33 -59.75 21.30
N VAL G 85 -28.33 -59.57 20.47
CA VAL G 85 -28.38 -60.32 19.23
C VAL G 85 -27.35 -59.77 18.20
N PHE G 86 -26.38 -60.58 17.80
CA PHE G 86 -25.31 -60.19 16.91
C PHE G 86 -25.63 -60.52 15.43
N ILE G 87 -25.94 -59.49 14.66
CA ILE G 87 -26.19 -59.65 13.22
C ILE G 87 -24.93 -59.26 12.45
N ARG G 88 -24.42 -60.20 11.69
CA ARG G 88 -23.05 -60.22 11.20
C ARG G 88 -23.00 -60.34 9.67
N PRO G 89 -21.80 -60.25 9.09
CA PRO G 89 -21.80 -60.22 7.61
C PRO G 89 -22.46 -61.46 6.93
N GLU G 90 -22.34 -62.63 7.56
CA GLU G 90 -22.93 -63.87 7.05
C GLU G 90 -24.46 -63.83 7.05
N ASP G 91 -25.06 -62.94 7.86
CA ASP G 91 -26.50 -62.71 7.88
C ASP G 91 -26.96 -61.76 6.80
N SER G 92 -26.07 -61.31 5.90
CA SER G 92 -26.47 -60.32 4.91
C SER G 92 -27.53 -60.87 3.94
N GLY G 93 -28.53 -60.07 3.64
CA GLY G 93 -29.40 -60.32 2.53
C GLY G 93 -28.87 -59.64 1.29
N THR G 94 -29.71 -59.59 0.25
CA THR G 94 -29.49 -58.85 -0.98
C THR G 94 -30.74 -58.04 -1.20
N GLU G 95 -30.74 -57.25 -2.26
CA GLU G 95 -31.94 -56.46 -2.57
C GLU G 95 -33.18 -57.36 -2.88
N ASP G 96 -32.97 -58.44 -3.63
CA ASP G 96 -34.03 -59.38 -3.98
C ASP G 96 -34.36 -60.28 -2.78
N SER G 97 -33.34 -60.60 -1.98
CA SER G 97 -33.44 -61.48 -0.81
C SER G 97 -33.07 -60.80 0.52
N PRO G 98 -33.87 -59.85 0.98
CA PRO G 98 -33.58 -59.26 2.30
C PRO G 98 -33.90 -60.26 3.43
N THR G 99 -33.36 -60.02 4.62
CA THR G 99 -33.80 -60.70 5.82
C THR G 99 -34.66 -59.65 6.53
N VAL G 100 -35.91 -59.99 6.86
CA VAL G 100 -36.87 -59.04 7.46
C VAL G 100 -37.34 -59.64 8.77
N ILE G 101 -37.23 -58.89 9.86
CA ILE G 101 -37.63 -59.34 11.19
C ILE G 101 -38.84 -58.53 11.60
N ARG G 102 -39.94 -59.24 11.89
CA ARG G 102 -41.24 -58.61 12.12
C ARG G 102 -42.20 -59.50 12.94
N PRO G 103 -43.28 -58.90 13.51
CA PRO G 103 -44.26 -59.76 14.18
C PRO G 103 -45.11 -60.51 13.16
N VAL G 104 -45.82 -61.52 13.64
CA VAL G 104 -46.89 -62.14 12.87
C VAL G 104 -48.00 -61.11 12.86
N ALA G 105 -48.62 -60.87 11.71
CA ALA G 105 -49.86 -60.06 11.68
C ALA G 105 -49.70 -58.69 12.36
N ASP G 106 -50.73 -58.19 13.04
CA ASP G 106 -50.56 -57.02 13.90
C ASP G 106 -50.16 -57.44 15.34
N GLU G 107 -49.50 -58.58 15.54
CA GLU G 107 -49.13 -58.97 16.92
C GLU G 107 -48.07 -58.00 17.49
N LYS G 108 -48.10 -57.76 18.81
CA LYS G 108 -47.23 -56.79 19.46
C LYS G 108 -45.99 -57.52 20.00
N VAL G 109 -44.81 -57.15 19.47
CA VAL G 109 -43.55 -57.81 19.85
C VAL G 109 -42.61 -56.81 20.54
N VAL G 110 -42.08 -57.22 21.69
CA VAL G 110 -41.15 -56.43 22.49
C VAL G 110 -39.91 -57.28 22.64
N LEU G 111 -38.76 -56.78 22.18
CA LEU G 111 -37.48 -57.34 22.63
C LEU G 111 -37.12 -56.59 23.87
N SER G 112 -36.74 -57.28 24.95
CA SER G 112 -36.54 -56.63 26.24
C SER G 112 -35.16 -56.89 26.80
N GLY G 113 -34.49 -55.81 27.27
CA GLY G 113 -33.21 -55.96 27.99
C GLY G 113 -33.31 -56.14 29.51
N GLY G 114 -34.56 -56.24 29.99
CA GLY G 114 -34.88 -56.15 31.41
C GLY G 114 -35.27 -57.47 32.07
N ILE G 115 -35.47 -57.39 33.39
CA ILE G 115 -36.02 -58.48 34.17
C ILE G 115 -37.08 -57.95 35.12
N ARG G 116 -37.99 -58.86 35.46
CA ARG G 116 -39.07 -58.56 36.36
C ARG G 116 -38.57 -58.70 37.79
N ILE G 117 -39.05 -57.81 38.66
CA ILE G 117 -38.73 -57.93 40.09
C ILE G 117 -40.04 -58.32 40.78
N GLY G 118 -40.09 -59.51 41.39
CA GLY G 118 -41.24 -59.93 42.27
C GLY G 118 -40.85 -60.02 43.73
N GLY G 119 -41.72 -60.58 44.57
CA GLY G 119 -41.34 -60.86 45.99
C GLY G 119 -41.39 -59.63 46.87
N TRP G 120 -42.31 -58.74 46.53
CA TRP G 120 -42.44 -57.46 47.20
C TRP G 120 -43.12 -57.68 48.56
N LYS G 121 -42.50 -57.19 49.63
CA LYS G 121 -43.04 -57.25 51.00
C LYS G 121 -43.31 -55.83 51.49
N LYS G 122 -44.37 -55.64 52.27
CA LYS G 122 -44.61 -54.33 52.92
C LYS G 122 -43.56 -53.96 54.00
N GLN G 123 -43.25 -52.67 54.12
CA GLN G 123 -42.37 -52.18 55.18
C GLN G 123 -42.71 -50.71 55.41
N GLY G 124 -43.83 -50.52 56.11
CA GLY G 124 -44.41 -49.21 56.30
C GLY G 124 -45.13 -48.82 55.04
N LYS G 125 -44.99 -47.53 54.67
CA LYS G 125 -45.53 -46.99 53.40
C LYS G 125 -44.79 -47.50 52.15
N LEU G 126 -43.56 -47.96 52.36
CA LEU G 126 -42.74 -48.51 51.31
C LEU G 126 -42.97 -50.01 51.13
N TRP G 127 -42.58 -50.49 49.95
CA TRP G 127 -42.50 -51.90 49.59
C TRP G 127 -41.07 -52.17 49.21
N VAL G 128 -40.64 -53.42 49.41
CA VAL G 128 -39.26 -53.83 49.33
C VAL G 128 -39.12 -55.24 48.75
N ALA G 129 -38.13 -55.44 47.86
CA ALA G 129 -37.88 -56.74 47.20
C ALA G 129 -36.38 -57.04 47.11
N ASP G 130 -36.05 -58.32 47.07
CA ASP G 130 -34.66 -58.71 46.80
C ASP G 130 -34.44 -58.57 45.30
N VAL G 131 -33.31 -58.01 44.92
CA VAL G 131 -32.94 -57.92 43.50
C VAL G 131 -32.24 -59.23 43.16
N PRO G 132 -32.76 -59.97 42.17
CA PRO G 132 -32.07 -61.20 41.84
C PRO G 132 -30.71 -60.99 41.19
N MET G 133 -29.96 -62.05 41.17
CA MET G 133 -28.77 -62.21 40.40
C MET G 133 -29.09 -62.07 38.89
N PHE G 134 -28.15 -61.59 38.08
CA PHE G 134 -28.35 -61.51 36.63
C PHE G 134 -27.06 -61.91 35.98
N ASN G 135 -27.09 -62.89 35.08
CA ASN G 135 -25.88 -63.48 34.51
C ASN G 135 -24.82 -63.79 35.55
N GLY G 136 -25.26 -64.38 36.64
CA GLY G 136 -24.38 -64.84 37.69
C GLY G 136 -23.86 -63.81 38.64
N ARG G 137 -24.39 -62.60 38.61
CA ARG G 137 -23.85 -61.52 39.45
C ARG G 137 -24.94 -60.61 39.94
N PRO G 138 -24.64 -59.84 41.01
CA PRO G 138 -25.57 -58.83 41.44
C PRO G 138 -25.89 -57.88 40.29
N LEU G 139 -27.07 -57.32 40.29
CA LEU G 139 -27.50 -56.40 39.27
C LEU G 139 -27.79 -55.06 39.90
N ASP G 140 -27.35 -53.97 39.26
CA ASP G 140 -27.75 -52.59 39.60
C ASP G 140 -28.35 -52.00 38.34
N PHE G 141 -29.08 -50.91 38.50
CA PHE G 141 -29.89 -50.32 37.45
C PHE G 141 -30.13 -48.85 37.83
N ARG G 142 -30.35 -48.01 36.83
CA ARG G 142 -30.65 -46.60 37.04
C ARG G 142 -32.10 -46.25 36.66
N GLN G 143 -32.83 -47.17 36.02
CA GLN G 143 -34.23 -46.97 35.74
C GLN G 143 -35.05 -48.06 36.40
N LEU G 144 -36.31 -47.73 36.66
CA LEU G 144 -37.28 -48.74 37.10
C LEU G 144 -38.67 -48.40 36.58
N TRP G 145 -39.31 -49.38 35.91
CA TRP G 145 -40.66 -49.19 35.30
C TRP G 145 -41.69 -50.08 36.01
N VAL G 146 -42.84 -49.50 36.31
CA VAL G 146 -44.00 -50.22 36.88
C VAL G 146 -45.19 -50.17 35.93
N ASN G 147 -45.60 -51.33 35.40
CA ASN G 147 -46.70 -51.38 34.42
C ASN G 147 -46.48 -50.35 33.28
N GLY G 148 -45.25 -50.28 32.75
CA GLY G 148 -44.93 -49.41 31.62
C GLY G 148 -44.96 -47.91 31.88
N LYS G 149 -44.80 -47.52 33.14
CA LYS G 149 -44.73 -46.12 33.51
C LYS G 149 -43.51 -46.00 34.38
N LYS G 150 -42.57 -45.18 33.93
CA LYS G 150 -41.26 -45.03 34.57
C LYS G 150 -41.44 -44.54 35.99
N ALA G 151 -40.74 -45.15 36.94
CA ALA G 151 -40.72 -44.63 38.29
C ALA G 151 -39.63 -43.56 38.41
N VAL G 152 -39.54 -42.90 39.57
CA VAL G 152 -38.58 -41.83 39.82
C VAL G 152 -37.44 -42.31 40.69
N ARG G 153 -36.21 -42.26 40.19
CA ARG G 153 -35.07 -42.62 41.03
C ARG G 153 -35.03 -41.56 42.10
N ALA G 154 -34.98 -41.96 43.38
CA ALA G 154 -35.27 -41.04 44.49
C ALA G 154 -34.34 -39.82 44.46
N ARG G 155 -34.96 -38.64 44.46
CA ARG G 155 -34.25 -37.38 44.45
C ARG G 155 -34.72 -36.43 45.56
N ASP G 156 -33.97 -35.35 45.79
CA ASP G 156 -34.26 -34.41 46.87
C ASP G 156 -35.45 -33.55 46.58
N VAL G 157 -35.58 -33.07 45.35
CA VAL G 157 -36.74 -32.24 45.01
C VAL G 157 -37.61 -32.90 43.95
N GLU G 158 -38.92 -32.69 44.07
CA GLU G 158 -39.88 -33.19 43.08
C GLU G 158 -39.95 -32.22 41.90
N ASP G 159 -40.18 -30.95 42.22
CA ASP G 159 -40.29 -29.90 41.24
C ASP G 159 -38.88 -29.33 40.99
N PHE G 160 -38.41 -29.49 39.75
CA PHE G 160 -37.06 -29.04 39.35
C PHE G 160 -36.86 -27.54 39.51
N GLU G 161 -37.95 -26.75 39.41
CA GLU G 161 -37.92 -25.33 39.76
C GLU G 161 -37.40 -25.00 41.17
N LYS G 162 -37.44 -25.96 42.10
CA LYS G 162 -37.01 -25.75 43.47
C LYS G 162 -35.62 -26.27 43.75
N MET G 163 -34.86 -26.63 42.71
CA MET G 163 -33.48 -27.07 42.92
C MET G 163 -32.70 -26.03 43.73
N ASN G 164 -31.82 -26.49 44.59
CA ASN G 164 -30.83 -25.60 45.20
C ASN G 164 -29.77 -25.15 44.16
N ARG G 165 -29.08 -24.05 44.47
CA ARG G 165 -28.04 -23.52 43.58
C ARG G 165 -26.72 -23.69 44.30
N ILE G 166 -25.64 -23.87 43.52
CA ILE G 166 -24.29 -23.95 44.10
C ILE G 166 -23.89 -22.56 44.62
N CYS G 167 -22.81 -22.55 45.39
CA CYS G 167 -22.23 -21.32 45.93
C CYS G 167 -20.95 -21.00 45.17
N SER G 168 -20.01 -21.95 45.11
CA SER G 168 -18.68 -21.67 44.54
C SER G 168 -17.95 -22.94 44.10
N VAL G 169 -17.00 -22.78 43.19
CA VAL G 169 -16.19 -23.88 42.67
C VAL G 169 -14.74 -23.62 43.07
N ASP G 170 -14.10 -24.63 43.64
CA ASP G 170 -12.67 -24.64 43.86
C ASP G 170 -12.05 -25.71 42.94
N GLU G 171 -11.47 -25.27 41.81
CA GLU G 171 -10.88 -26.15 40.80
C GLU G 171 -9.64 -26.86 41.32
N LYS G 172 -8.90 -26.11 42.14
CA LYS G 172 -7.54 -26.44 42.51
C LYS G 172 -7.61 -27.70 43.34
N ASN G 173 -8.53 -27.71 44.31
CA ASN G 173 -8.67 -28.84 45.25
C ASN G 173 -9.82 -29.79 44.95
N GLU G 174 -10.60 -29.53 43.88
CA GLU G 174 -11.73 -30.38 43.45
C GLU G 174 -12.80 -30.44 44.53
N ILE G 175 -13.33 -29.27 44.85
CA ILE G 175 -14.39 -29.12 45.83
C ILE G 175 -15.44 -28.21 45.26
N LEU G 176 -16.70 -28.57 45.44
CA LEU G 176 -17.83 -27.72 45.09
C LEU G 176 -18.51 -27.34 46.39
N TYR G 177 -18.69 -26.04 46.61
CA TYR G 177 -19.39 -25.50 47.79
C TYR G 177 -20.86 -25.25 47.47
N VAL G 178 -21.75 -25.83 48.28
CA VAL G 178 -23.21 -25.66 48.12
C VAL G 178 -23.82 -25.31 49.46
N PRO G 179 -25.08 -24.82 49.49
CA PRO G 179 -25.68 -24.55 50.80
C PRO G 179 -25.82 -25.79 51.69
N ALA G 180 -25.46 -25.68 52.98
CA ALA G 180 -25.66 -26.79 53.95
C ALA G 180 -27.12 -27.32 54.03
N VAL G 181 -28.11 -26.44 53.94
CA VAL G 181 -29.52 -26.87 53.92
C VAL G 181 -29.82 -27.85 52.81
N ALA G 182 -29.06 -27.77 51.71
CA ALA G 182 -29.26 -28.65 50.57
C ALA G 182 -28.88 -30.08 50.85
N ILE G 183 -27.76 -30.33 51.51
CA ILE G 183 -27.31 -31.72 51.71
C ILE G 183 -27.56 -32.25 53.14
N ARG G 184 -28.28 -31.48 53.97
CA ARG G 184 -28.49 -31.84 55.39
C ARG G 184 -29.11 -33.22 55.53
N ARG G 185 -30.10 -33.51 54.70
CA ARG G 185 -30.70 -34.86 54.57
C ARG G 185 -29.70 -36.03 54.40
N LEU G 186 -28.52 -35.79 53.81
CA LEU G 186 -27.55 -36.84 53.45
C LEU G 186 -26.34 -36.97 54.40
N VAL G 187 -26.37 -36.21 55.48
CA VAL G 187 -25.29 -36.29 56.45
C VAL G 187 -25.74 -36.80 57.81
N ASP G 188 -24.82 -37.40 58.53
CA ASP G 188 -25.03 -37.84 59.88
C ASP G 188 -24.83 -36.68 60.85
N GLY G 189 -24.91 -37.00 62.14
CA GLY G 189 -24.88 -36.03 63.22
C GLY G 189 -23.51 -35.46 63.46
N LYS G 190 -22.47 -36.05 62.88
CA LYS G 190 -21.17 -35.43 62.88
C LYS G 190 -20.88 -34.62 61.60
N GLY G 191 -21.89 -34.37 60.77
CA GLY G 191 -21.71 -33.65 59.51
C GLY G 191 -21.02 -34.42 58.39
N ALA G 192 -20.77 -35.72 58.57
CA ALA G 192 -20.13 -36.55 57.53
C ALA G 192 -21.18 -37.22 56.65
N LEU G 193 -20.76 -37.58 55.45
CA LEU G 193 -21.63 -38.20 54.45
C LEU G 193 -22.21 -39.51 55.00
N LYS G 194 -23.52 -39.66 54.88
CA LYS G 194 -24.24 -40.84 55.37
C LYS G 194 -24.75 -41.70 54.23
N ALA G 195 -25.08 -41.08 53.10
CA ALA G 195 -25.67 -41.77 51.95
C ALA G 195 -24.52 -42.18 51.05
N LYS G 196 -24.14 -43.43 51.18
CA LYS G 196 -22.89 -43.95 50.63
C LYS G 196 -22.74 -43.85 49.11
N TYR G 197 -23.84 -43.82 48.36
CA TYR G 197 -23.76 -43.81 46.90
C TYR G 197 -24.46 -42.62 46.30
N ALA G 198 -24.65 -41.59 47.11
CA ALA G 198 -25.33 -40.39 46.67
C ALA G 198 -24.65 -39.79 45.43
N GLU G 199 -25.46 -39.19 44.58
CA GLU G 199 -25.03 -38.65 43.32
C GLU G 199 -25.66 -37.27 43.19
N MET G 200 -24.91 -36.30 42.69
CA MET G 200 -25.44 -34.97 42.37
C MET G 200 -25.56 -34.86 40.85
N VAL G 201 -26.70 -34.36 40.38
CA VAL G 201 -26.89 -34.01 39.00
C VAL G 201 -26.79 -32.50 38.87
N LEU G 202 -25.67 -32.04 38.30
CA LEU G 202 -25.32 -30.61 38.26
C LEU G 202 -25.66 -30.05 36.88
N HIS G 203 -26.51 -29.03 36.87
CA HIS G 203 -26.91 -28.29 35.67
C HIS G 203 -25.82 -27.23 35.30
N GLN G 204 -25.14 -27.38 34.15
CA GLN G 204 -24.03 -26.48 33.78
C GLN G 204 -24.09 -26.11 32.30
N MET G 205 -24.78 -24.99 32.07
CA MET G 205 -24.93 -24.31 30.79
C MET G 205 -25.84 -25.08 29.85
N TRP G 206 -25.25 -25.90 28.98
CA TRP G 206 -26.00 -26.70 27.99
C TRP G 206 -25.93 -28.22 28.30
N CYS G 207 -25.29 -28.60 29.41
CA CYS G 207 -25.19 -30.01 29.86
C CYS G 207 -25.60 -30.20 31.31
N VAL G 208 -25.93 -31.44 31.66
CA VAL G 208 -25.84 -31.89 33.04
C VAL G 208 -24.61 -32.76 33.18
N ALA G 209 -24.09 -32.83 34.41
CA ALA G 209 -23.08 -33.79 34.76
C ALA G 209 -23.64 -34.66 35.90
N ASN G 210 -23.22 -35.92 35.96
CA ASN G 210 -23.55 -36.84 37.05
C ASN G 210 -22.30 -37.04 37.86
N LEU G 211 -22.32 -36.58 39.10
CA LEU G 211 -21.12 -36.56 39.91
C LEU G 211 -21.39 -37.27 41.22
N ARG G 212 -20.63 -38.31 41.46
CA ARG G 212 -20.91 -39.15 42.62
C ARG G 212 -20.19 -38.62 43.87
N ILE G 213 -20.98 -38.44 44.94
CA ILE G 213 -20.51 -37.76 46.16
C ILE G 213 -19.67 -38.71 47.02
N ARG G 214 -18.45 -38.25 47.32
CA ARG G 214 -17.48 -38.98 48.10
C ARG G 214 -17.53 -38.52 49.57
N SER G 215 -17.61 -37.22 49.83
CA SER G 215 -17.55 -36.70 51.19
C SER G 215 -18.19 -35.33 51.29
N VAL G 216 -18.59 -35.00 52.52
CA VAL G 216 -19.24 -33.74 52.86
C VAL G 216 -18.65 -33.26 54.20
N GLU G 217 -18.39 -31.95 54.27
CA GLU G 217 -17.85 -31.25 55.46
C GLU G 217 -18.63 -29.96 55.60
N LEU G 218 -19.41 -29.85 56.68
CA LEU G 218 -20.21 -28.68 56.99
C LEU G 218 -19.40 -27.67 57.77
N ALA G 219 -19.72 -26.39 57.57
CA ALA G 219 -19.17 -25.26 58.35
C ALA G 219 -20.13 -24.09 58.18
N GLY G 220 -21.01 -23.92 59.17
CA GLY G 220 -22.07 -22.91 59.09
C GLY G 220 -23.00 -23.15 57.91
N ASP G 221 -23.12 -22.13 57.08
CA ASP G 221 -24.08 -22.10 55.99
C ASP G 221 -23.75 -23.01 54.82
N SER G 222 -22.49 -23.44 54.71
CA SER G 222 -22.00 -24.01 53.47
C SER G 222 -21.46 -25.45 53.64
N ALA G 223 -21.60 -26.26 52.59
CA ALA G 223 -21.08 -27.63 52.54
C ALA G 223 -19.99 -27.79 51.48
N ALA G 224 -18.88 -28.38 51.87
CA ALA G 224 -17.77 -28.72 50.98
C ALA G 224 -18.03 -30.15 50.45
N ILE G 225 -18.45 -30.24 49.20
CA ILE G 225 -18.72 -31.55 48.55
C ILE G 225 -17.49 -31.95 47.75
N ARG G 226 -17.05 -33.17 47.98
CA ARG G 226 -16.06 -33.78 47.13
C ARG G 226 -16.70 -35.00 46.44
N PHE G 227 -16.11 -35.37 45.32
CA PHE G 227 -16.66 -36.35 44.42
C PHE G 227 -15.66 -37.45 44.16
N HIS G 228 -16.13 -38.59 43.66
CA HIS G 228 -15.25 -39.70 43.31
C HIS G 228 -14.47 -39.47 42.01
N GLN G 229 -13.40 -40.23 41.87
CA GLN G 229 -12.76 -40.46 40.59
C GLN G 229 -13.48 -41.59 39.82
N PRO G 230 -13.43 -41.56 38.48
CA PRO G 230 -12.61 -40.62 37.68
C PRO G 230 -13.29 -39.31 37.29
N GLU G 231 -14.53 -39.05 37.71
CA GLU G 231 -15.23 -37.83 37.27
C GLU G 231 -14.82 -36.53 37.94
N SER G 232 -14.23 -36.60 39.12
CA SER G 232 -13.81 -35.39 39.81
C SER G 232 -12.75 -34.62 38.99
N ARG G 233 -11.63 -35.26 38.67
CA ARG G 233 -10.61 -34.66 37.83
C ARG G 233 -11.23 -34.02 36.60
N ILE G 234 -12.06 -34.76 35.88
CA ILE G 234 -12.58 -34.25 34.62
C ILE G 234 -13.57 -33.08 34.81
N GLN G 235 -14.39 -33.16 35.85
CA GLN G 235 -15.40 -32.13 36.07
C GLN G 235 -14.78 -30.73 36.36
N PHE G 236 -13.85 -30.70 37.29
CA PHE G 236 -13.15 -29.48 37.69
C PHE G 236 -12.16 -28.96 36.62
N GLU G 237 -11.51 -29.86 35.88
CA GLU G 237 -10.52 -29.47 34.85
C GLU G 237 -11.14 -28.92 33.60
N HIS G 238 -12.24 -29.50 33.10
CA HIS G 238 -12.70 -29.14 31.76
C HIS G 238 -13.31 -27.76 31.86
N PRO G 239 -13.09 -26.90 30.86
CA PRO G 239 -13.64 -25.54 30.96
C PRO G 239 -15.01 -25.31 30.40
N TRP G 240 -15.44 -26.13 29.43
CA TRP G 240 -16.70 -25.90 28.68
C TRP G 240 -17.49 -27.22 28.54
N PRO G 241 -18.78 -27.23 28.89
CA PRO G 241 -19.38 -26.22 29.74
C PRO G 241 -18.80 -26.31 31.19
N ARG G 242 -19.10 -25.35 32.04
CA ARG G 242 -18.67 -25.35 33.46
C ARG G 242 -19.76 -24.72 34.34
N PRO G 243 -19.62 -24.86 35.66
CA PRO G 243 -20.71 -24.37 36.50
C PRO G 243 -20.77 -22.85 36.55
N MET G 244 -21.99 -22.33 36.52
CA MET G 244 -22.21 -20.90 36.62
C MET G 244 -22.07 -20.46 38.07
N VAL G 245 -21.13 -19.54 38.32
CA VAL G 245 -21.04 -18.80 39.58
C VAL G 245 -21.16 -17.34 39.21
N THR G 246 -22.22 -16.70 39.69
CA THR G 246 -22.60 -15.35 39.29
C THR G 246 -22.92 -14.49 40.53
N THR G 247 -23.20 -13.20 40.30
CA THR G 247 -23.69 -12.32 41.38
C THR G 247 -25.12 -11.82 41.14
N ASP G 248 -25.80 -12.33 40.10
CA ASP G 248 -27.19 -11.96 39.78
C ASP G 248 -28.20 -13.15 39.91
N GLY G 249 -27.84 -14.12 40.77
CA GLY G 249 -28.73 -15.23 41.13
C GLY G 249 -28.96 -16.31 40.10
N HIS G 250 -28.04 -16.45 39.14
CA HIS G 250 -28.18 -17.44 38.07
C HIS G 250 -27.17 -18.57 38.24
N ASN G 251 -26.88 -18.90 39.49
CA ASN G 251 -25.94 -19.97 39.75
C ASN G 251 -26.44 -21.33 39.29
N SER G 252 -25.50 -22.20 38.95
CA SER G 252 -25.83 -23.56 38.52
C SER G 252 -26.70 -24.27 39.56
N ALA G 253 -27.84 -24.77 39.09
CA ALA G 253 -28.73 -25.58 39.91
C ALA G 253 -28.21 -27.00 39.93
N PHE G 254 -28.70 -27.75 40.92
CA PHE G 254 -28.40 -29.16 41.03
C PHE G 254 -29.50 -29.88 41.80
N TYR G 255 -29.55 -31.19 41.59
CA TYR G 255 -30.41 -32.03 42.43
C TYR G 255 -29.55 -33.19 42.90
N LEU G 256 -30.08 -33.94 43.86
CA LEU G 256 -29.41 -35.03 44.54
C LEU G 256 -30.25 -36.26 44.26
N THR G 257 -29.61 -37.41 44.19
CA THR G 257 -30.33 -38.63 43.90
C THR G 257 -29.51 -39.79 44.41
N ASN G 258 -30.07 -40.98 44.26
CA ASN G 258 -29.46 -42.23 44.71
C ASN G 258 -29.10 -42.31 46.21
N ALA G 259 -30.13 -42.05 47.01
CA ALA G 259 -30.03 -42.25 48.44
C ALA G 259 -31.42 -42.55 49.06
N ARG G 260 -31.44 -43.55 49.95
CA ARG G 260 -32.63 -43.97 50.73
C ARG G 260 -33.31 -42.80 51.44
N GLU G 261 -32.48 -41.91 51.98
CA GLU G 261 -32.88 -40.67 52.65
C GLU G 261 -33.74 -39.75 51.84
N LEU G 262 -33.64 -39.82 50.50
CA LEU G 262 -34.44 -38.99 49.57
C LEU G 262 -35.75 -39.60 49.05
N LEU G 263 -35.98 -40.86 49.40
CA LEU G 263 -37.17 -41.60 48.97
C LEU G 263 -38.28 -41.32 49.96
N ASP G 264 -39.12 -40.33 49.64
CA ASP G 264 -40.24 -39.90 50.48
C ASP G 264 -41.58 -39.57 49.79
N VAL G 265 -41.73 -39.76 48.47
CA VAL G 265 -43.05 -39.52 47.83
C VAL G 265 -43.39 -40.60 46.82
N ALA G 266 -44.69 -40.76 46.56
CA ALA G 266 -45.15 -41.83 45.70
C ALA G 266 -44.46 -41.75 44.32
N GLY G 267 -43.95 -42.89 43.88
CA GLY G 267 -43.28 -43.02 42.62
C GLY G 267 -41.78 -43.19 42.80
N GLU G 268 -41.24 -42.84 43.96
CA GLU G 268 -39.81 -42.89 44.13
C GLU G 268 -39.32 -44.27 44.51
N TRP G 269 -38.13 -44.61 44.02
CA TRP G 269 -37.46 -45.86 44.36
C TRP G 269 -35.98 -45.63 44.72
N TYR G 270 -35.40 -46.66 45.33
CA TYR G 270 -33.98 -46.66 45.65
C TYR G 270 -33.53 -48.08 45.74
N HIS G 271 -32.39 -48.37 45.12
CA HIS G 271 -31.76 -49.66 45.19
C HIS G 271 -30.49 -49.59 46.02
N ASP G 272 -30.50 -50.34 47.14
CA ASP G 272 -29.36 -50.49 48.03
C ASP G 272 -28.52 -51.65 47.49
N ILE G 273 -27.41 -51.30 46.82
CA ILE G 273 -26.53 -52.32 46.22
C ILE G 273 -25.81 -53.18 47.26
N ASP G 274 -25.64 -52.65 48.46
CA ASP G 274 -24.90 -53.37 49.50
C ASP G 274 -25.77 -54.47 50.09
N ALA G 275 -27.08 -54.25 50.13
CA ALA G 275 -28.05 -55.23 50.60
C ALA G 275 -28.66 -56.05 49.47
N ARG G 276 -28.56 -55.57 48.21
CA ARG G 276 -29.24 -56.18 47.05
C ARG G 276 -30.77 -56.16 47.24
N LYS G 277 -31.28 -55.00 47.65
CA LYS G 277 -32.70 -54.79 47.89
C LYS G 277 -33.14 -53.44 47.37
N VAL G 278 -34.34 -53.39 46.81
CA VAL G 278 -34.89 -52.19 46.26
C VAL G 278 -36.17 -51.83 47.00
N TYR G 279 -36.36 -50.53 47.23
CA TYR G 279 -37.48 -49.98 47.97
C TYR G 279 -38.27 -49.10 47.03
N TYR G 280 -39.59 -49.12 47.18
CA TYR G 280 -40.49 -48.39 46.32
C TYR G 280 -41.74 -47.87 47.06
N TYR G 281 -42.14 -46.63 46.75
CA TYR G 281 -43.31 -46.00 47.33
C TYR G 281 -44.33 -46.03 46.21
N PRO G 282 -45.30 -46.97 46.25
CA PRO G 282 -46.25 -47.09 45.15
C PRO G 282 -47.18 -45.91 44.99
N ARG G 283 -47.72 -45.80 43.78
CA ARG G 283 -48.63 -44.75 43.34
C ARG G 283 -50.04 -45.35 43.34
N GLU G 284 -51.06 -44.49 43.33
CA GLU G 284 -52.46 -44.93 43.33
C GLU G 284 -52.68 -45.97 42.23
N GLY G 285 -53.30 -47.10 42.58
CA GLY G 285 -53.63 -48.14 41.61
C GLY G 285 -52.55 -49.16 41.37
N GLU G 286 -51.39 -49.02 42.03
CA GLU G 286 -50.28 -49.94 41.87
C GLU G 286 -50.29 -50.95 43.03
N LYS G 287 -50.39 -52.24 42.66
CA LYS G 287 -50.65 -53.31 43.60
C LYS G 287 -49.48 -54.26 43.57
N LEU G 288 -48.47 -53.99 44.39
CA LEU G 288 -47.22 -54.77 44.36
C LEU G 288 -47.36 -56.25 44.78
N GLN G 289 -48.28 -56.49 45.73
CA GLN G 289 -48.64 -57.85 46.23
C GLN G 289 -49.19 -58.66 45.07
N ASP G 290 -50.19 -58.08 44.41
CA ASP G 290 -50.88 -58.63 43.24
C ASP G 290 -49.86 -58.93 42.16
N ALA G 291 -49.38 -60.17 42.16
CA ALA G 291 -48.34 -60.61 41.21
C ALA G 291 -48.67 -60.42 39.70
N GLY G 292 -49.85 -59.86 39.38
CA GLY G 292 -50.15 -59.31 38.05
C GLY G 292 -49.36 -58.07 37.61
N THR G 293 -49.30 -57.03 38.46
CA THR G 293 -48.61 -55.76 38.12
C THR G 293 -47.08 -55.96 38.02
N GLU G 294 -46.47 -55.34 36.99
CA GLU G 294 -45.08 -55.60 36.51
C GLU G 294 -44.08 -54.48 36.83
N VAL G 295 -43.11 -54.80 37.68
CA VAL G 295 -41.96 -53.94 37.93
C VAL G 295 -40.78 -54.49 37.11
N ILE G 296 -40.31 -53.67 36.16
CA ILE G 296 -39.18 -54.04 35.26
C ILE G 296 -37.99 -53.12 35.49
N VAL G 297 -36.81 -53.73 35.58
CA VAL G 297 -35.52 -53.04 35.63
C VAL G 297 -34.61 -53.52 34.47
N PRO G 298 -33.90 -52.55 33.82
CA PRO G 298 -33.05 -52.92 32.70
C PRO G 298 -31.79 -53.65 33.18
N ALA G 299 -31.34 -54.58 32.37
CA ALA G 299 -30.18 -55.40 32.68
C ALA G 299 -29.05 -55.33 31.67
N ILE G 300 -29.37 -55.10 30.40
CA ILE G 300 -28.29 -55.05 29.38
C ILE G 300 -28.42 -53.81 28.51
N GLU G 301 -27.28 -53.41 27.94
CA GLU G 301 -27.18 -52.14 27.16
C GLU G 301 -27.82 -52.24 25.83
N THR G 302 -27.59 -53.34 25.13
CA THR G 302 -27.83 -53.42 23.72
C THR G 302 -28.57 -54.71 23.35
N LEU G 303 -29.65 -54.55 22.59
CA LEU G 303 -30.55 -55.65 22.20
C LEU G 303 -30.12 -56.21 20.86
N ILE G 304 -29.95 -55.30 19.89
CA ILE G 304 -29.45 -55.64 18.56
C ILE G 304 -28.12 -54.90 18.23
N GLN G 305 -27.13 -55.69 17.85
CA GLN G 305 -25.84 -55.23 17.41
C GLN G 305 -25.65 -55.69 15.93
N VAL G 306 -25.94 -54.79 14.99
CA VAL G 306 -25.61 -55.00 13.57
C VAL G 306 -24.13 -54.53 13.39
N LYS G 307 -23.23 -55.48 13.13
CA LYS G 307 -21.83 -55.19 13.08
C LYS G 307 -21.10 -56.00 12.02
N GLY G 308 -20.46 -55.29 11.09
CA GLY G 308 -19.61 -55.89 10.07
C GLY G 308 -18.18 -55.39 10.15
N THR G 309 -17.42 -55.54 9.08
CA THR G 309 -16.12 -54.86 8.94
C THR G 309 -16.27 -53.94 7.73
N PHE G 310 -15.29 -53.07 7.51
CA PHE G 310 -15.31 -52.22 6.31
C PHE G 310 -15.25 -53.05 5.04
N ASP G 311 -14.43 -54.09 5.04
CA ASP G 311 -14.34 -55.00 3.94
C ASP G 311 -15.54 -55.94 3.83
N ARG G 312 -16.16 -56.35 4.95
CA ARG G 312 -17.30 -57.31 4.93
C ARG G 312 -18.51 -56.69 5.64
N PRO G 313 -19.22 -55.80 4.94
CA PRO G 313 -20.33 -55.14 5.64
C PRO G 313 -21.53 -56.08 5.81
N VAL G 314 -22.38 -55.75 6.77
CA VAL G 314 -23.69 -56.38 6.89
C VAL G 314 -24.64 -55.61 5.99
N SER G 315 -25.43 -56.29 5.16
CA SER G 315 -26.42 -55.55 4.36
C SER G 315 -27.83 -56.15 4.26
N HIS G 316 -28.79 -55.29 3.94
CA HIS G 316 -30.16 -55.67 3.58
C HIS G 316 -30.90 -56.40 4.68
N ILE G 317 -31.03 -55.75 5.81
CA ILE G 317 -31.72 -56.27 6.97
C ILE G 317 -32.76 -55.23 7.23
N ARG G 318 -34.02 -55.64 7.41
CA ARG G 318 -35.08 -54.70 7.82
C ARG G 318 -35.75 -55.18 9.08
N PHE G 319 -35.82 -54.32 10.09
CA PHE G 319 -36.68 -54.54 11.25
C PHE G 319 -38.01 -53.82 10.99
N GLU G 320 -39.12 -54.52 11.19
CA GLU G 320 -40.47 -53.98 10.95
C GLU G 320 -41.35 -54.15 12.22
N LYS G 321 -41.94 -53.07 12.72
CA LYS G 321 -42.90 -53.10 13.85
C LYS G 321 -42.37 -53.89 15.06
N ILE G 322 -41.10 -53.77 15.38
CA ILE G 322 -40.58 -54.39 16.58
C ILE G 322 -40.47 -53.27 17.62
N THR G 323 -40.81 -53.58 18.87
CA THR G 323 -40.58 -52.69 19.99
C THR G 323 -39.29 -53.10 20.71
N PHE G 324 -38.46 -52.10 21.03
CA PHE G 324 -37.16 -52.32 21.67
C PHE G 324 -37.24 -51.62 23.00
N SER G 325 -36.93 -52.32 24.08
CA SER G 325 -37.20 -51.79 25.45
C SER G 325 -36.24 -52.31 26.54
N HIS G 326 -36.19 -51.55 27.62
CA HIS G 326 -35.60 -51.93 28.90
C HIS G 326 -34.10 -52.12 28.82
N THR G 327 -33.42 -51.16 28.19
CA THR G 327 -31.95 -51.15 28.13
C THR G 327 -31.33 -50.36 29.27
N THR G 328 -30.16 -50.80 29.73
CA THR G 328 -29.43 -50.14 30.79
C THR G 328 -28.26 -49.29 30.22
N TRP G 329 -27.70 -48.45 31.07
CA TRP G 329 -26.39 -47.80 30.80
C TRP G 329 -25.90 -47.32 32.14
N MET G 330 -24.96 -48.09 32.70
CA MET G 330 -24.50 -47.96 34.06
C MET G 330 -23.24 -47.10 34.19
N ARG G 331 -22.72 -46.55 33.09
CA ARG G 331 -21.44 -45.85 33.18
C ARG G 331 -21.49 -44.64 34.17
N PRO G 332 -22.61 -43.89 34.17
CA PRO G 332 -22.72 -42.82 35.14
C PRO G 332 -22.55 -43.24 36.61
N SER G 333 -23.02 -44.43 36.98
CA SER G 333 -22.87 -44.97 38.32
C SER G 333 -21.46 -45.50 38.61
N GLU G 334 -20.75 -45.94 37.58
CA GLU G 334 -19.43 -46.53 37.73
C GLU G 334 -18.31 -45.50 37.52
N LYS G 335 -18.54 -44.45 36.75
CA LYS G 335 -17.46 -43.50 36.41
C LYS G 335 -17.89 -42.04 36.31
N GLY G 336 -19.12 -41.76 36.73
CA GLY G 336 -19.68 -40.45 36.57
C GLY G 336 -19.88 -40.16 35.11
N HIS G 337 -20.28 -38.92 34.85
CA HIS G 337 -20.68 -38.57 33.52
C HIS G 337 -20.47 -37.07 33.37
N VAL G 338 -19.40 -36.69 32.69
CA VAL G 338 -19.14 -35.28 32.38
C VAL G 338 -19.12 -35.01 30.87
N PRO G 339 -20.28 -34.72 30.26
CA PRO G 339 -20.27 -34.58 28.83
C PRO G 339 -19.90 -33.18 28.35
N LEU G 340 -19.28 -33.13 27.18
CA LEU G 340 -18.96 -31.87 26.53
C LEU G 340 -20.20 -31.33 25.88
N GLN G 341 -20.99 -32.21 25.24
CA GLN G 341 -22.23 -31.82 24.59
C GLN G 341 -22.99 -33.06 24.12
N ALA G 342 -24.31 -32.95 23.96
CA ALA G 342 -25.10 -34.04 23.36
C ALA G 342 -24.86 -35.44 23.94
N GLY G 343 -24.63 -35.50 25.24
CA GLY G 343 -24.49 -36.75 25.92
C GLY G 343 -23.18 -37.46 25.73
N MET G 344 -22.22 -36.84 25.02
CA MET G 344 -20.95 -37.49 24.71
C MET G 344 -20.00 -37.12 25.81
N TYR G 345 -19.49 -38.12 26.52
CA TYR G 345 -18.83 -37.89 27.80
C TYR G 345 -17.33 -37.63 27.57
N LEU G 346 -16.76 -36.71 28.36
CA LEU G 346 -15.32 -36.45 28.29
C LEU G 346 -14.52 -37.54 28.95
N THR G 347 -13.53 -38.07 28.24
CA THR G 347 -12.49 -38.89 28.86
C THR G 347 -11.28 -38.04 29.33
N ASP G 348 -11.11 -36.84 28.76
CA ASP G 348 -10.05 -35.92 29.19
C ASP G 348 -10.39 -34.57 28.59
N GLY G 349 -10.28 -33.53 29.41
CA GLY G 349 -10.71 -32.19 29.00
C GLY G 349 -10.07 -31.12 29.86
N TYR G 350 -9.47 -30.13 29.22
CA TYR G 350 -8.78 -29.06 29.97
C TYR G 350 -8.60 -27.80 29.15
N ARG G 351 -8.23 -26.75 29.87
CA ARG G 351 -8.04 -25.42 29.28
C ARG G 351 -6.60 -25.37 28.81
N ILE G 352 -6.35 -24.73 27.69
CA ILE G 352 -4.96 -24.48 27.23
C ILE G 352 -4.70 -22.98 27.16
N ASP G 353 -3.50 -22.59 27.59
CA ASP G 353 -3.03 -21.20 27.59
C ASP G 353 -1.53 -21.22 27.21
N PRO G 354 -1.10 -20.53 26.16
CA PRO G 354 -1.94 -19.73 25.30
C PRO G 354 -2.88 -20.59 24.44
N LYS G 355 -3.89 -19.91 23.91
CA LYS G 355 -4.83 -20.53 23.01
C LYS G 355 -4.17 -21.03 21.75
N MET G 356 -4.82 -22.00 21.10
CA MET G 356 -4.31 -22.60 19.89
C MET G 356 -4.82 -21.80 18.72
N GLU G 357 -3.90 -21.18 18.01
CA GLU G 357 -4.21 -20.53 16.75
C GLU G 357 -4.44 -21.64 15.72
N ARG G 358 -5.43 -21.47 14.85
CA ARG G 358 -5.84 -22.50 13.90
C ARG G 358 -5.87 -21.95 12.48
N ASP G 359 -5.79 -22.86 11.52
CA ASP G 359 -5.89 -22.54 10.10
C ASP G 359 -7.30 -22.18 9.68
N TYR G 360 -7.40 -21.74 8.44
CA TYR G 360 -8.65 -21.57 7.69
C TYR G 360 -9.64 -20.63 8.36
N LEU G 361 -9.08 -19.63 9.05
CA LEU G 361 -9.84 -18.53 9.65
C LEU G 361 -10.62 -18.97 10.88
N ASN G 362 -10.24 -20.10 11.47
CA ASN G 362 -10.91 -20.58 12.68
C ASN G 362 -10.58 -19.66 13.83
N HIS G 363 -11.51 -19.57 14.79
CA HIS G 363 -11.28 -18.81 16.01
C HIS G 363 -10.26 -19.56 16.86
N PRO G 364 -9.46 -18.83 17.69
CA PRO G 364 -8.51 -19.48 18.59
C PRO G 364 -9.21 -20.48 19.50
N LEU G 365 -8.57 -21.58 19.82
CA LEU G 365 -9.16 -22.65 20.59
C LEU G 365 -8.55 -22.65 21.96
N ASP G 366 -9.39 -22.52 22.97
CA ASP G 366 -8.95 -22.42 24.37
C ASP G 366 -8.99 -23.71 25.18
N ASN G 367 -9.38 -24.82 24.53
CA ASN G 367 -9.49 -26.10 25.23
C ASN G 367 -9.12 -27.29 24.35
N GLN G 368 -8.85 -28.40 25.02
CA GLN G 368 -8.64 -29.68 24.41
C GLN G 368 -9.58 -30.71 25.07
N GLY G 369 -10.27 -31.50 24.24
CA GLY G 369 -11.16 -32.55 24.72
C GLY G 369 -11.18 -33.83 23.88
N TRP G 370 -11.40 -34.95 24.57
CA TRP G 370 -11.57 -36.25 23.98
C TRP G 370 -12.85 -36.91 24.54
N LEU G 371 -13.58 -37.61 23.68
CA LEU G 371 -14.94 -38.07 23.98
C LEU G 371 -15.10 -39.57 23.95
N GLY G 372 -16.20 -39.99 24.55
CA GLY G 372 -16.70 -41.34 24.45
C GLY G 372 -18.19 -41.27 24.15
N ARG G 373 -18.72 -42.40 23.72
CA ARG G 373 -20.04 -42.54 23.13
C ARG G 373 -20.93 -43.46 24.02
N PRO G 374 -22.12 -43.00 24.43
CA PRO G 374 -23.05 -43.84 25.23
C PRO G 374 -23.52 -45.05 24.47
N ALA G 375 -23.94 -46.07 25.22
CA ALA G 375 -24.42 -47.31 24.64
C ALA G 375 -25.79 -47.07 24.03
N ALA G 376 -26.13 -47.85 23.03
CA ALA G 376 -27.47 -47.76 22.43
C ALA G 376 -28.22 -49.09 22.50
N ALA G 377 -29.54 -48.98 22.43
CA ALA G 377 -30.40 -50.18 22.46
C ALA G 377 -30.21 -50.98 21.19
N VAL G 378 -30.12 -50.27 20.05
CA VAL G 378 -29.76 -50.88 18.73
C VAL G 378 -28.64 -50.09 18.06
N SER G 379 -27.56 -50.81 17.72
CA SER G 379 -26.35 -50.25 17.16
C SER G 379 -26.14 -50.83 15.77
N VAL G 380 -25.85 -49.97 14.80
CA VAL G 380 -25.46 -50.39 13.45
C VAL G 380 -24.09 -49.79 13.04
N ALA G 381 -23.16 -50.66 12.67
CA ALA G 381 -21.83 -50.28 12.22
C ALA G 381 -21.37 -51.18 11.09
N ALA G 382 -20.74 -50.55 10.09
CA ALA G 382 -20.09 -51.24 8.97
C ALA G 382 -21.13 -52.10 8.24
N ALA G 383 -22.12 -51.39 7.71
CA ALA G 383 -23.25 -52.02 7.08
C ALA G 383 -23.91 -51.14 6.04
N ASN G 384 -24.83 -51.73 5.27
CA ASN G 384 -25.66 -50.94 4.34
C ASN G 384 -27.07 -51.48 4.13
N GLN G 385 -27.98 -50.57 3.80
CA GLN G 385 -29.38 -50.88 3.60
C GLN G 385 -29.94 -51.66 4.82
N ILE G 386 -29.70 -51.11 6.01
CA ILE G 386 -30.25 -51.63 7.27
C ILE G 386 -31.42 -50.69 7.62
N ASP G 387 -32.65 -51.20 7.48
CA ASP G 387 -33.88 -50.40 7.59
C ASP G 387 -34.68 -50.70 8.87
N PHE G 388 -35.44 -49.70 9.32
CA PHE G 388 -36.28 -49.74 10.53
C PHE G 388 -37.61 -49.08 10.19
N GLU G 389 -38.67 -49.90 10.11
CA GLU G 389 -39.98 -49.43 9.60
C GLU G 389 -40.99 -49.61 10.71
N ARG G 390 -41.51 -48.50 11.21
CA ARG G 390 -42.55 -48.50 12.22
C ARG G 390 -42.13 -49.24 13.46
N CYS G 391 -40.84 -49.18 13.80
CA CYS G 391 -40.37 -49.74 15.06
C CYS G 391 -40.64 -48.77 16.16
N ARG G 392 -40.53 -49.23 17.40
CA ARG G 392 -40.81 -48.40 18.56
C ARG G 392 -39.66 -48.61 19.52
N PHE G 393 -39.06 -47.51 19.96
CA PHE G 393 -37.91 -47.53 20.88
C PHE G 393 -38.44 -46.87 22.12
N ASP G 394 -38.61 -47.65 23.19
CA ASP G 394 -39.52 -47.25 24.32
C ASP G 394 -38.99 -47.81 25.63
N HIS G 395 -38.76 -46.94 26.61
CA HIS G 395 -38.33 -47.35 27.95
C HIS G 395 -36.87 -47.70 27.94
N LEU G 396 -36.04 -46.68 27.71
CA LEU G 396 -34.60 -46.93 27.45
C LEU G 396 -33.71 -46.08 28.34
N GLY G 397 -32.58 -46.66 28.73
CA GLY G 397 -31.63 -46.04 29.64
C GLY G 397 -30.47 -45.23 29.03
N SER G 398 -30.40 -45.11 27.71
CA SER G 398 -29.32 -44.35 27.05
C SER G 398 -29.74 -43.97 25.65
N THR G 399 -29.10 -44.48 24.59
CA THR G 399 -29.52 -44.10 23.23
C THR G 399 -30.52 -45.13 22.71
N GLY G 400 -31.46 -44.68 21.88
CA GLY G 400 -32.38 -45.57 21.19
C GLY G 400 -31.73 -46.34 20.08
N LEU G 401 -31.47 -45.62 18.98
CA LEU G 401 -30.91 -46.15 17.77
C LEU G 401 -29.62 -45.40 17.38
N ASP G 402 -28.57 -46.16 17.09
CA ASP G 402 -27.24 -45.63 16.89
C ASP G 402 -26.59 -46.22 15.59
N TYR G 403 -26.67 -45.47 14.50
CA TYR G 403 -25.88 -45.71 13.30
C TYR G 403 -24.46 -45.16 13.57
N GLU G 404 -23.51 -46.03 13.97
CA GLU G 404 -22.24 -45.64 14.59
C GLU G 404 -21.14 -45.20 13.63
N GLU G 405 -20.80 -46.05 12.66
CA GLU G 405 -19.78 -45.73 11.69
C GLU G 405 -19.92 -46.61 10.50
N ALA G 406 -19.43 -46.12 9.35
CA ALA G 406 -19.37 -46.93 8.15
C ALA G 406 -20.70 -47.54 7.72
N VAL G 407 -21.77 -46.77 7.83
CA VAL G 407 -23.04 -47.22 7.34
C VAL G 407 -23.41 -46.49 6.07
N GLN G 408 -23.69 -47.23 5.01
CA GLN G 408 -24.24 -46.63 3.78
C GLN G 408 -25.76 -46.78 3.77
N GLY G 409 -26.50 -45.71 3.56
CA GLY G 409 -27.95 -45.77 3.50
C GLY G 409 -28.58 -46.21 4.81
N GLY G 410 -29.74 -46.86 4.69
CA GLY G 410 -30.58 -47.17 5.84
C GLY G 410 -31.70 -46.14 5.90
N VAL G 411 -32.92 -46.65 6.04
CA VAL G 411 -34.15 -45.85 6.13
C VAL G 411 -34.79 -46.09 7.49
N VAL G 412 -34.86 -45.05 8.31
CA VAL G 412 -35.51 -45.08 9.59
C VAL G 412 -36.75 -44.23 9.41
N ARG G 413 -37.87 -44.95 9.36
CA ARG G 413 -39.12 -44.38 8.93
C ARG G 413 -40.34 -44.91 9.73
N GLY G 414 -41.23 -44.00 10.15
CA GLY G 414 -42.44 -44.40 10.88
C GLY G 414 -42.21 -44.85 12.31
N CYS G 415 -41.02 -44.60 12.85
CA CYS G 415 -40.66 -45.12 14.13
C CYS G 415 -41.05 -44.17 15.23
N LEU G 416 -41.28 -44.76 16.39
CA LEU G 416 -41.56 -44.02 17.60
C LEU G 416 -40.36 -44.10 18.53
N PHE G 417 -40.04 -42.95 19.09
CA PHE G 417 -39.02 -42.83 20.13
C PHE G 417 -39.67 -42.18 21.36
N ARG G 418 -39.73 -42.93 22.46
CA ARG G 418 -40.34 -42.40 23.69
C ARG G 418 -39.70 -42.98 24.95
N ASP G 419 -39.64 -42.18 26.01
CA ASP G 419 -39.12 -42.59 27.32
C ASP G 419 -37.72 -43.17 27.15
N ILE G 420 -36.80 -42.25 26.81
CA ILE G 420 -35.41 -42.57 26.53
C ILE G 420 -34.57 -41.59 27.39
N ALA G 421 -33.63 -42.13 28.16
CA ALA G 421 -32.79 -41.32 29.06
C ALA G 421 -31.83 -40.39 28.34
N GLY G 422 -31.28 -40.84 27.20
CA GLY G 422 -30.31 -40.06 26.41
C GLY G 422 -30.92 -39.73 25.07
N ASN G 423 -30.09 -39.88 24.04
CA ASN G 423 -30.46 -39.42 22.72
C ASN G 423 -31.41 -40.42 22.07
N GLY G 424 -32.33 -39.95 21.27
CA GLY G 424 -33.24 -40.87 20.57
C GLY G 424 -32.51 -41.62 19.49
N LEU G 425 -32.00 -40.84 18.53
CA LEU G 425 -31.38 -41.37 17.32
C LEU G 425 -30.03 -40.69 17.13
N VAL G 426 -28.99 -41.50 17.02
CA VAL G 426 -27.63 -41.03 16.87
C VAL G 426 -27.09 -41.60 15.57
N VAL G 427 -26.48 -40.71 14.78
CA VAL G 427 -25.81 -41.06 13.53
C VAL G 427 -24.42 -40.36 13.44
N GLY G 428 -23.40 -41.16 13.21
CA GLY G 428 -22.15 -40.69 12.70
C GLY G 428 -21.11 -40.53 13.78
N SER G 429 -20.08 -39.73 13.46
CA SER G 429 -18.91 -39.60 14.32
C SER G 429 -19.00 -38.32 15.16
N PHE G 430 -18.52 -38.40 16.40
CA PHE G 430 -18.33 -37.27 17.28
C PHE G 430 -16.86 -37.16 17.62
N SER G 431 -16.05 -37.57 16.61
CA SER G 431 -14.59 -37.73 16.69
CA SER G 431 -14.61 -37.75 16.65
C SER G 431 -14.22 -39.12 17.22
N PRO G 432 -13.29 -39.82 16.54
CA PRO G 432 -12.83 -41.05 17.16
C PRO G 432 -12.22 -40.79 18.55
N ALA G 433 -12.18 -41.87 19.35
CA ALA G 433 -11.72 -41.80 20.75
C ALA G 433 -10.40 -41.07 20.94
N ALA G 434 -9.40 -41.32 20.07
CA ALA G 434 -8.08 -40.69 20.21
C ALA G 434 -7.89 -39.33 19.48
N HIS G 435 -8.96 -38.82 18.86
CA HIS G 435 -8.92 -37.70 17.96
C HIS G 435 -9.56 -36.55 18.69
N GLU G 436 -8.74 -35.55 19.04
CA GLU G 436 -9.19 -34.37 19.78
C GLU G 436 -10.44 -33.78 19.09
N THR G 437 -11.48 -33.49 19.86
CA THR G 437 -12.82 -33.29 19.27
C THR G 437 -13.07 -31.95 18.56
N HIS G 438 -12.07 -31.07 18.51
CA HIS G 438 -12.10 -29.86 17.66
C HIS G 438 -11.26 -29.95 16.41
N LEU G 439 -10.51 -31.05 16.25
CA LEU G 439 -9.75 -31.28 15.04
C LEU G 439 -10.69 -31.77 13.98
N PRO G 440 -10.64 -31.17 12.75
CA PRO G 440 -11.54 -31.64 11.70
C PRO G 440 -11.40 -33.12 11.38
N TYR G 441 -12.54 -33.79 11.25
CA TYR G 441 -12.59 -35.22 11.03
C TYR G 441 -12.90 -35.38 9.58
N ASP G 442 -11.99 -36.06 8.88
CA ASP G 442 -12.09 -36.24 7.42
C ASP G 442 -11.20 -37.44 7.07
N PRO G 443 -11.66 -38.65 7.36
CA PRO G 443 -10.74 -39.79 7.23
C PRO G 443 -10.32 -40.12 5.82
N THR G 444 -9.11 -40.63 5.68
CA THR G 444 -8.55 -41.15 4.45
C THR G 444 -9.42 -42.22 3.94
N ASP G 445 -9.82 -43.10 4.86
CA ASP G 445 -10.69 -44.19 4.48
C ASP G 445 -12.10 -43.68 4.50
N LEU G 446 -12.57 -43.34 3.33
CA LEU G 446 -13.89 -42.71 3.15
C LEU G 446 -15.02 -43.61 3.66
N ARG G 447 -14.78 -44.93 3.68
CA ARG G 447 -15.76 -45.92 4.10
C ARG G 447 -16.23 -45.73 5.53
N GLU G 448 -15.42 -45.05 6.32
CA GLU G 448 -15.66 -44.83 7.72
C GLU G 448 -16.89 -43.93 7.95
N VAL G 449 -17.28 -43.13 6.95
CA VAL G 449 -18.21 -42.05 7.15
C VAL G 449 -19.61 -42.51 6.78
N CYS G 450 -20.55 -42.24 7.69
CA CYS G 450 -21.92 -42.57 7.54
C CYS G 450 -22.49 -41.63 6.52
N ALA G 451 -23.14 -42.22 5.53
CA ALA G 451 -23.59 -41.54 4.31
C ALA G 451 -24.97 -42.00 3.86
N HIS G 452 -25.81 -41.08 3.43
CA HIS G 452 -27.10 -41.42 2.76
C HIS G 452 -28.21 -41.99 3.70
N GLN G 453 -28.12 -41.73 4.99
CA GLN G 453 -29.19 -42.13 5.90
C GLN G 453 -30.43 -41.31 5.61
N GLN G 454 -31.58 -41.98 5.61
CA GLN G 454 -32.92 -41.35 5.50
C GLN G 454 -33.68 -41.52 6.83
N ILE G 455 -34.04 -40.40 7.47
CA ILE G 455 -34.76 -40.40 8.73
C ILE G 455 -36.06 -39.65 8.46
N SER G 456 -37.18 -40.36 8.41
CA SER G 456 -38.43 -39.64 8.11
C SER G 456 -39.70 -40.23 8.71
N ASN G 457 -40.67 -39.33 8.96
CA ASN G 457 -41.95 -39.68 9.55
C ASN G 457 -41.77 -40.42 10.85
N CYS G 458 -40.89 -39.93 11.71
CA CYS G 458 -40.66 -40.54 13.01
C CYS G 458 -41.10 -39.53 14.01
N TYR G 459 -41.55 -40.03 15.16
CA TYR G 459 -42.12 -39.23 16.26
C TYR G 459 -41.27 -39.46 17.48
N PHE G 460 -40.86 -38.34 18.08
CA PHE G 460 -39.88 -38.33 19.14
C PHE G 460 -40.51 -37.58 20.29
N THR G 461 -40.63 -38.22 21.44
CA THR G 461 -41.15 -37.52 22.62
C THR G 461 -40.67 -38.13 23.89
N GLU G 462 -40.52 -37.28 24.91
CA GLU G 462 -40.04 -37.74 26.21
C GLU G 462 -38.71 -38.48 26.10
N VAL G 463 -37.80 -37.83 25.38
CA VAL G 463 -36.52 -38.39 24.99
C VAL G 463 -35.55 -37.47 25.70
N GLY G 464 -34.37 -37.94 26.00
CA GLY G 464 -33.42 -37.15 26.81
C GLY G 464 -33.93 -36.88 28.22
N ASN G 465 -34.76 -37.79 28.73
CA ASN G 465 -35.48 -37.50 29.98
C ASN G 465 -34.66 -37.71 31.24
N GLU G 466 -33.42 -38.19 31.12
CA GLU G 466 -32.45 -38.07 32.22
C GLU G 466 -31.17 -37.25 31.89
N ASP G 467 -30.55 -37.51 30.74
CA ASP G 467 -29.40 -36.68 30.31
C ASP G 467 -30.00 -35.56 29.48
N TRP G 468 -30.24 -34.45 30.18
CA TRP G 468 -30.96 -33.32 29.65
C TRP G 468 -30.19 -32.61 28.54
N GLY G 469 -28.89 -32.86 28.41
CA GLY G 469 -28.15 -32.34 27.25
C GLY G 469 -28.30 -33.13 25.94
N CYS G 470 -29.15 -34.17 25.91
CA CYS G 470 -29.34 -35.00 24.73
C CYS G 470 -30.44 -34.43 23.84
N LEU G 471 -30.58 -35.03 22.68
CA LEU G 471 -31.45 -34.56 21.61
C LEU G 471 -32.37 -35.65 21.16
N ALA G 472 -33.36 -35.30 20.35
CA ALA G 472 -34.15 -36.29 19.62
C ALA G 472 -33.31 -36.98 18.54
N ILE G 473 -32.78 -36.16 17.63
CA ILE G 473 -31.93 -36.59 16.55
C ILE G 473 -30.59 -35.86 16.62
N LEU G 474 -29.53 -36.65 16.80
CA LEU G 474 -28.20 -36.16 16.92
C LEU G 474 -27.37 -36.78 15.78
N ALA G 475 -27.06 -35.95 14.79
CA ALA G 475 -26.22 -36.35 13.65
C ALA G 475 -24.90 -35.59 13.79
N GLY G 476 -23.80 -36.31 13.98
CA GLY G 476 -22.52 -35.71 14.08
C GLY G 476 -21.90 -35.49 12.70
N TYR G 477 -20.67 -35.97 12.52
CA TYR G 477 -20.04 -35.94 11.20
C TYR G 477 -20.69 -37.03 10.32
N VAL G 478 -21.54 -36.58 9.39
CA VAL G 478 -22.27 -37.42 8.48
C VAL G 478 -22.28 -36.74 7.12
N LYS G 479 -22.59 -37.51 6.08
CA LYS G 479 -22.76 -36.90 4.79
C LYS G 479 -23.97 -37.42 4.07
N ASP G 480 -24.58 -36.58 3.28
CA ASP G 480 -25.74 -36.94 2.49
C ASP G 480 -26.94 -37.42 3.33
N ILE G 481 -27.07 -36.90 4.54
CA ILE G 481 -28.16 -37.30 5.39
C ILE G 481 -29.43 -36.55 4.99
N ASN G 482 -30.58 -37.21 5.14
CA ASN G 482 -31.87 -36.58 4.90
C ASN G 482 -32.78 -36.87 6.08
N ILE G 483 -33.06 -35.83 6.84
CA ILE G 483 -33.86 -35.86 8.03
C ILE G 483 -35.11 -35.07 7.70
N GLU G 484 -36.19 -35.74 7.30
CA GLU G 484 -37.41 -35.02 6.92
C GLU G 484 -38.75 -35.55 7.47
N HIS G 485 -39.72 -34.64 7.64
CA HIS G 485 -41.09 -34.93 8.08
C HIS G 485 -41.18 -35.72 9.39
N ASN G 486 -40.32 -35.36 10.34
CA ASN G 486 -40.32 -35.94 11.67
C ASN G 486 -41.01 -34.98 12.62
N GLU G 487 -41.50 -35.47 13.75
CA GLU G 487 -42.03 -34.58 14.78
C GLU G 487 -41.35 -34.82 16.12
N ILE G 488 -40.94 -33.73 16.75
CA ILE G 488 -40.16 -33.77 17.95
C ILE G 488 -40.80 -32.85 18.97
N CYS G 489 -41.16 -33.41 20.13
CA CYS G 489 -41.65 -32.58 21.25
C CYS G 489 -41.35 -33.19 22.61
N GLU G 490 -41.41 -32.36 23.64
CA GLU G 490 -41.15 -32.78 25.02
C GLU G 490 -39.74 -33.34 25.16
N VAL G 491 -38.80 -32.47 24.82
CA VAL G 491 -37.37 -32.80 24.88
C VAL G 491 -36.67 -31.72 25.70
N PRO G 492 -35.59 -32.10 26.38
CA PRO G 492 -34.92 -31.22 27.30
C PRO G 492 -34.14 -30.05 26.72
N TYR G 493 -33.72 -30.17 25.46
CA TYR G 493 -32.69 -29.30 24.89
C TYR G 493 -33.12 -29.05 23.43
N SER G 494 -32.24 -29.30 22.45
CA SER G 494 -32.50 -28.96 21.07
C SER G 494 -33.25 -30.10 20.40
N GLY G 495 -33.93 -29.77 19.31
CA GLY G 495 -34.69 -30.76 18.55
C GLY G 495 -33.78 -31.66 17.73
N ILE G 496 -33.17 -31.05 16.71
CA ILE G 496 -32.26 -31.74 15.77
C ILE G 496 -30.92 -31.03 15.78
N SER G 497 -29.85 -31.79 16.00
CA SER G 497 -28.48 -31.26 15.99
C SER G 497 -27.68 -31.97 14.89
N LEU G 498 -27.08 -31.17 13.98
CA LEU G 498 -26.40 -31.64 12.75
C LEU G 498 -24.95 -31.07 12.67
N GLY G 499 -24.00 -31.98 12.66
CA GLY G 499 -22.61 -31.65 12.57
C GLY G 499 -21.87 -31.66 13.89
N TRP G 500 -20.57 -31.40 13.80
CA TRP G 500 -19.69 -31.48 14.96
C TRP G 500 -18.42 -30.72 14.66
N GLY G 501 -17.61 -30.52 15.70
CA GLY G 501 -16.17 -30.14 15.52
C GLY G 501 -15.76 -28.71 15.73
N TRP G 502 -16.73 -27.81 15.76
CA TRP G 502 -16.52 -26.40 16.12
C TRP G 502 -15.51 -25.80 15.16
N THR G 503 -15.63 -26.12 13.88
CA THR G 503 -14.61 -25.79 12.94
C THR G 503 -15.14 -25.40 11.59
N GLN G 504 -14.57 -24.34 11.00
CA GLN G 504 -14.92 -23.98 9.61
C GLN G 504 -13.98 -24.62 8.59
N THR G 505 -13.14 -25.55 9.03
CA THR G 505 -12.31 -26.31 8.11
C THR G 505 -13.20 -27.30 7.39
N VAL G 506 -13.08 -27.32 6.07
CA VAL G 506 -13.82 -28.26 5.23
C VAL G 506 -13.34 -29.66 5.62
N ASN G 507 -14.31 -30.56 5.75
CA ASN G 507 -14.06 -31.91 6.29
C ASN G 507 -14.90 -32.93 5.52
N CYS G 508 -15.29 -34.04 6.15
CA CYS G 508 -16.09 -35.06 5.46
C CYS G 508 -17.50 -34.65 5.19
N MET G 509 -18.03 -33.72 5.96
CA MET G 509 -19.44 -33.38 5.84
C MET G 509 -19.74 -32.66 4.56
N ARG G 510 -20.95 -32.93 4.04
CA ARG G 510 -21.47 -32.42 2.81
C ARG G 510 -22.90 -32.94 2.57
N ASN G 511 -23.67 -32.18 1.82
CA ASN G 511 -24.97 -32.63 1.29
C ASN G 511 -26.06 -33.02 2.35
N ASN G 512 -26.02 -32.38 3.52
CA ASN G 512 -26.91 -32.71 4.61
C ASN G 512 -28.17 -31.90 4.60
N ARG G 513 -29.28 -32.53 4.95
CA ARG G 513 -30.58 -31.94 4.76
C ARG G 513 -31.51 -32.17 5.97
N VAL G 514 -32.02 -31.06 6.52
CA VAL G 514 -33.02 -31.07 7.59
C VAL G 514 -34.29 -30.38 7.04
N HIS G 515 -35.26 -31.21 6.61
CA HIS G 515 -36.40 -30.71 5.85
C HIS G 515 -37.78 -31.03 6.49
N ALA G 516 -38.61 -29.99 6.66
CA ALA G 516 -40.05 -30.16 6.90
C ALA G 516 -40.37 -30.90 8.21
N ASN G 517 -39.55 -30.67 9.24
CA ASN G 517 -39.71 -31.23 10.55
C ASN G 517 -40.48 -30.24 11.41
N LEU G 518 -41.29 -30.82 12.32
CA LEU G 518 -42.06 -30.09 13.33
C LEU G 518 -41.36 -30.29 14.67
N ILE G 519 -40.99 -29.20 15.31
CA ILE G 519 -40.24 -29.22 16.55
C ILE G 519 -40.92 -28.22 17.48
N HIS G 520 -41.40 -28.70 18.63
CA HIS G 520 -42.09 -27.85 19.63
C HIS G 520 -41.90 -28.41 21.02
N HIS G 521 -42.07 -27.57 22.04
CA HIS G 521 -41.93 -28.01 23.42
C HIS G 521 -40.55 -28.66 23.64
N TYR G 522 -39.53 -27.86 23.30
CA TYR G 522 -38.15 -28.24 23.44
C TYR G 522 -37.57 -27.29 24.46
N ALA G 523 -36.31 -27.55 24.80
CA ALA G 523 -35.58 -26.78 25.79
C ALA G 523 -36.27 -26.80 27.16
N LYS G 524 -36.81 -27.96 27.52
CA LYS G 524 -37.50 -28.11 28.78
C LYS G 524 -36.61 -27.86 29.99
N HIS G 525 -35.33 -28.20 29.87
CA HIS G 525 -34.38 -28.02 30.96
C HIS G 525 -33.13 -27.23 30.61
N MET G 526 -32.74 -27.18 29.33
CA MET G 526 -31.44 -26.61 28.93
C MET G 526 -31.60 -25.54 27.87
N TYR G 527 -30.90 -24.43 28.06
CA TYR G 527 -30.83 -23.34 27.10
C TYR G 527 -29.43 -23.36 26.39
N ASP G 528 -29.16 -22.37 25.53
CA ASP G 528 -28.07 -22.40 24.51
C ASP G 528 -28.52 -23.42 23.49
N VAL G 529 -29.70 -23.15 22.96
CA VAL G 529 -30.59 -24.20 22.44
C VAL G 529 -31.35 -23.74 21.20
N ALA G 530 -31.84 -24.69 20.40
CA ALA G 530 -32.70 -24.36 19.28
C ALA G 530 -33.50 -25.53 18.80
N GLY G 531 -34.49 -25.24 17.96
CA GLY G 531 -35.23 -26.27 17.21
C GLY G 531 -34.26 -27.10 16.37
N VAL G 532 -33.58 -26.42 15.45
CA VAL G 532 -32.53 -27.01 14.62
C VAL G 532 -31.26 -26.24 14.90
N TYR G 533 -30.21 -27.01 15.17
CA TYR G 533 -28.93 -26.51 15.57
C TYR G 533 -27.85 -27.20 14.68
N THR G 534 -26.90 -26.41 14.18
CA THR G 534 -25.76 -26.93 13.41
C THR G 534 -24.37 -26.61 13.96
N LEU G 535 -23.42 -27.50 13.65
CA LEU G 535 -21.99 -27.28 13.87
C LEU G 535 -21.19 -27.64 12.62
N GLY G 536 -20.13 -26.88 12.34
CA GLY G 536 -19.06 -27.29 11.43
C GLY G 536 -19.39 -26.98 9.98
N SER G 537 -18.36 -27.05 9.14
CA SER G 537 -18.48 -26.75 7.74
C SER G 537 -19.17 -27.90 7.02
N GLN G 538 -20.25 -27.60 6.29
CA GLN G 538 -21.14 -28.58 5.64
C GLN G 538 -21.56 -28.18 4.21
N PRO G 539 -20.61 -28.21 3.27
CA PRO G 539 -20.87 -27.91 1.87
C PRO G 539 -22.20 -28.44 1.30
N LYS G 540 -23.02 -27.53 0.83
CA LYS G 540 -24.25 -27.82 0.12
C LYS G 540 -25.29 -28.52 1.01
N SER G 541 -25.43 -28.01 2.21
CA SER G 541 -26.44 -28.46 3.15
C SER G 541 -27.64 -27.51 3.22
N TYR G 542 -28.78 -28.05 3.66
CA TYR G 542 -30.06 -27.35 3.61
C TYR G 542 -30.86 -27.57 4.91
N VAL G 543 -31.37 -26.46 5.46
CA VAL G 543 -32.31 -26.46 6.60
C VAL G 543 -33.58 -25.72 6.13
N THR G 544 -34.53 -26.50 5.63
CA THR G 544 -35.64 -25.98 4.83
C THR G 544 -37.04 -26.45 5.28
N GLU G 545 -38.00 -25.52 5.29
CA GLU G 545 -39.44 -25.80 5.47
C GLU G 545 -39.82 -26.48 6.82
N ASN G 546 -38.99 -26.28 7.83
CA ASN G 546 -39.24 -26.86 9.14
C ASN G 546 -40.18 -25.89 9.83
N CYS G 547 -40.73 -26.32 10.97
CA CYS G 547 -41.71 -25.53 11.73
C CYS G 547 -41.33 -25.62 13.20
N VAL G 548 -41.01 -24.49 13.82
CA VAL G 548 -40.47 -24.51 15.18
C VAL G 548 -41.29 -23.56 16.05
N HIS G 549 -41.78 -24.04 17.21
CA HIS G 549 -42.63 -23.19 18.08
C HIS G 549 -42.67 -23.66 19.51
N SER G 550 -43.20 -22.79 20.37
CA SER G 550 -43.55 -23.14 21.75
C SER G 550 -42.38 -23.72 22.50
N ILE G 551 -41.39 -22.89 22.73
CA ILE G 551 -40.27 -23.28 23.56
C ILE G 551 -40.67 -23.15 25.03
N TYR G 552 -40.13 -24.04 25.86
CA TYR G 552 -40.22 -23.90 27.31
C TYR G 552 -39.31 -22.81 27.89
N LYS G 553 -39.57 -22.42 29.14
CA LYS G 553 -38.83 -21.36 29.84
C LYS G 553 -38.50 -21.78 31.28
N PRO G 554 -37.70 -22.82 31.47
CA PRO G 554 -37.27 -23.15 32.84
C PRO G 554 -36.51 -22.00 33.49
N GLY G 555 -36.65 -21.91 34.81
CA GLY G 555 -36.14 -20.78 35.58
C GLY G 555 -34.76 -20.99 36.13
N TYR G 556 -34.19 -22.18 35.96
CA TYR G 556 -32.85 -22.49 36.47
C TYR G 556 -31.78 -22.47 35.33
N VAL G 557 -32.13 -21.92 34.16
CA VAL G 557 -31.14 -21.72 33.08
C VAL G 557 -30.17 -20.56 33.37
N HIS G 558 -28.92 -20.77 32.97
CA HIS G 558 -27.84 -19.78 33.06
C HIS G 558 -28.15 -18.40 32.50
N ASP G 559 -29.04 -18.32 31.50
CA ASP G 559 -29.35 -17.09 30.78
C ASP G 559 -30.73 -17.20 30.10
N PRO G 560 -31.77 -16.51 30.63
CA PRO G 560 -33.13 -16.56 30.05
C PRO G 560 -33.30 -16.11 28.60
N ASN G 561 -32.35 -15.36 28.06
CA ASN G 561 -32.38 -14.91 26.64
C ASN G 561 -31.61 -15.76 25.65
N HIS G 562 -30.76 -16.66 26.14
CA HIS G 562 -29.95 -17.50 25.28
C HIS G 562 -30.70 -18.74 24.77
N TRP G 563 -31.74 -18.46 23.99
CA TRP G 563 -32.57 -19.50 23.37
C TRP G 563 -32.92 -19.11 21.95
N PHE G 564 -33.10 -20.08 21.04
CA PHE G 564 -33.42 -19.72 19.63
C PHE G 564 -34.34 -20.71 18.98
N TYR G 565 -34.89 -20.34 17.83
CA TYR G 565 -35.61 -21.30 16.98
C TYR G 565 -34.67 -22.07 16.03
N LEU G 566 -33.72 -21.32 15.43
CA LEU G 566 -32.72 -21.83 14.48
C LEU G 566 -31.40 -21.25 14.89
N TYR G 567 -30.35 -22.08 14.84
CA TYR G 567 -29.06 -21.76 15.44
C TYR G 567 -27.92 -22.46 14.69
N THR G 568 -27.07 -21.67 14.04
CA THR G 568 -25.86 -22.20 13.43
C THR G 568 -24.73 -21.78 14.33
N ASP G 569 -24.05 -22.76 14.90
CA ASP G 569 -23.00 -22.55 15.86
C ASP G 569 -21.61 -22.70 15.18
N GLU G 570 -20.55 -22.70 15.98
CA GLU G 570 -19.19 -22.51 15.48
C GLU G 570 -18.81 -23.37 14.25
N GLY G 571 -18.29 -22.69 13.23
CA GLY G 571 -17.80 -23.33 12.03
C GLY G 571 -18.83 -23.58 10.96
N SER G 572 -20.10 -23.35 11.26
CA SER G 572 -21.17 -23.68 10.30
C SER G 572 -20.91 -22.86 9.05
N SER G 573 -20.88 -23.52 7.90
CA SER G 573 -20.60 -22.91 6.63
C SER G 573 -21.40 -23.62 5.55
N PHE G 574 -21.86 -22.87 4.57
CA PHE G 574 -22.42 -23.44 3.32
C PHE G 574 -23.78 -24.12 3.53
N ILE G 575 -24.47 -23.68 4.57
CA ILE G 575 -25.78 -24.20 4.89
C ILE G 575 -26.80 -23.17 4.43
N THR G 576 -27.77 -23.62 3.65
CA THR G 576 -28.86 -22.77 3.23
C THR G 576 -30.00 -23.00 4.23
N VAL G 577 -30.32 -21.96 5.00
CA VAL G 577 -31.41 -21.94 6.02
C VAL G 577 -32.61 -21.13 5.49
N ARG G 578 -33.62 -21.80 4.93
CA ARG G 578 -34.63 -21.14 4.12
C ARG G 578 -36.06 -21.66 4.33
N ASP G 579 -37.04 -20.75 4.22
CA ASP G 579 -38.48 -21.08 4.33
C ASP G 579 -38.90 -21.87 5.61
N ASN G 580 -38.29 -21.59 6.75
CA ASN G 580 -38.65 -22.32 7.95
C ASN G 580 -39.67 -21.47 8.69
N TRP G 581 -40.90 -21.98 8.86
CA TRP G 581 -41.84 -21.27 9.77
C TRP G 581 -41.33 -21.35 11.20
N THR G 582 -41.08 -20.20 11.81
CA THR G 582 -40.81 -20.15 13.25
C THR G 582 -41.75 -19.11 13.90
N GLU G 583 -42.06 -19.34 15.19
CA GLU G 583 -43.03 -18.53 15.97
C GLU G 583 -42.61 -17.09 16.03
N GLY G 584 -41.30 -16.85 16.04
CA GLY G 584 -40.74 -15.50 15.96
C GLY G 584 -39.37 -15.49 15.29
N GLU G 585 -38.80 -14.30 15.16
CA GLU G 585 -37.46 -14.14 14.61
C GLU G 585 -36.56 -14.12 15.81
N LYS G 586 -35.94 -15.25 16.10
CA LYS G 586 -35.00 -15.34 17.20
C LYS G 586 -33.99 -16.39 16.78
N TYR G 587 -32.93 -15.94 16.10
CA TYR G 587 -31.96 -16.84 15.46
C TYR G 587 -30.59 -16.48 15.91
N LEU G 588 -29.64 -17.42 15.83
CA LEU G 588 -28.26 -17.11 16.17
C LEU G 588 -27.26 -17.71 15.16
N GLN G 589 -26.26 -16.91 14.77
CA GLN G 589 -25.15 -17.38 13.96
C GLN G 589 -23.93 -17.08 14.79
N ASN G 590 -23.36 -18.07 15.47
CA ASN G 590 -22.17 -17.86 16.29
C ASN G 590 -20.89 -18.45 15.64
N ALA G 591 -19.89 -17.58 15.45
CA ALA G 591 -18.59 -17.90 14.94
C ALA G 591 -18.63 -18.81 13.69
N ASN G 592 -19.53 -18.46 12.77
CA ASN G 592 -19.75 -19.18 11.51
C ASN G 592 -18.59 -18.97 10.55
N GLY G 593 -18.48 -19.93 9.62
CA GLY G 593 -17.70 -19.74 8.40
C GLY G 593 -18.56 -19.14 7.33
N PRO G 594 -18.03 -19.07 6.10
CA PRO G 594 -18.72 -18.32 5.06
C PRO G 594 -19.81 -19.13 4.37
N GLY G 595 -20.59 -18.44 3.53
CA GLY G 595 -21.52 -19.06 2.60
C GLY G 595 -22.83 -19.61 3.13
N ASN G 596 -23.16 -19.30 4.39
CA ASN G 596 -24.53 -19.62 4.87
C ASN G 596 -25.51 -18.65 4.24
N VAL G 597 -26.68 -19.16 3.85
CA VAL G 597 -27.74 -18.34 3.33
C VAL G 597 -28.95 -18.41 4.27
N TRP G 598 -29.42 -17.26 4.77
CA TRP G 598 -30.62 -17.15 5.58
C TRP G 598 -31.67 -16.37 4.82
N GLU G 599 -32.74 -17.03 4.44
CA GLU G 599 -33.74 -16.39 3.59
C GLU G 599 -35.14 -16.86 4.01
N ASN G 600 -36.04 -15.90 4.24
CA ASN G 600 -37.46 -16.17 4.52
C ASN G 600 -37.73 -17.14 5.70
N ASN G 601 -37.31 -16.76 6.88
CA ASN G 601 -37.57 -17.54 8.09
C ASN G 601 -38.32 -16.66 9.08
N GLY G 602 -39.38 -17.23 9.67
CA GLY G 602 -40.18 -16.52 10.66
C GLY G 602 -41.67 -16.80 10.51
N PRO G 603 -42.50 -16.07 11.28
CA PRO G 603 -43.93 -16.38 11.31
C PRO G 603 -44.61 -16.06 10.00
N GLN G 604 -43.97 -15.24 9.16
CA GLN G 604 -44.46 -14.90 7.83
C GLN G 604 -44.42 -16.04 6.77
N VAL G 605 -43.74 -17.15 7.04
CA VAL G 605 -43.67 -18.20 6.03
C VAL G 605 -45.06 -18.72 5.66
N ASP G 606 -45.24 -19.08 4.38
CA ASP G 606 -46.51 -19.60 3.87
C ASP G 606 -47.10 -20.67 4.81
N THR G 607 -48.37 -20.47 5.15
CA THR G 607 -49.15 -21.41 5.95
C THR G 607 -49.19 -22.82 5.34
N VAL G 608 -49.11 -22.91 4.01
CA VAL G 608 -48.98 -24.24 3.37
C VAL G 608 -47.72 -25.00 3.82
N ILE G 609 -46.61 -24.28 3.95
CA ILE G 609 -45.36 -24.88 4.44
C ILE G 609 -45.51 -25.25 5.92
N ARG G 610 -45.90 -24.28 6.75
CA ARG G 610 -46.08 -24.50 8.21
C ARG G 610 -46.95 -25.74 8.55
N GLU G 611 -48.01 -25.94 7.77
CA GLU G 611 -48.97 -26.99 8.05
C GLU G 611 -48.61 -28.39 7.60
N ARG G 612 -47.78 -28.52 6.57
CA ARG G 612 -47.29 -29.86 6.15
C ARG G 612 -45.98 -30.29 6.82
N ALA G 613 -45.40 -29.42 7.66
CA ALA G 613 -44.29 -29.83 8.52
C ALA G 613 -44.72 -31.00 9.39
N GLY G 614 -43.83 -31.97 9.51
CA GLY G 614 -44.00 -33.08 10.43
C GLY G 614 -44.51 -34.30 9.70
N LEU G 615 -45.20 -35.17 10.44
CA LEU G 615 -45.61 -36.47 9.91
C LEU G 615 -46.54 -36.26 8.73
N GLU G 616 -46.37 -37.07 7.69
CA GLU G 616 -47.23 -37.05 6.52
C GLU G 616 -48.43 -37.99 6.77
N ALA G 617 -49.45 -37.91 5.91
CA ALA G 617 -50.72 -38.67 6.09
C ALA G 617 -50.49 -40.14 6.43
N GLU G 618 -49.54 -40.76 5.74
CA GLU G 618 -49.37 -42.20 5.87
C GLU G 618 -48.91 -42.61 7.27
N TYR G 619 -48.38 -41.66 8.05
CA TYR G 619 -47.76 -41.98 9.33
C TYR G 619 -48.34 -41.20 10.50
N ARG G 620 -49.50 -40.55 10.29
CA ARG G 620 -50.11 -39.70 11.34
C ARG G 620 -50.60 -40.44 12.60
N ASP G 621 -50.89 -41.72 12.42
CA ASP G 621 -51.27 -42.68 13.48
C ASP G 621 -50.28 -42.86 14.63
N LEU G 622 -49.04 -42.43 14.47
CA LEU G 622 -48.09 -42.54 15.58
C LEU G 622 -48.49 -41.71 16.83
N LYS G 623 -49.40 -40.74 16.71
CA LYS G 623 -49.87 -39.97 17.91
C LYS G 623 -51.22 -40.36 18.53
N ALA H 24 17.93 -32.08 25.73
CA ALA H 24 16.70 -32.85 26.08
C ALA H 24 16.18 -32.43 27.45
N GLY H 25 15.10 -31.65 27.50
CA GLY H 25 14.55 -31.17 28.78
C GLY H 25 13.86 -32.28 29.57
N GLU H 26 13.73 -32.09 30.87
CA GLU H 26 13.27 -33.15 31.80
C GLU H 26 12.05 -32.73 32.58
N ILE H 27 11.10 -33.65 32.76
CA ILE H 27 9.95 -33.43 33.63
C ILE H 27 10.04 -34.50 34.72
N TRP H 28 9.95 -34.07 35.98
CA TRP H 28 10.17 -34.94 37.16
C TRP H 28 8.84 -35.31 37.85
N ILE H 29 8.76 -36.55 38.30
CA ILE H 29 7.60 -37.08 39.03
C ILE H 29 8.10 -37.78 40.29
N SER H 30 7.31 -37.67 41.35
CA SER H 30 7.64 -38.26 42.66
C SER H 30 6.37 -38.78 43.33
N PRO H 31 6.47 -39.84 44.18
CA PRO H 31 5.36 -40.15 45.10
C PRO H 31 5.01 -39.00 46.04
N GLN H 32 6.01 -38.17 46.38
CA GLN H 32 5.76 -36.98 47.21
C GLN H 32 5.35 -35.78 46.36
N GLY H 33 5.14 -35.92 45.05
CA GLY H 33 4.94 -34.76 44.21
C GLY H 33 3.61 -34.06 44.32
N ASN H 34 3.42 -33.09 43.44
CA ASN H 34 2.15 -32.43 43.30
C ASN H 34 2.00 -31.95 41.85
N ASP H 35 0.81 -32.14 41.29
CA ASP H 35 0.58 -31.81 39.89
C ASP H 35 0.47 -30.28 39.67
N LEU H 36 0.30 -29.48 40.72
CA LEU H 36 0.38 -28.02 40.59
C LEU H 36 1.82 -27.52 40.49
N ASN H 37 2.82 -28.36 40.79
CA ASN H 37 4.23 -28.00 40.55
C ASN H 37 4.60 -27.96 39.07
N ASP H 38 5.77 -27.40 38.77
CA ASP H 38 6.23 -27.24 37.39
C ASP H 38 7.05 -28.39 36.85
N GLY H 39 7.24 -29.44 37.64
CA GLY H 39 7.91 -30.64 37.18
C GLY H 39 9.40 -30.56 37.07
N THR H 40 10.03 -29.61 37.75
CA THR H 40 11.49 -29.62 37.98
C THR H 40 11.78 -30.58 39.13
N ARG H 41 13.02 -31.08 39.23
CA ARG H 41 13.40 -32.03 40.30
C ARG H 41 13.09 -31.53 41.72
N PRO H 42 13.40 -30.25 42.03
CA PRO H 42 12.95 -29.72 43.34
C PRO H 42 11.43 -29.61 43.52
N SER H 43 10.65 -29.48 42.44
CA SER H 43 9.18 -29.28 42.48
C SER H 43 8.48 -30.35 41.59
N PRO H 44 8.56 -31.63 41.99
CA PRO H 44 8.09 -32.70 41.08
C PRO H 44 6.56 -32.77 40.91
N LYS H 45 6.11 -33.26 39.76
CA LYS H 45 4.73 -33.68 39.57
C LYS H 45 4.44 -34.90 40.43
N ALA H 46 3.15 -35.18 40.62
CA ALA H 46 2.65 -36.42 41.21
C ALA H 46 2.29 -37.49 40.17
N THR H 47 1.78 -37.12 39.00
CA THR H 47 1.24 -38.13 38.06
C THR H 47 1.84 -38.11 36.66
N LEU H 48 1.96 -39.30 36.07
CA LEU H 48 2.33 -39.45 34.68
C LEU H 48 1.38 -38.71 33.74
N THR H 49 0.11 -38.64 34.14
CA THR H 49 -0.86 -37.89 33.39
C THR H 49 -0.52 -36.42 33.33
N SER H 50 -0.12 -35.86 34.46
CA SER H 50 0.24 -34.44 34.51
C SER H 50 1.55 -34.17 33.80
N ALA H 51 2.56 -35.01 34.03
CA ALA H 51 3.82 -34.89 33.36
C ALA H 51 3.65 -34.98 31.84
N LEU H 52 2.78 -35.88 31.37
CA LEU H 52 2.52 -36.04 29.94
C LEU H 52 1.86 -34.85 29.36
N ARG H 53 0.94 -34.24 30.10
CA ARG H 53 0.27 -33.05 29.59
C ARG H 53 1.27 -31.87 29.45
N GLN H 54 2.16 -31.71 30.43
CA GLN H 54 3.21 -30.68 30.29
C GLN H 54 4.08 -30.89 29.03
N ALA H 55 4.54 -32.13 28.82
CA ALA H 55 5.26 -32.46 27.62
C ALA H 55 4.46 -32.15 26.36
N ARG H 56 3.17 -32.44 26.40
CA ARG H 56 2.27 -32.14 25.27
C ARG H 56 2.23 -30.64 25.01
N GLU H 57 2.20 -29.85 26.09
CA GLU H 57 2.15 -28.39 25.95
C GLU H 57 3.44 -27.83 25.41
N TRP H 58 4.57 -28.36 25.87
CA TRP H 58 5.87 -28.02 25.29
C TRP H 58 5.89 -28.24 23.79
N ARG H 59 5.53 -29.45 23.35
CA ARG H 59 5.51 -29.77 21.92
C ARG H 59 4.60 -28.84 21.15
N ARG H 60 3.41 -28.58 21.69
CA ARG H 60 2.43 -27.72 20.99
C ARG H 60 2.93 -26.29 20.80
N THR H 61 3.64 -25.76 21.79
CA THR H 61 4.06 -24.36 21.77
C THR H 61 5.51 -24.21 21.24
N ASP H 62 6.13 -25.30 20.78
CA ASP H 62 7.53 -25.30 20.29
C ASP H 62 8.51 -24.79 21.33
N ASP H 63 8.32 -25.18 22.57
CA ASP H 63 9.23 -24.83 23.62
C ASP H 63 10.63 -25.37 23.30
N GLU H 64 11.65 -24.65 23.77
CA GLU H 64 13.02 -25.00 23.44
C GLU H 64 13.45 -26.34 24.06
N ARG H 65 12.91 -26.69 25.22
CA ARG H 65 13.32 -27.93 25.92
C ARG H 65 12.99 -29.23 25.18
N VAL H 66 12.08 -29.12 24.21
CA VAL H 66 11.78 -30.16 23.25
C VAL H 66 13.01 -30.61 22.44
N ARG H 67 13.97 -29.72 22.16
CA ARG H 67 15.17 -30.09 21.42
C ARG H 67 15.83 -31.30 22.04
N GLY H 68 16.09 -32.30 21.21
CA GLY H 68 16.77 -33.54 21.65
C GLY H 68 15.93 -34.54 22.46
N GLY H 69 14.63 -34.26 22.61
CA GLY H 69 13.74 -35.17 23.34
C GLY H 69 13.30 -34.57 24.66
N ILE H 70 12.20 -35.13 25.18
CA ILE H 70 11.68 -34.81 26.49
C ILE H 70 11.83 -36.09 27.27
N THR H 71 12.36 -36.01 28.48
CA THR H 71 12.53 -37.19 29.30
C THR H 71 11.68 -37.00 30.54
N ILE H 72 10.76 -37.93 30.77
CA ILE H 72 9.94 -37.93 31.98
C ILE H 72 10.64 -38.84 33.01
N CYS H 73 11.18 -38.22 34.06
CA CYS H 73 11.98 -38.91 35.09
C CYS H 73 11.13 -39.20 36.30
N MET H 74 11.05 -40.46 36.68
CA MET H 74 10.24 -40.82 37.82
C MET H 74 11.16 -41.24 38.96
N GLU H 75 10.98 -40.58 40.09
CA GLU H 75 11.63 -40.97 41.34
C GLU H 75 11.15 -42.37 41.76
N GLY H 76 12.03 -43.06 42.45
CA GLY H 76 11.72 -44.38 43.00
C GLY H 76 10.42 -44.41 43.80
N GLY H 77 9.72 -45.54 43.65
CA GLY H 77 8.49 -45.78 44.36
C GLY H 77 7.37 -46.36 43.50
N THR H 78 6.18 -46.33 44.08
CA THR H 78 4.98 -46.89 43.49
C THR H 78 4.02 -45.77 43.17
N TYR H 79 3.48 -45.78 41.95
CA TYR H 79 2.50 -44.79 41.52
C TYR H 79 1.20 -45.53 41.17
N ALA H 80 0.17 -45.25 41.95
CA ALA H 80 -1.07 -46.01 41.88
C ALA H 80 -1.96 -45.30 40.90
N LEU H 81 -2.56 -46.07 39.98
CA LEU H 81 -3.38 -45.47 38.93
C LEU H 81 -4.81 -45.90 39.13
N TYR H 82 -5.74 -44.98 38.92
CA TYR H 82 -7.19 -45.31 38.99
C TYR H 82 -7.88 -45.35 37.64
N GLU H 83 -7.13 -44.98 36.60
CA GLU H 83 -7.61 -44.94 35.20
C GLU H 83 -6.35 -45.05 34.32
N PRO H 84 -6.49 -45.44 33.06
CA PRO H 84 -5.27 -45.59 32.26
C PRO H 84 -4.63 -44.22 31.93
N VAL H 85 -3.32 -44.22 31.79
CA VAL H 85 -2.57 -43.10 31.19
C VAL H 85 -2.79 -43.14 29.66
N PHE H 86 -3.46 -42.13 29.11
CA PHE H 86 -3.81 -42.08 27.72
C PHE H 86 -2.71 -41.28 26.91
N ILE H 87 -1.87 -42.00 26.15
CA ILE H 87 -0.83 -41.43 25.27
C ILE H 87 -1.38 -41.38 23.85
N ARG H 88 -1.54 -40.14 23.36
CA ARG H 88 -2.37 -39.84 22.23
C ARG H 88 -1.53 -39.13 21.13
N PRO H 89 -2.15 -38.88 19.98
CA PRO H 89 -1.33 -38.40 18.84
C PRO H 89 -0.48 -37.11 19.13
N GLU H 90 -1.10 -36.17 19.82
CA GLU H 90 -0.48 -34.91 20.27
C GLU H 90 0.70 -35.13 21.19
N ASP H 91 0.82 -36.33 21.78
CA ASP H 91 1.98 -36.70 22.56
C ASP H 91 3.15 -37.19 21.73
N SER H 92 2.97 -37.34 20.42
CA SER H 92 4.04 -37.90 19.57
C SER H 92 5.36 -37.11 19.66
N GLY H 93 6.48 -37.84 19.72
CA GLY H 93 7.80 -37.31 19.49
C GLY H 93 8.20 -37.45 18.03
N THR H 94 9.51 -37.36 17.77
CA THR H 94 10.11 -37.61 16.46
C THR H 94 11.32 -38.44 16.72
N GLU H 95 12.03 -38.87 15.70
CA GLU H 95 13.28 -39.60 15.95
C GLU H 95 14.30 -38.76 16.68
N ASP H 96 14.42 -37.48 16.33
CA ASP H 96 15.36 -36.57 17.03
C ASP H 96 14.85 -36.14 18.38
N SER H 97 13.53 -36.15 18.55
CA SER H 97 12.90 -35.73 19.80
C SER H 97 11.92 -36.77 20.39
N PRO H 98 12.42 -37.92 20.86
CA PRO H 98 11.49 -38.88 21.49
C PRO H 98 10.98 -38.39 22.84
N THR H 99 9.86 -38.96 23.31
CA THR H 99 9.48 -38.86 24.74
C THR H 99 9.89 -40.17 25.40
N VAL H 100 10.72 -40.09 26.43
CA VAL H 100 11.18 -41.26 27.11
C VAL H 100 10.64 -41.13 28.52
N ILE H 101 10.01 -42.20 29.03
CA ILE H 101 9.57 -42.28 30.44
C ILE H 101 10.44 -43.31 31.15
N ARG H 102 11.15 -42.87 32.17
CA ARG H 102 12.10 -43.72 32.85
C ARG H 102 12.29 -43.33 34.32
N PRO H 103 12.82 -44.28 35.13
CA PRO H 103 13.13 -43.93 36.49
C PRO H 103 14.41 -43.09 36.52
N VAL H 104 14.53 -42.25 37.52
CA VAL H 104 15.82 -41.67 37.85
C VAL H 104 16.84 -42.78 38.17
N ALA H 105 18.09 -42.60 37.71
CA ALA H 105 19.21 -43.45 38.11
C ALA H 105 18.88 -44.91 37.83
N ASP H 106 19.21 -45.82 38.75
CA ASP H 106 18.66 -47.17 38.66
C ASP H 106 17.75 -47.44 39.86
N GLU H 107 16.88 -46.48 40.17
CA GLU H 107 15.83 -46.71 41.16
C GLU H 107 14.67 -47.51 40.55
N LYS H 108 13.96 -48.25 41.40
CA LYS H 108 12.79 -49.01 40.97
C LYS H 108 11.54 -48.16 40.96
N VAL H 109 10.82 -48.18 39.85
CA VAL H 109 9.57 -47.49 39.74
C VAL H 109 8.49 -48.48 39.31
N VAL H 110 7.35 -48.45 40.00
CA VAL H 110 6.24 -49.35 39.77
C VAL H 110 4.98 -48.55 39.49
N LEU H 111 4.39 -48.73 38.31
CA LEU H 111 3.06 -48.21 38.02
C LEU H 111 2.07 -49.32 38.35
N SER H 112 1.24 -49.07 39.35
CA SER H 112 0.37 -50.09 39.92
C SER H 112 -1.07 -49.82 39.57
N GLY H 113 -1.71 -50.87 39.06
CA GLY H 113 -3.16 -50.85 38.88
C GLY H 113 -3.96 -51.22 40.14
N GLY H 114 -3.29 -51.40 41.29
CA GLY H 114 -3.94 -51.99 42.46
C GLY H 114 -4.09 -51.09 43.66
N ILE H 115 -4.75 -51.63 44.70
CA ILE H 115 -4.89 -50.97 45.99
C ILE H 115 -4.45 -51.89 47.12
N ARG H 116 -3.92 -51.27 48.15
CA ARG H 116 -3.56 -51.95 49.38
C ARG H 116 -4.79 -52.27 50.25
N ILE H 117 -4.85 -53.50 50.77
CA ILE H 117 -5.91 -53.90 51.74
C ILE H 117 -5.29 -53.94 53.15
N GLY H 118 -5.81 -53.09 54.05
CA GLY H 118 -5.43 -53.04 55.48
C GLY H 118 -6.63 -53.35 56.38
N GLY H 119 -6.47 -53.14 57.69
CA GLY H 119 -7.57 -53.36 58.67
C GLY H 119 -7.90 -54.83 58.91
N TRP H 120 -6.88 -55.68 58.87
CA TRP H 120 -7.01 -57.12 59.00
C TRP H 120 -7.20 -57.53 60.46
N LYS H 121 -8.18 -58.40 60.71
CA LYS H 121 -8.52 -58.87 62.05
C LYS H 121 -8.51 -60.41 62.06
N LYS H 122 -8.04 -60.98 63.16
CA LYS H 122 -7.84 -62.43 63.31
C LYS H 122 -9.18 -63.11 63.58
N GLN H 123 -9.45 -64.19 62.86
CA GLN H 123 -10.69 -64.95 62.99
C GLN H 123 -10.35 -66.42 62.89
N GLY H 124 -9.77 -66.94 63.98
CA GLY H 124 -9.24 -68.31 64.01
C GLY H 124 -7.90 -68.30 63.31
N LYS H 125 -7.64 -69.34 62.52
CA LYS H 125 -6.47 -69.41 61.63
C LYS H 125 -6.55 -68.41 60.44
N LEU H 126 -7.77 -67.96 60.10
CA LEU H 126 -8.00 -66.96 59.06
C LEU H 126 -7.92 -65.52 59.57
N TRP H 127 -7.55 -64.61 58.68
CA TRP H 127 -7.70 -63.18 58.90
C TRP H 127 -8.70 -62.59 57.91
N VAL H 128 -9.33 -61.48 58.29
CA VAL H 128 -10.41 -60.85 57.53
C VAL H 128 -10.28 -59.32 57.50
N ALA H 129 -10.67 -58.74 56.37
CA ALA H 129 -10.64 -57.29 56.15
C ALA H 129 -11.79 -56.87 55.27
N ASP H 130 -12.25 -55.65 55.48
CA ASP H 130 -13.23 -55.03 54.62
C ASP H 130 -12.51 -54.57 53.35
N VAL H 131 -13.14 -54.77 52.19
CA VAL H 131 -12.56 -54.39 50.91
C VAL H 131 -13.10 -53.00 50.65
N PRO H 132 -12.20 -51.99 50.53
CA PRO H 132 -12.73 -50.65 50.32
C PRO H 132 -13.39 -50.44 48.94
N MET H 133 -14.15 -49.36 48.89
CA MET H 133 -14.69 -48.76 47.71
C MET H 133 -13.54 -48.39 46.74
N PHE H 134 -13.78 -48.61 45.44
CA PHE H 134 -12.87 -48.20 44.38
C PHE H 134 -13.63 -47.43 43.29
N ASN H 135 -13.12 -46.23 42.99
CA ASN H 135 -13.77 -45.32 42.08
C ASN H 135 -15.27 -45.28 42.33
N GLY H 136 -15.65 -45.16 43.60
CA GLY H 136 -17.06 -44.92 43.98
C GLY H 136 -17.99 -46.16 44.06
N ARG H 137 -17.42 -47.34 43.95
CA ARG H 137 -18.18 -48.58 43.82
C ARG H 137 -17.48 -49.74 44.51
N PRO H 138 -18.27 -50.78 44.91
CA PRO H 138 -17.63 -51.99 45.45
C PRO H 138 -16.58 -52.56 44.51
N LEU H 139 -15.54 -53.16 45.04
CA LEU H 139 -14.49 -53.70 44.21
C LEU H 139 -14.48 -55.20 44.35
N ASP H 140 -14.37 -55.91 43.23
CA ASP H 140 -14.07 -57.35 43.21
C ASP H 140 -12.78 -57.59 42.42
N PHE H 141 -12.15 -58.72 42.67
CA PHE H 141 -10.87 -59.03 42.09
C PHE H 141 -10.68 -60.52 42.05
N ARG H 142 -9.82 -60.94 41.12
CA ARG H 142 -9.49 -62.35 40.92
C ARG H 142 -8.05 -62.70 41.27
N GLN H 143 -7.24 -61.70 41.62
CA GLN H 143 -5.90 -61.98 42.11
C GLN H 143 -5.74 -61.29 43.43
N LEU H 144 -4.80 -61.80 44.23
CA LEU H 144 -4.40 -61.14 45.49
C LEU H 144 -2.93 -61.43 45.72
N TRP H 145 -2.15 -60.39 46.05
CA TRP H 145 -0.69 -60.56 46.25
C TRP H 145 -0.28 -60.08 47.64
N VAL H 146 0.59 -60.83 48.30
CA VAL H 146 1.08 -60.51 49.65
C VAL H 146 2.61 -60.40 49.61
N ASN H 147 3.12 -59.21 49.91
CA ASN H 147 4.55 -58.87 49.74
C ASN H 147 5.15 -59.44 48.45
N GLY H 148 4.48 -59.15 47.34
CA GLY H 148 4.96 -59.54 46.03
C GLY H 148 4.83 -61.00 45.68
N LYS H 149 4.05 -61.75 46.45
CA LYS H 149 3.87 -63.18 46.22
C LYS H 149 2.39 -63.43 46.05
N LYS H 150 2.03 -64.04 44.92
CA LYS H 150 0.65 -64.27 44.57
C LYS H 150 0.05 -65.28 45.55
N ALA H 151 -1.09 -64.94 46.09
CA ALA H 151 -1.86 -65.89 46.87
C ALA H 151 -2.73 -66.71 45.90
N VAL H 152 -3.43 -67.68 46.47
CA VAL H 152 -4.15 -68.67 45.73
C VAL H 152 -5.65 -68.44 45.91
N ARG H 153 -6.34 -68.09 44.83
CA ARG H 153 -7.78 -67.98 44.89
C ARG H 153 -8.30 -69.34 45.33
N ALA H 154 -9.06 -69.37 46.43
CA ALA H 154 -9.39 -70.65 47.11
C ALA H 154 -9.96 -71.67 46.17
N ARG H 155 -9.35 -72.87 46.12
CA ARG H 155 -9.81 -73.97 45.25
C ARG H 155 -9.88 -75.34 45.98
N ASP H 156 -10.56 -76.29 45.34
CA ASP H 156 -10.81 -77.61 45.93
C ASP H 156 -9.57 -78.49 46.07
N VAL H 157 -8.64 -78.42 45.13
CA VAL H 157 -7.44 -79.26 45.21
C VAL H 157 -6.20 -78.40 45.12
N GLU H 158 -5.22 -78.68 45.98
CA GLU H 158 -3.90 -78.01 45.95
C GLU H 158 -3.04 -78.49 44.77
N ASP H 159 -3.02 -79.80 44.57
CA ASP H 159 -2.14 -80.45 43.63
C ASP H 159 -3.02 -80.76 42.44
N PHE H 160 -2.77 -80.09 41.31
CA PHE H 160 -3.62 -80.25 40.10
C PHE H 160 -3.67 -81.69 39.55
N GLU H 161 -2.68 -82.52 39.88
CA GLU H 161 -2.76 -83.97 39.58
C GLU H 161 -3.92 -84.67 40.30
N LYS H 162 -4.36 -84.14 41.43
CA LYS H 162 -5.51 -84.70 42.14
C LYS H 162 -6.86 -84.21 41.62
N MET H 163 -6.91 -83.43 40.54
CA MET H 163 -8.21 -82.95 40.06
C MET H 163 -9.21 -84.10 39.87
N ASN H 164 -10.47 -83.85 40.17
CA ASN H 164 -11.54 -84.77 39.79
C ASN H 164 -11.71 -84.65 38.28
N ARG H 165 -12.24 -85.69 37.65
CA ARG H 165 -12.58 -85.71 36.23
C ARG H 165 -14.09 -85.74 36.10
N ILE H 166 -14.60 -85.26 34.96
CA ILE H 166 -16.04 -85.28 34.68
C ILE H 166 -16.51 -86.71 34.35
N CYS H 167 -17.83 -86.89 34.30
CA CYS H 167 -18.46 -88.18 33.97
C CYS H 167 -18.96 -88.16 32.53
N SER H 168 -19.79 -87.18 32.22
CA SER H 168 -20.37 -87.04 30.89
C SER H 168 -20.94 -85.62 30.62
N VAL H 169 -21.33 -85.38 29.39
CA VAL H 169 -21.82 -84.08 28.95
C VAL H 169 -23.17 -84.25 28.29
N ASP H 170 -24.14 -83.46 28.73
CA ASP H 170 -25.46 -83.37 28.07
C ASP H 170 -25.56 -81.98 27.45
N GLU H 171 -25.31 -81.95 26.13
CA GLU H 171 -25.29 -80.72 25.31
C GLU H 171 -26.68 -80.13 25.26
N LYS H 172 -27.65 -80.95 24.86
CA LYS H 172 -29.04 -80.54 24.75
C LYS H 172 -29.46 -79.77 25.99
N ASN H 173 -29.15 -80.30 27.17
CA ASN H 173 -29.67 -79.66 28.38
C ASN H 173 -28.76 -78.72 29.10
N GLU H 174 -27.52 -78.60 28.63
CA GLU H 174 -26.51 -77.78 29.26
C GLU H 174 -26.32 -78.24 30.72
N ILE H 175 -25.99 -79.52 30.85
CA ILE H 175 -25.69 -80.13 32.14
C ILE H 175 -24.37 -80.79 31.94
N LEU H 176 -23.48 -80.61 32.91
CA LEU H 176 -22.25 -81.37 32.98
C LEU H 176 -22.40 -82.33 34.19
N TYR H 177 -22.08 -83.61 34.01
CA TYR H 177 -22.18 -84.59 35.11
C TYR H 177 -20.79 -84.81 35.69
N VAL H 178 -20.64 -84.58 36.99
CA VAL H 178 -19.38 -84.89 37.70
C VAL H 178 -19.62 -85.83 38.92
N PRO H 179 -18.56 -86.43 39.47
CA PRO H 179 -18.74 -87.23 40.69
C PRO H 179 -19.13 -86.39 41.93
N ALA H 180 -20.20 -86.80 42.60
CA ALA H 180 -20.73 -86.15 43.82
C ALA H 180 -19.69 -85.84 44.88
N VAL H 181 -18.73 -86.74 45.08
CA VAL H 181 -17.62 -86.43 46.00
C VAL H 181 -16.93 -85.09 45.71
N ALA H 182 -16.82 -84.77 44.41
CA ALA H 182 -16.13 -83.57 43.95
C ALA H 182 -16.83 -82.29 44.40
N ILE H 183 -18.17 -82.26 44.38
CA ILE H 183 -18.89 -81.02 44.76
C ILE H 183 -19.42 -81.05 46.20
N ARG H 184 -18.96 -82.00 47.02
CA ARG H 184 -19.36 -82.10 48.46
C ARG H 184 -19.52 -80.76 49.13
N ARG H 185 -18.45 -79.98 49.13
CA ARG H 185 -18.34 -78.83 50.02
C ARG H 185 -19.12 -77.58 49.62
N LEU H 186 -19.73 -77.61 48.42
CA LEU H 186 -20.44 -76.46 47.85
C LEU H 186 -21.94 -76.59 47.95
N VAL H 187 -22.42 -77.72 48.49
CA VAL H 187 -23.87 -77.93 48.69
C VAL H 187 -24.25 -78.03 50.18
N ASP H 188 -25.52 -77.69 50.45
CA ASP H 188 -26.11 -77.73 51.81
C ASP H 188 -26.59 -79.16 52.08
N GLY H 189 -27.18 -79.38 53.25
CA GLY H 189 -27.64 -80.72 53.63
C GLY H 189 -28.79 -81.28 52.81
N LYS H 190 -29.52 -80.41 52.10
CA LYS H 190 -30.54 -80.80 51.13
C LYS H 190 -30.00 -81.03 49.68
N GLY H 191 -28.68 -80.97 49.46
CA GLY H 191 -28.09 -81.11 48.11
C GLY H 191 -28.19 -79.91 47.14
N ALA H 192 -28.46 -78.72 47.65
CA ALA H 192 -28.55 -77.48 46.86
C ALA H 192 -27.27 -76.68 47.01
N LEU H 193 -26.92 -75.95 45.94
CA LEU H 193 -25.76 -75.04 45.97
C LEU H 193 -25.91 -74.01 47.07
N LYS H 194 -24.94 -73.92 47.94
CA LYS H 194 -24.88 -72.86 48.96
C LYS H 194 -23.70 -71.86 48.78
N ALA H 195 -22.71 -72.21 47.93
CA ALA H 195 -21.60 -71.30 47.53
C ALA H 195 -22.03 -70.57 46.25
N LYS H 196 -22.66 -69.41 46.46
CA LYS H 196 -23.40 -68.66 45.45
C LYS H 196 -22.60 -68.22 44.17
N TYR H 197 -21.30 -68.08 44.30
CA TYR H 197 -20.44 -67.61 43.21
C TYR H 197 -19.34 -68.60 42.85
N ALA H 198 -19.58 -69.88 43.13
CA ALA H 198 -18.61 -70.91 42.79
C ALA H 198 -18.37 -70.96 41.29
N GLU H 199 -17.18 -71.42 40.96
CA GLU H 199 -16.68 -71.48 39.60
C GLU H 199 -15.91 -72.77 39.40
N MET H 200 -16.23 -73.45 38.30
CA MET H 200 -15.43 -74.56 37.79
C MET H 200 -14.42 -74.06 36.72
N VAL H 201 -13.19 -74.55 36.81
CA VAL H 201 -12.18 -74.35 35.78
C VAL H 201 -12.06 -75.71 35.13
N LEU H 202 -12.54 -75.82 33.89
CA LEU H 202 -12.64 -77.10 33.14
C LEU H 202 -11.58 -77.28 32.07
N HIS H 203 -10.79 -78.33 32.20
CA HIS H 203 -9.68 -78.59 31.31
C HIS H 203 -10.26 -79.28 30.09
N GLN H 204 -10.21 -78.64 28.93
CA GLN H 204 -10.76 -79.23 27.70
C GLN H 204 -9.77 -79.11 26.51
N MET H 205 -8.98 -80.17 26.33
CA MET H 205 -8.02 -80.35 25.24
C MET H 205 -6.89 -79.32 25.35
N TRP H 206 -6.97 -78.23 24.57
CA TRP H 206 -5.88 -77.20 24.55
C TRP H 206 -6.22 -75.90 25.32
N CYS H 207 -7.44 -75.80 25.87
CA CYS H 207 -7.90 -74.66 26.66
C CYS H 207 -8.50 -75.10 27.99
N VAL H 208 -8.61 -74.11 28.88
CA VAL H 208 -9.53 -74.15 29.99
C VAL H 208 -10.74 -73.28 29.71
N ALA H 209 -11.83 -73.56 30.43
CA ALA H 209 -12.99 -72.67 30.46
C ALA H 209 -13.33 -72.37 31.91
N ASN H 210 -13.96 -71.23 32.13
CA ASN H 210 -14.23 -70.72 33.44
C ASN H 210 -15.74 -70.66 33.41
N LEU H 211 -16.37 -71.55 34.17
CA LEU H 211 -17.82 -71.73 34.12
C LEU H 211 -18.33 -71.58 35.54
N ARG H 212 -19.22 -70.61 35.70
CA ARG H 212 -19.72 -70.21 37.00
C ARG H 212 -20.97 -71.03 37.30
N ILE H 213 -20.95 -71.67 38.46
CA ILE H 213 -21.98 -72.65 38.79
C ILE H 213 -23.26 -71.97 39.24
N ARG H 214 -24.36 -72.35 38.58
CA ARG H 214 -25.72 -71.87 38.93
C ARG H 214 -26.48 -72.84 39.85
N SER H 215 -26.38 -74.14 39.60
CA SER H 215 -27.10 -75.11 40.43
C SER H 215 -26.39 -76.47 40.46
N VAL H 216 -26.71 -77.24 41.47
CA VAL H 216 -26.19 -78.59 41.63
C VAL H 216 -27.39 -79.51 42.00
N GLU H 217 -27.59 -80.58 41.24
CA GLU H 217 -28.58 -81.61 41.56
C GLU H 217 -27.90 -82.97 41.71
N LEU H 218 -27.97 -83.52 42.92
CA LEU H 218 -27.34 -84.81 43.23
C LEU H 218 -28.21 -85.99 42.77
N ALA H 219 -27.55 -87.07 42.32
CA ALA H 219 -28.21 -88.36 42.04
C ALA H 219 -27.25 -89.52 42.40
N GLY H 220 -27.10 -89.77 43.71
CA GLY H 220 -26.25 -90.83 44.21
C GLY H 220 -24.76 -90.53 44.09
N ASP H 221 -24.10 -91.23 43.17
CA ASP H 221 -22.67 -91.03 42.90
C ASP H 221 -22.38 -89.80 42.05
N SER H 222 -23.37 -89.31 41.30
CA SER H 222 -23.15 -88.29 40.26
C SER H 222 -23.95 -87.00 40.51
N ALA H 223 -23.39 -85.88 40.07
CA ALA H 223 -24.01 -84.58 40.27
C ALA H 223 -24.16 -83.89 38.92
N ALA H 224 -25.34 -83.31 38.71
CA ALA H 224 -25.67 -82.55 37.54
C ALA H 224 -25.37 -81.09 37.83
N ILE H 225 -24.32 -80.57 37.17
CA ILE H 225 -23.89 -79.18 37.33
C ILE H 225 -24.53 -78.35 36.20
N ARG H 226 -25.24 -77.30 36.57
CA ARG H 226 -25.70 -76.32 35.58
C ARG H 226 -24.94 -75.01 35.80
N PHE H 227 -24.85 -74.23 34.72
CA PHE H 227 -23.97 -73.06 34.70
C PHE H 227 -24.70 -71.78 34.36
N HIS H 228 -24.09 -70.65 34.73
CA HIS H 228 -24.71 -69.38 34.38
C HIS H 228 -24.63 -69.05 32.89
N GLN H 229 -25.53 -68.18 32.44
CA GLN H 229 -25.35 -67.42 31.20
C GLN H 229 -24.47 -66.16 31.42
N PRO H 230 -23.79 -65.66 30.38
CA PRO H 230 -23.85 -66.14 29.00
C PRO H 230 -22.99 -67.35 28.68
N GLU H 231 -22.11 -67.79 29.58
CA GLU H 231 -21.16 -68.84 29.21
C GLU H 231 -21.78 -70.24 28.96
N SER H 232 -22.96 -70.50 29.52
CA SER H 232 -23.53 -71.83 29.37
C SER H 232 -23.80 -72.14 27.92
N ARG H 233 -24.58 -71.29 27.26
CA ARG H 233 -24.88 -71.54 25.84
C ARG H 233 -23.60 -71.86 25.07
N ILE H 234 -22.59 -71.05 25.25
CA ILE H 234 -21.39 -71.14 24.43
C ILE H 234 -20.58 -72.37 24.80
N GLN H 235 -20.48 -72.65 26.09
CA GLN H 235 -19.71 -73.82 26.50
C GLN H 235 -20.25 -75.12 25.86
N PHE H 236 -21.56 -75.28 25.79
CA PHE H 236 -22.12 -76.56 25.36
C PHE H 236 -22.24 -76.74 23.86
N GLU H 237 -22.39 -75.65 23.10
CA GLU H 237 -22.63 -75.83 21.67
C GLU H 237 -21.34 -75.72 20.84
N HIS H 238 -20.29 -75.11 21.38
CA HIS H 238 -19.08 -74.93 20.58
C HIS H 238 -18.31 -76.23 20.51
N PRO H 239 -17.86 -76.59 19.30
CA PRO H 239 -17.27 -77.90 19.13
C PRO H 239 -15.81 -78.07 19.43
N TRP H 240 -15.04 -76.99 19.27
CA TRP H 240 -13.61 -77.06 19.47
C TRP H 240 -13.14 -75.88 20.33
N PRO H 241 -12.39 -76.17 21.39
CA PRO H 241 -12.25 -77.50 21.96
C PRO H 241 -13.56 -77.88 22.71
N ARG H 242 -13.64 -79.11 23.19
CA ARG H 242 -14.78 -79.53 24.00
C ARG H 242 -14.32 -80.54 25.06
N PRO H 243 -15.20 -80.83 26.03
CA PRO H 243 -14.73 -81.68 27.13
C PRO H 243 -14.50 -83.13 26.66
N MET H 244 -13.47 -83.76 27.19
CA MET H 244 -13.11 -85.16 26.91
C MET H 244 -13.93 -86.14 27.77
N VAL H 245 -14.68 -87.03 27.12
CA VAL H 245 -15.40 -88.15 27.77
C VAL H 245 -14.92 -89.45 27.12
N THR H 246 -14.12 -90.22 27.86
CA THR H 246 -13.40 -91.39 27.35
C THR H 246 -13.73 -92.71 28.10
N THR H 247 -13.45 -93.84 27.45
CA THR H 247 -13.48 -95.18 28.10
C THR H 247 -12.15 -95.51 28.79
N ASP H 248 -11.04 -94.90 28.34
CA ASP H 248 -9.70 -95.20 28.86
C ASP H 248 -9.15 -94.22 29.93
N GLY H 249 -10.05 -93.55 30.65
CA GLY H 249 -9.68 -92.70 31.80
C GLY H 249 -8.85 -91.46 31.45
N HIS H 250 -9.24 -90.77 30.37
CA HIS H 250 -8.66 -89.46 30.03
C HIS H 250 -9.75 -88.38 29.99
N ASN H 251 -10.73 -88.53 30.87
CA ASN H 251 -11.82 -87.56 30.97
C ASN H 251 -11.34 -86.17 31.40
N SER H 252 -12.03 -85.15 30.92
CA SER H 252 -11.65 -83.78 31.27
C SER H 252 -11.58 -83.55 32.79
N ALA H 253 -10.38 -83.16 33.25
CA ALA H 253 -10.17 -82.69 34.62
C ALA H 253 -10.80 -81.32 34.84
N PHE H 254 -11.08 -81.03 36.10
CA PHE H 254 -11.58 -79.72 36.53
C PHE H 254 -11.15 -79.42 37.97
N TYR H 255 -11.10 -78.14 38.29
CA TYR H 255 -11.01 -77.74 39.66
C TYR H 255 -12.09 -76.74 39.93
N LEU H 256 -12.27 -76.42 41.21
CA LEU H 256 -13.38 -75.60 41.68
C LEU H 256 -12.76 -74.44 42.42
N THR H 257 -13.40 -73.27 42.35
CA THR H 257 -12.86 -72.13 43.01
C THR H 257 -13.95 -71.15 43.31
N ASN H 258 -13.55 -70.12 44.04
CA ASN H 258 -14.40 -69.01 44.41
C ASN H 258 -15.53 -69.39 45.34
N ALA H 259 -15.12 -70.00 46.44
CA ALA H 259 -16.07 -70.36 47.50
C ALA H 259 -15.33 -70.35 48.84
N ARG H 260 -15.86 -69.61 49.83
CA ARG H 260 -15.42 -69.66 51.25
C ARG H 260 -15.14 -71.11 51.74
N GLU H 261 -16.01 -72.02 51.33
CA GLU H 261 -15.97 -73.41 51.72
C GLU H 261 -14.72 -74.09 51.23
N LEU H 262 -14.07 -73.61 50.17
CA LEU H 262 -12.81 -74.20 49.68
C LEU H 262 -11.52 -73.63 50.28
N LEU H 263 -11.64 -72.65 51.18
CA LEU H 263 -10.49 -71.96 51.80
C LEU H 263 -9.99 -72.73 53.03
N ASP H 264 -8.94 -73.54 52.89
CA ASP H 264 -8.51 -74.40 54.00
C ASP H 264 -7.00 -74.55 54.22
N VAL H 265 -6.16 -73.94 53.39
CA VAL H 265 -4.70 -74.10 53.54
C VAL H 265 -4.02 -72.74 53.45
N ALA H 266 -2.87 -72.62 54.11
CA ALA H 266 -2.10 -71.36 54.11
C ALA H 266 -1.85 -70.88 52.65
N GLY H 267 -2.11 -69.60 52.40
CA GLY H 267 -1.91 -68.99 51.10
C GLY H 267 -3.20 -68.79 50.32
N GLU H 268 -4.32 -69.36 50.82
CA GLU H 268 -5.61 -69.25 50.14
C GLU H 268 -6.49 -68.09 50.60
N TRP H 269 -7.28 -67.52 49.67
CA TRP H 269 -8.18 -66.42 49.95
C TRP H 269 -9.52 -66.55 49.24
N TYR H 270 -10.51 -65.83 49.75
CA TYR H 270 -11.79 -65.75 49.10
C TYR H 270 -12.38 -64.40 49.47
N HIS H 271 -12.94 -63.72 48.46
CA HIS H 271 -13.58 -62.44 48.68
C HIS H 271 -15.06 -62.70 48.51
N ASP H 272 -15.79 -62.36 49.57
CA ASP H 272 -17.22 -62.56 49.65
C ASP H 272 -17.79 -61.23 49.17
N ILE H 273 -18.24 -61.18 47.92
CA ILE H 273 -18.73 -59.94 47.32
C ILE H 273 -20.02 -59.41 47.95
N ASP H 274 -20.78 -60.29 48.61
CA ASP H 274 -22.03 -59.88 49.26
C ASP H 274 -21.75 -59.09 50.53
N ALA H 275 -20.79 -59.55 51.32
CA ALA H 275 -20.39 -58.86 52.54
C ALA H 275 -19.29 -57.79 52.31
N ARG H 276 -18.62 -57.83 51.15
CA ARG H 276 -17.46 -56.98 50.86
C ARG H 276 -16.31 -57.21 51.85
N LYS H 277 -16.09 -58.48 52.20
CA LYS H 277 -14.99 -58.87 53.08
C LYS H 277 -14.13 -59.91 52.41
N VAL H 278 -12.81 -59.81 52.64
CA VAL H 278 -11.88 -60.78 52.06
C VAL H 278 -11.26 -61.54 53.21
N TYR H 279 -11.08 -62.84 53.00
CA TYR H 279 -10.60 -63.81 54.01
C TYR H 279 -9.31 -64.32 53.49
N TYR H 280 -8.33 -64.47 54.36
CA TYR H 280 -7.00 -64.98 53.96
C TYR H 280 -6.33 -65.78 55.07
N TYR H 281 -5.84 -66.98 54.71
CA TYR H 281 -5.09 -67.84 55.60
C TYR H 281 -3.61 -67.51 55.38
N PRO H 282 -2.98 -66.75 56.29
CA PRO H 282 -1.58 -66.35 56.03
C PRO H 282 -0.56 -67.49 55.95
N ARG H 283 0.59 -67.16 55.35
CA ARG H 283 1.72 -68.08 55.17
C ARG H 283 2.77 -67.72 56.18
N GLU H 284 3.73 -68.63 56.37
CA GLU H 284 4.84 -68.47 57.31
C GLU H 284 5.52 -67.14 57.06
N GLY H 285 5.53 -66.29 58.08
CA GLY H 285 6.24 -65.01 58.02
C GLY H 285 5.42 -63.87 57.48
N GLU H 286 4.11 -64.04 57.35
CA GLU H 286 3.24 -62.95 56.91
C GLU H 286 2.53 -62.37 58.12
N LYS H 287 3.06 -61.25 58.61
CA LYS H 287 2.49 -60.58 59.77
C LYS H 287 1.45 -59.60 59.27
N LEU H 288 0.21 -60.06 59.11
CA LEU H 288 -0.85 -59.20 58.51
C LEU H 288 -1.21 -57.93 59.29
N GLN H 289 -0.86 -57.84 60.57
CA GLN H 289 -1.06 -56.58 61.32
C GLN H 289 0.12 -55.59 61.24
N ASP H 290 1.27 -56.08 60.78
CA ASP H 290 2.45 -55.26 60.56
C ASP H 290 2.30 -54.42 59.28
N ALA H 291 2.78 -53.16 59.31
CA ALA H 291 2.83 -52.34 58.07
C ALA H 291 3.94 -52.83 57.09
N GLY H 292 4.96 -53.51 57.61
CA GLY H 292 5.88 -54.29 56.77
C GLY H 292 5.28 -55.58 56.20
N THR H 293 3.97 -55.56 55.89
CA THR H 293 3.25 -56.61 55.16
C THR H 293 2.21 -55.89 54.31
N GLU H 294 2.29 -56.09 53.00
CA GLU H 294 1.38 -55.40 52.06
C GLU H 294 0.57 -56.43 51.33
N VAL H 295 -0.75 -56.29 51.41
CA VAL H 295 -1.66 -57.09 50.61
C VAL H 295 -2.15 -56.15 49.52
N ILE H 296 -2.04 -56.60 48.26
CA ILE H 296 -2.47 -55.78 47.13
C ILE H 296 -3.47 -56.56 46.31
N VAL H 297 -4.53 -55.89 45.92
CA VAL H 297 -5.49 -56.47 44.97
C VAL H 297 -5.56 -55.57 43.74
N PRO H 298 -5.75 -56.13 42.54
CA PRO H 298 -5.82 -55.31 41.32
C PRO H 298 -7.15 -54.64 41.19
N ALA H 299 -7.14 -53.42 40.68
CA ALA H 299 -8.34 -52.61 40.56
C ALA H 299 -8.65 -52.20 39.12
N ILE H 300 -7.64 -52.04 38.25
CA ILE H 300 -7.91 -51.64 36.84
C ILE H 300 -7.27 -52.53 35.79
N GLU H 301 -7.84 -52.52 34.59
CA GLU H 301 -7.38 -53.37 33.50
C GLU H 301 -6.04 -52.90 32.85
N THR H 302 -5.89 -51.58 32.64
CA THR H 302 -4.88 -51.04 31.72
C THR H 302 -4.19 -49.81 32.37
N LEU H 303 -2.88 -49.91 32.51
CA LEU H 303 -2.06 -48.85 33.08
C LEU H 303 -1.67 -47.81 32.01
N ILE H 304 -1.28 -48.28 30.84
CA ILE H 304 -0.95 -47.39 29.75
C ILE H 304 -1.70 -47.76 28.50
N GLN H 305 -2.35 -46.75 27.93
CA GLN H 305 -3.09 -46.85 26.70
C GLN H 305 -2.46 -45.90 25.64
N VAL H 306 -1.64 -46.46 24.77
CA VAL H 306 -1.05 -45.74 23.65
C VAL H 306 -2.02 -45.96 22.50
N LYS H 307 -2.72 -44.89 22.11
CA LYS H 307 -3.78 -44.96 21.11
C LYS H 307 -3.85 -43.70 20.20
N GLY H 308 -3.65 -43.89 18.90
CA GLY H 308 -3.91 -42.84 17.90
C GLY H 308 -5.10 -43.22 17.03
N THR H 309 -5.14 -42.64 15.83
CA THR H 309 -6.00 -43.09 14.73
C THR H 309 -5.09 -43.44 13.58
N PHE H 310 -5.65 -44.08 12.57
CA PHE H 310 -4.84 -44.50 11.46
C PHE H 310 -4.26 -43.29 10.71
N ASP H 311 -5.02 -42.20 10.66
CA ASP H 311 -4.59 -40.92 10.07
C ASP H 311 -3.72 -40.07 10.99
N ARG H 312 -3.85 -40.25 12.31
CA ARG H 312 -3.07 -39.51 13.32
C ARG H 312 -2.45 -40.49 14.30
N PRO H 313 -1.37 -41.17 13.90
CA PRO H 313 -0.74 -42.13 14.84
C PRO H 313 0.02 -41.51 15.99
N VAL H 314 0.29 -42.30 17.04
CA VAL H 314 1.13 -41.87 18.13
C VAL H 314 2.50 -42.38 17.74
N SER H 315 3.52 -41.58 17.98
CA SER H 315 4.86 -42.01 17.60
C SER H 315 6.00 -41.58 18.55
N HIS H 316 7.05 -42.41 18.54
CA HIS H 316 8.36 -42.11 19.18
C HIS H 316 8.20 -41.85 20.67
N ILE H 317 7.68 -42.89 21.34
CA ILE H 317 7.56 -42.92 22.80
C ILE H 317 8.38 -44.12 23.25
N ARG H 318 9.19 -43.96 24.30
CA ARG H 318 9.89 -45.08 24.87
C ARG H 318 9.68 -45.16 26.37
N PHE H 319 9.42 -46.38 26.84
CA PHE H 319 9.45 -46.73 28.26
C PHE H 319 10.71 -47.53 28.57
N GLU H 320 11.44 -47.09 29.58
CA GLU H 320 12.72 -47.65 29.96
C GLU H 320 12.65 -48.02 31.43
N LYS H 321 12.94 -49.29 31.77
CA LYS H 321 13.05 -49.71 33.17
C LYS H 321 11.83 -49.35 34.01
N ILE H 322 10.64 -49.52 33.47
CA ILE H 322 9.41 -49.29 34.25
C ILE H 322 8.82 -50.66 34.56
N THR H 323 8.33 -50.78 35.78
CA THR H 323 7.63 -51.97 36.21
C THR H 323 6.13 -51.67 36.12
N PHE H 324 5.41 -52.55 35.44
CA PHE H 324 3.95 -52.46 35.29
C PHE H 324 3.35 -53.58 36.14
N SER H 325 2.43 -53.22 37.02
CA SER H 325 1.90 -54.22 37.98
C SER H 325 0.47 -54.05 38.38
N HIS H 326 -0.10 -55.18 38.78
CA HIS H 326 -1.34 -55.23 39.55
C HIS H 326 -2.54 -54.81 38.74
N THR H 327 -2.72 -55.45 37.59
CA THR H 327 -3.92 -55.21 36.77
C THR H 327 -4.94 -56.31 36.93
N THR H 328 -6.20 -55.93 36.77
CA THR H 328 -7.33 -56.84 36.88
C THR H 328 -7.85 -57.27 35.51
N TRP H 329 -8.69 -58.32 35.53
CA TRP H 329 -9.56 -58.60 34.40
C TRP H 329 -10.74 -59.42 34.88
N MET H 330 -11.86 -58.75 35.03
CA MET H 330 -13.05 -59.32 35.66
C MET H 330 -13.97 -60.06 34.73
N ARG H 331 -13.66 -60.15 33.43
CA ARG H 331 -14.61 -60.71 32.49
C ARG H 331 -15.01 -62.15 32.84
N PRO H 332 -14.05 -63.01 33.17
CA PRO H 332 -14.45 -64.37 33.58
C PRO H 332 -15.44 -64.42 34.76
N SER H 333 -15.34 -63.49 35.72
CA SER H 333 -16.34 -63.36 36.81
C SER H 333 -17.74 -62.84 36.40
N GLU H 334 -17.83 -62.10 35.30
CA GLU H 334 -19.07 -61.48 34.86
C GLU H 334 -19.70 -62.29 33.73
N LYS H 335 -18.91 -63.09 33.02
CA LYS H 335 -19.42 -63.66 31.77
C LYS H 335 -18.88 -65.03 31.45
N GLY H 336 -18.15 -65.63 32.38
CA GLY H 336 -17.44 -66.85 32.09
C GLY H 336 -16.35 -66.56 31.10
N HIS H 337 -15.74 -67.63 30.59
CA HIS H 337 -14.60 -67.52 29.70
C HIS H 337 -14.51 -68.84 28.96
N VAL H 338 -15.03 -68.88 27.74
CA VAL H 338 -14.92 -70.07 26.88
C VAL H 338 -14.01 -69.77 25.65
N PRO H 339 -12.69 -69.86 25.83
CA PRO H 339 -11.83 -69.52 24.70
C PRO H 339 -11.75 -70.58 23.62
N LEU H 340 -11.62 -70.14 22.36
CA LEU H 340 -11.25 -71.03 21.24
C LEU H 340 -9.81 -71.47 21.31
N GLN H 341 -8.92 -70.52 21.59
CA GLN H 341 -7.47 -70.74 21.60
C GLN H 341 -6.78 -69.48 22.10
N ALA H 342 -5.67 -69.67 22.78
CA ALA H 342 -4.79 -68.62 23.23
C ALA H 342 -5.47 -67.48 23.99
N GLY H 343 -6.45 -67.85 24.81
CA GLY H 343 -7.09 -66.90 25.68
C GLY H 343 -8.14 -66.03 25.05
N MET H 344 -8.44 -66.27 23.76
CA MET H 344 -9.33 -65.45 22.98
C MET H 344 -10.71 -66.08 23.12
N TYR H 345 -11.64 -65.34 23.75
CA TYR H 345 -12.90 -65.90 24.23
C TYR H 345 -13.92 -65.87 23.13
N LEU H 346 -14.75 -66.91 23.08
CA LEU H 346 -15.79 -66.97 22.06
C LEU H 346 -16.93 -66.14 22.48
N THR H 347 -17.42 -65.30 21.57
CA THR H 347 -18.69 -64.61 21.74
C THR H 347 -19.82 -65.45 21.11
N ASP H 348 -19.50 -66.37 20.19
CA ASP H 348 -20.48 -67.22 19.53
C ASP H 348 -19.69 -68.28 18.79
N GLY H 349 -20.03 -69.55 18.96
CA GLY H 349 -19.19 -70.64 18.45
C GLY H 349 -20.00 -71.92 18.30
N TYR H 350 -20.14 -72.43 17.07
CA TYR H 350 -20.96 -73.62 16.84
C TYR H 350 -20.51 -74.51 15.68
N ARG H 351 -20.95 -75.76 15.74
CA ARG H 351 -20.75 -76.77 14.68
C ARG H 351 -21.64 -76.47 13.47
N ILE H 352 -21.10 -76.64 12.27
CA ILE H 352 -21.93 -76.53 11.06
C ILE H 352 -21.95 -77.87 10.28
N ASP H 353 -23.12 -78.15 9.72
CA ASP H 353 -23.37 -79.34 8.92
C ASP H 353 -24.38 -79.02 7.81
N PRO H 354 -24.06 -79.30 6.55
CA PRO H 354 -22.77 -79.81 6.10
C PRO H 354 -21.59 -78.85 6.37
N LYS H 355 -20.38 -79.41 6.29
CA LYS H 355 -19.15 -78.66 6.44
C LYS H 355 -19.02 -77.63 5.34
N MET H 356 -18.47 -76.46 5.67
CA MET H 356 -18.26 -75.40 4.65
C MET H 356 -17.06 -75.79 3.80
N GLU H 357 -17.27 -75.95 2.50
CA GLU H 357 -16.14 -76.09 1.59
C GLU H 357 -15.51 -74.73 1.24
N ARG H 358 -14.20 -74.71 1.13
CA ARG H 358 -13.44 -73.46 0.99
C ARG H 358 -12.45 -73.52 -0.18
N ASP H 359 -12.00 -72.36 -0.60
CA ASP H 359 -11.16 -72.19 -1.79
C ASP H 359 -9.72 -72.52 -1.51
N TYR H 360 -8.89 -72.42 -2.53
CA TYR H 360 -7.43 -72.52 -2.38
C TYR H 360 -6.96 -73.76 -1.66
N LEU H 361 -7.66 -74.87 -1.88
CA LEU H 361 -7.28 -76.22 -1.33
C LEU H 361 -7.33 -76.29 0.17
N ASN H 362 -8.11 -75.42 0.80
CA ASN H 362 -8.31 -75.47 2.24
C ASN H 362 -9.16 -76.70 2.55
N HIS H 363 -8.89 -77.32 3.69
CA HIS H 363 -9.67 -78.46 4.18
C HIS H 363 -11.06 -77.97 4.53
N PRO H 364 -12.11 -78.82 4.40
CA PRO H 364 -13.47 -78.39 4.78
C PRO H 364 -13.55 -77.88 6.22
N LEU H 365 -14.46 -76.96 6.50
CA LEU H 365 -14.50 -76.34 7.82
C LEU H 365 -15.75 -76.79 8.60
N ASP H 366 -15.58 -77.35 9.78
CA ASP H 366 -16.73 -77.93 10.55
C ASP H 366 -17.43 -76.99 11.56
N ASN H 367 -16.87 -75.77 11.72
CA ASN H 367 -17.37 -74.81 12.72
C ASN H 367 -17.24 -73.33 12.32
N GLN H 368 -18.00 -72.50 13.04
CA GLN H 368 -17.94 -71.05 12.95
C GLN H 368 -17.68 -70.52 14.33
N GLY H 369 -16.88 -69.46 14.42
CA GLY H 369 -16.49 -68.85 15.69
C GLY H 369 -16.18 -67.35 15.58
N TRP H 370 -16.62 -66.59 16.57
CA TRP H 370 -16.30 -65.16 16.67
C TRP H 370 -15.69 -64.92 18.04
N LEU H 371 -14.63 -64.11 18.05
CA LEU H 371 -13.79 -63.92 19.22
C LEU H 371 -13.78 -62.52 19.87
N GLY H 372 -13.28 -62.50 21.10
CA GLY H 372 -12.99 -61.25 21.78
C GLY H 372 -11.60 -61.33 22.37
N ARG H 373 -11.11 -60.19 22.82
CA ARG H 373 -9.73 -60.06 23.14
C ARG H 373 -9.59 -59.69 24.60
N PRO H 374 -8.72 -60.39 25.35
CA PRO H 374 -8.58 -59.97 26.76
C PRO H 374 -7.88 -58.60 26.94
N ALA H 375 -8.11 -57.97 28.10
CA ALA H 375 -7.54 -56.67 28.40
C ALA H 375 -6.09 -56.91 28.69
N ALA H 376 -5.32 -55.84 28.64
CA ALA H 376 -3.85 -55.88 28.79
C ALA H 376 -3.41 -54.70 29.62
N ALA H 377 -2.30 -54.90 30.33
CA ALA H 377 -1.77 -53.90 31.25
C ALA H 377 -1.22 -52.70 30.47
N VAL H 378 -0.61 -52.98 29.31
CA VAL H 378 -0.15 -51.92 28.37
C VAL H 378 -0.69 -52.23 26.98
N SER H 379 -1.47 -51.31 26.43
CA SER H 379 -1.98 -51.48 25.08
C SER H 379 -1.41 -50.42 24.12
N VAL H 380 -1.14 -50.85 22.88
CA VAL H 380 -0.64 -50.00 21.78
C VAL H 380 -1.47 -50.24 20.54
N ALA H 381 -2.09 -49.18 20.03
CA ALA H 381 -2.80 -49.20 18.78
C ALA H 381 -2.62 -47.88 17.98
N ALA H 382 -2.58 -47.98 16.65
CA ALA H 382 -2.52 -46.80 15.75
C ALA H 382 -1.31 -45.94 16.15
N ALA H 383 -0.14 -46.52 16.02
CA ALA H 383 1.08 -45.91 16.54
C ALA H 383 2.29 -46.42 15.80
N ASN H 384 3.43 -45.77 16.01
CA ASN H 384 4.68 -46.24 15.41
C ASN H 384 5.89 -45.88 16.27
N GLN H 385 6.87 -46.76 16.26
CA GLN H 385 8.09 -46.58 17.05
C GLN H 385 7.75 -46.35 18.55
N ILE H 386 7.02 -47.30 19.14
CA ILE H 386 6.70 -47.30 20.56
C ILE H 386 7.56 -48.43 21.13
N ASP H 387 8.49 -48.07 22.00
CA ASP H 387 9.52 -48.97 22.46
C ASP H 387 9.43 -49.22 23.96
N PHE H 388 9.89 -50.41 24.33
CA PHE H 388 9.90 -50.84 25.74
C PHE H 388 11.26 -51.48 25.96
N GLU H 389 12.08 -50.85 26.81
CA GLU H 389 13.46 -51.27 27.04
C GLU H 389 13.66 -51.59 28.54
N ARG H 390 14.03 -52.83 28.83
CA ARG H 390 14.23 -53.34 30.21
C ARG H 390 13.07 -53.02 31.10
N CYS H 391 11.85 -53.09 30.56
CA CYS H 391 10.65 -52.92 31.40
C CYS H 391 10.30 -54.26 32.04
N ARG H 392 9.46 -54.23 33.08
CA ARG H 392 9.07 -55.44 33.82
C ARG H 392 7.57 -55.50 33.90
N PHE H 393 7.00 -56.58 33.37
CA PHE H 393 5.56 -56.81 33.41
C PHE H 393 5.37 -57.90 34.45
N ASP H 394 4.85 -57.49 35.59
CA ASP H 394 4.95 -58.33 36.82
C ASP H 394 3.71 -58.17 37.70
N HIS H 395 3.01 -59.29 37.93
CA HIS H 395 1.82 -59.37 38.81
C HIS H 395 0.54 -58.87 38.10
N LEU H 396 0.10 -59.58 37.07
CA LEU H 396 -0.99 -59.10 36.19
C LEU H 396 -2.12 -60.13 35.97
N GLY H 397 -3.36 -59.65 35.93
CA GLY H 397 -4.55 -60.51 35.77
C GLY H 397 -5.00 -60.90 34.36
N SER H 398 -4.27 -60.46 33.33
CA SER H 398 -4.63 -60.80 31.93
C SER H 398 -3.38 -60.72 31.03
N THR H 399 -3.37 -59.89 29.96
CA THR H 399 -2.19 -59.77 29.09
C THR H 399 -1.19 -58.76 29.69
N GLY H 400 0.10 -58.98 29.52
CA GLY H 400 1.12 -57.96 29.84
C GLY H 400 1.16 -56.75 28.88
N LEU H 401 1.61 -57.02 27.68
CA LEU H 401 1.84 -56.02 26.64
C LEU H 401 1.09 -56.46 25.40
N ASP H 402 0.26 -55.55 24.86
CA ASP H 402 -0.56 -55.84 23.71
C ASP H 402 -0.40 -54.75 22.61
N TYR H 403 0.22 -55.14 21.48
CA TYR H 403 0.22 -54.37 20.26
C TYR H 403 -0.99 -54.80 19.48
N GLU H 404 -2.06 -54.03 19.57
CA GLU H 404 -3.40 -54.45 19.13
C GLU H 404 -3.63 -54.37 17.65
N GLU H 405 -3.36 -53.19 17.08
CA GLU H 405 -3.61 -52.96 15.65
C GLU H 405 -2.91 -51.69 15.12
N ALA H 406 -2.60 -51.70 13.82
CA ALA H 406 -2.05 -50.50 13.15
C ALA H 406 -0.81 -49.96 13.85
N VAL H 407 0.08 -50.88 14.21
CA VAL H 407 1.33 -50.52 14.84
C VAL H 407 2.45 -50.84 13.90
N GLN H 408 3.26 -49.83 13.61
CA GLN H 408 4.45 -49.98 12.78
C GLN H 408 5.67 -49.94 13.69
N GLY H 409 6.49 -50.99 13.67
CA GLY H 409 7.72 -51.00 14.41
C GLY H 409 7.46 -51.10 15.88
N GLY H 410 8.43 -50.64 16.66
CA GLY H 410 8.46 -50.85 18.09
C GLY H 410 9.44 -51.98 18.43
N VAL H 411 10.20 -51.72 19.46
CA VAL H 411 11.24 -52.59 19.90
C VAL H 411 10.90 -52.91 21.36
N VAL H 412 10.70 -54.19 21.65
CA VAL H 412 10.45 -54.68 23.00
C VAL H 412 11.71 -55.51 23.31
N ARG H 413 12.51 -55.01 24.23
CA ARG H 413 13.85 -55.58 24.39
C ARG H 413 14.32 -55.53 25.83
N GLY H 414 14.84 -56.66 26.29
CA GLY H 414 15.34 -56.79 27.64
C GLY H 414 14.29 -56.73 28.74
N CYS H 415 13.05 -57.03 28.38
CA CYS H 415 11.92 -56.91 29.25
C CYS H 415 11.69 -58.26 29.92
N LEU H 416 11.12 -58.20 31.13
CA LEU H 416 10.70 -59.37 31.90
C LEU H 416 9.18 -59.44 31.99
N PHE H 417 8.66 -60.63 31.74
CA PHE H 417 7.27 -60.99 31.89
C PHE H 417 7.15 -62.14 32.92
N ARG H 418 6.55 -61.83 34.07
CA ARG H 418 6.48 -62.78 35.17
C ARG H 418 5.19 -62.63 35.94
N ASP H 419 4.66 -63.76 36.37
CA ASP H 419 3.44 -63.81 37.15
C ASP H 419 2.33 -63.05 36.40
N ILE H 420 1.92 -63.66 35.29
CA ILE H 420 0.93 -63.06 34.42
C ILE H 420 -0.12 -64.15 34.24
N ALA H 421 -1.37 -63.79 34.51
CA ALA H 421 -2.45 -64.74 34.46
C ALA H 421 -2.78 -65.17 33.03
N GLY H 422 -2.62 -64.24 32.07
CA GLY H 422 -2.87 -64.54 30.65
C GLY H 422 -1.64 -64.60 29.76
N ASN H 423 -1.79 -64.19 28.49
CA ASN H 423 -0.65 -64.09 27.58
C ASN H 423 0.33 -63.00 28.05
N GLY H 424 1.62 -63.24 27.88
CA GLY H 424 2.62 -62.25 28.27
C GLY H 424 2.62 -61.06 27.32
N LEU H 425 2.93 -61.34 26.06
CA LEU H 425 3.02 -60.34 24.99
C LEU H 425 2.11 -60.75 23.85
N VAL H 426 1.16 -59.89 23.50
CA VAL H 426 0.26 -60.14 22.38
C VAL H 426 0.49 -59.12 21.22
N VAL H 427 0.48 -59.61 19.96
CA VAL H 427 0.68 -58.73 18.78
C VAL H 427 -0.30 -59.13 17.70
N GLY H 428 -1.09 -58.18 17.23
CA GLY H 428 -1.77 -58.34 15.93
C GLY H 428 -3.22 -58.68 16.04
N SER H 429 -3.78 -59.10 14.92
CA SER H 429 -5.18 -59.48 14.85
C SER H 429 -5.37 -61.00 15.08
N PHE H 430 -6.50 -61.32 15.73
CA PHE H 430 -7.04 -62.70 15.84
C PHE H 430 -8.44 -62.68 15.24
N SER H 431 -8.56 -61.94 14.14
CA SER H 431 -9.82 -61.63 13.45
CA SER H 431 -9.83 -61.64 13.46
C SER H 431 -10.56 -60.47 14.12
N PRO H 432 -10.97 -59.46 13.31
CA PRO H 432 -11.85 -58.46 13.92
C PRO H 432 -13.09 -59.13 14.55
N ALA H 433 -13.71 -58.45 15.50
CA ALA H 433 -14.84 -58.97 16.27
C ALA H 433 -15.95 -59.57 15.41
N ALA H 434 -16.33 -58.88 14.35
CA ALA H 434 -17.36 -59.33 13.46
C ALA H 434 -16.92 -60.21 12.30
N HIS H 435 -15.68 -60.65 12.29
CA HIS H 435 -15.06 -61.35 11.18
C HIS H 435 -14.85 -62.76 11.70
N GLU H 436 -15.47 -63.74 11.06
CA GLU H 436 -15.36 -65.14 11.43
C GLU H 436 -13.92 -65.54 11.41
N THR H 437 -13.48 -66.19 12.49
CA THR H 437 -12.05 -66.35 12.79
C THR H 437 -11.32 -67.38 11.98
N HIS H 438 -12.02 -68.04 11.08
CA HIS H 438 -11.39 -68.91 10.07
C HIS H 438 -11.34 -68.26 8.67
N LEU H 439 -11.96 -67.10 8.46
CA LEU H 439 -11.85 -66.37 7.18
C LEU H 439 -10.53 -65.63 7.10
N PRO H 440 -9.84 -65.73 5.94
CA PRO H 440 -8.55 -65.05 5.85
C PRO H 440 -8.71 -63.55 6.16
N TYR H 441 -7.87 -63.03 7.04
CA TYR H 441 -7.80 -61.60 7.32
C TYR H 441 -6.72 -60.98 6.44
N ASP H 442 -7.13 -60.03 5.62
CA ASP H 442 -6.22 -59.34 4.72
C ASP H 442 -6.90 -58.00 4.36
N PRO H 443 -6.77 -57.02 5.24
CA PRO H 443 -7.63 -55.88 5.03
C PRO H 443 -7.14 -54.99 3.85
N THR H 444 -8.08 -54.37 3.15
CA THR H 444 -7.74 -53.47 2.07
C THR H 444 -7.03 -52.20 2.59
N ASP H 445 -7.40 -51.74 3.76
CA ASP H 445 -6.63 -50.76 4.48
C ASP H 445 -5.42 -51.42 5.17
N LEU H 446 -4.31 -51.43 4.45
CA LEU H 446 -3.04 -52.05 4.86
C LEU H 446 -2.49 -51.51 6.18
N ARG H 447 -2.90 -50.30 6.56
CA ARG H 447 -2.43 -49.67 7.78
C ARG H 447 -2.92 -50.40 9.05
N GLU H 448 -4.05 -51.12 8.92
CA GLU H 448 -4.58 -51.95 10.02
C GLU H 448 -3.62 -53.03 10.57
N VAL H 449 -2.77 -53.57 9.71
CA VAL H 449 -1.98 -54.75 10.04
C VAL H 449 -0.72 -54.37 10.76
N CYS H 450 -0.41 -55.04 11.88
CA CYS H 450 0.82 -54.77 12.65
C CYS H 450 2.06 -55.27 11.92
N ALA H 451 3.03 -54.38 11.74
CA ALA H 451 4.21 -54.68 10.93
C ALA H 451 5.50 -54.23 11.59
N HIS H 452 6.55 -55.02 11.41
CA HIS H 452 7.91 -54.66 11.83
C HIS H 452 8.17 -54.59 13.33
N GLN H 453 7.38 -55.28 14.16
CA GLN H 453 7.70 -55.36 15.59
C GLN H 453 8.98 -56.16 15.77
N GLN H 454 9.79 -55.76 16.75
CA GLN H 454 11.00 -56.48 17.18
C GLN H 454 10.80 -56.89 18.63
N ILE H 455 10.80 -58.18 18.92
CA ILE H 455 10.71 -58.68 20.29
C ILE H 455 12.00 -59.47 20.55
N SER H 456 12.91 -58.97 21.39
CA SER H 456 14.20 -59.64 21.54
C SER H 456 14.82 -59.51 22.92
N ASN H 457 15.62 -60.49 23.28
CA ASN H 457 16.22 -60.53 24.61
C ASN H 457 15.26 -60.30 25.79
N CYS H 458 14.06 -60.85 25.71
CA CYS H 458 13.10 -60.79 26.80
C CYS H 458 13.02 -62.15 27.49
N TYR H 459 12.78 -62.13 28.80
CA TYR H 459 12.63 -63.34 29.61
C TYR H 459 11.16 -63.47 30.04
N PHE H 460 10.54 -64.61 29.71
CA PHE H 460 9.15 -64.90 30.03
C PHE H 460 9.10 -66.11 30.97
N THR H 461 8.47 -65.96 32.14
CA THR H 461 8.32 -67.10 33.06
C THR H 461 7.11 -66.96 33.97
N GLU H 462 6.36 -68.05 34.23
CA GLU H 462 5.18 -67.99 35.13
C GLU H 462 4.14 -67.02 34.52
N VAL H 463 3.87 -67.25 33.25
CA VAL H 463 2.92 -66.51 32.45
C VAL H 463 1.84 -67.52 32.10
N GLY H 464 0.63 -67.06 31.78
CA GLY H 464 -0.49 -67.95 31.56
C GLY H 464 -0.80 -68.76 32.83
N ASN H 465 -0.56 -68.17 34.00
CA ASN H 465 -0.66 -68.91 35.26
C ASN H 465 -2.10 -69.01 35.82
N GLU H 466 -3.10 -68.43 35.13
CA GLU H 466 -4.50 -68.77 35.32
C GLU H 466 -5.16 -69.30 34.04
N ASP H 467 -5.15 -68.53 32.95
CA ASP H 467 -5.61 -69.07 31.68
C ASP H 467 -4.50 -69.94 31.08
N TRP H 468 -4.53 -71.24 31.41
CA TRP H 468 -3.53 -72.19 30.96
C TRP H 468 -3.46 -72.37 29.43
N GLY H 469 -4.48 -71.94 28.69
CA GLY H 469 -4.40 -71.87 27.22
C GLY H 469 -3.59 -70.73 26.58
N CYS H 470 -3.00 -69.86 27.40
CA CYS H 470 -2.20 -68.71 26.96
C CYS H 470 -0.70 -68.98 26.74
N LEU H 471 -0.04 -68.02 26.10
CA LEU H 471 1.35 -68.14 25.68
C LEU H 471 2.26 -67.06 26.25
N ALA H 472 3.56 -67.28 26.19
CA ALA H 472 4.52 -66.22 26.50
C ALA H 472 4.42 -65.07 25.43
N ILE H 473 4.55 -65.48 24.17
CA ILE H 473 4.45 -64.60 22.97
C ILE H 473 3.38 -65.12 22.06
N LEU H 474 2.33 -64.33 21.84
CA LEU H 474 1.29 -64.72 20.95
C LEU H 474 1.21 -63.67 19.86
N ALA H 475 1.57 -64.05 18.65
CA ALA H 475 1.48 -63.17 17.49
C ALA H 475 0.44 -63.77 16.57
N GLY H 476 -0.64 -63.03 16.35
CA GLY H 476 -1.68 -63.44 15.41
C GLY H 476 -1.34 -63.12 13.95
N TYR H 477 -2.28 -62.57 13.21
CA TYR H 477 -2.01 -61.98 11.89
C TYR H 477 -1.08 -60.72 12.06
N VAL H 478 0.22 -60.91 11.79
CA VAL H 478 1.22 -59.85 11.83
C VAL H 478 2.01 -59.99 10.57
N LYS H 479 2.87 -59.01 10.25
CA LYS H 479 3.85 -59.16 9.18
C LYS H 479 5.19 -58.56 9.55
N ASP H 480 6.24 -59.09 8.90
CA ASP H 480 7.58 -58.64 9.19
C ASP H 480 7.93 -58.61 10.69
N ILE H 481 7.39 -59.54 11.47
CA ILE H 481 7.72 -59.60 12.90
C ILE H 481 9.08 -60.25 13.02
N ASN H 482 9.88 -59.78 13.97
CA ASN H 482 11.12 -60.47 14.34
C ASN H 482 11.09 -60.81 15.84
N ILE H 483 10.99 -62.11 16.16
CA ILE H 483 10.97 -62.59 17.55
C ILE H 483 12.25 -63.34 17.75
N GLU H 484 13.22 -62.71 18.42
CA GLU H 484 14.56 -63.33 18.51
C GLU H 484 15.28 -63.23 19.85
N HIS H 485 16.10 -64.25 20.13
CA HIS H 485 16.90 -64.32 21.35
C HIS H 485 16.13 -64.06 22.64
N ASN H 486 14.90 -64.61 22.73
CA ASN H 486 14.15 -64.58 24.00
C ASN H 486 14.32 -65.92 24.72
N GLU H 487 14.04 -65.92 26.03
CA GLU H 487 13.94 -67.14 26.82
C GLU H 487 12.53 -67.28 27.40
N ILE H 488 11.92 -68.43 27.11
CA ILE H 488 10.59 -68.79 27.59
C ILE H 488 10.70 -70.07 28.45
N CYS H 489 10.11 -70.06 29.65
CA CYS H 489 10.02 -71.26 30.52
C CYS H 489 8.97 -71.15 31.61
N GLU H 490 8.52 -72.31 32.09
CA GLU H 490 7.47 -72.37 33.12
C GLU H 490 6.20 -71.70 32.63
N VAL H 491 5.66 -72.26 31.55
CA VAL H 491 4.44 -71.80 30.94
C VAL H 491 3.54 -72.97 30.75
N PRO H 492 2.24 -72.74 30.65
CA PRO H 492 1.28 -73.83 30.70
C PRO H 492 1.06 -74.57 29.41
N TYR H 493 1.43 -73.98 28.28
CA TYR H 493 1.03 -74.48 26.96
C TYR H 493 2.24 -74.23 26.00
N SER H 494 1.99 -73.71 24.78
CA SER H 494 3.05 -73.47 23.83
C SER H 494 3.89 -72.24 24.23
N GLY H 495 5.11 -72.18 23.71
CA GLY H 495 6.04 -71.09 24.02
C GLY H 495 5.73 -69.88 23.15
N ILE H 496 5.80 -70.07 21.82
CA ILE H 496 5.52 -69.01 20.83
C ILE H 496 4.54 -69.49 19.80
N SER H 497 3.44 -68.73 19.63
CA SER H 497 2.41 -69.00 18.61
C SER H 497 2.40 -67.79 17.66
N LEU H 498 2.34 -68.11 16.36
CA LEU H 498 2.65 -67.19 15.27
C LEU H 498 1.65 -67.47 14.18
N GLY H 499 0.73 -66.52 13.96
CA GLY H 499 -0.23 -66.64 12.86
C GLY H 499 -1.60 -67.01 13.38
N TRP H 500 -2.57 -67.12 12.47
CA TRP H 500 -3.97 -67.43 12.83
C TRP H 500 -4.74 -67.79 11.61
N GLY H 501 -6.00 -68.13 11.81
CA GLY H 501 -6.99 -68.24 10.74
C GLY H 501 -7.24 -69.62 10.15
N TRP H 502 -6.34 -70.59 10.39
CA TRP H 502 -6.61 -72.01 10.05
C TRP H 502 -6.89 -72.10 8.55
N THR H 503 -6.12 -71.32 7.77
CA THR H 503 -6.32 -71.19 6.33
C THR H 503 -4.98 -71.15 5.58
N GLN H 504 -4.90 -71.91 4.49
CA GLN H 504 -3.77 -71.78 3.56
C GLN H 504 -4.04 -70.68 2.49
N THR H 505 -5.13 -69.91 2.63
CA THR H 505 -5.35 -68.76 1.73
C THR H 505 -4.31 -67.72 2.05
N VAL H 506 -3.62 -67.26 1.02
CA VAL H 506 -2.61 -66.20 1.16
C VAL H 506 -3.36 -64.98 1.67
N ASN H 507 -2.82 -64.32 2.70
CA ASN H 507 -3.50 -63.23 3.41
C ASN H 507 -2.52 -62.07 3.67
N CYS H 508 -2.70 -61.30 4.75
CA CYS H 508 -1.78 -60.19 5.04
C CYS H 508 -0.42 -60.66 5.53
N MET H 509 -0.34 -61.87 6.07
CA MET H 509 0.91 -62.34 6.67
C MET H 509 2.03 -62.52 5.67
N ARG H 510 3.25 -62.17 6.09
CA ARG H 510 4.45 -62.39 5.33
C ARG H 510 5.66 -62.04 6.20
N ASN H 511 6.82 -62.57 5.82
CA ASN H 511 8.12 -62.08 6.37
C ASN H 511 8.31 -62.19 7.88
N ASN H 512 7.65 -63.16 8.51
CA ASN H 512 7.72 -63.34 9.97
C ASN H 512 8.91 -64.24 10.37
N ARG H 513 9.57 -63.87 11.45
CA ARG H 513 10.76 -64.53 11.83
C ARG H 513 10.69 -64.87 13.31
N VAL H 514 11.03 -66.12 13.61
CA VAL H 514 11.14 -66.63 14.98
C VAL H 514 12.50 -67.35 15.05
N HIS H 515 13.45 -66.76 15.77
CA HIS H 515 14.83 -67.04 15.59
C HIS H 515 15.62 -67.12 16.86
N ALA H 516 16.35 -68.20 17.07
CA ALA H 516 17.26 -68.25 18.25
C ALA H 516 16.58 -67.99 19.64
N ASN H 517 15.37 -68.51 19.82
CA ASN H 517 14.73 -68.45 21.12
C ASN H 517 14.99 -69.77 21.88
N LEU H 518 15.15 -69.65 23.19
CA LEU H 518 15.31 -70.79 24.11
C LEU H 518 13.98 -71.05 24.81
N ILE H 519 13.37 -72.19 24.53
CA ILE H 519 12.05 -72.52 25.08
C ILE H 519 12.13 -73.87 25.81
N HIS H 520 11.71 -73.89 27.07
CA HIS H 520 11.83 -75.12 27.88
C HIS H 520 10.91 -75.08 29.08
N HIS H 521 10.52 -76.24 29.56
CA HIS H 521 9.60 -76.34 30.72
C HIS H 521 8.27 -75.66 30.38
N TYR H 522 7.72 -76.14 29.27
CA TYR H 522 6.48 -75.65 28.70
C TYR H 522 5.50 -76.80 28.77
N ALA H 523 4.26 -76.53 28.36
CA ALA H 523 3.14 -77.44 28.46
C ALA H 523 2.89 -77.95 29.90
N LYS H 524 3.09 -77.07 30.87
CA LYS H 524 2.91 -77.42 32.26
C LYS H 524 1.49 -77.93 32.54
N HIS H 525 0.49 -77.51 31.76
CA HIS H 525 -0.89 -77.96 31.94
C HIS H 525 -1.64 -78.48 30.71
N MET H 526 -1.23 -78.09 29.50
CA MET H 526 -2.02 -78.40 28.28
C MET H 526 -1.13 -78.99 27.21
N TYR H 527 -1.72 -79.90 26.45
CA TYR H 527 -1.09 -80.59 25.35
C TYR H 527 -1.81 -80.18 24.07
N ASP H 528 -1.42 -80.77 22.93
CA ASP H 528 -1.75 -80.27 21.58
C ASP H 528 -0.96 -78.97 21.44
N VAL H 529 0.36 -79.13 21.58
CA VAL H 529 1.22 -78.11 22.10
C VAL H 529 2.61 -78.21 21.47
N ALA H 530 3.37 -77.10 21.48
CA ALA H 530 4.75 -77.08 21.04
C ALA H 530 5.53 -75.90 21.58
N GLY H 531 6.85 -75.95 21.46
CA GLY H 531 7.68 -74.80 21.84
C GLY H 531 7.41 -73.63 20.89
N VAL H 532 7.33 -73.94 19.59
CA VAL H 532 6.99 -72.97 18.52
C VAL H 532 5.90 -73.59 17.64
N TYR H 533 4.83 -72.81 17.48
CA TYR H 533 3.61 -73.25 16.85
C TYR H 533 3.18 -72.18 15.84
N THR H 534 2.67 -72.61 14.69
CA THR H 534 2.22 -71.70 13.66
C THR H 534 0.85 -72.07 13.11
N LEU H 535 0.12 -71.03 12.67
CA LEU H 535 -1.12 -71.14 11.89
C LEU H 535 -1.05 -70.24 10.64
N GLY H 536 -1.62 -70.73 9.53
CA GLY H 536 -1.84 -69.92 8.33
C GLY H 536 -0.70 -69.71 7.34
N SER H 537 -1.10 -69.28 6.15
CA SER H 537 -0.15 -68.95 5.08
C SER H 537 0.67 -67.73 5.48
N GLN H 538 1.98 -67.89 5.50
CA GLN H 538 2.93 -66.86 5.86
C GLN H 538 4.15 -66.75 4.92
N PRO H 539 3.91 -66.35 3.66
CA PRO H 539 5.01 -66.11 2.67
C PRO H 539 6.35 -65.63 3.27
N LYS H 540 7.38 -66.46 3.11
CA LYS H 540 8.77 -66.11 3.38
C LYS H 540 8.98 -65.87 4.86
N SER H 541 8.47 -66.79 5.66
CA SER H 541 8.67 -66.75 7.10
C SER H 541 9.71 -67.79 7.49
N TYR H 542 10.31 -67.58 8.65
CA TYR H 542 11.47 -68.34 9.10
C TYR H 542 11.35 -68.70 10.61
N VAL H 543 11.49 -70.01 10.92
CA VAL H 543 11.59 -70.50 12.28
C VAL H 543 12.99 -71.15 12.41
N THR H 544 13.96 -70.37 12.89
CA THR H 544 15.39 -70.76 12.73
C THR H 544 16.20 -70.69 14.02
N GLU H 545 17.06 -71.70 14.20
CA GLU H 545 18.08 -71.72 15.26
C GLU H 545 17.50 -71.58 16.66
N ASN H 546 16.24 -72.01 16.81
CA ASN H 546 15.64 -72.06 18.15
C ASN H 546 16.18 -73.30 18.92
N CYS H 547 16.03 -73.23 20.26
CA CYS H 547 16.34 -74.36 21.16
C CYS H 547 15.13 -74.72 22.02
N VAL H 548 14.54 -75.88 21.77
CA VAL H 548 13.40 -76.38 22.53
C VAL H 548 13.76 -77.67 23.35
N HIS H 549 13.58 -77.63 24.66
CA HIS H 549 13.83 -78.84 25.49
C HIS H 549 12.90 -78.96 26.71
N SER H 550 12.98 -80.12 27.40
CA SER H 550 12.36 -80.35 28.71
C SER H 550 10.87 -80.02 28.76
N ILE H 551 10.06 -80.66 27.96
CA ILE H 551 8.64 -80.48 28.12
C ILE H 551 8.13 -81.15 29.43
N TYR H 552 7.11 -80.56 30.05
CA TYR H 552 6.36 -81.20 31.13
C TYR H 552 5.46 -82.30 30.61
N LYS H 553 5.05 -83.17 31.53
CA LYS H 553 4.18 -84.27 31.21
C LYS H 553 3.14 -84.38 32.32
N PRO H 554 2.13 -83.49 32.29
CA PRO H 554 1.07 -83.54 33.30
C PRO H 554 0.11 -84.70 33.07
N GLY H 555 -0.33 -85.34 34.16
CA GLY H 555 -1.18 -86.53 34.11
C GLY H 555 -2.59 -86.32 33.60
N TYR H 556 -3.10 -85.08 33.64
CA TYR H 556 -4.49 -84.79 33.24
C TYR H 556 -4.70 -84.38 31.75
N VAL H 557 -3.71 -84.64 30.89
CA VAL H 557 -3.84 -84.22 29.47
C VAL H 557 -4.76 -85.15 28.70
N HIS H 558 -5.50 -84.58 27.75
CA HIS H 558 -6.40 -85.34 26.86
C HIS H 558 -5.76 -86.56 26.13
N ASP H 559 -4.46 -86.45 25.80
CA ASP H 559 -3.67 -87.49 25.13
C ASP H 559 -2.19 -87.26 25.46
N PRO H 560 -1.51 -88.25 26.06
CA PRO H 560 -0.07 -88.01 26.42
C PRO H 560 0.95 -88.10 25.29
N ASN H 561 0.51 -88.51 24.09
CA ASN H 561 1.38 -88.52 22.91
C ASN H 561 1.32 -87.18 22.15
N HIS H 562 0.19 -86.48 22.24
CA HIS H 562 -0.07 -85.32 21.37
C HIS H 562 0.63 -84.03 21.86
N TRP H 563 1.96 -84.06 21.75
CA TRP H 563 2.80 -82.98 22.21
C TRP H 563 3.98 -82.98 21.28
N PHE H 564 4.58 -81.81 21.05
CA PHE H 564 5.68 -81.67 20.05
C PHE H 564 6.66 -80.58 20.45
N TYR H 565 7.80 -80.55 19.79
CA TYR H 565 8.77 -79.47 19.95
C TYR H 565 8.49 -78.28 19.00
N LEU H 566 8.09 -78.59 17.78
CA LEU H 566 7.81 -77.64 16.71
C LEU H 566 6.56 -78.16 16.03
N TYR H 567 5.69 -77.26 15.60
CA TYR H 567 4.36 -77.65 15.14
C TYR H 567 3.80 -76.61 14.17
N THR H 568 3.66 -76.97 12.91
CA THR H 568 3.00 -76.10 11.96
C THR H 568 1.57 -76.62 11.80
N ASP H 569 0.61 -75.83 12.27
CA ASP H 569 -0.79 -76.21 12.30
C ASP H 569 -1.50 -75.75 11.02
N GLU H 570 -2.83 -75.87 10.99
CA GLU H 570 -3.59 -75.75 9.79
C GLU H 570 -3.32 -74.41 9.05
N GLY H 571 -3.16 -74.52 7.73
CA GLY H 571 -2.90 -73.39 6.86
C GLY H 571 -1.42 -73.03 6.71
N SER H 572 -0.58 -73.44 7.66
CA SER H 572 0.85 -73.13 7.61
C SER H 572 1.44 -73.36 6.22
N SER H 573 1.91 -72.28 5.59
CA SER H 573 2.50 -72.29 4.27
C SER H 573 3.73 -71.32 4.24
N PHE H 574 4.73 -71.71 3.47
CA PHE H 574 5.90 -70.89 3.09
C PHE H 574 6.80 -70.55 4.25
N ILE H 575 6.81 -71.43 5.24
CA ILE H 575 7.63 -71.25 6.42
C ILE H 575 8.85 -72.15 6.28
N THR H 576 10.03 -71.59 6.47
CA THR H 576 11.26 -72.37 6.48
C THR H 576 11.61 -72.67 7.94
N VAL H 577 11.62 -73.97 8.31
CA VAL H 577 11.86 -74.41 9.69
C VAL H 577 13.20 -75.14 9.70
N ARG H 578 14.25 -74.48 10.18
CA ARG H 578 15.62 -74.90 9.89
C ARG H 578 16.53 -74.70 11.09
N ASP H 579 17.46 -75.64 11.31
CA ASP H 579 18.56 -75.49 12.31
C ASP H 579 18.09 -75.26 13.76
N ASN H 580 16.94 -75.84 14.08
CA ASN H 580 16.40 -75.75 15.41
C ASN H 580 16.89 -76.98 16.24
N TRP H 581 17.57 -76.70 17.34
CA TRP H 581 17.88 -77.75 18.30
C TRP H 581 16.62 -78.13 19.08
N THR H 582 16.15 -79.37 18.92
CA THR H 582 15.08 -79.93 19.73
C THR H 582 15.51 -81.24 20.41
N GLU H 583 15.05 -81.47 21.64
CA GLU H 583 15.48 -82.64 22.45
C GLU H 583 15.29 -83.94 21.69
N GLY H 584 14.16 -84.04 20.97
CA GLY H 584 13.86 -85.17 20.10
C GLY H 584 13.31 -84.68 18.77
N GLU H 585 13.16 -85.59 17.82
CA GLU H 585 12.60 -85.27 16.55
C GLU H 585 11.13 -85.61 16.64
N LYS H 586 10.39 -84.71 17.28
CA LYS H 586 8.94 -84.90 17.47
C LYS H 586 8.22 -83.63 16.98
N TYR H 587 7.76 -83.67 15.72
CA TYR H 587 7.19 -82.49 15.04
C TYR H 587 5.89 -82.86 14.46
N LEU H 588 5.01 -81.87 14.28
CA LEU H 588 3.74 -82.15 13.62
C LEU H 588 3.50 -81.12 12.53
N GLN H 589 2.99 -81.61 11.38
CA GLN H 589 2.57 -80.81 10.26
C GLN H 589 1.13 -81.16 9.98
N ASN H 590 0.21 -80.42 10.57
CA ASN H 590 -1.17 -80.73 10.40
C ASN H 590 -1.89 -79.84 9.38
N ALA H 591 -2.46 -80.47 8.34
CA ALA H 591 -3.31 -79.80 7.33
C ALA H 591 -2.63 -78.54 6.76
N ASN H 592 -1.34 -78.66 6.42
CA ASN H 592 -0.54 -77.52 5.96
C ASN H 592 -0.82 -77.19 4.53
N GLY H 593 -0.46 -75.98 4.13
CA GLY H 593 -0.39 -75.67 2.69
C GLY H 593 1.00 -75.94 2.18
N PRO H 594 1.27 -75.52 0.93
CA PRO H 594 2.57 -75.81 0.30
C PRO H 594 3.72 -74.95 0.79
N GLY H 595 4.93 -75.32 0.35
CA GLY H 595 6.11 -74.49 0.44
C GLY H 595 6.88 -74.40 1.73
N ASN H 596 6.45 -75.14 2.74
CA ASN H 596 7.21 -75.20 3.98
C ASN H 596 8.48 -75.99 3.73
N VAL H 597 9.53 -75.67 4.44
CA VAL H 597 10.80 -76.36 4.26
C VAL H 597 11.25 -76.81 5.64
N TRP H 598 11.42 -78.11 5.85
CA TRP H 598 11.95 -78.63 7.12
C TRP H 598 13.32 -79.22 6.90
N GLU H 599 14.33 -78.65 7.51
CA GLU H 599 15.70 -79.02 7.21
C GLU H 599 16.50 -78.87 8.48
N ASN H 600 17.24 -79.93 8.83
CA ASN H 600 18.19 -79.94 9.94
C ASN H 600 17.63 -79.54 11.30
N ASN H 601 16.53 -80.20 11.68
CA ASN H 601 15.95 -80.02 13.01
C ASN H 601 16.14 -81.29 13.85
N GLY H 602 16.60 -81.10 15.08
CA GLY H 602 16.74 -82.21 16.03
C GLY H 602 17.84 -82.06 17.07
N PRO H 603 18.13 -83.17 17.80
CA PRO H 603 19.17 -83.15 18.85
C PRO H 603 20.57 -83.10 18.30
N GLN H 604 20.78 -83.45 17.04
CA GLN H 604 22.10 -83.39 16.42
C GLN H 604 22.41 -82.02 15.85
N VAL H 605 21.51 -81.04 15.95
CA VAL H 605 21.82 -79.71 15.47
C VAL H 605 23.06 -79.22 16.17
N ASP H 606 23.90 -78.49 15.44
CA ASP H 606 25.18 -77.98 15.93
C ASP H 606 25.05 -77.38 17.32
N THR H 607 26.05 -77.64 18.15
CA THR H 607 26.05 -77.15 19.54
C THR H 607 26.28 -75.61 19.71
N VAL H 608 26.85 -74.95 18.71
CA VAL H 608 27.07 -73.50 18.77
C VAL H 608 25.71 -72.77 18.66
N ILE H 609 24.83 -73.37 17.85
CA ILE H 609 23.47 -72.90 17.61
C ILE H 609 22.65 -73.14 18.87
N ARG H 610 22.66 -74.40 19.34
CA ARG H 610 22.03 -74.81 20.61
C ARG H 610 22.34 -73.84 21.74
N GLU H 611 23.61 -73.50 21.87
CA GLU H 611 24.09 -72.78 23.04
C GLU H 611 23.91 -71.26 23.01
N ARG H 612 23.82 -70.64 21.84
CA ARG H 612 23.56 -69.17 21.79
C ARG H 612 22.08 -68.82 21.75
N ALA H 613 21.23 -69.83 21.62
CA ALA H 613 19.80 -69.61 21.69
C ALA H 613 19.46 -68.95 23.01
N GLY H 614 18.51 -68.03 22.97
CA GLY H 614 18.04 -67.36 24.16
C GLY H 614 18.75 -66.04 24.30
N LEU H 615 18.76 -65.52 25.52
CA LEU H 615 19.29 -64.20 25.79
C LEU H 615 20.73 -64.10 25.40
N GLU H 616 21.07 -62.95 24.83
CA GLU H 616 22.43 -62.61 24.44
C GLU H 616 23.11 -61.92 25.63
N ALA H 617 24.41 -61.75 25.52
CA ALA H 617 25.31 -61.35 26.62
C ALA H 617 24.87 -60.09 27.32
N GLU H 618 24.52 -59.07 26.56
CA GLU H 618 24.13 -57.79 27.11
C GLU H 618 22.88 -57.87 28.01
N TYR H 619 22.04 -58.89 27.84
CA TYR H 619 20.82 -59.02 28.63
C TYR H 619 20.69 -60.29 29.53
N ARG H 620 21.78 -61.03 29.74
CA ARG H 620 21.79 -62.23 30.67
C ARG H 620 21.38 -61.92 32.13
N ASP H 621 21.72 -60.72 32.57
CA ASP H 621 21.31 -60.13 33.87
C ASP H 621 19.77 -60.00 34.20
N LEU H 622 18.89 -60.44 33.31
CA LEU H 622 17.46 -60.52 33.66
C LEU H 622 17.13 -61.64 34.66
N LYS H 623 17.98 -62.67 34.76
CA LYS H 623 17.68 -63.86 35.58
C LYS H 623 18.43 -63.86 36.93
CA CA I . 1.05 -14.10 -45.67
CA CA J . 41.50 4.23 15.14
CA CA K . -5.88 13.85 -10.50
CA CA L . -28.75 78.31 30.27
CA CA M . -33.18 82.91 -16.83
CA CA N . 17.61 -58.67 -49.31
CA CA O . -31.49 -57.14 -25.10
CA CA P . 48.00 19.90 -29.45
CA CA Q . -37.77 -37.51 47.26
CA CA R . -8.58 -75.22 49.37
#